data_4NQZ
#
_entry.id   4NQZ
#
_cell.length_a   117.322
_cell.length_b   155.844
_cell.length_c   129.448
_cell.angle_alpha   90.000
_cell.angle_beta   111.060
_cell.angle_gamma   90.000
#
_symmetry.space_group_name_H-M   'P 1 21 1'
#
loop_
_entity.id
_entity.type
_entity.pdbx_description
1 polymer 'Enoyl-[acyl-carrier-protein] reductase [NADH] FabI'
2 water water
#
_entity_poly.entity_id   1
_entity_poly.type   'polypeptide(L)'
_entity_poly.pdbx_seq_one_letter_code
;MGFLTGKRALIVGVASKLSIASGIAAAMHREGAELAFTYQNDKLRGRVEEFASGWGSRPELCFPCDVADDSQIEAVFAAL
GKHWDGLDIIVHSVGFAPGDQLDGDFTAVTTREGFRIAHDISAYSFIALAKAGREMMKGRNGSLLTLSYLGAERTMPNYN
VMGMAKASLEAGVRYLAGSLGAEGTRVNAVSAGPIRTLAASGIKSFRKMLAANERQTPLRRNVTIEEVGNAGAFLCSDLA
SGISGEILYVDGGFNTTAMGPLDDDLEHHHHHH
;
_entity_poly.pdbx_strand_id   A,B,C,D,E,F,G,H,I,J,K,L,M,N,O,P
#
# COMPACT_ATOMS: atom_id res chain seq x y z
N GLY A 2 -45.20 11.55 -32.01
CA GLY A 2 -43.98 11.58 -32.83
C GLY A 2 -42.90 10.68 -32.24
N PHE A 3 -41.70 10.69 -32.83
CA PHE A 3 -40.64 9.83 -32.28
C PHE A 3 -39.55 10.60 -31.52
N LEU A 4 -39.74 11.91 -31.34
CA LEU A 4 -38.80 12.73 -30.57
C LEU A 4 -39.49 13.14 -29.30
N THR A 5 -40.75 12.73 -29.20
CA THR A 5 -41.59 12.95 -28.03
C THR A 5 -40.81 12.71 -26.74
N GLY A 6 -40.89 13.67 -25.82
CA GLY A 6 -40.19 13.57 -24.57
C GLY A 6 -38.75 14.05 -24.62
N LYS A 7 -38.33 14.55 -25.77
CA LYS A 7 -36.96 15.04 -25.96
C LYS A 7 -36.95 16.56 -25.99
N ARG A 8 -35.88 17.17 -25.47
CA ARG A 8 -35.72 18.63 -25.47
C ARG A 8 -34.51 19.02 -26.33
N ALA A 9 -34.65 20.04 -27.16
CA ALA A 9 -33.55 20.44 -28.03
C ALA A 9 -33.25 21.93 -28.00
N LEU A 10 -32.02 22.33 -28.24
CA LEU A 10 -31.73 23.75 -28.37
C LEU A 10 -31.47 23.93 -29.83
N ILE A 11 -31.91 25.03 -30.43
CA ILE A 11 -31.62 25.14 -31.85
C ILE A 11 -30.95 26.46 -32.18
N VAL A 12 -29.73 26.35 -32.69
CA VAL A 12 -28.85 27.45 -33.01
C VAL A 12 -28.84 27.72 -34.50
N GLY A 13 -29.06 28.97 -34.90
CA GLY A 13 -28.99 29.29 -36.31
C GLY A 13 -30.27 29.61 -37.05
N VAL A 14 -31.43 29.52 -36.41
CA VAL A 14 -32.68 29.96 -37.04
C VAL A 14 -32.57 31.42 -37.44
N ALA A 15 -32.45 31.70 -38.73
CA ALA A 15 -32.30 33.07 -39.21
C ALA A 15 -33.28 33.45 -40.33
N SER A 16 -33.79 32.44 -41.04
CA SER A 16 -34.80 32.64 -42.07
C SER A 16 -35.95 31.68 -41.76
N LYS A 17 -37.13 31.85 -42.35
CA LYS A 17 -38.20 30.84 -42.15
C LYS A 17 -37.97 29.58 -43.01
N LEU A 18 -37.06 29.65 -43.97
CA LEU A 18 -36.87 28.54 -44.91
C LEU A 18 -35.45 28.03 -44.96
N SER A 19 -34.68 28.32 -43.92
CA SER A 19 -33.33 27.80 -43.77
C SER A 19 -33.34 26.27 -43.57
N ILE A 20 -32.18 25.64 -43.63
CA ILE A 20 -32.13 24.24 -43.18
C ILE A 20 -32.42 24.20 -41.67
N ALA A 21 -32.05 25.26 -40.97
CA ALA A 21 -32.27 25.36 -39.54
C ALA A 21 -33.74 25.18 -39.20
N SER A 22 -34.59 25.87 -39.94
CA SER A 22 -36.01 25.77 -39.73
C SER A 22 -36.60 24.43 -40.19
N GLY A 23 -36.06 23.88 -41.26
CA GLY A 23 -36.53 22.58 -41.69
C GLY A 23 -36.40 21.55 -40.58
N ILE A 24 -35.27 21.61 -39.88
CA ILE A 24 -35.03 20.75 -38.72
C ILE A 24 -35.98 21.08 -37.58
N ALA A 25 -36.02 22.36 -37.19
CA ALA A 25 -36.87 22.77 -36.06
C ALA A 25 -38.31 22.34 -36.28
N ALA A 26 -38.83 22.55 -37.49
CA ALA A 26 -40.19 22.14 -37.82
C ALA A 26 -40.36 20.63 -37.68
N ALA A 27 -39.64 19.87 -38.49
CA ALA A 27 -39.55 18.42 -38.32
C ALA A 27 -39.51 18.01 -36.86
N MET A 28 -38.49 18.47 -36.14
CA MET A 28 -38.31 18.04 -34.73
C MET A 28 -39.51 18.30 -33.81
N HIS A 29 -40.17 19.45 -33.96
CA HIS A 29 -41.42 19.69 -33.26
C HIS A 29 -42.50 18.71 -33.67
N ARG A 30 -42.65 18.54 -34.97
CA ARG A 30 -43.70 17.70 -35.54
C ARG A 30 -43.64 16.27 -35.03
N GLU A 31 -42.52 15.91 -34.42
CA GLU A 31 -42.35 14.56 -33.93
C GLU A 31 -42.21 14.58 -32.43
N GLY A 32 -42.61 15.69 -31.82
CA GLY A 32 -42.78 15.73 -30.37
C GLY A 32 -41.74 16.44 -29.50
N ALA A 33 -40.58 16.75 -30.04
CA ALA A 33 -39.56 17.39 -29.23
C ALA A 33 -39.95 18.82 -28.90
N GLU A 34 -39.85 19.20 -27.62
CA GLU A 34 -40.02 20.60 -27.24
C GLU A 34 -38.71 21.34 -27.47
N LEU A 35 -38.78 22.58 -27.96
CA LEU A 35 -37.60 23.28 -28.50
C LEU A 35 -37.22 24.56 -27.79
N ALA A 36 -35.94 24.93 -27.90
CA ALA A 36 -35.43 26.23 -27.50
C ALA A 36 -34.61 26.86 -28.64
N PHE A 37 -34.42 28.18 -28.66
CA PHE A 37 -33.74 28.81 -29.80
C PHE A 37 -32.76 29.88 -29.39
N THR A 38 -31.75 30.10 -30.23
CA THR A 38 -30.83 31.20 -30.07
C THR A 38 -31.04 32.19 -31.19
N TYR A 39 -31.02 33.50 -30.87
CA TYR A 39 -30.91 34.51 -31.92
C TYR A 39 -29.50 35.13 -32.02
N GLN A 40 -29.03 35.24 -33.26
CA GLN A 40 -27.68 35.66 -33.56
C GLN A 40 -27.34 37.05 -33.04
N ASN A 41 -28.37 37.85 -32.80
CA ASN A 41 -28.19 39.26 -32.48
C ASN A 41 -29.55 39.92 -32.26
N ASP A 42 -29.56 41.24 -32.12
CA ASP A 42 -30.80 41.94 -31.77
C ASP A 42 -31.76 42.16 -32.96
N LYS A 43 -31.29 41.99 -34.17
CA LYS A 43 -32.21 42.21 -35.29
C LYS A 43 -33.12 40.98 -35.48
N LEU A 44 -32.61 39.80 -35.19
CA LEU A 44 -33.37 38.59 -35.49
C LEU A 44 -34.27 38.13 -34.34
N ARG A 45 -34.17 38.79 -33.19
CA ARG A 45 -34.95 38.39 -32.02
C ARG A 45 -36.43 38.25 -32.32
N GLY A 46 -36.97 39.18 -33.09
CA GLY A 46 -38.40 39.25 -33.30
C GLY A 46 -38.83 38.16 -34.24
N ARG A 47 -38.06 38.00 -35.29
CA ARG A 47 -38.23 36.90 -36.22
C ARG A 47 -38.16 35.56 -35.48
N VAL A 48 -37.02 35.31 -34.83
CA VAL A 48 -36.79 34.02 -34.16
C VAL A 48 -37.90 33.69 -33.14
N GLU A 49 -38.22 34.62 -32.25
CA GLU A 49 -39.29 34.43 -31.28
C GLU A 49 -40.63 34.06 -31.95
N GLU A 50 -41.01 34.81 -32.98
CA GLU A 50 -42.28 34.59 -33.66
C GLU A 50 -42.34 33.17 -34.22
N PHE A 51 -41.24 32.74 -34.84
CA PHE A 51 -41.12 31.39 -35.40
C PHE A 51 -41.31 30.37 -34.30
N ALA A 52 -40.48 30.50 -33.28
CA ALA A 52 -40.53 29.70 -32.06
C ALA A 52 -41.94 29.44 -31.50
N SER A 53 -42.88 30.35 -31.71
CA SER A 53 -44.23 30.14 -31.20
C SER A 53 -45.06 29.19 -32.05
N GLY A 54 -44.73 29.12 -33.34
CA GLY A 54 -45.40 28.20 -34.24
C GLY A 54 -44.83 26.83 -34.08
N TRP A 55 -43.74 26.78 -33.32
CA TRP A 55 -43.04 25.54 -33.06
C TRP A 55 -43.20 25.15 -31.58
N GLY A 56 -44.37 25.43 -31.00
CA GLY A 56 -44.62 25.08 -29.60
C GLY A 56 -43.81 25.83 -28.55
N SER A 57 -42.72 26.48 -28.97
CA SER A 57 -41.87 27.22 -28.05
C SER A 57 -42.53 28.56 -27.76
N ARG A 58 -41.90 29.39 -26.94
CA ARG A 58 -42.45 30.68 -26.52
C ARG A 58 -41.35 31.75 -26.56
N PRO A 59 -41.69 33.04 -26.36
CA PRO A 59 -40.58 33.99 -26.29
C PRO A 59 -39.56 33.64 -25.21
N GLU A 60 -40.01 33.27 -24.02
CA GLU A 60 -39.12 32.93 -22.89
C GLU A 60 -38.06 31.89 -23.23
N LEU A 61 -38.36 30.99 -24.15
CA LEU A 61 -37.42 29.93 -24.46
C LEU A 61 -36.40 30.37 -25.50
N CYS A 62 -36.30 31.67 -25.76
CA CYS A 62 -35.31 32.19 -26.72
C CYS A 62 -34.24 32.92 -25.97
N PHE A 63 -33.01 32.83 -26.49
CA PHE A 63 -31.84 33.34 -25.78
C PHE A 63 -30.94 34.01 -26.76
N PRO A 64 -30.18 35.00 -26.29
CA PRO A 64 -29.26 35.71 -27.18
C PRO A 64 -27.92 35.01 -27.16
N CYS A 65 -27.26 34.95 -28.31
CA CYS A 65 -26.01 34.24 -28.41
C CYS A 65 -25.28 34.50 -29.72
N ASP A 66 -24.11 35.12 -29.65
CA ASP A 66 -23.24 35.30 -30.80
C ASP A 66 -22.17 34.23 -30.70
N VAL A 67 -22.14 33.26 -31.61
CA VAL A 67 -21.36 32.05 -31.33
C VAL A 67 -19.87 32.35 -31.38
N ALA A 68 -19.55 33.64 -31.53
CA ALA A 68 -18.19 34.12 -31.44
C ALA A 68 -17.84 34.42 -30.01
N ASP A 69 -18.84 34.35 -29.12
CA ASP A 69 -18.66 34.75 -27.72
C ASP A 69 -18.84 33.58 -26.78
N ASP A 70 -17.77 33.14 -26.12
CA ASP A 70 -17.87 31.99 -25.23
C ASP A 70 -18.78 32.32 -24.08
N SER A 71 -18.77 33.58 -23.68
CA SER A 71 -19.49 33.97 -22.48
C SER A 71 -20.99 33.94 -22.72
N GLN A 72 -21.40 34.25 -23.95
CA GLN A 72 -22.82 34.28 -24.30
C GLN A 72 -23.32 32.85 -24.50
N ILE A 73 -22.38 32.00 -24.91
CA ILE A 73 -22.63 30.60 -25.22
C ILE A 73 -23.04 29.87 -23.96
N GLU A 74 -22.49 30.31 -22.84
CA GLU A 74 -22.85 29.71 -21.56
C GLU A 74 -24.03 30.46 -20.95
N ALA A 75 -24.19 31.73 -21.33
CA ALA A 75 -25.35 32.52 -20.92
C ALA A 75 -26.62 31.84 -21.39
N VAL A 76 -26.54 31.16 -22.54
CA VAL A 76 -27.69 30.41 -23.02
C VAL A 76 -27.97 29.34 -22.00
N PHE A 77 -26.96 28.54 -21.69
CA PHE A 77 -27.16 27.35 -20.87
C PHE A 77 -27.41 27.65 -19.40
N ALA A 78 -26.92 28.79 -18.94
CA ALA A 78 -27.16 29.19 -17.57
C ALA A 78 -28.63 29.51 -17.44
N ALA A 79 -29.10 30.33 -18.38
CA ALA A 79 -30.48 30.78 -18.44
C ALA A 79 -31.42 29.63 -18.81
N LEU A 80 -30.99 28.76 -19.72
CA LEU A 80 -31.89 27.69 -20.15
C LEU A 80 -32.14 26.75 -18.98
N GLY A 81 -31.08 26.39 -18.26
CA GLY A 81 -31.20 25.49 -17.11
C GLY A 81 -32.06 26.00 -15.97
N LYS A 82 -32.68 27.16 -16.21
CA LYS A 82 -33.62 27.77 -15.29
C LYS A 82 -35.04 27.36 -15.64
N HIS A 83 -35.22 26.94 -16.90
CA HIS A 83 -36.50 26.37 -17.35
C HIS A 83 -36.42 24.84 -17.48
N TRP A 84 -35.19 24.31 -17.56
CA TRP A 84 -34.96 22.90 -17.86
C TRP A 84 -33.85 22.24 -17.05
N ASP A 85 -34.16 21.17 -16.34
CA ASP A 85 -33.17 20.52 -15.48
C ASP A 85 -32.14 19.73 -16.29
N GLY A 86 -32.45 19.57 -17.58
CA GLY A 86 -31.58 18.84 -18.49
C GLY A 86 -31.95 19.04 -19.95
N LEU A 87 -31.02 18.67 -20.83
CA LEU A 87 -31.16 18.90 -22.25
C LEU A 87 -30.92 17.60 -23.00
N ASP A 88 -31.42 17.48 -24.22
CA ASP A 88 -31.33 16.21 -24.95
C ASP A 88 -30.61 16.35 -26.28
N ILE A 89 -30.76 17.51 -26.91
CA ILE A 89 -30.26 17.69 -28.26
C ILE A 89 -29.67 19.09 -28.41
N ILE A 90 -28.62 19.22 -29.19
CA ILE A 90 -28.24 20.51 -29.72
C ILE A 90 -28.21 20.36 -31.22
N VAL A 91 -28.81 21.33 -31.92
CA VAL A 91 -28.73 21.37 -33.36
C VAL A 91 -27.87 22.57 -33.68
N HIS A 92 -26.85 22.36 -34.51
CA HIS A 92 -25.90 23.40 -34.80
C HIS A 92 -25.96 23.77 -36.27
N SER A 93 -26.61 24.87 -36.60
CA SER A 93 -26.84 25.18 -38.01
C SER A 93 -26.49 26.60 -38.45
N VAL A 94 -25.20 26.93 -38.46
CA VAL A 94 -24.77 28.28 -38.81
C VAL A 94 -23.58 28.26 -39.74
N GLY A 95 -23.80 28.68 -40.99
CA GLY A 95 -22.70 28.81 -41.94
C GLY A 95 -22.39 30.26 -42.26
N PHE A 96 -21.18 30.71 -41.92
CA PHE A 96 -20.77 32.08 -42.24
C PHE A 96 -19.25 32.30 -42.34
N ALA A 97 -18.82 32.57 -43.58
CA ALA A 97 -17.54 33.23 -43.84
C ALA A 97 -17.90 34.57 -44.46
N PRO A 98 -17.16 35.63 -44.12
CA PRO A 98 -17.42 36.93 -44.75
C PRO A 98 -17.47 36.83 -46.28
N GLY A 99 -18.37 37.58 -46.90
CA GLY A 99 -18.70 37.45 -48.31
C GLY A 99 -17.57 37.57 -49.32
N ASP A 100 -16.59 38.43 -49.04
CA ASP A 100 -15.45 38.62 -49.95
C ASP A 100 -14.57 37.37 -50.06
N GLN A 101 -14.62 36.51 -49.05
CA GLN A 101 -13.86 35.26 -49.06
C GLN A 101 -14.49 34.23 -49.99
N LEU A 102 -15.80 34.33 -50.16
CA LEU A 102 -16.61 33.34 -50.85
C LEU A 102 -16.97 33.77 -52.26
N ASP A 103 -16.00 34.33 -52.97
CA ASP A 103 -16.28 34.97 -54.25
C ASP A 103 -15.02 35.12 -55.09
N GLY A 104 -14.89 34.29 -56.12
CA GLY A 104 -13.79 34.40 -57.06
C GLY A 104 -12.75 33.30 -56.94
N ASP A 105 -11.51 33.64 -57.25
CA ASP A 105 -10.44 32.68 -57.14
C ASP A 105 -10.00 32.51 -55.69
N PHE A 106 -10.05 31.27 -55.22
CA PHE A 106 -9.69 30.91 -53.85
C PHE A 106 -8.45 31.63 -53.38
N THR A 107 -7.31 31.18 -53.88
CA THR A 107 -5.99 31.61 -53.39
C THR A 107 -5.81 33.11 -53.30
N ALA A 108 -6.42 33.84 -54.24
CA ALA A 108 -6.32 35.29 -54.26
C ALA A 108 -7.16 35.91 -53.15
N VAL A 109 -8.42 35.52 -53.04
CA VAL A 109 -9.32 36.26 -52.15
C VAL A 109 -9.38 35.72 -50.74
N THR A 110 -8.55 34.72 -50.45
CA THR A 110 -8.57 34.09 -49.13
C THR A 110 -7.52 34.73 -48.20
N THR A 111 -8.02 35.35 -47.13
CA THR A 111 -7.18 36.09 -46.19
C THR A 111 -7.20 35.50 -44.78
N ARG A 112 -6.11 35.72 -44.03
CA ARG A 112 -5.95 35.15 -42.70
C ARG A 112 -7.13 35.40 -41.77
N GLU A 113 -7.59 36.66 -41.70
CA GLU A 113 -8.74 36.95 -40.84
C GLU A 113 -9.97 36.22 -41.35
N GLY A 114 -10.31 36.43 -42.62
CA GLY A 114 -11.47 35.77 -43.21
C GLY A 114 -11.47 34.27 -42.95
N PHE A 115 -10.28 33.67 -43.00
CA PHE A 115 -10.05 32.26 -42.66
C PHE A 115 -10.40 32.01 -41.20
N ARG A 116 -9.96 32.94 -40.34
CA ARG A 116 -10.11 32.77 -38.91
C ARG A 116 -11.57 32.69 -38.57
N ILE A 117 -12.33 33.63 -39.14
CA ILE A 117 -13.77 33.76 -38.92
C ILE A 117 -14.52 32.55 -39.43
N ALA A 118 -14.28 32.22 -40.70
CA ALA A 118 -14.87 31.05 -41.33
C ALA A 118 -14.74 29.78 -40.49
N HIS A 119 -13.63 29.61 -39.77
CA HIS A 119 -13.42 28.44 -38.93
C HIS A 119 -13.96 28.62 -37.51
N ASP A 120 -14.01 29.85 -37.03
CA ASP A 120 -14.43 30.10 -35.65
C ASP A 120 -15.95 30.05 -35.55
N ILE A 121 -16.61 30.46 -36.62
CA ILE A 121 -18.06 30.43 -36.63
C ILE A 121 -18.58 29.07 -37.10
N SER A 122 -18.24 28.70 -38.33
CA SER A 122 -18.62 27.42 -38.91
C SER A 122 -18.15 26.17 -38.16
N ALA A 123 -17.03 26.24 -37.44
CA ALA A 123 -16.46 25.00 -36.91
C ALA A 123 -16.30 24.99 -35.40
N TYR A 124 -15.52 25.90 -34.82
CA TYR A 124 -15.24 25.77 -33.39
C TYR A 124 -16.52 25.83 -32.58
N SER A 125 -17.47 26.64 -33.05
CA SER A 125 -18.66 26.93 -32.26
C SER A 125 -19.36 25.64 -31.91
N PHE A 126 -19.37 24.70 -32.86
CA PHE A 126 -19.94 23.36 -32.63
C PHE A 126 -19.32 22.80 -31.36
N ILE A 127 -18.00 22.68 -31.37
CA ILE A 127 -17.25 22.16 -30.24
C ILE A 127 -17.63 22.93 -28.98
N ALA A 128 -18.01 24.19 -29.13
CA ALA A 128 -18.25 25.02 -27.95
C ALA A 128 -19.64 24.78 -27.40
N LEU A 129 -20.62 24.56 -28.27
CA LEU A 129 -21.94 24.20 -27.79
C LEU A 129 -21.79 22.83 -27.19
N ALA A 130 -20.95 22.01 -27.80
CA ALA A 130 -20.68 20.67 -27.27
C ALA A 130 -20.16 20.80 -25.85
N LYS A 131 -19.16 21.66 -25.68
CA LYS A 131 -18.59 21.93 -24.36
C LYS A 131 -19.70 22.47 -23.48
N ALA A 132 -19.98 23.76 -23.66
CA ALA A 132 -20.89 24.54 -22.80
C ALA A 132 -22.10 23.81 -22.25
N GLY A 133 -22.60 22.81 -22.97
CA GLY A 133 -23.84 22.16 -22.60
C GLY A 133 -23.63 20.73 -22.16
N ARG A 134 -22.37 20.32 -22.08
CA ARG A 134 -22.02 18.98 -21.62
C ARG A 134 -22.71 18.64 -20.30
N GLU A 135 -22.72 19.59 -19.36
CA GLU A 135 -23.34 19.31 -18.07
C GLU A 135 -24.79 18.95 -18.23
N MET A 136 -25.56 19.81 -18.91
CA MET A 136 -27.00 19.59 -19.08
C MET A 136 -27.38 18.35 -19.88
N MET A 137 -26.46 17.84 -20.69
CA MET A 137 -26.75 16.70 -21.55
C MET A 137 -26.37 15.39 -20.86
N LYS A 138 -25.78 15.52 -19.69
CA LYS A 138 -25.26 14.35 -18.99
C LYS A 138 -26.46 13.54 -18.61
N GLY A 139 -26.36 12.24 -18.83
CA GLY A 139 -27.31 11.27 -18.32
C GLY A 139 -28.46 11.03 -19.27
N ARG A 140 -28.50 11.83 -20.33
CA ARG A 140 -29.71 11.84 -21.14
C ARG A 140 -29.54 10.95 -22.37
N ASN A 141 -28.34 10.43 -22.57
CA ASN A 141 -28.07 9.69 -23.80
C ASN A 141 -28.62 10.45 -24.99
N GLY A 142 -28.27 11.72 -25.10
CA GLY A 142 -28.75 12.56 -26.18
C GLY A 142 -27.84 12.61 -27.39
N SER A 143 -27.80 13.77 -28.05
CA SER A 143 -27.07 13.90 -29.29
C SER A 143 -26.89 15.36 -29.71
N LEU A 144 -25.79 15.60 -30.41
CA LEU A 144 -25.53 16.85 -31.11
C LEU A 144 -25.68 16.55 -32.60
N LEU A 145 -26.26 17.50 -33.36
CA LEU A 145 -26.31 17.40 -34.82
C LEU A 145 -25.83 18.71 -35.45
N THR A 146 -25.13 18.61 -36.57
CA THR A 146 -24.57 19.77 -37.27
C THR A 146 -24.77 19.63 -38.76
N LEU A 147 -24.47 20.70 -39.49
CA LEU A 147 -24.70 20.73 -40.93
C LEU A 147 -23.43 21.00 -41.71
N SER A 148 -23.15 20.12 -42.66
CA SER A 148 -22.01 20.27 -43.53
C SER A 148 -22.43 20.30 -45.00
N TYR A 149 -21.45 20.38 -45.90
CA TYR A 149 -21.67 20.49 -47.33
C TYR A 149 -20.64 19.62 -48.07
N LEU A 150 -20.90 19.33 -49.34
CA LEU A 150 -19.98 18.52 -50.14
C LEU A 150 -18.69 19.25 -50.40
N GLY A 151 -18.75 20.59 -50.35
CA GLY A 151 -17.58 21.42 -50.61
C GLY A 151 -16.39 20.96 -49.78
N ALA A 152 -16.65 20.57 -48.53
CA ALA A 152 -15.59 20.17 -47.63
C ALA A 152 -14.80 18.99 -48.18
N GLU A 153 -15.44 18.15 -48.98
CA GLU A 153 -14.77 16.93 -49.42
C GLU A 153 -14.32 17.00 -50.87
N ARG A 154 -15.01 17.81 -51.66
CA ARG A 154 -14.56 18.06 -53.03
C ARG A 154 -14.81 19.51 -53.40
N THR A 155 -14.02 20.02 -54.34
CA THR A 155 -14.06 21.44 -54.67
C THR A 155 -15.21 21.84 -55.56
N MET A 156 -15.70 23.06 -55.32
CA MET A 156 -16.70 23.68 -56.15
C MET A 156 -16.61 25.20 -56.05
N PRO A 157 -16.60 25.90 -57.21
CA PRO A 157 -16.30 27.34 -57.29
C PRO A 157 -17.06 28.19 -56.28
N ASN A 158 -16.39 29.21 -55.73
CA ASN A 158 -16.98 30.17 -54.81
C ASN A 158 -17.44 29.61 -53.46
N TYR A 159 -16.99 28.41 -53.10
CA TYR A 159 -17.14 27.94 -51.71
C TYR A 159 -15.85 28.27 -50.96
N ASN A 160 -14.74 28.20 -51.68
CA ASN A 160 -13.42 28.60 -51.17
C ASN A 160 -13.19 28.20 -49.71
N VAL A 161 -12.64 29.11 -48.91
CA VAL A 161 -12.25 28.81 -47.54
C VAL A 161 -13.32 28.07 -46.72
N MET A 162 -14.60 28.19 -47.08
CA MET A 162 -15.65 27.60 -46.24
C MET A 162 -15.67 26.07 -46.33
N GLY A 163 -14.99 25.51 -47.34
CA GLY A 163 -14.88 24.07 -47.46
C GLY A 163 -13.76 23.63 -46.55
N MET A 164 -12.77 24.51 -46.40
CA MET A 164 -11.73 24.27 -45.41
C MET A 164 -12.33 24.25 -44.00
N ALA A 165 -13.38 25.05 -43.78
CA ALA A 165 -13.93 25.24 -42.45
C ALA A 165 -14.91 24.15 -42.13
N LYS A 166 -15.29 23.38 -43.14
CA LYS A 166 -16.27 22.34 -42.91
C LYS A 166 -15.53 21.03 -42.75
N ALA A 167 -14.45 20.87 -43.49
CA ALA A 167 -13.65 19.67 -43.34
C ALA A 167 -13.17 19.62 -41.90
N SER A 168 -12.83 20.80 -41.38
CA SER A 168 -12.47 20.98 -39.97
C SER A 168 -13.62 20.52 -39.10
N LEU A 169 -14.78 21.15 -39.30
CA LEU A 169 -16.02 20.75 -38.67
C LEU A 169 -16.30 19.26 -38.75
N GLU A 170 -16.28 18.70 -39.95
CA GLU A 170 -16.61 17.28 -40.10
C GLU A 170 -15.68 16.46 -39.18
N ALA A 171 -14.36 16.64 -39.35
CA ALA A 171 -13.36 16.13 -38.38
C ALA A 171 -13.76 16.40 -36.93
N GLY A 172 -14.08 17.65 -36.60
CA GLY A 172 -14.65 17.94 -35.30
C GLY A 172 -15.79 17.00 -34.85
N VAL A 173 -16.72 16.71 -35.75
CA VAL A 173 -17.84 15.79 -35.42
C VAL A 173 -17.32 14.47 -34.91
N ARG A 174 -16.34 13.92 -35.61
CA ARG A 174 -15.74 12.64 -35.23
C ARG A 174 -15.05 12.72 -33.88
N TYR A 175 -14.41 13.84 -33.59
CA TYR A 175 -13.67 13.88 -32.36
C TYR A 175 -14.60 14.00 -31.20
N LEU A 176 -15.67 14.79 -31.38
CA LEU A 176 -16.70 14.95 -30.35
C LEU A 176 -17.41 13.63 -30.10
N ALA A 177 -17.90 13.03 -31.18
CA ALA A 177 -18.50 11.69 -31.14
C ALA A 177 -17.63 10.68 -30.37
N GLY A 178 -16.32 10.81 -30.53
CA GLY A 178 -15.39 9.93 -29.86
C GLY A 178 -15.25 10.29 -28.41
N SER A 179 -15.00 11.57 -28.15
CA SER A 179 -14.91 12.07 -26.78
C SER A 179 -16.14 11.73 -25.96
N LEU A 180 -17.32 12.07 -26.47
CA LEU A 180 -18.54 12.08 -25.66
C LEU A 180 -19.37 10.79 -25.71
N GLY A 181 -18.95 9.83 -26.51
CA GLY A 181 -19.71 8.61 -26.64
C GLY A 181 -19.79 7.88 -25.32
N ALA A 182 -18.65 7.74 -24.65
CA ALA A 182 -18.59 7.16 -23.32
C ALA A 182 -19.81 7.53 -22.47
N GLU A 183 -20.00 8.83 -22.23
CA GLU A 183 -21.08 9.29 -21.37
C GLU A 183 -22.41 9.35 -22.09
N GLY A 184 -22.43 8.99 -23.36
CA GLY A 184 -23.70 8.74 -24.01
C GLY A 184 -24.09 9.64 -25.16
N THR A 185 -23.41 10.78 -25.28
CA THR A 185 -23.76 11.78 -26.27
C THR A 185 -23.38 11.30 -27.67
N ARG A 186 -24.38 11.21 -28.56
CA ARG A 186 -24.16 10.93 -29.98
C ARG A 186 -23.89 12.20 -30.76
N VAL A 187 -22.97 12.16 -31.71
CA VAL A 187 -22.67 13.37 -32.48
C VAL A 187 -22.64 13.02 -33.96
N ASN A 188 -23.49 13.68 -34.73
CA ASN A 188 -23.61 13.39 -36.16
C ASN A 188 -23.75 14.68 -36.95
N ALA A 189 -23.84 14.53 -38.27
CA ALA A 189 -23.99 15.65 -39.19
C ALA A 189 -24.90 15.29 -40.34
N VAL A 190 -25.64 16.28 -40.86
CA VAL A 190 -26.32 16.15 -42.14
C VAL A 190 -25.62 17.08 -43.12
N SER A 191 -25.49 16.65 -44.38
CA SER A 191 -24.73 17.42 -45.33
C SER A 191 -25.56 17.59 -46.58
N ALA A 192 -26.44 18.57 -46.55
CA ALA A 192 -27.40 18.77 -47.63
C ALA A 192 -26.79 19.16 -48.97
N GLY A 193 -27.52 18.83 -50.04
CA GLY A 193 -27.16 19.36 -51.33
C GLY A 193 -27.73 20.76 -51.37
N PRO A 194 -27.76 21.36 -52.56
CA PRO A 194 -28.30 22.70 -52.74
C PRO A 194 -29.81 22.72 -52.54
N ILE A 195 -30.37 23.89 -52.24
CA ILE A 195 -31.81 24.06 -52.13
C ILE A 195 -32.27 24.99 -53.23
N ARG A 196 -33.52 24.82 -53.67
CA ARG A 196 -34.09 25.69 -54.67
C ARG A 196 -34.20 27.11 -54.11
N THR A 197 -34.64 28.04 -54.96
CA THR A 197 -34.88 29.42 -54.60
C THR A 197 -36.35 29.66 -54.19
N LYS A 208 -29.41 29.21 -62.75
CA LYS A 208 -29.03 28.61 -64.03
C LYS A 208 -27.95 27.54 -63.83
N MET A 209 -27.02 27.84 -62.93
CA MET A 209 -25.95 26.94 -62.57
C MET A 209 -26.47 25.73 -61.78
N LEU A 210 -27.63 25.93 -61.13
CA LEU A 210 -28.29 24.90 -60.31
C LEU A 210 -29.04 23.84 -61.13
N ALA A 211 -29.44 24.19 -62.36
CA ALA A 211 -30.14 23.25 -63.23
C ALA A 211 -29.23 22.08 -63.67
N ALA A 212 -27.94 22.33 -63.79
CA ALA A 212 -27.00 21.26 -64.10
C ALA A 212 -26.82 20.33 -62.89
N ASN A 213 -26.73 20.93 -61.70
CA ASN A 213 -26.68 20.19 -60.43
C ASN A 213 -27.76 19.13 -60.36
N GLU A 214 -28.96 19.46 -60.84
CA GLU A 214 -30.06 18.52 -60.76
C GLU A 214 -30.12 17.56 -61.96
N ARG A 215 -29.54 17.90 -63.10
CA ARG A 215 -29.42 16.90 -64.15
C ARG A 215 -28.45 15.78 -63.73
N GLN A 216 -27.46 16.16 -62.92
CA GLN A 216 -26.48 15.22 -62.38
C GLN A 216 -26.98 14.38 -61.23
N THR A 217 -27.52 15.03 -60.20
CA THR A 217 -27.99 14.29 -59.04
C THR A 217 -29.02 13.22 -59.40
N PRO A 218 -28.79 11.97 -58.95
CA PRO A 218 -29.59 10.77 -59.17
C PRO A 218 -31.11 10.97 -59.13
N LEU A 219 -31.61 11.82 -58.24
CA LEU A 219 -33.06 12.00 -58.11
C LEU A 219 -33.59 13.09 -58.99
N ARG A 220 -32.72 13.67 -59.82
CA ARG A 220 -33.13 14.69 -60.78
C ARG A 220 -33.91 15.85 -60.15
N ARG A 221 -33.57 16.22 -58.91
CA ARG A 221 -34.23 17.31 -58.21
C ARG A 221 -33.39 17.71 -57.02
N ASN A 222 -33.50 18.94 -56.54
CA ASN A 222 -32.76 19.27 -55.33
C ASN A 222 -33.59 18.78 -54.17
N VAL A 223 -32.98 18.66 -52.98
CA VAL A 223 -33.68 18.23 -51.78
C VAL A 223 -34.40 19.42 -51.19
N THR A 224 -35.19 19.18 -50.16
CA THR A 224 -35.91 20.27 -49.49
C THR A 224 -35.56 20.27 -48.02
N ILE A 225 -35.79 21.39 -47.35
CA ILE A 225 -35.54 21.42 -45.92
C ILE A 225 -36.44 20.44 -45.17
N GLU A 226 -37.48 19.93 -45.81
CA GLU A 226 -38.34 18.92 -45.17
C GLU A 226 -37.69 17.55 -45.22
N GLU A 227 -36.94 17.31 -46.28
CA GLU A 227 -36.08 16.14 -46.36
C GLU A 227 -34.86 16.25 -45.43
N VAL A 228 -34.16 17.39 -45.43
CA VAL A 228 -32.91 17.55 -44.66
C VAL A 228 -33.24 17.63 -43.17
N GLY A 229 -34.48 17.98 -42.87
CA GLY A 229 -34.92 18.09 -41.50
C GLY A 229 -35.33 16.75 -40.94
N ASN A 230 -36.05 15.94 -41.72
CA ASN A 230 -36.38 14.59 -41.28
C ASN A 230 -35.12 13.80 -40.96
N ALA A 231 -34.22 13.68 -41.94
CA ALA A 231 -32.90 13.12 -41.68
C ALA A 231 -32.35 13.68 -40.37
N GLY A 232 -32.22 15.00 -40.30
CA GLY A 232 -31.73 15.63 -39.08
C GLY A 232 -32.54 15.30 -37.84
N ALA A 233 -33.84 15.15 -37.99
CA ALA A 233 -34.70 14.78 -36.85
C ALA A 233 -34.36 13.40 -36.41
N PHE A 234 -34.53 12.46 -37.33
CA PHE A 234 -34.24 11.05 -37.10
C PHE A 234 -32.90 10.89 -36.36
N LEU A 235 -31.84 11.38 -36.99
CA LEU A 235 -30.48 11.31 -36.43
C LEU A 235 -30.33 11.72 -34.96
N CYS A 236 -31.25 12.54 -34.42
CA CYS A 236 -31.21 12.84 -32.98
C CYS A 236 -32.35 12.16 -32.22
N SER A 237 -32.82 11.03 -32.74
CA SER A 237 -33.88 10.29 -32.06
C SER A 237 -33.38 8.90 -31.72
N ASP A 238 -33.82 8.33 -30.60
CA ASP A 238 -33.39 7.00 -30.19
C ASP A 238 -33.55 5.96 -31.33
N LEU A 239 -34.33 6.26 -32.36
CA LEU A 239 -34.34 5.39 -33.53
C LEU A 239 -32.93 5.24 -34.08
N ALA A 240 -32.17 6.33 -34.03
CA ALA A 240 -30.81 6.36 -34.60
C ALA A 240 -29.79 6.26 -33.48
N SER A 241 -30.08 5.41 -32.51
CA SER A 241 -29.28 5.31 -31.30
C SER A 241 -28.05 4.48 -31.51
N GLY A 242 -27.95 3.84 -32.68
CA GLY A 242 -26.75 3.08 -32.98
C GLY A 242 -25.80 3.88 -33.85
N ILE A 243 -26.15 5.16 -34.09
CA ILE A 243 -25.41 5.98 -35.06
C ILE A 243 -24.69 7.15 -34.43
N SER A 244 -23.35 7.11 -34.44
CA SER A 244 -22.54 8.24 -34.00
C SER A 244 -21.32 8.35 -34.87
N GLY A 245 -20.74 9.56 -34.92
CA GLY A 245 -19.62 9.84 -35.81
C GLY A 245 -19.98 9.96 -37.29
N GLU A 246 -21.28 9.92 -37.61
CA GLU A 246 -21.73 9.80 -39.00
C GLU A 246 -21.97 11.12 -39.72
N ILE A 247 -21.75 11.12 -41.04
CA ILE A 247 -22.03 12.28 -41.87
C ILE A 247 -23.06 11.87 -42.89
N LEU A 248 -24.32 12.14 -42.58
CA LEU A 248 -25.43 11.69 -43.40
C LEU A 248 -25.59 12.59 -44.59
N TYR A 249 -25.42 12.06 -45.79
CA TYR A 249 -25.63 12.87 -47.00
C TYR A 249 -27.11 12.93 -47.38
N VAL A 250 -27.62 14.14 -47.53
CA VAL A 250 -28.97 14.35 -48.03
C VAL A 250 -28.89 15.23 -49.27
N ASP A 251 -28.53 14.67 -50.41
CA ASP A 251 -28.45 15.48 -51.61
C ASP A 251 -29.03 14.74 -52.79
N GLY A 252 -29.81 13.69 -52.51
CA GLY A 252 -30.42 12.92 -53.56
C GLY A 252 -29.39 12.09 -54.33
N GLY A 253 -28.18 12.02 -53.79
CA GLY A 253 -27.18 11.12 -54.32
C GLY A 253 -26.06 11.80 -55.09
N PHE A 254 -26.13 13.13 -55.16
CA PHE A 254 -25.11 13.94 -55.82
C PHE A 254 -23.70 13.50 -55.48
N ASN A 255 -23.41 13.37 -54.18
CA ASN A 255 -22.06 13.13 -53.69
C ASN A 255 -21.40 11.91 -54.30
N THR A 256 -22.22 11.05 -54.88
CA THR A 256 -21.76 9.78 -55.40
C THR A 256 -21.53 9.79 -56.91
N THR A 257 -21.74 10.95 -57.55
CA THR A 257 -21.60 11.02 -59.00
C THR A 257 -20.47 11.93 -59.38
N ALA A 258 -19.87 11.65 -60.53
CA ALA A 258 -18.67 12.36 -60.99
C ALA A 258 -18.83 13.05 -62.36
N MET A 259 -19.67 12.48 -63.23
CA MET A 259 -20.02 13.15 -64.50
C MET A 259 -21.52 13.16 -64.70
N GLY B 2 19.71 13.51 -60.36
CA GLY B 2 18.44 13.26 -59.69
C GLY B 2 17.30 13.94 -60.43
N PHE B 3 16.07 13.54 -60.11
CA PHE B 3 14.93 14.01 -60.88
C PHE B 3 14.48 15.42 -60.51
N LEU B 4 15.12 16.02 -59.51
CA LEU B 4 14.79 17.40 -59.17
C LEU B 4 15.88 18.35 -59.65
N THR B 5 16.82 17.81 -60.43
CA THR B 5 17.89 18.61 -61.00
C THR B 5 17.33 19.74 -61.83
N GLY B 6 17.76 20.95 -61.51
CA GLY B 6 17.27 22.14 -62.18
C GLY B 6 16.38 22.89 -61.22
N LYS B 7 15.70 22.15 -60.34
CA LYS B 7 14.65 22.72 -59.49
C LYS B 7 15.21 23.53 -58.32
N ARG B 8 14.48 24.55 -57.90
CA ARG B 8 14.83 25.32 -56.71
C ARG B 8 13.67 25.25 -55.73
N ALA B 9 13.96 25.17 -54.43
CA ALA B 9 12.93 24.84 -53.44
C ALA B 9 13.01 25.59 -52.11
N LEU B 10 11.92 26.23 -51.69
CA LEU B 10 11.85 26.84 -50.37
C LEU B 10 11.21 25.87 -49.37
N ILE B 11 11.99 25.51 -48.36
CA ILE B 11 11.54 24.58 -47.33
C ILE B 11 11.20 25.29 -46.01
N VAL B 12 9.93 25.24 -45.61
CA VAL B 12 9.46 25.81 -44.35
C VAL B 12 9.34 24.73 -43.29
N GLY B 13 9.90 24.97 -42.11
CA GLY B 13 9.68 24.07 -40.97
C GLY B 13 10.85 23.34 -40.33
N VAL B 14 12.03 23.42 -40.93
CA VAL B 14 13.21 22.70 -40.42
C VAL B 14 13.63 23.15 -39.03
N ALA B 15 13.67 22.23 -38.08
CA ALA B 15 13.92 22.63 -36.70
C ALA B 15 14.71 21.60 -35.90
N SER B 16 14.75 20.35 -36.38
CA SER B 16 15.43 19.27 -35.65
C SER B 16 16.16 18.35 -36.62
N LYS B 17 17.11 17.59 -36.09
CA LYS B 17 17.78 16.52 -36.84
C LYS B 17 16.77 15.48 -37.29
N LEU B 18 15.86 15.13 -36.37
CA LEU B 18 14.86 14.09 -36.58
C LEU B 18 13.59 14.63 -37.25
N SER B 19 13.70 15.75 -37.97
CA SER B 19 12.52 16.37 -38.56
C SER B 19 12.00 15.56 -39.74
N ILE B 20 10.72 15.70 -40.03
CA ILE B 20 10.18 15.18 -41.27
C ILE B 20 10.66 16.14 -42.34
N ALA B 21 10.58 17.43 -42.00
CA ALA B 21 11.09 18.50 -42.84
C ALA B 21 12.50 18.17 -43.34
N SER B 22 13.34 17.70 -42.42
CA SER B 22 14.71 17.30 -42.75
C SER B 22 14.79 16.15 -43.75
N GLY B 23 13.90 15.18 -43.59
CA GLY B 23 13.91 14.00 -44.44
C GLY B 23 13.66 14.34 -45.89
N ILE B 24 12.76 15.29 -46.10
CA ILE B 24 12.43 15.80 -47.43
C ILE B 24 13.64 16.55 -48.03
N ALA B 25 14.15 17.55 -47.30
CA ALA B 25 15.37 18.27 -47.73
C ALA B 25 16.56 17.37 -48.12
N ALA B 26 16.88 16.37 -47.31
CA ALA B 26 17.97 15.45 -47.65
C ALA B 26 17.66 14.70 -48.93
N ALA B 27 16.46 14.11 -49.00
CA ALA B 27 16.05 13.37 -50.18
C ALA B 27 15.88 14.32 -51.35
N MET B 28 15.41 15.54 -51.09
CA MET B 28 15.26 16.48 -52.18
C MET B 28 16.62 16.95 -52.69
N HIS B 29 17.55 17.26 -51.79
CA HIS B 29 18.84 17.76 -52.23
C HIS B 29 19.62 16.70 -52.97
N ARG B 30 19.70 15.52 -52.36
CA ARG B 30 20.15 14.31 -53.03
C ARG B 30 19.65 14.22 -54.48
N GLU B 31 18.37 14.50 -54.68
CA GLU B 31 17.81 14.44 -56.04
C GLU B 31 18.15 15.68 -56.87
N GLY B 32 19.00 16.55 -56.33
CA GLY B 32 19.59 17.63 -57.11
C GLY B 32 18.86 18.96 -57.11
N ALA B 33 18.29 19.35 -55.99
CA ALA B 33 17.59 20.63 -55.97
C ALA B 33 18.43 21.65 -55.23
N GLU B 34 18.31 22.92 -55.61
CA GLU B 34 18.91 23.98 -54.83
C GLU B 34 17.92 24.44 -53.76
N LEU B 35 18.21 24.10 -52.51
CA LEU B 35 17.28 24.40 -51.42
C LEU B 35 17.47 25.78 -50.81
N ALA B 36 16.53 26.17 -49.96
CA ALA B 36 16.56 27.49 -49.30
C ALA B 36 15.54 27.42 -48.17
N PHE B 37 15.91 27.89 -46.99
CA PHE B 37 15.21 27.52 -45.76
C PHE B 37 14.68 28.71 -44.96
N THR B 38 13.77 28.44 -44.03
CA THR B 38 13.28 29.45 -43.06
C THR B 38 13.59 29.06 -41.61
N TYR B 39 13.68 30.05 -40.73
CA TYR B 39 13.83 29.74 -39.32
C TYR B 39 12.89 30.60 -38.50
N GLN B 40 12.08 29.95 -37.67
CA GLN B 40 11.09 30.69 -36.91
C GLN B 40 11.70 31.81 -36.06
N ASN B 41 12.36 31.45 -34.96
CA ASN B 41 12.84 32.46 -34.02
C ASN B 41 14.31 32.81 -34.23
N ASP B 42 14.90 33.52 -33.27
CA ASP B 42 16.33 33.81 -33.35
C ASP B 42 17.13 32.61 -32.83
N LYS B 43 16.56 31.90 -31.86
CA LYS B 43 17.06 30.57 -31.55
C LYS B 43 16.85 29.75 -32.81
N LEU B 44 17.43 28.56 -32.90
CA LEU B 44 17.27 27.73 -34.10
C LEU B 44 17.76 28.39 -35.41
N ARG B 45 18.07 29.68 -35.39
CA ARG B 45 18.57 30.34 -36.59
C ARG B 45 19.79 29.58 -37.09
N GLY B 46 20.88 29.70 -36.35
CA GLY B 46 22.11 29.05 -36.70
C GLY B 46 21.97 27.54 -36.89
N ARG B 47 21.00 26.93 -36.21
CA ARG B 47 20.84 25.49 -36.33
C ARG B 47 20.25 25.15 -37.69
N VAL B 48 19.42 26.05 -38.21
CA VAL B 48 18.90 25.88 -39.56
C VAL B 48 20.04 26.02 -40.53
N GLU B 49 20.78 27.10 -40.35
CA GLU B 49 21.91 27.43 -41.21
C GLU B 49 22.87 26.25 -41.35
N GLU B 50 23.25 25.61 -40.24
CA GLU B 50 24.18 24.48 -40.26
C GLU B 50 23.64 23.39 -41.18
N PHE B 51 22.36 23.08 -41.03
CA PHE B 51 21.73 22.01 -41.79
C PHE B 51 21.71 22.44 -43.23
N ALA B 52 21.36 23.72 -43.44
CA ALA B 52 21.34 24.34 -44.76
C ALA B 52 22.70 24.27 -45.48
N SER B 53 23.78 24.58 -44.77
CA SER B 53 25.13 24.52 -45.34
C SER B 53 25.60 23.08 -45.60
N GLY B 54 24.97 22.13 -44.90
CA GLY B 54 25.17 20.72 -45.17
C GLY B 54 24.32 20.20 -46.33
N TRP B 55 23.37 21.03 -46.78
CA TRP B 55 22.48 20.64 -47.88
C TRP B 55 22.69 21.44 -49.17
N GLY B 56 23.93 21.84 -49.43
CA GLY B 56 24.31 22.51 -50.68
C GLY B 56 23.93 23.97 -50.68
N SER B 57 23.20 24.38 -49.66
CA SER B 57 22.79 25.77 -49.53
C SER B 57 23.84 26.51 -48.73
N ARG B 58 23.49 27.72 -48.29
CA ARG B 58 24.38 28.56 -47.49
C ARG B 58 23.54 29.51 -46.62
N PRO B 59 24.15 30.10 -45.58
CA PRO B 59 23.34 30.94 -44.69
C PRO B 59 22.65 32.16 -45.32
N GLU B 60 22.96 32.50 -46.58
CA GLU B 60 22.31 33.63 -47.25
C GLU B 60 20.95 33.24 -47.87
N LEU B 61 20.70 31.94 -48.00
CA LEU B 61 19.42 31.46 -48.51
C LEU B 61 18.52 31.01 -47.34
N CYS B 62 18.84 31.52 -46.15
CA CYS B 62 18.05 31.27 -44.95
C CYS B 62 17.41 32.57 -44.50
N PHE B 63 16.10 32.54 -44.26
CA PHE B 63 15.38 33.76 -43.94
C PHE B 63 14.53 33.52 -42.72
N PRO B 64 14.34 34.57 -41.90
CA PRO B 64 13.54 34.50 -40.69
C PRO B 64 12.06 34.43 -41.03
N CYS B 65 11.31 33.52 -40.43
CA CYS B 65 9.87 33.45 -40.70
C CYS B 65 8.98 32.79 -39.64
N ASP B 66 8.05 33.57 -39.10
CA ASP B 66 6.97 33.05 -38.26
C ASP B 66 5.76 32.96 -39.16
N VAL B 67 5.36 31.74 -39.51
CA VAL B 67 4.22 31.57 -40.38
C VAL B 67 2.95 32.17 -39.78
N ALA B 68 3.01 32.63 -38.54
CA ALA B 68 1.88 33.32 -37.95
C ALA B 68 1.79 34.78 -38.42
N ASP B 69 2.93 35.37 -38.81
CA ASP B 69 2.93 36.80 -39.17
C ASP B 69 2.95 37.00 -40.67
N ASP B 70 1.94 37.71 -41.17
CA ASP B 70 1.78 37.90 -42.61
C ASP B 70 2.99 38.56 -43.24
N SER B 71 3.48 39.61 -42.60
CA SER B 71 4.55 40.43 -43.18
C SER B 71 5.88 39.69 -43.36
N GLN B 72 6.18 38.73 -42.48
CA GLN B 72 7.44 38.03 -42.59
C GLN B 72 7.47 37.16 -43.84
N ILE B 73 6.43 36.32 -44.00
CA ILE B 73 6.26 35.46 -45.17
C ILE B 73 6.39 36.29 -46.42
N GLU B 74 5.78 37.48 -46.37
CA GLU B 74 5.95 38.50 -47.38
C GLU B 74 7.44 38.71 -47.61
N ALA B 75 8.14 39.05 -46.52
CA ALA B 75 9.54 39.43 -46.59
C ALA B 75 10.40 38.25 -47.00
N VAL B 76 9.87 37.05 -46.84
CA VAL B 76 10.63 35.85 -47.20
C VAL B 76 10.86 35.78 -48.68
N PHE B 77 9.78 35.89 -49.45
CA PHE B 77 9.85 35.72 -50.90
C PHE B 77 10.44 36.93 -51.59
N ALA B 78 10.25 38.09 -50.97
CA ALA B 78 10.89 39.32 -51.44
C ALA B 78 12.40 39.07 -51.45
N ALA B 79 12.98 38.90 -50.27
CA ALA B 79 14.41 38.64 -50.13
C ALA B 79 14.91 37.49 -51.00
N LEU B 80 14.13 36.42 -51.07
CA LEU B 80 14.53 35.24 -51.82
C LEU B 80 14.61 35.54 -53.32
N GLY B 81 13.78 36.47 -53.77
CA GLY B 81 13.74 36.83 -55.18
C GLY B 81 14.85 37.80 -55.53
N LYS B 82 15.74 38.01 -54.58
CA LYS B 82 16.91 38.86 -54.78
C LYS B 82 18.15 37.97 -54.83
N HIS B 83 17.91 36.67 -54.79
CA HIS B 83 18.97 35.69 -55.01
C HIS B 83 18.54 34.83 -56.16
N TRP B 84 17.22 34.71 -56.32
CA TRP B 84 16.66 33.75 -57.25
C TRP B 84 15.80 34.39 -58.33
N ASP B 85 15.91 33.82 -59.53
CA ASP B 85 15.07 34.21 -60.63
C ASP B 85 13.66 33.67 -60.42
N GLY B 86 13.57 32.35 -60.41
CA GLY B 86 12.29 31.70 -60.22
C GLY B 86 12.31 30.83 -58.98
N LEU B 87 11.12 30.34 -58.62
CA LEU B 87 10.94 29.36 -57.56
C LEU B 87 10.16 28.19 -58.15
N ASP B 88 10.45 26.97 -57.70
CA ASP B 88 9.77 25.78 -58.24
C ASP B 88 8.95 25.06 -57.18
N ILE B 89 9.49 24.98 -55.98
CA ILE B 89 8.87 24.19 -54.92
C ILE B 89 8.80 25.00 -53.65
N ILE B 90 7.63 25.00 -53.02
CA ILE B 90 7.53 25.36 -51.61
C ILE B 90 7.12 24.12 -50.81
N VAL B 91 7.77 23.88 -49.67
CA VAL B 91 7.47 22.73 -48.80
C VAL B 91 7.05 23.22 -47.43
N HIS B 92 6.04 22.59 -46.85
CA HIS B 92 5.35 23.12 -45.67
C HIS B 92 5.18 22.01 -44.63
N SER B 93 6.07 22.03 -43.64
CA SER B 93 6.25 20.92 -42.71
C SER B 93 6.15 21.37 -41.24
N VAL B 94 5.47 22.48 -40.99
CA VAL B 94 5.34 22.99 -39.63
C VAL B 94 3.98 22.65 -38.97
N GLY B 95 4.04 21.83 -37.93
CA GLY B 95 2.83 21.54 -37.17
C GLY B 95 2.97 22.05 -35.75
N PHE B 96 1.97 22.79 -35.30
CA PHE B 96 1.98 23.26 -33.92
C PHE B 96 0.60 23.60 -33.39
N ALA B 97 0.16 22.86 -32.38
CA ALA B 97 -0.98 23.27 -31.58
C ALA B 97 -0.52 23.39 -30.13
N PRO B 98 -1.08 24.36 -29.37
CA PRO B 98 -0.72 24.52 -27.96
C PRO B 98 -0.79 23.18 -27.22
N GLY B 99 0.30 22.78 -26.56
CA GLY B 99 0.43 21.46 -25.95
C GLY B 99 -0.76 20.95 -25.15
N ASP B 100 -1.33 21.82 -24.31
CA ASP B 100 -2.50 21.48 -23.48
C ASP B 100 -3.61 20.86 -24.31
N GLN B 101 -3.70 21.30 -25.56
CA GLN B 101 -4.73 20.82 -26.48
C GLN B 101 -4.48 19.37 -26.90
N LEU B 102 -3.23 18.93 -26.81
CA LEU B 102 -2.84 17.58 -27.23
C LEU B 102 -2.66 16.65 -26.03
N ASP B 103 -3.39 16.96 -24.96
CA ASP B 103 -3.26 16.24 -23.69
C ASP B 103 -4.61 16.21 -22.97
N GLY B 104 -5.41 15.19 -23.23
CA GLY B 104 -6.65 14.98 -22.49
C GLY B 104 -7.91 14.87 -23.32
N ASP B 105 -9.07 14.97 -22.66
CA ASP B 105 -10.38 14.82 -23.30
C ASP B 105 -10.61 15.90 -24.34
N PHE B 106 -10.98 15.50 -25.56
CA PHE B 106 -11.13 16.46 -26.64
C PHE B 106 -12.04 17.61 -26.27
N THR B 107 -13.30 17.30 -25.98
CA THR B 107 -14.28 18.31 -25.56
C THR B 107 -13.73 19.18 -24.43
N ALA B 108 -13.13 18.54 -23.43
CA ALA B 108 -12.78 19.26 -22.21
C ALA B 108 -11.58 20.20 -22.37
N VAL B 109 -10.52 19.72 -23.02
CA VAL B 109 -9.32 20.54 -23.09
C VAL B 109 -9.38 21.55 -24.23
N THR B 110 -10.16 21.26 -25.27
CA THR B 110 -10.16 22.14 -26.43
C THR B 110 -10.74 23.50 -26.07
N THR B 111 -9.99 24.54 -26.38
CA THR B 111 -10.45 25.89 -26.18
C THR B 111 -10.35 26.65 -27.46
N ARG B 112 -11.03 27.79 -27.51
CA ARG B 112 -11.17 28.52 -28.74
C ARG B 112 -9.84 29.02 -29.22
N GLU B 113 -9.07 29.56 -28.30
CA GLU B 113 -7.76 30.09 -28.62
C GLU B 113 -6.86 28.98 -29.15
N GLY B 114 -6.92 27.81 -28.53
CA GLY B 114 -6.17 26.67 -29.00
C GLY B 114 -6.55 26.37 -30.44
N PHE B 115 -7.86 26.33 -30.70
CA PHE B 115 -8.39 26.13 -32.04
C PHE B 115 -7.72 27.09 -33.03
N ARG B 116 -7.80 28.37 -32.70
CA ARG B 116 -7.34 29.41 -33.58
C ARG B 116 -5.91 29.15 -33.98
N ILE B 117 -5.04 29.02 -32.99
CA ILE B 117 -3.61 28.87 -33.27
C ILE B 117 -3.40 27.59 -34.04
N ALA B 118 -4.02 26.51 -33.56
CA ALA B 118 -3.96 25.22 -34.24
C ALA B 118 -4.24 25.31 -35.75
N HIS B 119 -5.21 26.13 -36.13
CA HIS B 119 -5.63 26.27 -37.53
C HIS B 119 -4.78 27.27 -38.28
N ASP B 120 -4.46 28.38 -37.63
CA ASP B 120 -3.67 29.43 -38.26
C ASP B 120 -2.28 28.92 -38.63
N ILE B 121 -1.65 28.21 -37.70
CA ILE B 121 -0.33 27.65 -37.94
C ILE B 121 -0.39 26.44 -38.87
N SER B 122 -1.17 25.42 -38.48
CA SER B 122 -1.18 24.12 -39.17
C SER B 122 -1.93 24.10 -40.51
N ALA B 123 -2.61 25.20 -40.84
CA ALA B 123 -3.43 25.22 -42.04
C ALA B 123 -3.43 26.51 -42.83
N TYR B 124 -3.47 27.66 -42.17
CA TYR B 124 -3.51 28.86 -42.99
C TYR B 124 -2.18 29.14 -43.60
N SER B 125 -1.13 28.71 -42.89
CA SER B 125 0.22 29.02 -43.28
C SER B 125 0.44 28.58 -44.70
N PHE B 126 -0.13 27.44 -45.07
CA PHE B 126 0.00 26.90 -46.42
C PHE B 126 -0.48 27.90 -47.44
N ILE B 127 -1.74 28.30 -47.28
CA ILE B 127 -2.40 29.23 -48.18
C ILE B 127 -1.53 30.45 -48.36
N ALA B 128 -1.03 30.97 -47.24
CA ALA B 128 -0.24 32.19 -47.22
C ALA B 128 1.07 32.02 -47.97
N LEU B 129 1.66 30.83 -47.84
CA LEU B 129 2.89 30.48 -48.57
C LEU B 129 2.64 30.41 -50.07
N ALA B 130 1.54 29.77 -50.45
CA ALA B 130 1.08 29.81 -51.84
C ALA B 130 0.81 31.25 -52.28
N LYS B 131 0.03 31.95 -51.46
CA LYS B 131 -0.35 33.32 -51.74
C LYS B 131 0.87 34.22 -51.90
N ALA B 132 1.65 34.34 -50.84
CA ALA B 132 2.76 35.32 -50.82
C ALA B 132 3.92 34.96 -51.75
N GLY B 133 3.91 33.75 -52.29
CA GLY B 133 4.97 33.31 -53.19
C GLY B 133 4.39 32.86 -54.50
N ARG B 134 3.29 33.47 -54.88
CA ARG B 134 2.65 33.16 -56.15
C ARG B 134 3.49 33.61 -57.34
N GLU B 135 3.96 34.85 -57.27
CA GLU B 135 4.62 35.46 -58.40
C GLU B 135 5.93 34.76 -58.77
N MET B 136 6.70 34.34 -57.77
CA MET B 136 7.99 33.70 -58.05
C MET B 136 7.80 32.32 -58.65
N MET B 137 6.59 31.77 -58.53
CA MET B 137 6.35 30.44 -59.05
C MET B 137 5.77 30.54 -60.43
N LYS B 138 5.25 31.73 -60.75
CA LYS B 138 4.49 31.91 -61.98
C LYS B 138 5.43 31.74 -63.16
N GLY B 139 4.94 31.05 -64.19
CA GLY B 139 5.76 30.64 -65.31
C GLY B 139 6.39 29.25 -65.19
N ARG B 140 6.56 28.76 -63.94
CA ARG B 140 7.49 27.65 -63.67
C ARG B 140 6.92 26.22 -63.67
N ASN B 141 5.59 26.07 -63.70
CA ASN B 141 4.98 24.75 -63.56
C ASN B 141 5.50 24.03 -62.30
N GLY B 142 5.37 24.71 -61.17
CA GLY B 142 5.94 24.25 -59.93
C GLY B 142 5.04 23.28 -59.20
N SER B 143 5.07 23.33 -57.88
CA SER B 143 4.35 22.39 -57.06
C SER B 143 4.50 22.79 -55.60
N LEU B 144 3.46 22.55 -54.80
CA LEU B 144 3.53 22.73 -53.35
C LEU B 144 3.35 21.38 -52.67
N LEU B 145 3.78 21.29 -51.42
CA LEU B 145 3.68 20.06 -50.66
C LEU B 145 3.50 20.37 -49.20
N THR B 146 2.52 19.74 -48.55
CA THR B 146 2.33 19.96 -47.12
C THR B 146 2.24 18.62 -46.43
N LEU B 147 2.26 18.66 -45.10
CA LEU B 147 2.23 17.41 -44.35
C LEU B 147 0.96 17.29 -43.54
N SER B 148 0.37 16.11 -43.57
CA SER B 148 -0.84 15.83 -42.82
C SER B 148 -0.74 14.46 -42.15
N TYR B 149 -1.86 13.99 -41.61
CA TYR B 149 -1.83 12.84 -40.72
C TYR B 149 -3.23 12.25 -40.64
N LEU B 150 -3.33 11.00 -40.17
CA LEU B 150 -4.57 10.24 -40.26
C LEU B 150 -5.69 10.85 -39.41
N GLY B 151 -5.30 11.65 -38.43
CA GLY B 151 -6.22 12.27 -37.49
C GLY B 151 -7.27 13.17 -38.11
N ALA B 152 -7.01 13.57 -39.34
CA ALA B 152 -8.01 14.26 -40.14
C ALA B 152 -9.10 13.28 -40.57
N GLU B 153 -8.67 12.12 -41.06
CA GLU B 153 -9.60 11.15 -41.60
C GLU B 153 -10.25 10.34 -40.50
N ARG B 154 -9.53 10.02 -39.43
CA ARG B 154 -10.16 9.34 -38.30
C ARG B 154 -9.62 9.76 -36.92
N THR B 155 -10.37 9.41 -35.88
CA THR B 155 -10.02 9.77 -34.52
C THR B 155 -8.86 8.96 -33.91
N MET B 156 -8.25 9.53 -32.87
CA MET B 156 -7.25 8.88 -32.04
C MET B 156 -6.96 9.72 -30.80
N PRO B 157 -6.51 9.08 -29.72
CA PRO B 157 -6.28 9.79 -28.46
C PRO B 157 -5.30 10.95 -28.56
N ASN B 158 -5.57 12.00 -27.79
CA ASN B 158 -4.67 13.14 -27.63
C ASN B 158 -4.18 13.81 -28.91
N TYR B 159 -4.88 13.62 -30.03
CA TYR B 159 -4.58 14.42 -31.21
C TYR B 159 -5.51 15.60 -31.25
N ASN B 160 -6.77 15.36 -30.91
CA ASN B 160 -7.77 16.41 -30.73
C ASN B 160 -7.78 17.44 -31.84
N VAL B 161 -7.70 18.71 -31.48
CA VAL B 161 -7.87 19.79 -32.43
C VAL B 161 -6.98 19.71 -33.68
N MET B 162 -5.85 19.02 -33.62
CA MET B 162 -4.97 19.00 -34.80
C MET B 162 -5.65 18.21 -35.90
N GLY B 163 -6.53 17.30 -35.52
CA GLY B 163 -7.27 16.55 -36.53
C GLY B 163 -8.15 17.52 -37.28
N MET B 164 -8.60 18.54 -36.55
CA MET B 164 -9.42 19.57 -37.15
C MET B 164 -8.54 20.45 -38.01
N ALA B 165 -7.43 20.93 -37.48
CA ALA B 165 -6.52 21.74 -38.29
C ALA B 165 -6.18 20.98 -39.54
N LYS B 166 -5.68 19.76 -39.36
CA LYS B 166 -5.26 18.92 -40.48
C LYS B 166 -6.35 18.70 -41.53
N ALA B 167 -7.57 18.41 -41.09
CA ALA B 167 -8.68 18.23 -42.02
C ALA B 167 -8.84 19.43 -42.94
N SER B 168 -8.73 20.61 -42.35
CA SER B 168 -8.90 21.89 -43.05
C SER B 168 -7.81 22.04 -44.12
N LEU B 169 -6.56 21.98 -43.66
CA LEU B 169 -5.39 21.88 -44.53
C LEU B 169 -5.59 20.96 -45.75
N GLU B 170 -6.25 19.82 -45.55
CA GLU B 170 -6.36 18.87 -46.66
C GLU B 170 -7.36 19.37 -47.70
N ALA B 171 -8.43 20.03 -47.23
CA ALA B 171 -9.30 20.73 -48.16
C ALA B 171 -8.47 21.82 -48.81
N GLY B 172 -7.65 22.47 -47.99
CA GLY B 172 -6.79 23.54 -48.46
C GLY B 172 -5.88 23.04 -49.57
N VAL B 173 -5.46 21.79 -49.47
CA VAL B 173 -4.72 21.23 -50.57
C VAL B 173 -5.62 21.33 -51.75
N ARG B 174 -6.76 20.64 -51.70
CA ARG B 174 -7.74 20.59 -52.81
C ARG B 174 -8.16 21.94 -53.37
N TYR B 175 -8.53 22.90 -52.53
CA TYR B 175 -8.95 24.19 -53.07
C TYR B 175 -7.83 24.91 -53.80
N LEU B 176 -6.60 24.84 -53.25
CA LEU B 176 -5.42 25.42 -53.89
C LEU B 176 -5.25 24.79 -55.26
N ALA B 177 -5.12 23.47 -55.27
CA ALA B 177 -4.82 22.73 -56.49
C ALA B 177 -5.71 23.15 -57.66
N GLY B 178 -6.97 23.45 -57.36
CA GLY B 178 -7.94 23.76 -58.40
C GLY B 178 -7.96 25.24 -58.69
N SER B 179 -7.20 25.98 -57.88
CA SER B 179 -7.06 27.42 -58.09
C SER B 179 -5.80 27.69 -58.88
N LEU B 180 -4.72 27.02 -58.51
CA LEU B 180 -3.43 27.26 -59.12
C LEU B 180 -3.10 26.20 -60.14
N GLY B 181 -4.10 25.49 -60.65
CA GLY B 181 -3.84 24.44 -61.62
C GLY B 181 -3.68 25.03 -63.02
N ALA B 182 -4.51 26.02 -63.32
CA ALA B 182 -4.58 26.56 -64.67
C ALA B 182 -3.23 27.14 -65.09
N GLU B 183 -2.50 27.70 -64.13
CA GLU B 183 -1.21 28.31 -64.43
C GLU B 183 -0.05 27.35 -64.23
N GLY B 184 -0.34 26.07 -63.96
CA GLY B 184 0.71 25.05 -63.88
C GLY B 184 1.11 24.58 -62.50
N THR B 185 0.77 25.33 -61.47
CA THR B 185 1.13 24.95 -60.10
C THR B 185 0.40 23.68 -59.66
N ARG B 186 1.14 22.66 -59.24
CA ARG B 186 0.51 21.46 -58.68
C ARG B 186 0.47 21.55 -57.16
N VAL B 187 -0.43 20.83 -56.50
CA VAL B 187 -0.54 20.94 -55.04
C VAL B 187 -0.84 19.57 -54.43
N ASN B 188 0.03 19.07 -53.56
CA ASN B 188 -0.17 17.75 -52.92
C ASN B 188 0.24 17.69 -51.43
N ALA B 189 -0.04 16.54 -50.80
CA ALA B 189 0.40 16.33 -49.43
C ALA B 189 0.85 14.87 -49.16
N VAL B 190 1.77 14.73 -48.21
CA VAL B 190 2.11 13.41 -47.73
C VAL B 190 1.45 13.22 -46.37
N SER B 191 0.69 12.14 -46.21
CA SER B 191 0.12 11.90 -44.89
C SER B 191 1.01 10.87 -44.26
N ALA B 192 1.94 11.32 -43.43
CA ALA B 192 2.96 10.41 -42.95
C ALA B 192 2.54 9.84 -41.62
N GLY B 193 2.73 8.54 -41.46
CA GLY B 193 2.58 7.87 -40.18
C GLY B 193 3.62 8.29 -39.15
N PRO B 194 3.58 7.66 -37.98
CA PRO B 194 4.50 8.06 -36.92
C PRO B 194 5.89 7.53 -37.17
N ILE B 195 6.93 8.31 -36.86
CA ILE B 195 8.32 7.83 -36.97
C ILE B 195 8.95 7.68 -35.59
N LEU B 210 4.99 4.74 -32.46
CA LEU B 210 4.12 3.96 -31.57
C LEU B 210 4.34 2.46 -31.77
N ALA B 211 4.25 1.69 -30.69
CA ALA B 211 4.59 0.28 -30.76
C ALA B 211 3.43 -0.59 -31.26
N ALA B 212 2.21 -0.28 -30.83
CA ALA B 212 1.05 -1.09 -31.20
C ALA B 212 0.53 -0.74 -32.60
N ASN B 213 0.67 0.53 -32.97
CA ASN B 213 0.59 1.00 -34.36
C ASN B 213 1.29 0.01 -35.31
N GLU B 214 2.57 -0.20 -35.07
CA GLU B 214 3.41 -1.10 -35.84
C GLU B 214 2.78 -2.47 -36.06
N ARG B 215 2.21 -3.05 -35.02
CA ARG B 215 1.63 -4.37 -35.16
C ARG B 215 0.62 -4.42 -36.29
N GLN B 216 -0.20 -3.38 -36.44
CA GLN B 216 -1.28 -3.47 -37.41
C GLN B 216 -0.91 -3.00 -38.81
N THR B 217 -0.03 -2.02 -38.95
CA THR B 217 0.34 -1.55 -40.29
C THR B 217 0.84 -2.72 -41.13
N PRO B 218 0.42 -2.78 -42.41
CA PRO B 218 0.74 -3.93 -43.27
C PRO B 218 2.22 -4.32 -43.36
N LEU B 219 3.14 -3.37 -43.48
CA LEU B 219 4.56 -3.69 -43.60
C LEU B 219 5.15 -4.13 -42.25
N ARG B 220 4.29 -4.09 -41.23
CA ARG B 220 4.59 -4.59 -39.87
C ARG B 220 5.74 -3.82 -39.24
N ARG B 221 5.92 -2.60 -39.73
CA ARG B 221 6.94 -1.67 -39.28
C ARG B 221 6.46 -0.22 -39.47
N ASN B 222 7.10 0.73 -38.78
CA ASN B 222 6.84 2.15 -39.04
C ASN B 222 7.69 2.70 -40.17
N VAL B 223 7.29 3.85 -40.73
CA VAL B 223 8.06 4.49 -41.80
C VAL B 223 9.17 5.41 -41.28
N THR B 224 10.19 5.61 -42.11
CA THR B 224 11.36 6.38 -41.76
C THR B 224 11.30 7.75 -42.46
N ILE B 225 12.03 8.75 -41.95
CA ILE B 225 11.98 10.07 -42.56
C ILE B 225 12.65 10.07 -43.93
N GLU B 226 13.36 8.99 -44.26
CA GLU B 226 13.89 8.87 -45.61
C GLU B 226 12.82 8.37 -46.58
N GLU B 227 11.84 7.66 -46.02
CA GLU B 227 10.76 7.12 -46.83
C GLU B 227 9.73 8.19 -47.10
N VAL B 228 9.47 9.06 -46.13
CA VAL B 228 8.52 10.14 -46.34
C VAL B 228 9.13 11.22 -47.23
N GLY B 229 10.44 11.40 -47.10
CA GLY B 229 11.16 12.45 -47.83
C GLY B 229 11.30 12.18 -49.32
N ASN B 230 11.69 10.95 -49.67
CA ASN B 230 11.59 10.45 -51.04
C ASN B 230 10.23 10.78 -51.71
N ALA B 231 9.14 10.22 -51.20
CA ALA B 231 7.82 10.44 -51.81
C ALA B 231 7.50 11.91 -51.89
N GLY B 232 7.84 12.63 -50.82
CA GLY B 232 7.70 14.07 -50.79
C GLY B 232 8.48 14.68 -51.94
N ALA B 233 9.68 14.18 -52.20
CA ALA B 233 10.48 14.71 -53.28
C ALA B 233 9.83 14.35 -54.61
N PHE B 234 9.52 13.07 -54.77
CA PHE B 234 8.88 12.56 -55.98
C PHE B 234 7.70 13.43 -56.41
N LEU B 235 6.79 13.72 -55.48
CA LEU B 235 5.58 14.47 -55.81
C LEU B 235 5.87 15.88 -56.35
N CYS B 236 6.94 16.54 -55.87
CA CYS B 236 7.27 17.90 -56.35
C CYS B 236 8.13 17.89 -57.62
N SER B 237 8.44 16.70 -58.11
CA SER B 237 9.28 16.53 -59.29
C SER B 237 8.43 16.33 -60.53
N ASP B 238 9.01 16.63 -61.70
CA ASP B 238 8.29 16.47 -62.96
C ASP B 238 7.85 15.03 -63.24
N LEU B 239 8.29 14.09 -62.41
CA LEU B 239 7.86 12.69 -62.48
C LEU B 239 6.46 12.48 -61.91
N ALA B 240 5.82 13.57 -61.47
CA ALA B 240 4.51 13.54 -60.83
C ALA B 240 3.65 14.67 -61.35
N SER B 241 3.88 15.00 -62.62
CA SER B 241 3.28 16.18 -63.24
C SER B 241 1.84 15.93 -63.61
N GLY B 242 1.43 14.67 -63.45
CA GLY B 242 0.08 14.25 -63.77
C GLY B 242 -0.72 14.08 -62.49
N ILE B 243 -0.15 14.61 -61.40
CA ILE B 243 -0.74 14.50 -60.09
C ILE B 243 -0.93 15.86 -59.48
N SER B 244 -2.14 16.11 -58.99
CA SER B 244 -2.40 17.30 -58.19
C SER B 244 -3.55 16.97 -57.25
N GLY B 245 -3.70 17.76 -56.19
CA GLY B 245 -4.77 17.55 -55.22
C GLY B 245 -4.78 16.26 -54.42
N GLU B 246 -3.61 15.68 -54.13
CA GLU B 246 -3.58 14.36 -53.50
C GLU B 246 -3.14 14.36 -52.03
N ILE B 247 -3.69 13.43 -51.26
CA ILE B 247 -3.17 13.15 -49.92
C ILE B 247 -2.52 11.79 -49.94
N LEU B 248 -1.24 11.73 -50.33
CA LEU B 248 -0.53 10.46 -50.50
C LEU B 248 -0.11 9.91 -49.14
N TYR B 249 -0.36 8.62 -48.91
CA TYR B 249 -0.15 8.05 -47.58
C TYR B 249 1.12 7.20 -47.51
N VAL B 250 2.09 7.72 -46.76
CA VAL B 250 3.27 6.94 -46.42
C VAL B 250 3.15 6.48 -44.95
N ASP B 251 2.60 5.28 -44.74
CA ASP B 251 2.45 4.70 -43.41
C ASP B 251 2.39 3.20 -43.43
N GLY B 252 2.78 2.60 -44.55
CA GLY B 252 2.88 1.16 -44.62
C GLY B 252 1.54 0.53 -44.89
N GLY B 253 0.52 1.36 -45.04
CA GLY B 253 -0.82 0.91 -45.37
C GLY B 253 -1.71 0.91 -44.15
N PHE B 254 -1.29 1.62 -43.11
CA PHE B 254 -2.05 1.62 -41.87
C PHE B 254 -3.42 2.20 -42.08
N ASN B 255 -3.50 3.26 -42.88
CA ASN B 255 -4.78 3.89 -43.12
C ASN B 255 -5.73 2.85 -43.64
N THR B 256 -5.25 1.93 -44.45
CA THR B 256 -6.11 0.93 -45.07
C THR B 256 -6.52 -0.21 -44.15
N THR B 257 -6.26 -0.10 -42.86
CA THR B 257 -6.54 -1.20 -41.93
C THR B 257 -7.55 -0.78 -40.88
N ALA B 258 -8.37 -1.72 -40.41
CA ALA B 258 -9.32 -1.39 -39.34
C ALA B 258 -8.95 -1.97 -37.96
N GLY C 2 -47.50 4.09 -38.50
CA GLY C 2 -46.11 4.46 -38.22
C GLY C 2 -45.50 5.09 -39.46
N PHE C 3 -44.17 5.24 -39.50
CA PHE C 3 -43.63 6.02 -40.61
C PHE C 3 -43.43 5.20 -41.88
N LEU C 4 -43.97 3.97 -41.90
CA LEU C 4 -43.89 3.15 -43.10
C LEU C 4 -45.27 2.66 -43.58
N THR C 5 -46.36 3.10 -42.95
CA THR C 5 -47.69 2.60 -43.33
C THR C 5 -48.04 2.99 -44.76
N GLY C 6 -48.52 2.03 -45.54
CA GLY C 6 -48.85 2.29 -46.93
C GLY C 6 -47.87 1.61 -47.87
N LYS C 7 -46.66 1.39 -47.37
CA LYS C 7 -45.58 0.86 -48.18
C LYS C 7 -45.52 -0.65 -48.08
N ARG C 8 -45.34 -1.31 -49.22
CA ARG C 8 -45.06 -2.73 -49.24
C ARG C 8 -43.57 -3.02 -49.44
N ALA C 9 -43.06 -4.08 -48.82
CA ALA C 9 -41.62 -4.34 -48.73
C ALA C 9 -41.30 -5.79 -48.94
N LEU C 10 -40.39 -6.09 -49.87
CA LEU C 10 -39.96 -7.46 -50.05
C LEU C 10 -38.68 -7.65 -49.29
N ILE C 11 -38.59 -8.74 -48.54
CA ILE C 11 -37.38 -8.98 -47.76
C ILE C 11 -36.70 -10.30 -48.15
N VAL C 12 -35.53 -10.17 -48.76
CA VAL C 12 -34.75 -11.29 -49.24
C VAL C 12 -33.69 -11.69 -48.23
N GLY C 13 -33.73 -12.93 -47.77
CA GLY C 13 -32.63 -13.48 -47.01
C GLY C 13 -32.84 -13.51 -45.52
N VAL C 14 -34.09 -13.57 -45.08
CA VAL C 14 -34.35 -13.83 -43.66
C VAL C 14 -34.01 -15.27 -43.38
N ALA C 15 -33.05 -15.51 -42.49
CA ALA C 15 -32.62 -16.89 -42.23
C ALA C 15 -32.56 -17.26 -40.75
N SER C 16 -32.65 -16.26 -39.88
CA SER C 16 -32.61 -16.50 -38.44
C SER C 16 -33.38 -15.42 -37.67
N LYS C 17 -33.83 -15.73 -36.45
CA LYS C 17 -34.56 -14.77 -35.62
C LYS C 17 -33.72 -13.56 -35.19
N LEU C 18 -32.43 -13.75 -34.95
CA LEU C 18 -31.57 -12.65 -34.47
C LEU C 18 -30.54 -12.22 -35.50
N SER C 19 -30.93 -12.22 -36.77
CA SER C 19 -30.08 -11.64 -37.80
C SER C 19 -30.45 -10.17 -38.00
N ILE C 20 -29.51 -9.38 -38.51
CA ILE C 20 -29.78 -7.98 -38.86
C ILE C 20 -31.03 -7.90 -39.75
N ALA C 21 -31.16 -8.81 -40.70
CA ALA C 21 -32.36 -8.83 -41.54
C ALA C 21 -33.65 -9.03 -40.73
N SER C 22 -33.57 -9.79 -39.64
CA SER C 22 -34.78 -9.96 -38.85
C SER C 22 -35.09 -8.72 -38.07
N GLY C 23 -34.06 -7.92 -37.81
CA GLY C 23 -34.23 -6.64 -37.11
C GLY C 23 -34.95 -5.69 -38.03
N ILE C 24 -34.49 -5.62 -39.27
CA ILE C 24 -35.14 -4.79 -40.27
C ILE C 24 -36.59 -5.18 -40.41
N ALA C 25 -36.82 -6.43 -40.83
CA ALA C 25 -38.17 -7.01 -40.93
C ALA C 25 -39.10 -6.62 -39.79
N ALA C 26 -38.59 -6.55 -38.57
CA ALA C 26 -39.42 -6.24 -37.41
C ALA C 26 -39.84 -4.80 -37.44
N ALA C 27 -38.86 -3.91 -37.48
CA ALA C 27 -39.14 -2.49 -37.41
C ALA C 27 -40.11 -2.07 -38.53
N MET C 28 -39.92 -2.61 -39.73
CA MET C 28 -40.70 -2.15 -40.87
C MET C 28 -42.13 -2.52 -40.65
N HIS C 29 -42.34 -3.56 -39.86
CA HIS C 29 -43.68 -4.00 -39.47
C HIS C 29 -44.26 -3.16 -38.34
N ARG C 30 -43.43 -2.93 -37.33
CA ARG C 30 -43.72 -1.98 -36.28
C ARG C 30 -44.24 -0.71 -36.92
N GLU C 31 -43.58 -0.28 -37.99
CA GLU C 31 -43.96 0.94 -38.70
C GLU C 31 -44.99 0.75 -39.80
N GLY C 32 -45.63 -0.42 -39.82
CA GLY C 32 -46.78 -0.62 -40.69
C GLY C 32 -46.57 -1.19 -42.08
N ALA C 33 -45.32 -1.47 -42.46
CA ALA C 33 -45.10 -1.98 -43.81
C ALA C 33 -45.82 -3.32 -43.97
N GLU C 34 -46.42 -3.56 -45.13
CA GLU C 34 -46.92 -4.89 -45.40
C GLU C 34 -45.71 -5.63 -45.90
N LEU C 35 -45.40 -6.77 -45.31
CA LEU C 35 -44.15 -7.46 -45.62
C LEU C 35 -44.35 -8.72 -46.43
N ALA C 36 -43.43 -8.96 -47.37
CA ALA C 36 -43.36 -10.22 -48.10
C ALA C 36 -41.94 -10.74 -47.99
N PHE C 37 -41.76 -12.06 -48.09
CA PHE C 37 -40.45 -12.69 -47.81
C PHE C 37 -40.11 -13.75 -48.85
N THR C 38 -38.81 -13.94 -49.09
CA THR C 38 -38.35 -15.09 -49.86
C THR C 38 -37.58 -16.04 -48.95
N TYR C 39 -37.49 -17.31 -49.34
CA TYR C 39 -36.70 -18.26 -48.58
C TYR C 39 -35.64 -18.96 -49.44
N GLN C 40 -34.44 -19.15 -48.86
CA GLN C 40 -33.26 -19.57 -49.60
C GLN C 40 -33.37 -20.98 -50.12
N ASN C 41 -34.00 -21.85 -49.35
CA ASN C 41 -34.11 -23.25 -49.73
C ASN C 41 -35.26 -23.89 -49.00
N ASP C 42 -35.37 -25.21 -49.07
CA ASP C 42 -36.54 -25.89 -48.49
C ASP C 42 -36.41 -26.12 -46.98
N LYS C 43 -35.18 -26.18 -46.46
CA LYS C 43 -35.04 -26.37 -45.02
C LYS C 43 -35.58 -25.15 -44.28
N LEU C 44 -35.25 -23.97 -44.80
CA LEU C 44 -35.50 -22.73 -44.10
C LEU C 44 -36.94 -22.29 -44.29
N ARG C 45 -37.61 -22.91 -45.25
CA ARG C 45 -38.99 -22.56 -45.58
C ARG C 45 -39.89 -22.40 -44.37
N GLY C 46 -39.98 -23.44 -43.56
CA GLY C 46 -40.86 -23.43 -42.41
C GLY C 46 -40.44 -22.37 -41.42
N ARG C 47 -39.16 -22.04 -41.42
CA ARG C 47 -38.64 -21.04 -40.51
C ARG C 47 -39.08 -19.65 -40.97
N VAL C 48 -39.02 -19.44 -42.27
CA VAL C 48 -39.32 -18.14 -42.83
C VAL C 48 -40.82 -17.89 -42.78
N GLU C 49 -41.62 -18.90 -43.14
CA GLU C 49 -43.08 -18.72 -43.10
C GLU C 49 -43.49 -18.30 -41.71
N GLU C 50 -42.90 -18.91 -40.69
CA GLU C 50 -43.37 -18.71 -39.33
C GLU C 50 -43.01 -17.34 -38.83
N PHE C 51 -41.88 -16.83 -39.31
CA PHE C 51 -41.45 -15.50 -38.94
C PHE C 51 -42.40 -14.51 -39.57
N ALA C 52 -42.63 -14.71 -40.86
CA ALA C 52 -43.56 -13.92 -41.66
C ALA C 52 -44.93 -13.75 -41.02
N SER C 53 -45.46 -14.84 -40.50
CA SER C 53 -46.76 -14.83 -39.83
C SER C 53 -46.82 -13.93 -38.59
N GLY C 54 -45.67 -13.77 -37.93
CA GLY C 54 -45.61 -12.97 -36.72
C GLY C 54 -45.31 -11.52 -37.04
N TRP C 55 -44.89 -11.29 -38.27
CA TRP C 55 -44.63 -9.95 -38.77
C TRP C 55 -45.76 -9.57 -39.68
N GLY C 56 -46.96 -9.97 -39.30
CA GLY C 56 -48.17 -9.51 -39.96
C GLY C 56 -48.46 -10.13 -41.32
N SER C 57 -47.46 -10.78 -41.90
CA SER C 57 -47.65 -11.41 -43.21
C SER C 57 -48.21 -12.83 -43.12
N ARG C 58 -48.33 -13.49 -44.27
CA ARG C 58 -48.81 -14.87 -44.31
C ARG C 58 -47.78 -15.76 -45.02
N PRO C 59 -47.97 -17.09 -45.01
CA PRO C 59 -47.06 -17.91 -45.82
C PRO C 59 -47.31 -17.71 -47.31
N GLU C 60 -48.50 -17.20 -47.64
CA GLU C 60 -48.90 -16.91 -49.02
C GLU C 60 -47.90 -15.96 -49.62
N LEU C 61 -47.37 -15.08 -48.77
CA LEU C 61 -46.47 -14.04 -49.20
C LEU C 61 -45.02 -14.47 -49.09
N CYS C 62 -44.79 -15.78 -48.92
CA CYS C 62 -43.45 -16.36 -48.90
C CYS C 62 -43.15 -17.15 -50.19
N PHE C 63 -41.99 -16.90 -50.81
CA PHE C 63 -41.71 -17.53 -52.11
C PHE C 63 -40.30 -18.10 -52.20
N PRO C 64 -40.14 -19.25 -52.89
CA PRO C 64 -38.83 -19.86 -53.02
C PRO C 64 -37.90 -19.02 -53.87
N CYS C 65 -36.71 -18.77 -53.34
CA CYS C 65 -35.67 -18.08 -54.10
C CYS C 65 -34.23 -18.39 -53.64
N ASP C 66 -33.40 -18.86 -54.56
CA ASP C 66 -31.97 -18.79 -54.30
C ASP C 66 -31.30 -17.81 -55.27
N VAL C 67 -30.80 -16.69 -54.74
CA VAL C 67 -30.30 -15.60 -55.59
C VAL C 67 -29.16 -15.95 -56.53
N ALA C 68 -28.86 -17.23 -56.70
CA ALA C 68 -27.81 -17.62 -57.63
C ALA C 68 -28.40 -17.93 -59.00
N ASP C 69 -29.72 -17.87 -59.10
CA ASP C 69 -30.44 -18.27 -60.31
C ASP C 69 -31.47 -17.19 -60.74
N ASP C 70 -31.18 -16.50 -61.85
CA ASP C 70 -32.08 -15.53 -62.45
C ASP C 70 -33.54 -16.02 -62.51
N SER C 71 -33.73 -17.27 -62.97
CA SER C 71 -35.07 -17.80 -63.23
C SER C 71 -35.97 -17.82 -61.98
N GLN C 72 -35.46 -18.34 -60.86
CA GLN C 72 -36.21 -18.36 -59.61
C GLN C 72 -36.56 -16.95 -59.13
N ILE C 73 -35.57 -16.06 -59.21
CA ILE C 73 -35.77 -14.65 -58.87
C ILE C 73 -36.97 -14.12 -59.64
N GLU C 74 -36.95 -14.27 -60.97
CA GLU C 74 -38.05 -13.77 -61.80
C GLU C 74 -39.39 -14.33 -61.36
N ALA C 75 -39.39 -15.58 -60.93
CA ALA C 75 -40.63 -16.20 -60.46
C ALA C 75 -41.11 -15.55 -59.17
N VAL C 76 -40.19 -14.94 -58.43
CA VAL C 76 -40.60 -14.25 -57.23
C VAL C 76 -41.56 -13.13 -57.58
N PHE C 77 -41.11 -12.18 -58.39
CA PHE C 77 -41.94 -11.02 -58.69
C PHE C 77 -43.19 -11.38 -59.52
N ALA C 78 -43.09 -12.44 -60.31
CA ALA C 78 -44.27 -12.92 -61.03
C ALA C 78 -45.25 -13.62 -60.11
N ALA C 79 -44.77 -14.20 -59.00
CA ALA C 79 -45.67 -14.82 -58.01
C ALA C 79 -46.28 -13.77 -57.10
N LEU C 80 -45.44 -12.87 -56.61
CA LEU C 80 -45.93 -11.76 -55.80
C LEU C 80 -46.94 -10.94 -56.62
N GLY C 81 -46.60 -10.62 -57.87
CA GLY C 81 -47.46 -9.79 -58.71
C GLY C 81 -48.89 -10.26 -58.86
N LYS C 82 -49.18 -11.43 -58.32
CA LYS C 82 -50.55 -11.91 -58.30
C LYS C 82 -51.19 -11.40 -57.02
N HIS C 83 -50.36 -11.00 -56.06
CA HIS C 83 -50.87 -10.55 -54.78
C HIS C 83 -50.85 -9.02 -54.70
N TRP C 84 -49.78 -8.42 -55.23
CA TRP C 84 -49.62 -6.97 -55.14
C TRP C 84 -49.59 -6.38 -56.54
N ASP C 85 -50.26 -5.25 -56.72
CA ASP C 85 -50.27 -4.57 -58.01
C ASP C 85 -49.19 -3.52 -58.05
N GLY C 86 -48.12 -3.75 -57.29
CA GLY C 86 -47.05 -2.78 -57.13
C GLY C 86 -46.29 -3.11 -55.86
N LEU C 87 -45.05 -2.66 -55.75
CA LEU C 87 -44.17 -2.89 -54.60
C LEU C 87 -43.22 -1.75 -54.38
N ASP C 88 -43.04 -1.36 -53.11
CA ASP C 88 -42.24 -0.17 -52.77
C ASP C 88 -40.78 -0.44 -52.44
N ILE C 89 -40.53 -1.53 -51.72
CA ILE C 89 -39.20 -1.77 -51.14
C ILE C 89 -38.66 -3.17 -51.43
N ILE C 90 -37.35 -3.28 -51.63
CA ILE C 90 -36.71 -4.59 -51.62
C ILE C 90 -35.54 -4.48 -50.68
N VAL C 91 -35.50 -5.37 -49.71
CA VAL C 91 -34.47 -5.35 -48.70
C VAL C 91 -33.58 -6.55 -48.90
N HIS C 92 -32.30 -6.26 -49.10
CA HIS C 92 -31.33 -7.22 -49.60
C HIS C 92 -30.27 -7.54 -48.54
N SER C 93 -30.54 -8.59 -47.77
CA SER C 93 -29.65 -9.02 -46.71
C SER C 93 -29.18 -10.45 -46.98
N VAL C 94 -28.60 -10.66 -48.17
CA VAL C 94 -27.95 -11.94 -48.53
C VAL C 94 -26.44 -11.77 -48.63
N GLY C 95 -25.71 -12.13 -47.58
CA GLY C 95 -24.26 -12.03 -47.61
C GLY C 95 -23.59 -13.37 -47.37
N PHE C 96 -22.92 -13.88 -48.40
CA PHE C 96 -22.26 -15.19 -48.32
C PHE C 96 -21.07 -15.40 -49.25
N ALA C 97 -20.11 -16.17 -48.75
CA ALA C 97 -18.94 -16.64 -49.49
C ALA C 97 -18.52 -18.04 -48.99
N PRO C 98 -17.96 -18.88 -49.87
CA PRO C 98 -17.50 -20.22 -49.48
C PRO C 98 -16.60 -20.17 -48.24
N GLY C 99 -16.95 -20.99 -47.25
CA GLY C 99 -16.33 -20.94 -45.94
C GLY C 99 -14.83 -20.91 -45.86
N ASP C 100 -14.16 -21.73 -46.66
CA ASP C 100 -12.71 -21.87 -46.59
C ASP C 100 -11.97 -20.53 -46.92
N GLN C 101 -12.59 -19.68 -47.73
CA GLN C 101 -12.02 -18.37 -48.07
C GLN C 101 -12.06 -17.38 -46.90
N LEU C 102 -12.90 -17.66 -45.92
CA LEU C 102 -13.06 -16.74 -44.79
C LEU C 102 -12.39 -17.33 -43.54
N ASP C 103 -11.38 -18.17 -43.79
CA ASP C 103 -10.58 -18.78 -42.74
C ASP C 103 -9.12 -18.93 -43.18
N GLY C 104 -8.30 -17.91 -42.90
CA GLY C 104 -6.88 -17.97 -43.23
C GLY C 104 -6.24 -16.71 -43.81
N ASP C 105 -4.99 -16.85 -44.28
CA ASP C 105 -4.34 -15.79 -45.03
C ASP C 105 -5.11 -15.59 -46.31
N PHE C 106 -5.32 -14.32 -46.67
CA PHE C 106 -6.15 -13.97 -47.82
C PHE C 106 -5.63 -14.60 -49.11
N THR C 107 -4.41 -14.23 -49.49
CA THR C 107 -3.79 -14.64 -50.74
C THR C 107 -3.73 -16.13 -50.88
N ALA C 108 -3.65 -16.79 -49.73
CA ALA C 108 -3.45 -18.24 -49.72
C ALA C 108 -4.76 -18.95 -49.92
N VAL C 109 -5.79 -18.52 -49.17
CA VAL C 109 -7.08 -19.23 -49.11
C VAL C 109 -8.10 -18.83 -50.18
N THR C 110 -7.86 -17.72 -50.88
CA THR C 110 -8.82 -17.25 -51.86
C THR C 110 -8.68 -18.04 -53.17
N THR C 111 -9.81 -18.38 -53.76
CA THR C 111 -9.88 -19.26 -54.92
C THR C 111 -10.61 -18.51 -56.03
N ARG C 112 -10.36 -18.85 -57.29
CA ARG C 112 -11.17 -18.32 -58.38
C ARG C 112 -12.64 -18.59 -58.11
N GLU C 113 -13.02 -19.86 -57.98
CA GLU C 113 -14.43 -20.22 -57.80
C GLU C 113 -15.05 -19.62 -56.52
N GLY C 114 -14.29 -19.53 -55.44
CA GLY C 114 -14.79 -18.91 -54.22
C GLY C 114 -15.02 -17.43 -54.42
N PHE C 115 -14.10 -16.80 -55.14
CA PHE C 115 -14.23 -15.40 -55.53
C PHE C 115 -15.53 -15.23 -56.29
N ARG C 116 -15.65 -15.94 -57.40
CA ARG C 116 -16.83 -15.86 -58.26
C ARG C 116 -18.15 -16.05 -57.53
N ILE C 117 -18.15 -16.93 -56.52
CA ILE C 117 -19.38 -17.18 -55.75
C ILE C 117 -19.65 -15.96 -54.86
N ALA C 118 -18.73 -15.68 -53.94
CA ALA C 118 -18.81 -14.51 -53.06
C ALA C 118 -19.36 -13.29 -53.77
N HIS C 119 -18.74 -12.91 -54.89
CA HIS C 119 -19.20 -11.76 -55.68
C HIS C 119 -20.57 -11.99 -56.32
N ASP C 120 -20.87 -13.23 -56.66
CA ASP C 120 -22.16 -13.53 -57.30
C ASP C 120 -23.25 -13.32 -56.28
N ILE C 121 -23.26 -14.16 -55.27
CA ILE C 121 -24.33 -14.12 -54.28
C ILE C 121 -24.42 -12.80 -53.53
N SER C 122 -23.28 -12.23 -53.19
CA SER C 122 -23.29 -11.17 -52.19
C SER C 122 -23.34 -9.81 -52.85
N ALA C 123 -23.19 -9.79 -54.15
CA ALA C 123 -23.13 -8.53 -54.86
C ALA C 123 -24.07 -8.54 -56.03
N TYR C 124 -23.79 -9.33 -57.07
CA TYR C 124 -24.62 -9.24 -58.26
C TYR C 124 -26.09 -9.51 -57.95
N SER C 125 -26.36 -10.36 -56.96
CA SER C 125 -27.75 -10.69 -56.60
C SER C 125 -28.60 -9.44 -56.35
N PHE C 126 -27.96 -8.42 -55.79
CA PHE C 126 -28.62 -7.12 -55.58
C PHE C 126 -29.14 -6.52 -56.88
N ILE C 127 -28.29 -6.52 -57.90
CA ILE C 127 -28.62 -5.90 -59.17
C ILE C 127 -29.69 -6.74 -59.85
N ALA C 128 -29.60 -8.06 -59.68
CA ALA C 128 -30.63 -8.94 -60.21
C ALA C 128 -31.99 -8.64 -59.59
N LEU C 129 -32.01 -8.27 -58.31
CA LEU C 129 -33.26 -7.89 -57.63
C LEU C 129 -33.73 -6.50 -58.04
N ALA C 130 -32.81 -5.56 -58.21
CA ALA C 130 -33.18 -4.25 -58.75
C ALA C 130 -33.85 -4.40 -60.12
N LYS C 131 -33.26 -5.23 -60.96
CA LYS C 131 -33.80 -5.53 -62.29
C LYS C 131 -35.15 -6.23 -62.18
N ALA C 132 -35.13 -7.47 -61.71
CA ALA C 132 -36.34 -8.29 -61.68
C ALA C 132 -37.54 -7.59 -61.05
N GLY C 133 -37.28 -6.60 -60.21
CA GLY C 133 -38.36 -5.91 -59.52
C GLY C 133 -38.63 -4.51 -60.02
N ARG C 134 -38.04 -4.16 -61.16
CA ARG C 134 -38.14 -2.79 -61.66
C ARG C 134 -39.58 -2.40 -61.97
N GLU C 135 -40.33 -3.34 -62.54
CA GLU C 135 -41.69 -3.07 -63.01
C GLU C 135 -42.64 -2.89 -61.85
N MET C 136 -42.59 -3.84 -60.92
CA MET C 136 -43.45 -3.74 -59.75
C MET C 136 -43.19 -2.45 -58.98
N MET C 137 -42.00 -1.88 -59.15
CA MET C 137 -41.63 -0.69 -58.40
C MET C 137 -41.86 0.57 -59.19
N LYS C 138 -42.39 0.42 -60.41
CA LYS C 138 -42.59 1.59 -61.27
C LYS C 138 -43.56 2.59 -60.68
N GLY C 139 -43.21 3.86 -60.80
CA GLY C 139 -44.06 4.98 -60.42
C GLY C 139 -44.55 4.97 -58.98
N ARG C 140 -43.86 4.26 -58.09
CA ARG C 140 -44.22 4.29 -56.67
C ARG C 140 -43.20 5.04 -55.84
N ASN C 141 -42.10 5.48 -56.48
CA ASN C 141 -41.00 6.15 -55.79
C ASN C 141 -40.51 5.32 -54.60
N GLY C 142 -40.13 4.07 -54.86
CA GLY C 142 -39.74 3.18 -53.79
C GLY C 142 -38.28 3.26 -53.39
N SER C 143 -37.78 2.21 -52.76
CA SER C 143 -36.37 2.18 -52.45
C SER C 143 -35.83 0.76 -52.30
N LEU C 144 -34.53 0.61 -52.54
CA LEU C 144 -33.85 -0.67 -52.29
C LEU C 144 -32.80 -0.47 -51.19
N LEU C 145 -32.79 -1.38 -50.23
CA LEU C 145 -31.85 -1.30 -49.13
C LEU C 145 -31.02 -2.52 -49.28
N THR C 146 -29.73 -2.43 -48.96
CA THR C 146 -28.86 -3.59 -48.84
C THR C 146 -27.92 -3.44 -47.67
N LEU C 147 -27.21 -4.53 -47.35
CA LEU C 147 -26.30 -4.53 -46.22
C LEU C 147 -24.87 -4.64 -46.65
N SER C 148 -24.05 -3.73 -46.16
CA SER C 148 -22.61 -3.86 -46.38
C SER C 148 -21.84 -3.93 -45.05
N TYR C 149 -20.52 -3.87 -45.13
CA TYR C 149 -19.68 -3.91 -43.93
C TYR C 149 -18.34 -3.20 -44.11
N LEU C 150 -17.79 -2.64 -43.03
CA LEU C 150 -16.50 -1.90 -43.05
C LEU C 150 -15.39 -2.62 -43.81
N GLY C 151 -15.52 -3.94 -43.97
CA GLY C 151 -14.54 -4.70 -44.70
C GLY C 151 -14.38 -4.24 -46.14
N ALA C 152 -15.40 -3.57 -46.66
CA ALA C 152 -15.33 -3.09 -48.04
C ALA C 152 -14.35 -1.92 -48.16
N GLU C 153 -14.09 -1.26 -47.04
CA GLU C 153 -13.33 -0.01 -47.05
C GLU C 153 -11.94 -0.09 -46.39
N ARG C 154 -11.82 -0.84 -45.30
CA ARG C 154 -10.51 -1.11 -44.75
C ARG C 154 -10.46 -2.57 -44.38
N THR C 155 -9.27 -3.14 -44.28
CA THR C 155 -9.17 -4.57 -44.09
C THR C 155 -9.39 -4.98 -42.63
N MET C 156 -9.49 -6.29 -42.41
CA MET C 156 -9.62 -6.88 -41.08
C MET C 156 -9.65 -8.37 -41.24
N PRO C 157 -9.13 -9.10 -40.23
CA PRO C 157 -8.98 -10.56 -40.19
C PRO C 157 -10.05 -11.39 -40.89
N ASN C 158 -9.59 -12.25 -41.79
CA ASN C 158 -10.39 -13.36 -42.34
C ASN C 158 -11.63 -12.95 -43.09
N TYR C 159 -11.96 -11.67 -43.07
CA TYR C 159 -13.07 -11.19 -43.89
C TYR C 159 -12.73 -11.47 -45.36
N ASN C 160 -11.45 -11.32 -45.67
CA ASN C 160 -10.88 -11.69 -46.96
C ASN C 160 -11.76 -11.32 -48.14
N VAL C 161 -12.06 -12.29 -48.99
CA VAL C 161 -12.73 -11.98 -50.23
C VAL C 161 -14.10 -11.36 -49.99
N MET C 162 -14.68 -11.49 -48.81
CA MET C 162 -15.99 -10.86 -48.60
C MET C 162 -15.80 -9.38 -48.46
N GLY C 163 -14.58 -8.91 -48.62
CA GLY C 163 -14.26 -7.50 -48.47
C GLY C 163 -14.19 -6.88 -49.83
N MET C 164 -13.94 -7.72 -50.81
CA MET C 164 -14.02 -7.34 -52.19
C MET C 164 -15.48 -7.40 -52.63
N ALA C 165 -16.17 -8.45 -52.19
CA ALA C 165 -17.59 -8.60 -52.54
C ALA C 165 -18.29 -7.32 -52.15
N LYS C 166 -18.37 -7.05 -50.87
CA LYS C 166 -18.97 -5.82 -50.32
C LYS C 166 -18.60 -4.52 -51.07
N ALA C 167 -17.31 -4.27 -51.28
CA ALA C 167 -16.88 -3.10 -52.06
C ALA C 167 -17.51 -3.06 -53.44
N SER C 168 -17.77 -4.24 -53.99
CA SER C 168 -18.40 -4.29 -55.30
C SER C 168 -19.87 -3.98 -55.15
N LEU C 169 -20.48 -4.61 -54.15
CA LEU C 169 -21.82 -4.25 -53.72
C LEU C 169 -21.91 -2.75 -53.60
N GLU C 170 -21.12 -2.19 -52.68
CA GLU C 170 -21.22 -0.78 -52.35
C GLU C 170 -21.10 0.09 -53.59
N ALA C 171 -20.37 -0.36 -54.61
CA ALA C 171 -20.29 0.47 -55.83
C ALA C 171 -21.58 0.35 -56.59
N GLY C 172 -22.10 -0.87 -56.65
CA GLY C 172 -23.40 -1.12 -57.24
C GLY C 172 -24.52 -0.30 -56.61
N VAL C 173 -24.43 -0.03 -55.31
CA VAL C 173 -25.35 0.92 -54.69
C VAL C 173 -25.28 2.24 -55.46
N ARG C 174 -24.07 2.75 -55.66
CA ARG C 174 -23.92 4.04 -56.30
C ARG C 174 -24.47 3.98 -57.73
N TYR C 175 -24.30 2.85 -58.39
CA TYR C 175 -24.59 2.80 -59.81
C TYR C 175 -26.06 2.60 -60.07
N LEU C 176 -26.68 1.77 -59.25
CA LEU C 176 -28.10 1.50 -59.31
C LEU C 176 -28.87 2.74 -59.00
N ALA C 177 -28.21 3.61 -58.21
CA ALA C 177 -28.78 4.89 -57.80
C ALA C 177 -28.79 5.88 -58.95
N GLY C 178 -27.66 5.99 -59.65
CA GLY C 178 -27.56 6.85 -60.82
C GLY C 178 -28.62 6.47 -61.84
N SER C 179 -28.86 5.17 -61.94
CA SER C 179 -29.78 4.58 -62.92
C SER C 179 -31.26 4.74 -62.56
N LEU C 180 -31.67 4.13 -61.45
CA LEU C 180 -33.07 4.10 -61.08
C LEU C 180 -33.59 5.43 -60.51
N GLY C 181 -32.69 6.37 -60.23
CA GLY C 181 -33.09 7.63 -59.62
C GLY C 181 -34.14 8.46 -60.37
N ALA C 182 -33.87 8.78 -61.63
CA ALA C 182 -34.85 9.31 -62.59
C ALA C 182 -36.31 8.91 -62.32
N GLU C 183 -36.55 7.61 -62.28
CA GLU C 183 -37.86 7.02 -62.07
C GLU C 183 -38.36 7.22 -60.67
N GLY C 184 -37.44 7.55 -59.77
CA GLY C 184 -37.80 7.91 -58.41
C GLY C 184 -37.50 6.88 -57.35
N THR C 185 -36.81 5.80 -57.73
CA THR C 185 -36.29 4.80 -56.80
C THR C 185 -35.00 5.33 -56.20
N ARG C 186 -34.89 5.22 -54.88
CA ARG C 186 -33.66 5.54 -54.20
C ARG C 186 -32.96 4.23 -53.89
N VAL C 187 -31.63 4.25 -53.78
CA VAL C 187 -30.92 3.04 -53.42
C VAL C 187 -29.92 3.36 -52.35
N ASN C 188 -30.01 2.61 -51.26
CA ASN C 188 -29.13 2.80 -50.12
C ASN C 188 -28.66 1.52 -49.44
N ALA C 189 -27.62 1.67 -48.60
CA ALA C 189 -27.03 0.55 -47.86
C ALA C 189 -26.84 0.90 -46.42
N VAL C 190 -26.74 -0.14 -45.61
CA VAL C 190 -26.54 0.00 -44.18
C VAL C 190 -25.40 -0.91 -43.76
N SER C 191 -24.32 -0.30 -43.29
CA SER C 191 -23.10 -1.01 -42.95
C SER C 191 -23.06 -1.16 -41.43
N ALA C 192 -23.32 -2.37 -40.93
CA ALA C 192 -23.50 -2.52 -39.48
C ALA C 192 -22.20 -2.86 -38.76
N GLY C 193 -22.19 -2.65 -37.45
CA GLY C 193 -21.06 -3.10 -36.66
C GLY C 193 -21.32 -4.56 -36.37
N PRO C 194 -20.38 -5.20 -35.67
CA PRO C 194 -20.56 -6.58 -35.21
C PRO C 194 -21.68 -6.70 -34.15
N ILE C 195 -22.18 -7.92 -33.88
CA ILE C 195 -23.28 -8.11 -32.92
C ILE C 195 -23.14 -9.36 -32.04
N MET C 209 -11.44 -12.57 -28.93
CA MET C 209 -11.86 -11.45 -28.10
C MET C 209 -12.30 -10.22 -28.92
N LEU C 210 -13.61 -10.15 -29.18
CA LEU C 210 -14.22 -9.03 -29.90
C LEU C 210 -14.48 -7.87 -28.93
N ALA C 211 -13.85 -7.95 -27.76
CA ALA C 211 -13.98 -6.90 -26.75
C ALA C 211 -13.09 -5.73 -27.09
N ALA C 212 -12.17 -5.97 -28.03
CA ALA C 212 -11.30 -4.93 -28.53
C ALA C 212 -12.13 -3.89 -29.24
N ASN C 213 -12.88 -4.36 -30.25
CA ASN C 213 -13.93 -3.56 -30.91
C ASN C 213 -14.64 -2.64 -29.94
N GLU C 214 -15.37 -3.24 -29.00
CA GLU C 214 -16.22 -2.48 -28.08
C GLU C 214 -15.52 -1.29 -27.41
N ARG C 215 -14.41 -1.49 -26.69
CA ARG C 215 -13.74 -0.38 -26.02
C ARG C 215 -13.39 0.75 -26.99
N GLN C 216 -12.99 0.38 -28.20
CA GLN C 216 -12.65 1.37 -29.23
C GLN C 216 -13.88 2.10 -29.75
N THR C 217 -14.97 1.39 -29.94
CA THR C 217 -16.21 1.96 -30.49
C THR C 217 -16.70 3.13 -29.66
N PRO C 218 -16.82 4.33 -30.25
CA PRO C 218 -17.20 5.55 -29.52
C PRO C 218 -18.33 5.39 -28.52
N LEU C 219 -19.35 4.62 -28.86
CA LEU C 219 -20.46 4.39 -27.93
C LEU C 219 -20.14 3.30 -26.89
N ARG C 220 -18.90 2.80 -26.94
CA ARG C 220 -18.35 1.80 -26.01
C ARG C 220 -19.08 0.46 -26.02
N ARG C 221 -20.11 0.32 -26.86
CA ARG C 221 -20.81 -0.96 -27.04
C ARG C 221 -20.95 -1.34 -28.51
N ASN C 222 -21.63 -2.46 -28.76
CA ASN C 222 -22.02 -2.83 -30.11
C ASN C 222 -23.40 -2.24 -30.37
N VAL C 223 -23.85 -2.32 -31.62
CA VAL C 223 -25.19 -1.90 -31.93
C VAL C 223 -26.02 -3.16 -31.86
N THR C 224 -27.34 -3.04 -32.02
CA THR C 224 -28.23 -4.20 -31.99
C THR C 224 -29.03 -4.29 -33.26
N ILE C 225 -29.58 -5.47 -33.57
CA ILE C 225 -30.31 -5.60 -34.82
C ILE C 225 -31.48 -4.62 -34.80
N GLU C 226 -32.04 -4.39 -33.61
CA GLU C 226 -33.01 -3.32 -33.42
C GLU C 226 -32.49 -2.05 -34.08
N GLU C 227 -31.45 -1.47 -33.47
CA GLU C 227 -30.80 -0.26 -33.96
C GLU C 227 -30.43 -0.29 -35.45
N VAL C 228 -30.03 -1.43 -35.97
CA VAL C 228 -29.65 -1.49 -37.37
C VAL C 228 -30.91 -1.51 -38.22
N GLY C 229 -32.04 -1.80 -37.60
CA GLY C 229 -33.30 -1.93 -38.33
C GLY C 229 -34.09 -0.64 -38.43
N ASN C 230 -34.16 0.08 -37.31
CA ASN C 230 -34.69 1.43 -37.35
C ASN C 230 -33.99 2.22 -38.45
N ALA C 231 -32.68 2.16 -38.50
CA ALA C 231 -31.99 2.86 -39.59
C ALA C 231 -32.37 2.23 -40.91
N GLY C 232 -32.45 0.90 -40.94
CA GLY C 232 -32.76 0.21 -42.16
C GLY C 232 -34.07 0.74 -42.64
N ALA C 233 -35.06 0.71 -41.74
CA ALA C 233 -36.42 1.21 -41.97
C ALA C 233 -36.46 2.64 -42.44
N PHE C 234 -35.93 3.54 -41.64
CA PHE C 234 -35.87 4.95 -41.96
C PHE C 234 -35.45 5.12 -43.41
N LEU C 235 -34.37 4.43 -43.77
CA LEU C 235 -33.82 4.55 -45.11
C LEU C 235 -34.85 4.25 -46.18
N CYS C 236 -35.77 3.33 -45.88
CA CYS C 236 -36.76 2.92 -46.88
C CYS C 236 -38.10 3.61 -46.69
N SER C 237 -38.14 4.66 -45.88
CA SER C 237 -39.39 5.34 -45.59
C SER C 237 -39.35 6.71 -46.19
N ASP C 238 -40.51 7.32 -46.42
CA ASP C 238 -40.59 8.60 -47.07
C ASP C 238 -39.78 9.63 -46.29
N LEU C 239 -39.58 9.41 -45.00
CA LEU C 239 -38.71 10.29 -44.21
C LEU C 239 -37.33 10.46 -44.85
N ALA C 240 -36.93 9.50 -45.67
CA ALA C 240 -35.59 9.47 -46.25
C ALA C 240 -35.54 10.11 -47.64
N SER C 241 -36.68 10.51 -48.16
CA SER C 241 -36.87 10.67 -49.61
C SER C 241 -35.91 11.61 -50.29
N GLY C 242 -35.02 12.23 -49.51
CA GLY C 242 -34.02 13.14 -50.05
C GLY C 242 -32.65 12.51 -50.09
N ILE C 243 -32.57 11.28 -49.61
CA ILE C 243 -31.35 10.47 -49.49
C ILE C 243 -31.32 9.30 -50.46
N SER C 244 -30.23 9.15 -51.22
CA SER C 244 -30.10 8.06 -52.20
C SER C 244 -28.63 7.84 -52.53
N GLY C 245 -28.26 6.62 -52.92
CA GLY C 245 -26.87 6.32 -53.22
C GLY C 245 -25.92 6.30 -52.01
N GLU C 246 -26.50 6.20 -50.82
CA GLU C 246 -25.80 6.45 -49.57
C GLU C 246 -25.49 5.15 -48.79
N ILE C 247 -24.42 5.14 -48.00
CA ILE C 247 -24.08 4.02 -47.12
C ILE C 247 -24.02 4.40 -45.64
N LEU C 248 -25.11 4.12 -44.92
CA LEU C 248 -25.27 4.63 -43.57
C LEU C 248 -24.66 3.66 -42.59
N TYR C 249 -23.73 4.15 -41.78
CA TYR C 249 -23.00 3.30 -40.88
C TYR C 249 -23.70 3.22 -39.52
N VAL C 250 -24.23 2.05 -39.18
CA VAL C 250 -24.80 1.80 -37.87
C VAL C 250 -23.77 1.05 -37.01
N ASP C 251 -22.73 1.73 -36.54
CA ASP C 251 -21.71 0.99 -35.81
C ASP C 251 -21.19 1.74 -34.60
N GLY C 252 -22.01 2.60 -34.02
CA GLY C 252 -21.64 3.33 -32.83
C GLY C 252 -20.39 4.18 -32.96
N GLY C 253 -19.93 4.34 -34.19
CA GLY C 253 -18.81 5.22 -34.48
C GLY C 253 -17.53 4.49 -34.83
N PHE C 254 -17.53 3.17 -34.67
CA PHE C 254 -16.28 2.43 -34.79
C PHE C 254 -15.55 2.70 -36.09
N ASN C 255 -16.31 2.83 -37.19
CA ASN C 255 -15.71 3.17 -38.48
C ASN C 255 -14.90 4.47 -38.49
N THR C 256 -15.22 5.40 -37.60
CA THR C 256 -14.54 6.71 -37.60
C THR C 256 -13.27 6.76 -36.76
N THR C 257 -12.95 5.65 -36.09
CA THR C 257 -11.76 5.59 -35.25
C THR C 257 -10.62 4.93 -35.99
N ALA C 258 -9.41 5.44 -35.82
CA ALA C 258 -8.23 4.80 -36.40
C ALA C 258 -7.63 3.82 -35.38
N MET C 259 -7.55 4.26 -34.14
CA MET C 259 -7.06 3.45 -33.03
C MET C 259 -7.95 3.63 -31.79
N GLY D 2 18.71 3.90 -63.32
CA GLY D 2 17.52 4.50 -62.74
C GLY D 2 17.30 4.16 -61.27
N PHE D 3 16.13 4.53 -60.75
CA PHE D 3 15.79 4.23 -59.35
C PHE D 3 15.14 2.87 -59.26
N LEU D 4 14.98 2.25 -60.42
CA LEU D 4 14.40 0.93 -60.52
C LEU D 4 15.46 -0.02 -61.07
N THR D 5 16.70 0.45 -61.10
CA THR D 5 17.83 -0.39 -61.52
C THR D 5 17.97 -1.60 -60.60
N GLY D 6 18.21 -2.77 -61.18
CA GLY D 6 18.45 -3.98 -60.42
C GLY D 6 17.19 -4.78 -60.11
N LYS D 7 16.05 -4.10 -60.12
CA LYS D 7 14.77 -4.79 -59.97
C LYS D 7 14.42 -5.48 -61.29
N ARG D 8 13.58 -6.51 -61.22
CA ARG D 8 13.10 -7.20 -62.42
C ARG D 8 11.56 -7.40 -62.38
N ALA D 9 10.87 -6.82 -63.37
CA ALA D 9 9.41 -6.72 -63.37
C ALA D 9 8.72 -7.49 -64.51
N LEU D 10 7.59 -8.13 -64.19
CA LEU D 10 6.69 -8.73 -65.19
C LEU D 10 5.62 -7.70 -65.54
N ILE D 11 5.12 -7.71 -66.77
CA ILE D 11 4.18 -6.68 -67.22
C ILE D 11 3.01 -7.24 -68.04
N VAL D 12 1.84 -7.21 -67.41
CA VAL D 12 0.70 -7.92 -67.93
C VAL D 12 -0.23 -7.00 -68.75
N GLY D 13 -0.60 -7.45 -69.95
CA GLY D 13 -1.55 -6.69 -70.74
C GLY D 13 -0.98 -5.50 -71.48
N VAL D 14 0.19 -5.66 -72.07
CA VAL D 14 0.64 -4.76 -73.11
C VAL D 14 -0.06 -5.19 -74.37
N ALA D 15 -0.95 -4.35 -74.89
CA ALA D 15 -1.76 -4.72 -76.04
C ALA D 15 -1.53 -3.76 -77.18
N SER D 16 -1.03 -2.58 -76.83
CA SER D 16 -0.77 -1.50 -77.78
C SER D 16 0.39 -0.65 -77.26
N LYS D 17 0.71 0.43 -77.97
CA LYS D 17 1.67 1.40 -77.50
C LYS D 17 0.92 2.64 -77.02
N LEU D 18 -0.34 2.73 -77.43
CA LEU D 18 -1.22 3.77 -76.93
C LEU D 18 -1.71 3.39 -75.56
N SER D 19 -1.52 2.13 -75.21
CA SER D 19 -1.95 1.57 -73.92
C SER D 19 -1.45 2.40 -72.73
N ILE D 20 -1.98 2.04 -71.57
CA ILE D 20 -1.53 2.67 -70.33
C ILE D 20 -0.41 1.75 -69.80
N ALA D 21 -0.55 0.46 -70.08
CA ALA D 21 0.53 -0.49 -69.84
C ALA D 21 1.80 -0.05 -70.56
N SER D 22 1.63 0.46 -71.78
CA SER D 22 2.80 0.78 -72.60
C SER D 22 3.54 2.02 -72.16
N GLY D 23 2.87 2.93 -71.46
CA GLY D 23 3.57 4.06 -70.88
C GLY D 23 4.39 3.66 -69.66
N ILE D 24 3.91 2.64 -68.96
CA ILE D 24 4.54 2.18 -67.73
C ILE D 24 5.80 1.41 -68.02
N ALA D 25 5.71 0.48 -68.97
CA ALA D 25 6.86 -0.32 -69.38
C ALA D 25 7.99 0.57 -69.87
N ALA D 26 7.63 1.55 -70.70
CA ALA D 26 8.58 2.50 -71.24
C ALA D 26 9.33 3.26 -70.14
N ALA D 27 8.60 3.78 -69.15
CA ALA D 27 9.23 4.54 -68.07
C ALA D 27 9.97 3.62 -67.12
N MET D 28 9.59 2.34 -67.13
CA MET D 28 10.22 1.40 -66.21
C MET D 28 11.53 0.91 -66.75
N HIS D 29 11.76 1.11 -68.05
CA HIS D 29 13.04 0.72 -68.68
C HIS D 29 14.03 1.87 -68.59
N ARG D 30 13.51 3.08 -68.78
CA ARG D 30 14.27 4.28 -68.55
C ARG D 30 14.91 4.27 -67.18
N GLU D 31 14.21 3.67 -66.21
CA GLU D 31 14.67 3.65 -64.82
C GLU D 31 15.41 2.36 -64.44
N GLY D 32 15.80 1.59 -65.45
CA GLY D 32 16.78 0.54 -65.25
C GLY D 32 16.28 -0.85 -64.93
N ALA D 33 15.03 -1.13 -65.26
CA ALA D 33 14.48 -2.42 -64.90
C ALA D 33 14.58 -3.44 -66.03
N GLU D 34 14.91 -4.67 -65.67
CA GLU D 34 14.77 -5.78 -66.60
C GLU D 34 13.31 -6.17 -66.62
N LEU D 35 12.78 -6.30 -67.83
CA LEU D 35 11.35 -6.48 -68.00
C LEU D 35 11.04 -7.84 -68.59
N ALA D 36 9.79 -8.24 -68.45
CA ALA D 36 9.23 -9.39 -69.12
C ALA D 36 7.82 -9.00 -69.52
N PHE D 37 7.21 -9.77 -70.42
CA PHE D 37 5.88 -9.44 -70.87
C PHE D 37 5.03 -10.67 -71.05
N THR D 38 3.72 -10.48 -70.94
CA THR D 38 2.78 -11.53 -71.28
C THR D 38 1.88 -10.99 -72.37
N TYR D 39 1.42 -11.88 -73.23
CA TYR D 39 0.47 -11.52 -74.26
C TYR D 39 -0.72 -12.47 -74.15
N GLN D 40 -1.94 -11.93 -74.30
CA GLN D 40 -3.13 -12.74 -74.07
C GLN D 40 -3.26 -13.90 -75.05
N ASN D 41 -2.91 -13.64 -76.32
CA ASN D 41 -3.13 -14.60 -77.39
C ASN D 41 -2.15 -14.44 -78.56
N ASP D 42 -2.08 -15.46 -79.42
CA ASP D 42 -1.13 -15.46 -80.54
C ASP D 42 -1.26 -14.25 -81.48
N LYS D 43 -2.47 -13.73 -81.62
CA LYS D 43 -2.72 -12.51 -82.39
C LYS D 43 -1.75 -11.41 -81.97
N LEU D 44 -1.70 -11.19 -80.65
CA LEU D 44 -0.95 -10.06 -80.10
C LEU D 44 0.47 -10.45 -79.76
N ARG D 45 0.81 -11.72 -80.00
CA ARG D 45 2.14 -12.25 -79.66
C ARG D 45 3.26 -11.51 -80.38
N GLY D 46 3.02 -11.19 -81.64
CA GLY D 46 4.01 -10.51 -82.46
C GLY D 46 4.35 -9.12 -81.92
N ARG D 47 3.34 -8.32 -81.67
CA ARG D 47 3.53 -6.92 -81.33
C ARG D 47 3.99 -6.71 -79.88
N VAL D 48 3.72 -7.69 -79.04
CA VAL D 48 4.28 -7.68 -77.69
C VAL D 48 5.79 -7.88 -77.80
N GLU D 49 6.20 -8.90 -78.56
CA GLU D 49 7.62 -9.20 -78.74
C GLU D 49 8.35 -8.03 -79.40
N GLU D 50 7.69 -7.39 -80.37
CA GLU D 50 8.22 -6.17 -80.98
C GLU D 50 8.56 -5.13 -79.92
N PHE D 51 7.52 -4.58 -79.29
CA PHE D 51 7.64 -3.66 -78.16
C PHE D 51 8.65 -4.11 -77.12
N ALA D 52 8.57 -5.39 -76.73
CA ALA D 52 9.49 -5.97 -75.75
C ALA D 52 10.97 -5.73 -76.10
N SER D 53 11.33 -5.96 -77.35
CA SER D 53 12.72 -5.87 -77.81
C SER D 53 13.30 -4.46 -77.71
N GLY D 54 12.43 -3.46 -77.83
CA GLY D 54 12.85 -2.08 -77.74
C GLY D 54 12.79 -1.59 -76.31
N TRP D 55 12.26 -2.44 -75.42
CA TRP D 55 12.11 -2.12 -73.99
C TRP D 55 13.14 -2.87 -73.16
N GLY D 56 14.29 -3.14 -73.75
CA GLY D 56 15.33 -3.87 -73.05
C GLY D 56 15.06 -5.35 -72.92
N SER D 57 13.92 -5.83 -73.41
CA SER D 57 13.58 -7.24 -73.26
C SER D 57 13.66 -7.97 -74.60
N ARG D 58 13.29 -9.24 -74.61
CA ARG D 58 13.50 -10.11 -75.77
C ARG D 58 12.44 -11.21 -75.86
N PRO D 59 11.93 -11.47 -77.08
CA PRO D 59 11.02 -12.57 -77.43
C PRO D 59 10.97 -13.77 -76.47
N GLU D 60 12.10 -14.10 -75.85
CA GLU D 60 12.22 -15.24 -74.93
C GLU D 60 11.73 -14.91 -73.53
N LEU D 61 11.49 -13.63 -73.28
CA LEU D 61 10.92 -13.21 -72.01
C LEU D 61 9.42 -12.90 -72.19
N CYS D 62 8.88 -13.31 -73.34
CA CYS D 62 7.46 -13.13 -73.58
C CYS D 62 6.76 -14.48 -73.51
N PHE D 63 5.66 -14.53 -72.77
CA PHE D 63 4.93 -15.77 -72.50
C PHE D 63 3.43 -15.59 -72.75
N PRO D 64 2.76 -16.66 -73.21
CA PRO D 64 1.31 -16.59 -73.42
C PRO D 64 0.52 -16.69 -72.11
N CYS D 65 -0.32 -15.71 -71.85
CA CYS D 65 -1.16 -15.78 -70.66
C CYS D 65 -2.52 -15.17 -70.86
N ASP D 66 -3.54 -15.95 -70.54
CA ASP D 66 -4.93 -15.52 -70.54
C ASP D 66 -5.37 -15.54 -69.09
N VAL D 67 -5.40 -14.38 -68.42
CA VAL D 67 -5.56 -14.35 -66.97
C VAL D 67 -6.85 -15.00 -66.45
N ALA D 68 -7.75 -15.34 -67.36
CA ALA D 68 -8.92 -16.13 -67.00
C ALA D 68 -8.53 -17.57 -66.64
N ASP D 69 -7.29 -17.95 -66.97
CA ASP D 69 -6.82 -19.33 -66.77
C ASP D 69 -5.85 -19.39 -65.59
N ASP D 70 -6.06 -20.30 -64.66
CA ASP D 70 -5.12 -20.44 -63.56
C ASP D 70 -3.79 -21.02 -64.02
N SER D 71 -3.85 -22.21 -64.62
CA SER D 71 -2.67 -22.93 -65.10
C SER D 71 -1.76 -22.07 -65.97
N GLN D 72 -2.35 -21.43 -66.98
CA GLN D 72 -1.57 -20.54 -67.82
C GLN D 72 -0.83 -19.48 -67.00
N ILE D 73 -1.44 -18.98 -65.92
CA ILE D 73 -0.71 -18.03 -65.08
C ILE D 73 0.43 -18.76 -64.35
N GLU D 74 0.17 -19.96 -63.87
CA GLU D 74 1.17 -20.72 -63.18
C GLU D 74 2.27 -21.12 -64.17
N ALA D 75 1.86 -21.42 -65.40
CA ALA D 75 2.81 -21.71 -66.48
C ALA D 75 3.71 -20.52 -66.77
N VAL D 76 3.19 -19.31 -66.62
CA VAL D 76 4.00 -18.14 -66.90
C VAL D 76 5.10 -18.01 -65.86
N PHE D 77 4.80 -18.44 -64.63
CA PHE D 77 5.71 -18.24 -63.52
C PHE D 77 6.71 -19.39 -63.39
N ALA D 78 6.38 -20.52 -64.03
CA ALA D 78 7.33 -21.63 -64.18
C ALA D 78 8.41 -21.29 -65.21
N ALA D 79 7.99 -20.88 -66.40
CA ALA D 79 8.92 -20.56 -67.49
C ALA D 79 9.76 -19.34 -67.18
N LEU D 80 9.14 -18.24 -66.75
CA LEU D 80 9.92 -17.03 -66.45
C LEU D 80 10.95 -17.34 -65.40
N GLY D 81 10.54 -18.14 -64.42
CA GLY D 81 11.39 -18.51 -63.31
C GLY D 81 12.60 -19.30 -63.73
N LYS D 82 12.70 -19.59 -65.02
CA LYS D 82 13.85 -20.31 -65.56
C LYS D 82 14.89 -19.37 -66.16
N HIS D 83 14.59 -18.08 -66.27
CA HIS D 83 15.58 -17.12 -66.77
C HIS D 83 16.06 -16.22 -65.63
N TRP D 84 15.17 -15.97 -64.67
CA TRP D 84 15.52 -15.15 -63.51
C TRP D 84 15.48 -15.98 -62.22
N ASP D 85 16.47 -15.79 -61.36
CA ASP D 85 16.49 -16.49 -60.08
C ASP D 85 15.34 -15.99 -59.18
N GLY D 86 14.85 -14.78 -59.46
CA GLY D 86 13.72 -14.22 -58.73
C GLY D 86 13.00 -13.09 -59.45
N LEU D 87 11.78 -12.78 -59.00
CA LEU D 87 10.99 -11.67 -59.55
C LEU D 87 10.82 -10.63 -58.46
N ASP D 88 10.72 -9.36 -58.84
CA ASP D 88 10.55 -8.29 -57.85
C ASP D 88 9.22 -7.58 -58.04
N ILE D 89 8.85 -7.34 -59.28
CA ILE D 89 7.64 -6.57 -59.55
C ILE D 89 6.71 -7.34 -60.50
N ILE D 90 5.40 -7.24 -60.25
CA ILE D 90 4.38 -7.66 -61.20
C ILE D 90 3.52 -6.46 -61.48
N VAL D 91 3.28 -6.16 -62.75
CA VAL D 91 2.35 -5.08 -63.10
C VAL D 91 1.11 -5.64 -63.77
N HIS D 92 -0.04 -5.07 -63.41
CA HIS D 92 -1.34 -5.57 -63.86
C HIS D 92 -2.17 -4.50 -64.61
N SER D 93 -2.29 -4.68 -65.92
CA SER D 93 -3.08 -3.76 -66.72
C SER D 93 -4.06 -4.53 -67.59
N VAL D 94 -5.07 -5.12 -66.97
CA VAL D 94 -6.13 -5.85 -67.69
C VAL D 94 -7.54 -5.33 -67.37
N GLY D 95 -8.17 -4.71 -68.37
CA GLY D 95 -9.54 -4.24 -68.24
C GLY D 95 -10.45 -4.80 -69.32
N PHE D 96 -11.35 -5.70 -68.92
CA PHE D 96 -12.24 -6.35 -69.89
C PHE D 96 -13.63 -6.70 -69.33
N ALA D 97 -14.65 -6.16 -69.97
CA ALA D 97 -16.04 -6.58 -69.74
C ALA D 97 -16.74 -6.57 -71.09
N PRO D 98 -17.57 -7.61 -71.36
CA PRO D 98 -18.36 -7.64 -72.60
C PRO D 98 -19.04 -6.30 -72.85
N GLY D 99 -18.72 -5.67 -73.98
CA GLY D 99 -19.23 -4.34 -74.30
C GLY D 99 -20.71 -4.03 -74.06
N ASP D 100 -21.59 -5.04 -74.15
CA ASP D 100 -23.03 -4.82 -73.95
C ASP D 100 -23.37 -4.47 -72.50
N GLN D 101 -22.36 -4.61 -71.63
CA GLN D 101 -22.46 -4.26 -70.21
C GLN D 101 -22.09 -2.80 -70.03
N LEU D 102 -21.39 -2.26 -71.03
CA LEU D 102 -20.75 -0.97 -70.94
C LEU D 102 -21.33 0.09 -71.85
N ASP D 103 -22.61 -0.06 -72.22
CA ASP D 103 -23.29 0.99 -72.97
C ASP D 103 -24.81 0.82 -72.90
N GLY D 104 -25.43 1.72 -72.13
CA GLY D 104 -26.86 1.68 -71.90
C GLY D 104 -27.18 1.96 -70.45
N ASP D 105 -28.44 1.79 -70.07
CA ASP D 105 -28.82 1.95 -68.69
C ASP D 105 -28.19 0.83 -67.89
N PHE D 106 -27.37 1.20 -66.90
CA PHE D 106 -26.69 0.22 -66.04
C PHE D 106 -27.60 -0.91 -65.61
N THR D 107 -28.69 -0.57 -64.95
CA THR D 107 -29.57 -1.56 -64.34
C THR D 107 -30.06 -2.46 -65.45
N ALA D 108 -30.32 -1.85 -66.59
CA ALA D 108 -30.95 -2.50 -67.73
C ALA D 108 -30.06 -3.53 -68.42
N VAL D 109 -28.88 -3.12 -68.86
CA VAL D 109 -27.99 -3.96 -69.67
C VAL D 109 -27.16 -4.97 -68.86
N THR D 110 -26.83 -4.62 -67.62
CA THR D 110 -25.99 -5.49 -66.80
C THR D 110 -26.60 -6.88 -66.59
N THR D 111 -25.96 -7.89 -67.16
CA THR D 111 -26.35 -9.29 -66.96
C THR D 111 -25.44 -9.94 -65.91
N ARG D 112 -25.85 -11.11 -65.40
CA ARG D 112 -25.07 -11.85 -64.41
C ARG D 112 -23.73 -12.32 -64.94
N GLU D 113 -23.78 -12.82 -66.17
CA GLU D 113 -22.59 -13.31 -66.83
C GLU D 113 -21.60 -12.16 -67.12
N GLY D 114 -22.10 -10.98 -67.45
CA GLY D 114 -21.19 -9.86 -67.70
C GLY D 114 -20.53 -9.44 -66.41
N PHE D 115 -21.29 -9.60 -65.33
CA PHE D 115 -20.83 -9.28 -63.98
C PHE D 115 -19.74 -10.27 -63.58
N ARG D 116 -20.02 -11.56 -63.79
CA ARG D 116 -19.07 -12.63 -63.55
C ARG D 116 -17.74 -12.35 -64.22
N ILE D 117 -17.80 -12.08 -65.52
CA ILE D 117 -16.59 -11.90 -66.34
C ILE D 117 -15.83 -10.66 -65.96
N ALA D 118 -16.45 -9.49 -66.12
CA ALA D 118 -15.83 -8.21 -65.80
C ALA D 118 -15.02 -8.27 -64.51
N HIS D 119 -15.56 -8.99 -63.52
CA HIS D 119 -14.96 -9.11 -62.21
C HIS D 119 -13.79 -10.04 -62.25
N ASP D 120 -13.96 -11.14 -62.97
CA ASP D 120 -12.95 -12.17 -63.02
C ASP D 120 -11.70 -11.64 -63.71
N ILE D 121 -11.88 -11.13 -64.93
CA ILE D 121 -10.76 -10.62 -65.69
C ILE D 121 -10.08 -9.45 -65.00
N SER D 122 -10.85 -8.56 -64.40
CA SER D 122 -10.36 -7.25 -63.95
C SER D 122 -10.05 -7.14 -62.46
N ALA D 123 -10.59 -8.05 -61.67
CA ALA D 123 -10.40 -8.00 -60.23
C ALA D 123 -9.55 -9.16 -59.75
N TYR D 124 -10.07 -10.39 -59.85
CA TYR D 124 -9.40 -11.55 -59.29
C TYR D 124 -8.16 -11.96 -60.06
N SER D 125 -8.05 -11.57 -61.33
CA SER D 125 -6.85 -11.95 -62.07
C SER D 125 -5.65 -11.47 -61.26
N PHE D 126 -5.78 -10.25 -60.74
CA PHE D 126 -4.77 -9.61 -59.93
C PHE D 126 -4.47 -10.36 -58.63
N ILE D 127 -5.46 -11.05 -58.07
CA ILE D 127 -5.16 -11.82 -56.86
C ILE D 127 -4.44 -13.09 -57.31
N ALA D 128 -4.84 -13.63 -58.45
CA ALA D 128 -4.24 -14.86 -58.91
C ALA D 128 -2.79 -14.60 -59.27
N LEU D 129 -2.53 -13.41 -59.81
CA LEU D 129 -1.17 -13.07 -60.21
C LEU D 129 -0.33 -12.98 -58.97
N ALA D 130 -0.89 -12.42 -57.91
CA ALA D 130 -0.14 -12.29 -56.67
C ALA D 130 0.06 -13.69 -56.05
N LYS D 131 -1.01 -14.48 -56.10
CA LYS D 131 -0.99 -15.90 -55.73
C LYS D 131 0.05 -16.67 -56.51
N ALA D 132 -0.07 -16.66 -57.84
CA ALA D 132 0.74 -17.54 -58.69
C ALA D 132 2.20 -17.15 -58.73
N GLY D 133 2.55 -16.07 -58.03
CA GLY D 133 3.91 -15.58 -58.04
C GLY D 133 4.48 -15.32 -56.66
N ARG D 134 3.74 -15.78 -55.64
CA ARG D 134 4.13 -15.56 -54.25
C ARG D 134 5.53 -16.09 -54.07
N GLU D 135 5.76 -17.31 -54.56
CA GLU D 135 7.05 -17.97 -54.42
C GLU D 135 8.19 -17.19 -55.07
N MET D 136 8.04 -16.80 -56.33
CA MET D 136 9.10 -16.06 -57.02
C MET D 136 9.39 -14.67 -56.45
N MET D 137 8.51 -14.14 -55.62
CA MET D 137 8.76 -12.84 -55.00
C MET D 137 9.19 -13.01 -53.54
N LYS D 138 9.43 -14.26 -53.16
CA LYS D 138 10.01 -14.61 -51.87
C LYS D 138 11.34 -13.91 -51.62
N GLY D 139 11.38 -13.08 -50.59
CA GLY D 139 12.62 -12.45 -50.14
C GLY D 139 13.23 -11.48 -51.13
N ARG D 140 12.39 -10.86 -51.95
CA ARG D 140 12.87 -9.86 -52.87
C ARG D 140 12.48 -8.46 -52.42
N ASN D 141 11.56 -8.39 -51.45
CA ASN D 141 11.01 -7.14 -50.95
C ASN D 141 10.43 -6.26 -52.06
N GLY D 142 9.82 -6.89 -53.06
CA GLY D 142 9.35 -6.18 -54.22
C GLY D 142 8.02 -5.48 -53.99
N SER D 143 7.12 -5.67 -54.94
CA SER D 143 5.85 -4.97 -54.94
C SER D 143 4.97 -5.39 -56.11
N LEU D 144 3.65 -5.17 -55.96
CA LEU D 144 2.65 -5.40 -57.00
C LEU D 144 1.95 -4.11 -57.31
N LEU D 145 1.54 -3.92 -58.57
CA LEU D 145 0.81 -2.72 -58.99
C LEU D 145 -0.37 -3.10 -59.83
N THR D 146 -1.36 -2.20 -59.92
CA THR D 146 -2.50 -2.38 -60.83
C THR D 146 -3.16 -1.05 -61.16
N LEU D 147 -4.09 -1.08 -62.10
CA LEU D 147 -4.70 0.14 -62.58
C LEU D 147 -6.16 0.26 -62.15
N SER D 148 -6.55 1.42 -61.67
CA SER D 148 -7.96 1.59 -61.36
C SER D 148 -8.46 2.89 -61.97
N TYR D 149 -9.75 3.17 -61.75
CA TYR D 149 -10.45 4.32 -62.32
C TYR D 149 -11.38 4.93 -61.26
N LEU D 150 -11.72 6.21 -61.42
CA LEU D 150 -12.56 6.91 -60.46
C LEU D 150 -13.96 6.29 -60.38
N GLY D 151 -14.38 5.62 -61.45
CA GLY D 151 -15.70 5.00 -61.49
C GLY D 151 -15.93 3.90 -60.48
N ALA D 152 -14.95 3.61 -59.64
CA ALA D 152 -15.11 2.63 -58.58
C ALA D 152 -15.50 3.34 -57.30
N GLU D 153 -15.23 4.63 -57.26
CA GLU D 153 -15.51 5.44 -56.09
C GLU D 153 -16.79 6.29 -56.28
N ARG D 154 -17.14 6.56 -57.54
CA ARG D 154 -18.30 7.38 -57.91
C ARG D 154 -18.79 6.94 -59.30
N THR D 155 -20.01 7.33 -59.68
CA THR D 155 -20.63 6.86 -60.93
C THR D 155 -20.47 7.79 -62.14
N MET D 156 -20.50 7.18 -63.32
CA MET D 156 -20.43 7.90 -64.59
C MET D 156 -21.11 7.10 -65.70
N PRO D 157 -21.52 7.78 -66.78
CA PRO D 157 -22.29 7.14 -67.84
C PRO D 157 -21.58 5.99 -68.51
N ASN D 158 -22.29 4.88 -68.67
CA ASN D 158 -21.85 3.73 -69.46
C ASN D 158 -20.63 2.99 -68.95
N TYR D 159 -19.94 3.53 -67.93
CA TYR D 159 -18.87 2.76 -67.29
C TYR D 159 -19.53 1.56 -66.60
N ASN D 160 -20.72 1.79 -66.04
CA ASN D 160 -21.59 0.72 -65.57
C ASN D 160 -20.93 -0.28 -64.63
N VAL D 161 -21.09 -1.58 -64.96
CA VAL D 161 -20.70 -2.66 -64.07
C VAL D 161 -19.19 -2.71 -63.87
N MET D 162 -18.45 -1.93 -64.64
CA MET D 162 -17.00 -1.99 -64.57
C MET D 162 -16.54 -1.25 -63.32
N GLY D 163 -17.40 -0.37 -62.82
CA GLY D 163 -17.09 0.31 -61.57
C GLY D 163 -17.23 -0.62 -60.37
N MET D 164 -17.96 -1.72 -60.55
CA MET D 164 -18.11 -2.69 -59.48
C MET D 164 -16.84 -3.53 -59.42
N ALA D 165 -16.30 -3.86 -60.59
CA ALA D 165 -15.03 -4.59 -60.71
C ALA D 165 -13.87 -3.77 -60.13
N LYS D 166 -13.75 -2.53 -60.57
CA LYS D 166 -12.72 -1.64 -60.06
C LYS D 166 -12.83 -1.45 -58.54
N ALA D 167 -14.03 -1.39 -58.02
CA ALA D 167 -14.19 -1.17 -56.60
C ALA D 167 -13.71 -2.38 -55.83
N SER D 168 -13.81 -3.54 -56.45
CA SER D 168 -13.44 -4.77 -55.80
C SER D 168 -11.92 -4.93 -55.83
N LEU D 169 -11.35 -4.66 -57.00
CA LEU D 169 -9.91 -4.60 -57.21
C LEU D 169 -9.23 -3.77 -56.11
N GLU D 170 -9.55 -2.48 -56.06
CA GLU D 170 -9.05 -1.60 -55.01
C GLU D 170 -9.28 -2.15 -53.60
N ALA D 171 -10.30 -2.95 -53.40
CA ALA D 171 -10.46 -3.56 -52.10
C ALA D 171 -9.41 -4.65 -52.05
N GLY D 172 -9.45 -5.53 -53.05
CA GLY D 172 -8.44 -6.57 -53.19
C GLY D 172 -7.04 -6.02 -53.02
N VAL D 173 -6.80 -4.78 -53.44
CA VAL D 173 -5.50 -4.18 -53.26
C VAL D 173 -5.18 -4.03 -51.78
N ARG D 174 -6.15 -3.55 -51.01
CA ARG D 174 -5.90 -3.34 -49.59
C ARG D 174 -5.69 -4.65 -48.87
N TYR D 175 -6.54 -5.65 -49.14
CA TYR D 175 -6.36 -6.96 -48.53
C TYR D 175 -5.08 -7.65 -48.96
N LEU D 176 -4.62 -7.43 -50.19
CA LEU D 176 -3.30 -7.90 -50.62
C LEU D 176 -2.18 -7.25 -49.81
N ALA D 177 -2.23 -5.93 -49.68
CA ALA D 177 -1.31 -5.22 -48.82
C ALA D 177 -1.37 -5.82 -47.44
N GLY D 178 -2.57 -6.09 -46.96
CA GLY D 178 -2.77 -6.61 -45.63
C GLY D 178 -1.97 -7.87 -45.35
N SER D 179 -2.12 -8.86 -46.22
CA SER D 179 -1.50 -10.16 -45.99
C SER D 179 -0.05 -10.24 -46.47
N LEU D 180 0.18 -9.86 -47.74
CA LEU D 180 1.49 -10.03 -48.37
C LEU D 180 2.62 -9.21 -47.74
N GLY D 181 2.29 -8.35 -46.80
CA GLY D 181 3.25 -7.35 -46.34
C GLY D 181 4.24 -7.86 -45.32
N ALA D 182 3.88 -8.93 -44.62
CA ALA D 182 4.75 -9.46 -43.58
C ALA D 182 6.04 -10.02 -44.19
N GLU D 183 5.93 -10.54 -45.42
CA GLU D 183 7.09 -11.04 -46.17
C GLU D 183 7.72 -9.92 -46.99
N GLY D 184 7.13 -8.72 -46.89
CA GLY D 184 7.75 -7.52 -47.43
C GLY D 184 7.25 -7.04 -48.79
N THR D 185 6.17 -7.64 -49.28
CA THR D 185 5.59 -7.25 -50.55
C THR D 185 4.67 -6.06 -50.34
N ARG D 186 4.82 -5.03 -51.16
CA ARG D 186 3.91 -3.89 -51.07
C ARG D 186 2.95 -3.96 -52.24
N VAL D 187 1.66 -3.79 -51.99
CA VAL D 187 0.68 -3.80 -53.08
C VAL D 187 0.09 -2.43 -53.22
N ASN D 188 0.13 -1.86 -54.41
CA ASN D 188 -0.47 -0.53 -54.64
C ASN D 188 -1.17 -0.43 -55.97
N ALA D 189 -1.99 0.60 -56.15
CA ALA D 189 -2.63 0.78 -57.46
C ALA D 189 -2.65 2.23 -57.91
N VAL D 190 -2.56 2.44 -59.22
CA VAL D 190 -2.55 3.78 -59.78
C VAL D 190 -3.82 4.00 -60.57
N SER D 191 -4.56 5.03 -60.18
CA SER D 191 -5.84 5.30 -60.77
C SER D 191 -5.65 6.45 -61.74
N ALA D 192 -5.82 6.21 -63.03
CA ALA D 192 -5.46 7.24 -64.00
C ALA D 192 -6.69 7.97 -64.51
N GLY D 193 -6.45 9.15 -65.09
CA GLY D 193 -7.50 9.91 -65.75
C GLY D 193 -7.66 9.48 -67.20
N PRO D 194 -8.72 9.95 -67.86
CA PRO D 194 -9.00 9.57 -69.25
C PRO D 194 -7.90 9.98 -70.23
N ILE D 195 -7.62 9.14 -71.22
CA ILE D 195 -6.61 9.45 -72.24
C ILE D 195 -7.18 9.49 -73.67
N LYS D 208 -15.07 15.98 -77.92
CA LYS D 208 -16.32 16.56 -77.38
C LYS D 208 -16.33 16.62 -75.84
N MET D 209 -16.80 15.56 -75.18
CA MET D 209 -16.93 15.58 -73.71
C MET D 209 -15.59 15.20 -73.00
N LEU D 210 -14.66 14.61 -73.75
CA LEU D 210 -13.30 14.40 -73.21
C LEU D 210 -12.63 15.78 -73.02
N ALA D 211 -13.31 16.85 -73.45
CA ALA D 211 -12.83 18.21 -73.29
C ALA D 211 -13.57 18.95 -72.16
N ALA D 212 -14.69 18.36 -71.74
CA ALA D 212 -15.44 18.86 -70.59
C ALA D 212 -14.75 18.34 -69.34
N ASN D 213 -14.05 17.22 -69.52
CA ASN D 213 -13.12 16.74 -68.54
C ASN D 213 -11.94 17.71 -68.38
N GLU D 214 -11.37 18.14 -69.50
CA GLU D 214 -10.18 18.98 -69.48
C GLU D 214 -10.36 20.26 -68.69
N ARG D 215 -11.57 20.84 -68.71
CA ARG D 215 -11.78 22.15 -68.07
C ARG D 215 -12.48 22.02 -66.72
N GLN D 216 -12.44 20.83 -66.11
CA GLN D 216 -12.76 20.75 -64.71
C GLN D 216 -11.58 20.13 -63.94
N THR D 217 -10.84 19.25 -64.61
CA THR D 217 -9.56 18.79 -64.11
C THR D 217 -8.70 20.00 -63.72
N PRO D 218 -8.25 20.06 -62.46
CA PRO D 218 -7.47 21.21 -61.99
C PRO D 218 -6.32 21.67 -62.90
N LEU D 219 -5.55 20.74 -63.47
CA LEU D 219 -4.43 21.09 -64.36
C LEU D 219 -4.85 21.43 -65.80
N ARG D 220 -6.16 21.59 -66.02
CA ARG D 220 -6.73 21.96 -67.32
C ARG D 220 -6.25 21.10 -68.49
N ARG D 221 -5.99 19.82 -68.24
CA ARG D 221 -5.41 18.95 -69.26
C ARG D 221 -5.50 17.49 -68.85
N ASN D 222 -5.59 16.60 -69.84
CA ASN D 222 -5.56 15.16 -69.56
C ASN D 222 -4.16 14.70 -69.19
N VAL D 223 -4.07 13.67 -68.36
CA VAL D 223 -2.77 13.10 -68.08
C VAL D 223 -2.37 12.23 -69.26
N THR D 224 -1.06 12.08 -69.44
CA THR D 224 -0.47 11.30 -70.52
C THR D 224 -0.17 9.92 -70.03
N ILE D 225 -0.19 8.94 -70.93
CA ILE D 225 0.18 7.58 -70.57
C ILE D 225 1.60 7.55 -69.95
N GLU D 226 2.39 8.57 -70.29
CA GLU D 226 3.71 8.70 -69.71
C GLU D 226 3.63 9.01 -68.22
N GLU D 227 2.95 10.08 -67.83
CA GLU D 227 2.88 10.48 -66.42
C GLU D 227 2.37 9.34 -65.54
N VAL D 228 1.52 8.50 -66.09
CA VAL D 228 1.06 7.37 -65.30
C VAL D 228 2.19 6.36 -65.20
N GLY D 229 3.02 6.31 -66.23
CA GLY D 229 4.16 5.42 -66.23
C GLY D 229 5.13 5.85 -65.13
N ASN D 230 5.59 7.09 -65.22
CA ASN D 230 6.45 7.67 -64.20
C ASN D 230 5.90 7.43 -62.79
N ALA D 231 4.65 7.80 -62.57
CA ALA D 231 4.01 7.60 -61.28
C ALA D 231 3.89 6.13 -60.88
N GLY D 232 3.68 5.25 -61.85
CA GLY D 232 3.61 3.83 -61.56
C GLY D 232 5.00 3.26 -61.42
N ALA D 233 5.98 3.94 -61.98
CA ALA D 233 7.37 3.53 -61.83
C ALA D 233 7.75 3.73 -60.38
N PHE D 234 7.64 4.98 -59.92
CA PHE D 234 7.94 5.36 -58.54
C PHE D 234 7.35 4.41 -57.50
N LEU D 235 6.06 4.16 -57.61
CA LEU D 235 5.37 3.29 -56.66
C LEU D 235 5.95 1.90 -56.59
N CYS D 236 6.75 1.53 -57.60
CA CYS D 236 7.39 0.20 -57.63
C CYS D 236 8.86 0.26 -57.24
N SER D 237 9.35 1.46 -56.98
CA SER D 237 10.73 1.64 -56.60
C SER D 237 10.81 1.80 -55.10
N ASP D 238 11.98 1.51 -54.54
CA ASP D 238 12.15 1.64 -53.09
C ASP D 238 12.10 3.10 -52.66
N LEU D 239 11.96 4.01 -53.62
CA LEU D 239 11.54 5.36 -53.27
C LEU D 239 10.14 5.28 -52.63
N ALA D 240 9.37 4.26 -52.99
CA ALA D 240 8.02 4.14 -52.47
C ALA D 240 7.89 2.97 -51.48
N SER D 241 8.85 2.86 -50.56
CA SER D 241 8.98 1.64 -49.75
C SER D 241 8.30 1.72 -48.37
N GLY D 242 7.72 2.87 -48.05
CA GLY D 242 6.87 2.99 -46.87
C GLY D 242 5.42 2.98 -47.33
N ILE D 243 5.24 2.91 -48.65
CA ILE D 243 3.95 3.06 -49.27
C ILE D 243 3.36 1.72 -49.66
N SER D 244 2.29 1.33 -48.98
CA SER D 244 1.53 0.13 -49.30
C SER D 244 0.04 0.43 -49.20
N GLY D 245 -0.76 -0.35 -49.91
CA GLY D 245 -2.21 -0.17 -49.92
C GLY D 245 -2.67 1.16 -50.47
N GLU D 246 -1.76 1.89 -51.10
CA GLU D 246 -2.14 3.17 -51.69
C GLU D 246 -2.94 2.99 -52.98
N ILE D 247 -3.91 3.87 -53.19
CA ILE D 247 -4.42 4.09 -54.53
C ILE D 247 -3.99 5.49 -54.91
N LEU D 248 -3.12 5.59 -55.93
CA LEU D 248 -2.57 6.87 -56.35
C LEU D 248 -3.31 7.35 -57.58
N TYR D 249 -3.84 8.56 -57.49
CA TYR D 249 -4.62 9.15 -58.57
C TYR D 249 -3.75 10.04 -59.44
N VAL D 250 -3.53 9.62 -60.68
CA VAL D 250 -2.81 10.41 -61.67
C VAL D 250 -3.83 10.93 -62.66
N ASP D 251 -4.56 11.98 -62.29
CA ASP D 251 -5.64 12.45 -63.14
C ASP D 251 -5.70 13.95 -63.10
N GLY D 252 -4.55 14.58 -63.02
CA GLY D 252 -4.52 16.03 -63.04
C GLY D 252 -5.35 16.64 -61.94
N GLY D 253 -5.84 15.81 -61.03
CA GLY D 253 -6.52 16.27 -59.83
C GLY D 253 -8.04 16.25 -59.93
N PHE D 254 -8.55 15.55 -60.94
CA PHE D 254 -9.99 15.58 -61.26
C PHE D 254 -10.86 15.17 -60.11
N ASN D 255 -10.49 14.08 -59.47
CA ASN D 255 -11.32 13.51 -58.44
C ASN D 255 -11.62 14.50 -57.32
N THR D 256 -10.73 15.47 -57.14
CA THR D 256 -10.91 16.48 -56.11
C THR D 256 -11.88 17.56 -56.53
N THR D 257 -12.73 17.31 -57.53
CA THR D 257 -13.67 18.34 -57.95
C THR D 257 -15.11 17.86 -57.91
N ALA D 258 -16.04 18.79 -57.80
CA ALA D 258 -17.44 18.41 -57.78
C ALA D 258 -18.24 19.17 -58.83
N MET D 259 -18.28 20.49 -58.71
CA MET D 259 -19.08 21.30 -59.63
C MET D 259 -18.19 22.07 -60.62
N GLY E 2 27.73 0.26 -42.82
CA GLY E 2 27.70 -1.06 -42.21
C GLY E 2 29.06 -1.65 -41.87
N PHE E 3 29.52 -1.42 -40.64
CA PHE E 3 30.85 -1.86 -40.25
C PHE E 3 30.91 -3.35 -39.83
N LEU E 4 29.96 -4.16 -40.29
CA LEU E 4 30.02 -5.58 -40.02
C LEU E 4 29.80 -6.34 -41.31
N THR E 5 29.62 -5.58 -42.38
CA THR E 5 29.48 -6.14 -43.71
C THR E 5 30.57 -7.15 -44.04
N GLY E 6 30.23 -8.42 -43.86
CA GLY E 6 31.13 -9.52 -44.18
C GLY E 6 31.30 -10.40 -42.96
N LYS E 7 30.67 -10.02 -41.86
CA LYS E 7 30.77 -10.80 -40.63
C LYS E 7 29.63 -11.80 -40.57
N ARG E 8 29.87 -12.91 -39.88
CA ARG E 8 28.81 -13.85 -39.56
C ARG E 8 28.75 -14.00 -38.05
N ALA E 9 27.55 -13.87 -37.47
CA ALA E 9 27.43 -13.89 -36.02
C ALA E 9 26.46 -14.95 -35.55
N LEU E 10 26.86 -15.67 -34.51
CA LEU E 10 25.96 -16.62 -33.87
C LEU E 10 25.57 -16.11 -32.50
N ILE E 11 24.30 -15.81 -32.29
CA ILE E 11 23.89 -15.06 -31.11
C ILE E 11 23.00 -15.83 -30.10
N VAL E 12 23.66 -16.40 -29.11
CA VAL E 12 23.04 -17.12 -27.99
C VAL E 12 22.39 -16.20 -26.97
N GLY E 13 21.09 -16.38 -26.74
CA GLY E 13 20.45 -15.71 -25.62
C GLY E 13 19.20 -14.96 -25.97
N VAL E 14 18.73 -15.12 -27.21
CA VAL E 14 17.48 -14.48 -27.63
C VAL E 14 16.30 -15.12 -26.89
N ALA E 15 15.53 -14.29 -26.17
CA ALA E 15 14.42 -14.80 -25.36
C ALA E 15 13.20 -13.87 -25.40
N SER E 16 13.40 -12.67 -25.93
CA SER E 16 12.33 -11.69 -26.08
C SER E 16 12.63 -10.73 -27.24
N LYS E 17 11.86 -9.66 -27.33
CA LYS E 17 12.11 -8.61 -28.32
C LYS E 17 12.84 -7.48 -27.61
N LEU E 18 12.73 -7.48 -26.28
CA LEU E 18 13.36 -6.46 -25.47
C LEU E 18 14.48 -7.05 -24.61
N SER E 19 14.94 -8.23 -25.01
CA SER E 19 16.19 -8.81 -24.50
C SER E 19 17.34 -7.92 -24.97
N ILE E 20 18.43 -7.82 -24.22
CA ILE E 20 19.56 -7.10 -24.76
C ILE E 20 20.06 -7.93 -25.93
N ALA E 21 20.05 -9.25 -25.75
CA ALA E 21 20.42 -10.20 -26.80
C ALA E 21 19.81 -9.89 -28.16
N SER E 22 18.67 -9.21 -28.14
CA SER E 22 18.00 -8.85 -29.38
C SER E 22 18.51 -7.49 -29.86
N GLY E 23 18.78 -6.59 -28.92
CA GLY E 23 19.34 -5.29 -29.27
C GLY E 23 20.66 -5.45 -30.00
N ILE E 24 21.42 -6.45 -29.59
CA ILE E 24 22.72 -6.73 -30.16
C ILE E 24 22.52 -7.34 -31.53
N ALA E 25 21.59 -8.28 -31.63
CA ALA E 25 21.30 -8.89 -32.92
C ALA E 25 20.73 -7.89 -33.93
N ALA E 26 19.84 -7.00 -33.47
CA ALA E 26 19.26 -5.97 -34.34
C ALA E 26 20.38 -5.10 -34.88
N ALA E 27 20.96 -4.27 -34.01
CA ALA E 27 22.06 -3.40 -34.36
C ALA E 27 23.18 -4.11 -35.16
N MET E 28 23.51 -5.35 -34.81
CA MET E 28 24.56 -6.06 -35.53
C MET E 28 24.17 -6.33 -36.98
N HIS E 29 22.87 -6.36 -37.27
CA HIS E 29 22.40 -6.48 -38.64
C HIS E 29 22.19 -5.10 -39.26
N ARG E 30 21.90 -4.12 -38.41
CA ARG E 30 21.80 -2.75 -38.87
C ARG E 30 23.11 -2.33 -39.53
N GLU E 31 24.21 -2.98 -39.13
CA GLU E 31 25.50 -2.76 -39.76
C GLU E 31 25.83 -3.87 -40.74
N GLY E 32 24.85 -4.75 -40.94
CA GLY E 32 24.82 -5.65 -42.07
C GLY E 32 25.63 -6.91 -41.90
N ALA E 33 25.30 -7.68 -40.87
CA ALA E 33 26.03 -8.92 -40.58
C ALA E 33 25.08 -10.10 -40.71
N GLU E 34 25.52 -11.18 -41.34
CA GLU E 34 24.64 -12.33 -41.50
C GLU E 34 24.50 -13.06 -40.16
N LEU E 35 23.27 -13.37 -39.78
CA LEU E 35 23.01 -13.84 -38.42
C LEU E 35 22.49 -15.29 -38.33
N ALA E 36 23.04 -16.02 -37.37
CA ALA E 36 22.53 -17.32 -36.96
C ALA E 36 22.20 -17.21 -35.48
N PHE E 37 21.25 -18.02 -35.00
CA PHE E 37 20.78 -17.90 -33.62
C PHE E 37 20.70 -19.22 -32.89
N THR E 38 20.33 -19.17 -31.63
CA THR E 38 20.04 -20.38 -30.86
C THR E 38 18.85 -20.15 -29.97
N TYR E 39 18.00 -21.18 -29.85
CA TYR E 39 16.87 -21.11 -28.96
C TYR E 39 17.04 -22.08 -27.80
N GLN E 40 16.58 -21.66 -26.63
CA GLN E 40 16.85 -22.38 -25.40
C GLN E 40 16.25 -23.78 -25.41
N ASN E 41 14.98 -23.85 -25.73
CA ASN E 41 14.21 -25.08 -25.56
C ASN E 41 13.31 -25.33 -26.76
N ASP E 42 12.65 -26.48 -26.77
CA ASP E 42 11.78 -26.82 -27.90
C ASP E 42 10.60 -25.85 -27.98
N LYS E 43 10.30 -25.19 -26.87
CA LYS E 43 9.23 -24.18 -26.86
C LYS E 43 9.68 -22.93 -27.61
N LEU E 44 10.59 -22.16 -27.01
CA LEU E 44 10.89 -20.79 -27.45
C LEU E 44 11.39 -20.68 -28.90
N ARG E 45 11.51 -21.82 -29.57
CA ARG E 45 11.93 -21.91 -30.97
C ARG E 45 11.29 -20.85 -31.85
N GLY E 46 9.97 -20.97 -32.07
CA GLY E 46 9.27 -20.11 -33.01
C GLY E 46 9.45 -18.62 -32.77
N ARG E 47 9.45 -18.25 -31.49
CA ARG E 47 9.64 -16.87 -31.09
C ARG E 47 10.99 -16.35 -31.60
N VAL E 48 12.03 -17.16 -31.40
CA VAL E 48 13.37 -16.86 -31.91
C VAL E 48 13.35 -16.87 -33.43
N GLU E 49 12.85 -17.98 -33.98
CA GLU E 49 12.67 -18.14 -35.42
C GLU E 49 11.90 -16.98 -36.05
N GLU E 50 10.89 -16.48 -35.34
CA GLU E 50 10.10 -15.35 -35.82
C GLU E 50 10.99 -14.13 -36.02
N PHE E 51 11.84 -13.85 -35.04
CA PHE E 51 12.70 -12.67 -35.01
C PHE E 51 13.86 -12.78 -36.00
N ALA E 52 14.57 -13.91 -35.97
CA ALA E 52 15.68 -14.18 -36.86
C ALA E 52 15.30 -13.92 -38.32
N SER E 53 14.07 -14.34 -38.69
CA SER E 53 13.49 -14.07 -40.02
C SER E 53 13.33 -12.59 -40.27
N GLY E 54 13.25 -11.82 -39.19
CA GLY E 54 13.02 -10.40 -39.29
C GLY E 54 14.35 -9.67 -39.31
N TRP E 55 15.41 -10.35 -38.87
CA TRP E 55 16.75 -9.76 -38.87
C TRP E 55 17.69 -10.35 -39.92
N GLY E 56 17.19 -10.69 -41.10
CA GLY E 56 18.06 -11.18 -42.16
C GLY E 56 18.62 -12.56 -41.86
N SER E 57 17.93 -13.30 -41.01
CA SER E 57 18.20 -14.72 -40.85
C SER E 57 17.02 -15.54 -41.36
N ARG E 58 17.12 -16.86 -41.23
CA ARG E 58 16.08 -17.80 -41.64
C ARG E 58 16.11 -19.00 -40.68
N PRO E 59 14.92 -19.42 -40.17
CA PRO E 59 14.78 -20.56 -39.24
C PRO E 59 15.71 -21.72 -39.55
N GLU E 60 16.13 -21.87 -40.81
CA GLU E 60 17.05 -22.95 -41.18
C GLU E 60 18.43 -22.70 -40.59
N LEU E 61 18.64 -21.48 -40.11
CA LEU E 61 19.89 -21.11 -39.45
C LEU E 61 19.73 -21.12 -37.93
N CYS E 62 18.50 -21.02 -37.43
CA CYS E 62 18.28 -21.14 -35.99
C CYS E 62 18.50 -22.56 -35.51
N PHE E 63 19.24 -22.73 -34.42
CA PHE E 63 19.54 -24.06 -33.92
C PHE E 63 19.06 -24.18 -32.47
N PRO E 64 18.91 -25.42 -31.96
CA PRO E 64 18.47 -25.58 -30.56
C PRO E 64 19.63 -25.61 -29.57
N CYS E 65 19.44 -25.04 -28.38
CA CYS E 65 20.51 -25.12 -27.37
C CYS E 65 20.18 -24.63 -25.95
N ASP E 66 20.11 -25.58 -25.01
CA ASP E 66 20.23 -25.30 -23.57
C ASP E 66 21.72 -25.30 -23.24
N VAL E 67 22.21 -24.14 -22.79
CA VAL E 67 23.64 -23.87 -22.69
C VAL E 67 24.35 -24.72 -21.64
N ALA E 68 23.61 -25.56 -20.93
CA ALA E 68 24.21 -26.42 -19.92
C ALA E 68 24.53 -27.82 -20.43
N ASP E 69 24.20 -28.11 -21.70
CA ASP E 69 24.57 -29.40 -22.29
C ASP E 69 25.63 -29.27 -23.37
N ASP E 70 26.76 -29.96 -23.15
CA ASP E 70 27.90 -29.95 -24.07
C ASP E 70 27.48 -30.38 -25.47
N SER E 71 26.80 -31.52 -25.56
CA SER E 71 26.39 -32.11 -26.83
C SER E 71 25.48 -31.20 -27.67
N GLN E 72 24.45 -30.63 -27.06
CA GLN E 72 23.59 -29.70 -27.78
C GLN E 72 24.42 -28.54 -28.26
N ILE E 73 25.36 -28.12 -27.43
CA ILE E 73 26.21 -26.99 -27.76
C ILE E 73 27.09 -27.35 -28.95
N GLU E 74 27.82 -28.46 -28.88
CA GLU E 74 28.73 -28.79 -29.99
C GLU E 74 27.94 -29.10 -31.26
N ALA E 75 26.64 -29.37 -31.09
CA ALA E 75 25.77 -29.69 -32.23
C ALA E 75 25.38 -28.44 -33.01
N VAL E 76 25.25 -27.32 -32.31
CA VAL E 76 24.97 -26.05 -32.97
C VAL E 76 26.06 -25.76 -34.01
N PHE E 77 27.33 -25.93 -33.63
CA PHE E 77 28.47 -25.63 -34.52
C PHE E 77 28.68 -26.74 -35.55
N ALA E 78 27.97 -27.85 -35.37
CA ALA E 78 27.92 -28.87 -36.42
C ALA E 78 27.00 -28.36 -37.54
N ALA E 79 25.81 -27.93 -37.14
CA ALA E 79 24.82 -27.38 -38.06
C ALA E 79 25.37 -26.22 -38.87
N LEU E 80 25.94 -25.23 -38.17
CA LEU E 80 26.44 -24.01 -38.80
C LEU E 80 27.63 -24.29 -39.72
N GLY E 81 28.26 -25.45 -39.57
CA GLY E 81 29.41 -25.85 -40.35
C GLY E 81 29.12 -26.15 -41.81
N LYS E 82 27.89 -26.55 -42.10
CA LYS E 82 27.49 -26.82 -43.47
C LYS E 82 26.85 -25.58 -44.12
N HIS E 83 26.19 -24.72 -43.35
CA HIS E 83 25.70 -23.46 -43.91
C HIS E 83 26.80 -22.40 -44.08
N TRP E 84 27.66 -22.24 -43.07
CA TRP E 84 28.77 -21.27 -43.12
C TRP E 84 30.12 -21.99 -43.03
N ASP E 85 31.05 -21.61 -43.91
CA ASP E 85 32.38 -22.24 -43.93
C ASP E 85 33.18 -21.91 -42.67
N GLY E 86 33.03 -20.68 -42.20
CA GLY E 86 33.59 -20.25 -40.94
C GLY E 86 32.68 -19.25 -40.26
N LEU E 87 32.98 -18.93 -39.00
CA LEU E 87 32.19 -17.97 -38.20
C LEU E 87 33.11 -16.85 -37.70
N ASP E 88 32.58 -15.63 -37.68
CA ASP E 88 33.38 -14.51 -37.21
C ASP E 88 33.11 -14.16 -35.74
N ILE E 89 31.83 -14.20 -35.35
CA ILE E 89 31.41 -13.63 -34.06
C ILE E 89 30.53 -14.58 -33.22
N ILE E 90 30.60 -14.45 -31.89
CA ILE E 90 29.69 -15.16 -31.00
C ILE E 90 29.26 -14.27 -29.83
N VAL E 91 27.99 -13.89 -29.78
CA VAL E 91 27.52 -13.12 -28.64
C VAL E 91 27.06 -14.09 -27.58
N HIS E 92 27.24 -13.73 -26.31
CA HIS E 92 26.75 -14.55 -25.21
C HIS E 92 25.91 -13.69 -24.29
N SER E 93 24.59 -13.74 -24.49
CA SER E 93 23.69 -12.98 -23.65
C SER E 93 22.91 -13.91 -22.73
N VAL E 94 23.65 -14.72 -21.99
CA VAL E 94 23.04 -15.70 -21.10
C VAL E 94 23.45 -15.45 -19.65
N GLY E 95 22.45 -15.51 -18.77
CA GLY E 95 22.65 -15.24 -17.36
C GLY E 95 21.44 -15.71 -16.60
N PHE E 96 21.62 -16.76 -15.81
CA PHE E 96 20.51 -17.36 -15.08
C PHE E 96 20.85 -17.92 -13.70
N ALA E 97 19.96 -17.69 -12.75
CA ALA E 97 20.01 -18.39 -11.48
C ALA E 97 18.61 -18.75 -11.00
N PRO E 98 18.46 -19.93 -10.38
CA PRO E 98 17.26 -20.33 -9.66
C PRO E 98 16.72 -19.18 -8.82
N GLY E 99 15.45 -18.83 -9.01
CA GLY E 99 14.90 -17.63 -8.43
C GLY E 99 15.06 -17.52 -6.93
N ASP E 100 15.05 -18.69 -6.26
CA ASP E 100 15.22 -18.77 -4.81
C ASP E 100 16.56 -18.15 -4.33
N GLN E 101 17.58 -18.23 -5.20
CA GLN E 101 18.89 -17.61 -4.95
C GLN E 101 18.83 -16.07 -5.03
N LEU E 102 17.78 -15.57 -5.64
CA LEU E 102 17.75 -14.18 -6.07
C LEU E 102 16.70 -13.37 -5.33
N ASP E 103 16.20 -13.89 -4.22
CA ASP E 103 15.29 -13.13 -3.38
C ASP E 103 15.67 -13.36 -1.93
N GLY E 104 16.13 -12.29 -1.28
CA GLY E 104 16.46 -12.33 0.14
C GLY E 104 17.96 -12.28 0.47
N ASP E 105 18.25 -12.42 1.75
CA ASP E 105 19.60 -12.37 2.30
C ASP E 105 20.56 -13.39 1.69
N PHE E 106 21.54 -12.90 0.94
CA PHE E 106 22.57 -13.70 0.27
C PHE E 106 23.00 -14.97 1.02
N THR E 107 23.50 -14.80 2.26
CA THR E 107 23.98 -15.92 3.09
C THR E 107 22.95 -17.01 3.34
N ALA E 108 21.74 -16.60 3.72
CA ALA E 108 20.71 -17.54 4.11
C ALA E 108 20.05 -18.26 2.93
N VAL E 109 19.99 -17.61 1.77
CA VAL E 109 19.29 -18.16 0.61
C VAL E 109 20.20 -18.85 -0.38
N THR E 110 21.50 -18.65 -0.24
CA THR E 110 22.44 -19.19 -1.21
C THR E 110 22.76 -20.65 -0.95
N THR E 111 22.44 -21.51 -1.91
CA THR E 111 22.69 -22.93 -1.80
C THR E 111 23.83 -23.34 -2.74
N ARG E 112 24.37 -24.54 -2.54
CA ARG E 112 25.47 -25.03 -3.36
C ARG E 112 25.02 -25.28 -4.79
N GLU E 113 23.84 -25.87 -4.89
CA GLU E 113 23.25 -26.24 -6.17
C GLU E 113 22.85 -24.99 -6.93
N GLY E 114 22.42 -23.96 -6.20
CA GLY E 114 22.09 -22.67 -6.79
C GLY E 114 23.35 -22.00 -7.29
N PHE E 115 24.40 -22.17 -6.51
CA PHE E 115 25.74 -21.72 -6.86
C PHE E 115 26.24 -22.49 -8.10
N ARG E 116 26.06 -23.81 -8.10
CA ARG E 116 26.56 -24.62 -9.19
C ARG E 116 25.92 -24.21 -10.52
N ILE E 117 24.61 -23.95 -10.49
CA ILE E 117 23.86 -23.65 -11.72
C ILE E 117 24.15 -22.27 -12.28
N ALA E 118 24.08 -21.24 -11.42
CA ALA E 118 24.41 -19.88 -11.84
C ALA E 118 25.74 -19.82 -12.62
N HIS E 119 26.71 -20.64 -12.24
CA HIS E 119 28.02 -20.63 -12.89
C HIS E 119 28.07 -21.48 -14.15
N ASP E 120 27.58 -22.71 -14.07
CA ASP E 120 27.53 -23.55 -15.25
C ASP E 120 26.81 -22.80 -16.36
N ILE E 121 25.73 -22.11 -16.00
CA ILE E 121 24.83 -21.46 -16.98
C ILE E 121 25.23 -20.04 -17.40
N SER E 122 25.50 -19.18 -16.41
CA SER E 122 25.90 -17.79 -16.67
C SER E 122 27.40 -17.61 -16.88
N ALA E 123 28.21 -18.60 -16.54
CA ALA E 123 29.65 -18.43 -16.62
C ALA E 123 30.33 -19.38 -17.60
N TYR E 124 30.37 -20.66 -17.27
CA TYR E 124 31.04 -21.65 -18.11
C TYR E 124 30.49 -21.66 -19.53
N SER E 125 29.20 -21.36 -19.67
CA SER E 125 28.55 -21.40 -20.98
C SER E 125 29.31 -20.58 -22.03
N PHE E 126 29.96 -19.50 -21.58
CA PHE E 126 30.85 -18.69 -22.43
C PHE E 126 32.06 -19.51 -22.86
N ILE E 127 32.84 -19.97 -21.88
CA ILE E 127 34.07 -20.71 -22.16
C ILE E 127 33.71 -21.90 -23.03
N ALA E 128 32.54 -22.48 -22.79
CA ALA E 128 32.07 -23.64 -23.55
C ALA E 128 31.98 -23.33 -25.04
N LEU E 129 31.27 -22.24 -25.36
CA LEU E 129 31.09 -21.83 -26.74
C LEU E 129 32.45 -21.60 -27.36
N ALA E 130 33.26 -20.83 -26.65
CA ALA E 130 34.60 -20.46 -27.08
C ALA E 130 35.40 -21.66 -27.51
N LYS E 131 35.17 -22.78 -26.83
CA LYS E 131 35.86 -24.02 -27.16
C LYS E 131 35.38 -24.54 -28.51
N ALA E 132 34.13 -25.01 -28.57
CA ALA E 132 33.58 -25.58 -29.81
C ALA E 132 33.79 -24.69 -31.04
N GLY E 133 33.61 -23.38 -30.87
CA GLY E 133 33.67 -22.47 -31.99
C GLY E 133 35.08 -22.20 -32.49
N ARG E 134 36.08 -22.80 -31.87
CA ARG E 134 37.47 -22.43 -32.16
C ARG E 134 37.85 -22.91 -33.56
N GLU E 135 37.25 -24.04 -33.94
CA GLU E 135 37.42 -24.58 -35.29
C GLU E 135 36.90 -23.61 -36.33
N MET E 136 35.65 -23.22 -36.17
CA MET E 136 34.99 -22.30 -37.09
C MET E 136 35.44 -20.85 -37.00
N MET E 137 36.24 -20.50 -35.99
CA MET E 137 36.69 -19.13 -35.86
C MET E 137 38.17 -18.98 -36.19
N LYS E 138 38.80 -20.10 -36.54
CA LYS E 138 40.24 -20.16 -36.81
C LYS E 138 40.63 -19.28 -38.01
N GLY E 139 41.64 -18.44 -37.82
CA GLY E 139 42.11 -17.56 -38.88
C GLY E 139 41.09 -16.58 -39.44
N ARG E 140 40.11 -16.20 -38.64
CA ARG E 140 39.08 -15.28 -39.11
C ARG E 140 39.25 -13.88 -38.52
N ASN E 141 40.22 -13.70 -37.62
CA ASN E 141 40.37 -12.44 -36.89
C ASN E 141 39.04 -11.98 -36.33
N GLY E 142 38.36 -12.89 -35.66
CA GLY E 142 37.03 -12.63 -35.16
C GLY E 142 37.03 -12.34 -33.67
N SER E 143 35.85 -12.39 -33.06
CA SER E 143 35.74 -11.97 -31.68
C SER E 143 34.59 -12.63 -30.89
N LEU E 144 34.77 -12.68 -29.57
CA LEU E 144 33.74 -13.21 -28.66
C LEU E 144 33.18 -12.07 -27.82
N LEU E 145 31.93 -12.18 -27.38
CA LEU E 145 31.32 -11.14 -26.56
C LEU E 145 30.30 -11.70 -25.58
N THR E 146 30.26 -11.17 -24.37
CA THR E 146 29.34 -11.65 -23.37
C THR E 146 28.71 -10.43 -22.70
N LEU E 147 27.76 -10.66 -21.81
CA LEU E 147 27.15 -9.57 -21.06
C LEU E 147 27.44 -9.76 -19.58
N SER E 148 27.73 -8.65 -18.90
CA SER E 148 28.14 -8.72 -17.50
C SER E 148 27.41 -7.61 -16.77
N TYR E 149 27.65 -7.44 -15.48
CA TYR E 149 26.96 -6.38 -14.77
C TYR E 149 27.84 -5.79 -13.63
N LEU E 150 27.50 -4.57 -13.22
CA LEU E 150 28.16 -3.90 -12.10
C LEU E 150 28.03 -4.65 -10.76
N GLY E 151 27.47 -5.87 -10.79
CA GLY E 151 27.32 -6.68 -9.60
C GLY E 151 28.48 -7.65 -9.41
N ALA E 152 29.21 -7.88 -10.48
CA ALA E 152 30.46 -8.64 -10.39
C ALA E 152 31.48 -7.91 -9.53
N GLU E 153 31.33 -6.59 -9.44
CA GLU E 153 32.34 -5.74 -8.82
C GLU E 153 31.93 -5.34 -7.42
N ARG E 154 30.73 -4.77 -7.31
CA ARG E 154 30.26 -4.25 -6.04
C ARG E 154 28.87 -4.77 -5.71
N THR E 155 28.57 -4.92 -4.41
CA THR E 155 27.32 -5.56 -3.99
C THR E 155 26.10 -4.72 -4.32
N MET E 156 24.93 -5.28 -4.03
CA MET E 156 23.63 -4.66 -4.30
C MET E 156 22.50 -5.57 -3.86
N PRO E 157 21.38 -4.98 -3.42
CA PRO E 157 20.18 -5.73 -3.04
C PRO E 157 19.71 -6.78 -4.07
N ASN E 158 19.46 -7.97 -3.52
CA ASN E 158 18.90 -9.12 -4.22
C ASN E 158 19.70 -9.71 -5.38
N TYR E 159 20.87 -9.14 -5.72
CA TYR E 159 21.62 -9.70 -6.83
C TYR E 159 22.35 -10.99 -6.47
N ASN E 160 22.77 -11.09 -5.22
CA ASN E 160 23.34 -12.32 -4.68
C ASN E 160 24.36 -13.00 -5.57
N VAL E 161 24.21 -14.32 -5.67
CA VAL E 161 25.21 -15.19 -6.27
C VAL E 161 25.43 -14.87 -7.74
N MET E 162 24.59 -14.03 -8.32
CA MET E 162 24.77 -13.69 -9.73
C MET E 162 25.95 -12.74 -9.89
N GLY E 163 26.50 -12.29 -8.76
CA GLY E 163 27.67 -11.42 -8.73
C GLY E 163 28.94 -12.24 -8.78
N MET E 164 28.97 -13.31 -8.00
CA MET E 164 30.08 -14.25 -8.07
C MET E 164 30.14 -14.86 -9.45
N ALA E 165 28.96 -15.05 -10.04
CA ALA E 165 28.83 -15.68 -11.36
C ALA E 165 29.30 -14.75 -12.48
N LYS E 166 28.94 -13.47 -12.37
CA LYS E 166 29.39 -12.49 -13.36
C LYS E 166 30.87 -12.22 -13.11
N ALA E 167 31.26 -12.24 -11.85
CA ALA E 167 32.67 -12.11 -11.51
C ALA E 167 33.47 -13.13 -12.33
N SER E 168 33.06 -14.39 -12.21
CA SER E 168 33.75 -15.47 -12.89
C SER E 168 33.79 -15.24 -14.38
N LEU E 169 32.66 -14.82 -14.94
CA LEU E 169 32.58 -14.53 -16.36
C LEU E 169 33.57 -13.42 -16.75
N GLU E 170 33.62 -12.36 -15.95
CA GLU E 170 34.52 -11.27 -16.24
C GLU E 170 35.93 -11.79 -16.30
N ALA E 171 36.26 -12.71 -15.39
CA ALA E 171 37.58 -13.39 -15.42
C ALA E 171 37.84 -14.18 -16.72
N GLY E 172 36.93 -15.08 -17.07
CA GLY E 172 37.08 -15.92 -18.25
C GLY E 172 37.33 -15.11 -19.51
N VAL E 173 36.72 -13.93 -19.55
CA VAL E 173 36.91 -13.02 -20.66
C VAL E 173 38.39 -12.68 -20.78
N ARG E 174 38.95 -12.24 -19.66
CA ARG E 174 40.35 -11.88 -19.60
C ARG E 174 41.20 -13.07 -20.00
N TYR E 175 40.88 -14.25 -19.47
CA TYR E 175 41.69 -15.44 -19.73
C TYR E 175 41.56 -15.98 -21.15
N LEU E 176 40.32 -16.00 -21.67
CA LEU E 176 40.08 -16.42 -23.05
C LEU E 176 40.89 -15.58 -24.01
N ALA E 177 40.85 -14.26 -23.81
CA ALA E 177 41.46 -13.32 -24.76
C ALA E 177 42.97 -13.41 -24.77
N GLY E 178 43.55 -14.01 -23.73
CA GLY E 178 45.00 -14.12 -23.61
C GLY E 178 45.49 -15.43 -24.18
N SER E 179 44.56 -16.38 -24.22
CA SER E 179 44.73 -17.69 -24.84
C SER E 179 44.45 -17.61 -26.33
N LEU E 180 43.20 -17.34 -26.67
CA LEU E 180 42.74 -17.28 -28.05
C LEU E 180 43.26 -16.08 -28.87
N GLY E 181 43.72 -15.04 -28.20
CA GLY E 181 44.30 -13.88 -28.88
C GLY E 181 45.49 -14.26 -29.75
N ALA E 182 46.20 -15.30 -29.33
CA ALA E 182 47.32 -15.85 -30.08
C ALA E 182 46.94 -16.24 -31.52
N GLU E 183 45.86 -17.00 -31.67
CA GLU E 183 45.40 -17.36 -33.02
C GLU E 183 44.48 -16.28 -33.58
N GLY E 184 44.47 -15.09 -32.97
CA GLY E 184 43.87 -13.91 -33.56
C GLY E 184 42.51 -13.45 -33.04
N THR E 185 41.90 -14.28 -32.20
CA THR E 185 40.53 -14.02 -31.75
C THR E 185 40.52 -13.00 -30.60
N ARG E 186 39.48 -12.16 -30.55
CA ARG E 186 39.39 -11.15 -29.51
C ARG E 186 38.17 -11.37 -28.63
N VAL E 187 38.35 -11.27 -27.31
CA VAL E 187 37.24 -11.58 -26.39
C VAL E 187 36.84 -10.41 -25.49
N ASN E 188 35.65 -9.86 -25.68
CA ASN E 188 35.22 -8.71 -24.87
C ASN E 188 33.95 -8.95 -24.13
N ALA E 189 33.46 -7.90 -23.48
CA ALA E 189 32.21 -8.00 -22.73
C ALA E 189 31.59 -6.64 -22.50
N VAL E 190 30.27 -6.58 -22.50
CA VAL E 190 29.59 -5.32 -22.27
C VAL E 190 28.81 -5.36 -20.97
N SER E 191 29.08 -4.41 -20.10
CA SER E 191 28.51 -4.45 -18.77
C SER E 191 27.36 -3.49 -18.73
N ALA E 192 26.20 -3.98 -19.17
CA ALA E 192 25.01 -3.15 -19.37
C ALA E 192 24.44 -2.64 -18.07
N GLY E 193 24.09 -1.36 -18.05
CA GLY E 193 23.43 -0.78 -16.91
C GLY E 193 22.02 -1.36 -16.80
N PRO E 194 21.21 -0.79 -15.91
CA PRO E 194 19.83 -1.29 -15.85
C PRO E 194 18.99 -0.85 -17.06
N ILE E 195 18.20 -1.79 -17.56
CA ILE E 195 17.35 -1.58 -18.73
C ILE E 195 15.88 -1.91 -18.44
N LEU E 210 15.61 1.88 -9.69
CA LEU E 210 15.84 2.66 -10.92
C LEU E 210 15.66 4.16 -10.69
N ALA E 211 14.86 4.52 -9.68
CA ALA E 211 14.74 5.91 -9.24
C ALA E 211 16.06 6.31 -8.57
N ALA E 212 16.85 5.29 -8.28
CA ALA E 212 18.17 5.43 -7.68
C ALA E 212 19.26 5.56 -8.75
N ASN E 213 19.29 4.61 -9.70
CA ASN E 213 20.17 4.72 -10.87
C ASN E 213 20.12 6.12 -11.51
N GLU E 214 18.96 6.49 -12.06
CA GLU E 214 18.68 7.90 -12.33
C GLU E 214 18.82 8.63 -11.01
N ARG E 215 19.38 9.85 -11.04
CA ARG E 215 19.88 10.60 -9.87
C ARG E 215 21.40 10.49 -9.82
N GLN E 216 21.88 9.26 -9.65
CA GLN E 216 23.32 8.98 -9.59
C GLN E 216 24.00 8.93 -10.96
N THR E 217 23.45 8.15 -11.89
CA THR E 217 24.03 8.07 -13.24
C THR E 217 24.08 9.47 -13.86
N PRO E 218 25.29 9.89 -14.27
CA PRO E 218 25.54 11.20 -14.87
C PRO E 218 24.53 11.60 -15.95
N LEU E 219 24.14 10.65 -16.78
CA LEU E 219 23.22 10.96 -17.87
C LEU E 219 21.78 11.12 -17.40
N ARG E 220 21.52 10.76 -16.14
CA ARG E 220 20.21 10.90 -15.52
C ARG E 220 19.12 10.12 -16.25
N ARG E 221 19.52 9.13 -17.04
CA ARG E 221 18.59 8.26 -17.75
C ARG E 221 19.16 6.87 -17.84
N ASN E 222 18.33 5.86 -18.05
CA ASN E 222 18.86 4.54 -18.29
C ASN E 222 19.31 4.39 -19.71
N VAL E 223 20.02 3.31 -19.99
CA VAL E 223 20.51 3.09 -21.33
C VAL E 223 19.48 2.30 -22.12
N THR E 224 19.43 2.52 -23.43
CA THR E 224 18.50 1.83 -24.28
C THR E 224 19.21 0.60 -24.84
N ILE E 225 18.45 -0.41 -25.25
CA ILE E 225 19.04 -1.64 -25.80
C ILE E 225 19.66 -1.34 -27.16
N GLU E 226 19.46 -0.11 -27.63
CA GLU E 226 20.04 0.35 -28.89
C GLU E 226 21.52 0.63 -28.65
N GLU E 227 21.78 1.36 -27.57
CA GLU E 227 23.11 1.77 -27.18
C GLU E 227 23.97 0.58 -26.79
N VAL E 228 23.49 -0.25 -25.87
CA VAL E 228 24.17 -1.51 -25.57
C VAL E 228 24.34 -2.37 -26.83
N GLY E 229 23.33 -2.33 -27.70
CA GLY E 229 23.42 -3.00 -28.99
C GLY E 229 24.59 -2.47 -29.81
N ASN E 230 24.75 -1.15 -29.82
CA ASN E 230 25.83 -0.51 -30.58
C ASN E 230 27.21 -0.89 -30.06
N ALA E 231 27.36 -0.81 -28.74
CA ALA E 231 28.60 -1.22 -28.06
C ALA E 231 29.08 -2.57 -28.56
N GLY E 232 28.28 -3.61 -28.29
CA GLY E 232 28.62 -4.97 -28.73
C GLY E 232 28.95 -5.04 -30.20
N ALA E 233 28.19 -4.27 -30.98
CA ALA E 233 28.32 -4.26 -32.42
C ALA E 233 29.69 -3.79 -32.83
N PHE E 234 30.17 -2.76 -32.15
CA PHE E 234 31.48 -2.18 -32.43
C PHE E 234 32.62 -3.06 -31.94
N LEU E 235 32.40 -3.72 -30.82
CA LEU E 235 33.43 -4.57 -30.24
C LEU E 235 33.72 -5.79 -31.09
N CYS E 236 32.68 -6.41 -31.64
CA CYS E 236 32.91 -7.57 -32.50
C CYS E 236 33.14 -7.13 -33.94
N SER E 237 33.24 -5.81 -34.14
CA SER E 237 33.56 -5.20 -35.43
C SER E 237 35.07 -5.04 -35.60
N ASP E 238 35.53 -4.76 -36.81
CA ASP E 238 36.98 -4.63 -37.02
C ASP E 238 37.48 -3.29 -36.53
N LEU E 239 36.57 -2.36 -36.23
CA LEU E 239 36.98 -1.10 -35.63
C LEU E 239 37.67 -1.35 -34.29
N ALA E 240 37.19 -2.36 -33.57
CA ALA E 240 37.80 -2.80 -32.31
C ALA E 240 38.95 -3.74 -32.57
N SER E 241 39.85 -3.36 -33.47
CA SER E 241 40.94 -4.27 -33.81
C SER E 241 41.90 -4.40 -32.66
N GLY E 242 41.95 -3.37 -31.82
CA GLY E 242 42.91 -3.31 -30.74
C GLY E 242 42.33 -3.50 -29.34
N ILE E 243 41.04 -3.80 -29.27
CA ILE E 243 40.37 -3.98 -28.00
C ILE E 243 40.08 -5.45 -27.76
N SER E 244 40.77 -6.02 -26.77
CA SER E 244 40.49 -7.38 -26.33
C SER E 244 40.59 -7.42 -24.83
N GLY E 245 39.79 -8.29 -24.22
CA GLY E 245 39.86 -8.49 -22.79
C GLY E 245 39.23 -7.36 -22.00
N GLU E 246 38.47 -6.50 -22.69
CA GLU E 246 37.88 -5.32 -22.05
C GLU E 246 36.52 -5.57 -21.42
N ILE E 247 36.23 -4.87 -20.34
CA ILE E 247 34.88 -4.88 -19.80
C ILE E 247 34.30 -3.50 -20.01
N LEU E 248 33.42 -3.38 -21.00
CA LEU E 248 32.92 -2.07 -21.39
C LEU E 248 31.60 -1.79 -20.72
N TYR E 249 31.54 -0.70 -19.96
CA TYR E 249 30.32 -0.39 -19.24
C TYR E 249 29.50 0.61 -20.01
N VAL E 250 28.31 0.17 -20.41
CA VAL E 250 27.30 1.01 -21.00
C VAL E 250 26.20 1.19 -19.98
N ASP E 251 26.15 2.35 -19.33
CA ASP E 251 25.32 2.52 -18.13
C ASP E 251 25.12 3.97 -17.75
N GLY E 252 25.51 4.86 -18.64
CA GLY E 252 25.33 6.29 -18.43
C GLY E 252 26.27 6.88 -17.40
N GLY E 253 27.34 6.13 -17.09
CA GLY E 253 28.33 6.62 -16.15
C GLY E 253 28.05 6.28 -14.69
N PHE E 254 27.00 5.51 -14.46
CA PHE E 254 26.68 5.08 -13.10
C PHE E 254 27.87 4.33 -12.49
N ASN E 255 28.56 3.47 -13.27
CA ASN E 255 29.70 2.69 -12.75
C ASN E 255 30.69 3.64 -12.04
N THR E 256 30.83 4.88 -12.50
CA THR E 256 31.75 5.85 -11.85
C THR E 256 31.31 6.57 -10.57
N THR E 257 30.18 6.23 -9.97
CA THR E 257 29.74 7.01 -8.82
C THR E 257 29.63 6.16 -7.54
N ALA E 258 29.69 6.80 -6.39
CA ALA E 258 29.55 6.16 -5.10
C ALA E 258 28.26 6.67 -4.46
N MET E 259 28.05 7.96 -4.65
CA MET E 259 26.85 8.64 -4.16
C MET E 259 26.35 9.68 -5.16
N GLY F 2 48.51 -11.55 22.99
CA GLY F 2 48.68 -10.62 21.87
C GLY F 2 47.35 -9.99 21.53
N PHE F 3 47.24 -9.39 20.34
CA PHE F 3 45.97 -8.75 19.94
C PHE F 3 44.89 -9.73 19.57
N LEU F 4 44.96 -10.97 20.03
CA LEU F 4 43.94 -11.94 19.65
C LEU F 4 43.43 -12.75 20.83
N THR F 5 43.82 -12.35 22.03
CA THR F 5 43.41 -13.10 23.21
C THR F 5 41.89 -13.14 23.36
N GLY F 6 41.37 -14.28 23.82
CA GLY F 6 39.94 -14.46 23.96
C GLY F 6 39.30 -14.93 22.66
N LYS F 7 39.84 -14.48 21.54
CA LYS F 7 39.32 -14.90 20.26
C LYS F 7 39.44 -16.42 20.11
N ARG F 8 38.42 -17.04 19.53
CA ARG F 8 38.48 -18.45 19.18
C ARG F 8 38.36 -18.53 17.67
N ALA F 9 39.19 -19.33 17.02
CA ALA F 9 39.18 -19.42 15.56
C ALA F 9 39.12 -20.86 15.08
N LEU F 10 38.48 -21.08 13.94
CA LEU F 10 38.56 -22.36 13.24
C LEU F 10 39.36 -22.17 11.93
N ILE F 11 40.29 -23.07 11.65
CA ILE F 11 41.11 -22.91 10.46
C ILE F 11 40.94 -24.07 9.52
N VAL F 12 40.21 -23.80 8.45
CA VAL F 12 40.03 -24.75 7.37
C VAL F 12 41.22 -24.68 6.41
N GLY F 13 41.76 -25.82 6.01
CA GLY F 13 42.66 -25.84 4.88
C GLY F 13 44.13 -26.09 5.17
N VAL F 14 44.43 -26.51 6.41
CA VAL F 14 45.81 -26.85 6.79
C VAL F 14 46.30 -28.16 6.16
N ALA F 15 47.38 -28.10 5.37
CA ALA F 15 47.97 -29.31 4.78
C ALA F 15 49.49 -29.49 5.06
N SER F 16 50.25 -28.41 4.92
CA SER F 16 51.70 -28.50 5.05
C SER F 16 52.17 -27.70 6.23
N LYS F 17 53.48 -27.76 6.50
CA LYS F 17 54.06 -26.96 7.56
C LYS F 17 54.35 -25.56 7.07
N LEU F 18 54.69 -25.43 5.79
CA LEU F 18 55.03 -24.13 5.19
C LEU F 18 53.89 -23.65 4.32
N SER F 19 52.69 -24.03 4.72
CA SER F 19 51.47 -23.62 4.08
C SER F 19 51.16 -22.15 4.41
N ILE F 20 50.29 -21.50 3.63
CA ILE F 20 49.82 -20.15 4.00
C ILE F 20 48.71 -20.30 5.03
N ALA F 21 47.90 -21.35 4.89
CA ALA F 21 46.97 -21.74 5.94
C ALA F 21 47.75 -21.95 7.21
N SER F 22 48.80 -22.77 7.13
CA SER F 22 49.65 -23.08 8.29
C SER F 22 50.34 -21.83 8.81
N GLY F 23 50.63 -20.89 7.91
CA GLY F 23 51.25 -19.65 8.30
C GLY F 23 50.34 -18.79 9.15
N ILE F 24 49.06 -18.77 8.79
CA ILE F 24 48.10 -17.93 9.51
C ILE F 24 48.00 -18.49 10.92
N ALA F 25 47.96 -19.83 11.00
CA ALA F 25 47.74 -20.55 12.26
C ALA F 25 48.68 -20.12 13.36
N ALA F 26 49.99 -20.33 13.16
CA ALA F 26 51.00 -19.93 14.16
C ALA F 26 50.88 -18.45 14.55
N ALA F 27 50.64 -17.61 13.55
CA ALA F 27 50.49 -16.20 13.78
C ALA F 27 49.34 -15.91 14.73
N MET F 28 48.21 -16.59 14.56
CA MET F 28 47.05 -16.32 15.38
C MET F 28 47.35 -16.81 16.80
N HIS F 29 48.02 -17.94 16.92
CA HIS F 29 48.35 -18.51 18.22
C HIS F 29 49.30 -17.59 18.95
N ARG F 30 50.21 -16.99 18.19
CA ARG F 30 51.25 -16.14 18.77
C ARG F 30 50.61 -14.96 19.45
N GLU F 31 49.59 -14.42 18.79
CA GLU F 31 48.82 -13.30 19.33
C GLU F 31 47.77 -13.76 20.35
N GLY F 32 47.73 -15.07 20.62
CA GLY F 32 46.90 -15.61 21.68
C GLY F 32 45.50 -16.09 21.31
N ALA F 33 45.31 -16.52 20.09
CA ALA F 33 44.02 -17.05 19.75
C ALA F 33 43.94 -18.48 20.22
N GLU F 34 42.72 -18.97 20.44
CA GLU F 34 42.54 -20.36 20.74
C GLU F 34 41.99 -20.97 19.46
N LEU F 35 42.76 -21.86 18.82
CA LEU F 35 42.38 -22.37 17.50
C LEU F 35 41.78 -23.75 17.55
N ALA F 36 41.00 -24.08 16.52
CA ALA F 36 40.58 -25.46 16.27
C ALA F 36 40.65 -25.71 14.76
N PHE F 37 40.83 -26.97 14.36
CA PHE F 37 41.18 -27.25 12.97
C PHE F 37 40.32 -28.30 12.28
N THR F 38 40.30 -28.25 10.95
CA THR F 38 39.76 -29.33 10.17
C THR F 38 40.84 -29.92 9.29
N TYR F 39 40.96 -31.25 9.33
CA TYR F 39 41.78 -31.99 8.39
C TYR F 39 40.88 -32.46 7.26
N GLN F 40 41.35 -32.28 6.03
CA GLN F 40 40.53 -32.42 4.84
C GLN F 40 40.04 -33.85 4.66
N ASN F 41 40.73 -34.79 5.29
CA ASN F 41 40.35 -36.20 5.25
C ASN F 41 41.19 -37.02 6.23
N ASP F 42 40.90 -38.31 6.32
CA ASP F 42 41.60 -39.19 7.24
C ASP F 42 43.07 -39.40 6.90
N LYS F 43 43.44 -39.21 5.64
CA LYS F 43 44.82 -39.51 5.28
C LYS F 43 45.76 -38.41 5.72
N LEU F 44 45.21 -37.37 6.34
CA LEU F 44 45.97 -36.22 6.86
C LEU F 44 45.69 -35.95 8.33
N ARG F 45 45.10 -36.92 9.01
CA ARG F 45 44.54 -36.64 10.34
C ARG F 45 45.61 -36.33 11.33
N GLY F 46 46.55 -37.26 11.47
CA GLY F 46 47.64 -37.14 12.43
C GLY F 46 48.61 -36.01 12.12
N ARG F 47 48.72 -35.67 10.85
CA ARG F 47 49.58 -34.58 10.44
C ARG F 47 49.03 -33.24 10.94
N VAL F 48 47.73 -33.03 10.75
CA VAL F 48 47.10 -31.81 11.25
C VAL F 48 47.02 -31.86 12.76
N GLU F 49 46.85 -33.06 13.32
CA GLU F 49 46.78 -33.18 14.77
C GLU F 49 48.11 -32.86 15.42
N GLU F 50 49.21 -33.07 14.70
CA GLU F 50 50.53 -32.75 15.22
C GLU F 50 50.65 -31.25 15.27
N PHE F 51 50.30 -30.64 14.13
CA PHE F 51 50.44 -29.21 13.93
C PHE F 51 49.53 -28.46 14.90
N ALA F 52 48.26 -28.86 14.94
CA ALA F 52 47.31 -28.36 15.91
C ALA F 52 47.85 -28.46 17.33
N SER F 53 48.51 -29.56 17.64
CA SER F 53 48.99 -29.78 19.00
C SER F 53 50.20 -28.91 19.33
N GLY F 54 50.81 -28.32 18.29
CA GLY F 54 51.90 -27.39 18.48
C GLY F 54 51.39 -25.97 18.66
N TRP F 55 50.16 -25.71 18.24
CA TRP F 55 49.55 -24.39 18.32
C TRP F 55 48.51 -24.28 19.44
N GLY F 56 48.85 -24.77 20.64
CA GLY F 56 48.00 -24.63 21.82
C GLY F 56 46.60 -25.19 21.61
N SER F 57 46.55 -26.32 20.90
CA SER F 57 45.30 -27.02 20.62
C SER F 57 45.55 -28.51 20.90
N ARG F 58 44.48 -29.30 20.88
CA ARG F 58 44.57 -30.72 21.20
C ARG F 58 43.97 -31.52 20.04
N PRO F 59 44.33 -32.83 19.92
CA PRO F 59 43.69 -33.64 18.88
C PRO F 59 42.19 -33.50 18.92
N GLU F 60 41.65 -33.43 20.14
CA GLU F 60 40.22 -33.34 20.37
C GLU F 60 39.57 -32.17 19.64
N LEU F 61 40.37 -31.16 19.31
CA LEU F 61 39.85 -29.94 18.70
C LEU F 61 40.06 -29.94 17.19
N CYS F 62 40.31 -31.11 16.64
CA CYS F 62 40.41 -31.25 15.18
C CYS F 62 39.28 -32.11 14.65
N PHE F 63 38.59 -31.62 13.64
CA PHE F 63 37.42 -32.32 13.14
C PHE F 63 37.56 -32.67 11.64
N PRO F 64 36.76 -33.61 11.13
CA PRO F 64 36.97 -33.98 9.73
C PRO F 64 36.00 -33.27 8.80
N CYS F 65 36.48 -32.84 7.64
CA CYS F 65 35.66 -32.11 6.68
C CYS F 65 36.28 -32.00 5.30
N ASP F 66 35.59 -32.54 4.30
CA ASP F 66 35.92 -32.27 2.91
C ASP F 66 34.92 -31.21 2.49
N VAL F 67 35.37 -29.98 2.26
CA VAL F 67 34.44 -28.89 2.02
C VAL F 67 33.56 -29.08 0.78
N ALA F 68 33.74 -30.18 0.09
CA ALA F 68 32.94 -30.54 -1.08
C ALA F 68 31.55 -31.04 -0.67
N ASP F 69 31.44 -31.57 0.55
CA ASP F 69 30.17 -32.09 1.04
C ASP F 69 29.54 -31.20 2.09
N ASP F 70 28.26 -30.90 1.92
CA ASP F 70 27.52 -30.04 2.84
C ASP F 70 27.48 -30.59 4.26
N SER F 71 27.15 -31.87 4.39
CA SER F 71 26.80 -32.35 5.71
C SER F 71 28.03 -32.65 6.54
N GLN F 72 29.17 -32.87 5.88
CA GLN F 72 30.41 -32.98 6.62
C GLN F 72 30.69 -31.64 7.28
N ILE F 73 30.58 -30.57 6.50
CA ILE F 73 30.78 -29.20 6.99
C ILE F 73 29.92 -28.90 8.22
N GLU F 74 28.61 -29.08 8.08
CA GLU F 74 27.69 -28.83 9.18
C GLU F 74 28.09 -29.61 10.43
N ALA F 75 28.47 -30.87 10.23
CA ALA F 75 28.90 -31.75 11.33
C ALA F 75 30.06 -31.12 12.11
N VAL F 76 30.98 -30.48 11.39
CA VAL F 76 32.15 -29.89 12.02
C VAL F 76 31.74 -28.86 13.04
N PHE F 77 30.69 -28.11 12.78
CA PHE F 77 30.33 -27.08 13.73
C PHE F 77 29.59 -27.67 14.95
N ALA F 78 28.77 -28.69 14.73
CA ALA F 78 28.08 -29.33 15.84
C ALA F 78 29.08 -29.89 16.83
N ALA F 79 30.13 -30.49 16.27
CA ALA F 79 31.23 -31.02 17.07
C ALA F 79 31.91 -29.91 17.84
N LEU F 80 32.11 -28.77 17.19
CA LEU F 80 32.77 -27.65 17.85
C LEU F 80 31.84 -27.03 18.88
N GLY F 81 30.55 -27.15 18.67
CA GLY F 81 29.56 -26.55 19.57
C GLY F 81 29.35 -27.31 20.87
N LYS F 82 30.14 -28.36 21.07
CA LYS F 82 30.05 -29.10 22.31
C LYS F 82 31.27 -28.84 23.20
N HIS F 83 32.25 -28.12 22.64
CA HIS F 83 33.39 -27.58 23.39
C HIS F 83 33.20 -26.08 23.61
N TRP F 84 33.04 -25.33 22.52
CA TRP F 84 32.89 -23.88 22.58
C TRP F 84 31.45 -23.42 22.51
N ASP F 85 31.10 -22.45 23.33
CA ASP F 85 29.76 -21.90 23.31
C ASP F 85 29.56 -20.84 22.22
N GLY F 86 30.61 -20.58 21.45
CA GLY F 86 30.52 -19.62 20.37
C GLY F 86 31.82 -19.27 19.70
N LEU F 87 31.84 -19.33 18.37
CA LEU F 87 33.03 -19.03 17.54
C LEU F 87 33.20 -17.55 17.17
N ASP F 88 34.44 -17.11 17.01
CA ASP F 88 34.71 -15.75 16.53
C ASP F 88 35.18 -15.68 15.08
N ILE F 89 36.07 -16.60 14.70
CA ILE F 89 36.74 -16.48 13.42
C ILE F 89 36.66 -17.76 12.60
N ILE F 90 36.56 -17.60 11.28
CA ILE F 90 36.78 -18.70 10.35
C ILE F 90 37.79 -18.25 9.31
N VAL F 91 38.80 -19.10 9.09
CA VAL F 91 39.77 -18.87 8.04
C VAL F 91 39.60 -19.94 6.97
N HIS F 92 39.77 -19.55 5.72
CA HIS F 92 39.49 -20.43 4.61
C HIS F 92 40.62 -20.44 3.59
N SER F 93 41.59 -21.32 3.81
CA SER F 93 42.69 -21.50 2.89
C SER F 93 42.67 -22.85 2.20
N VAL F 94 41.73 -23.05 1.28
CA VAL F 94 41.65 -24.26 0.46
C VAL F 94 41.39 -23.86 -0.97
N GLY F 95 42.42 -23.91 -1.81
CA GLY F 95 42.23 -23.59 -3.22
C GLY F 95 42.53 -24.80 -4.07
N PHE F 96 41.51 -25.53 -4.50
CA PHE F 96 41.74 -26.73 -5.32
C PHE F 96 41.00 -26.71 -6.66
N ALA F 97 41.58 -27.41 -7.62
CA ALA F 97 41.03 -27.63 -8.94
C ALA F 97 41.76 -28.83 -9.56
N PRO F 98 41.02 -29.70 -10.29
CA PRO F 98 41.62 -30.91 -10.84
C PRO F 98 42.84 -30.57 -11.69
N GLY F 99 44.02 -31.03 -11.27
CA GLY F 99 45.28 -30.71 -11.92
C GLY F 99 45.21 -30.51 -13.42
N ASP F 100 44.43 -31.33 -14.12
CA ASP F 100 44.36 -31.23 -15.58
C ASP F 100 43.64 -29.95 -16.07
N GLN F 101 43.00 -29.24 -15.15
CA GLN F 101 42.31 -27.98 -15.43
C GLN F 101 43.28 -26.80 -15.35
N LEU F 102 44.45 -27.08 -14.77
CA LEU F 102 45.59 -26.14 -14.67
C LEU F 102 46.84 -26.72 -15.35
N ASP F 103 47.27 -26.20 -16.49
CA ASP F 103 48.53 -26.45 -17.26
C ASP F 103 48.16 -26.97 -18.63
N GLY F 104 48.28 -26.03 -19.56
CA GLY F 104 48.07 -26.19 -20.97
C GLY F 104 47.51 -24.88 -21.48
N ASP F 105 47.00 -24.89 -22.71
CA ASP F 105 46.24 -23.73 -23.16
C ASP F 105 45.03 -23.59 -22.22
N PHE F 106 44.50 -22.38 -22.06
CA PHE F 106 43.31 -22.21 -21.22
C PHE F 106 42.12 -22.90 -21.89
N THR F 107 41.71 -22.37 -23.03
CA THR F 107 40.54 -22.86 -23.77
C THR F 107 40.62 -24.33 -24.10
N ALA F 108 41.84 -24.79 -24.37
CA ALA F 108 42.02 -26.19 -24.67
C ALA F 108 41.74 -27.03 -23.42
N VAL F 109 42.46 -26.78 -22.33
CA VAL F 109 42.47 -27.71 -21.21
C VAL F 109 41.25 -27.53 -20.27
N THR F 110 40.53 -26.41 -20.39
CA THR F 110 39.40 -26.14 -19.50
C THR F 110 38.14 -26.95 -19.84
N THR F 111 37.69 -27.75 -18.88
CA THR F 111 36.51 -28.60 -19.04
C THR F 111 35.39 -28.15 -18.12
N ARG F 112 34.18 -28.59 -18.41
CA ARG F 112 33.01 -28.22 -17.62
C ARG F 112 33.11 -28.75 -16.22
N GLU F 113 33.40 -30.05 -16.11
CA GLU F 113 33.48 -30.72 -14.83
C GLU F 113 34.54 -30.06 -13.93
N GLY F 114 35.72 -29.83 -14.50
CA GLY F 114 36.77 -29.11 -13.80
C GLY F 114 36.29 -27.75 -13.33
N PHE F 115 35.59 -27.05 -14.21
CA PHE F 115 35.03 -25.73 -13.87
C PHE F 115 34.18 -25.75 -12.61
N ARG F 116 33.19 -26.65 -12.57
CA ARG F 116 32.29 -26.77 -11.43
C ARG F 116 33.05 -27.13 -10.17
N ILE F 117 33.83 -28.20 -10.26
CA ILE F 117 34.71 -28.61 -9.19
C ILE F 117 35.49 -27.41 -8.68
N ALA F 118 36.30 -26.85 -9.58
CA ALA F 118 37.18 -25.71 -9.29
C ALA F 118 36.48 -24.57 -8.54
N HIS F 119 35.19 -24.39 -8.80
CA HIS F 119 34.41 -23.38 -8.10
C HIS F 119 33.82 -23.93 -6.83
N ASP F 120 33.51 -25.22 -6.85
CA ASP F 120 32.93 -25.88 -5.68
C ASP F 120 33.87 -25.70 -4.49
N ILE F 121 35.03 -26.33 -4.56
CA ILE F 121 36.04 -26.23 -3.51
C ILE F 121 36.56 -24.79 -3.25
N SER F 122 37.17 -24.20 -4.28
CA SER F 122 37.91 -22.95 -4.11
C SER F 122 37.08 -21.72 -3.85
N ALA F 123 35.77 -21.83 -3.98
CA ALA F 123 34.95 -20.62 -3.97
C ALA F 123 33.61 -20.75 -3.28
N TYR F 124 32.93 -21.88 -3.42
CA TYR F 124 31.65 -22.02 -2.71
C TYR F 124 31.89 -22.25 -1.21
N SER F 125 32.81 -23.16 -0.88
CA SER F 125 33.13 -23.55 0.50
C SER F 125 33.19 -22.39 1.50
N PHE F 126 33.83 -21.29 1.13
CA PHE F 126 33.74 -20.08 1.94
C PHE F 126 32.29 -19.72 2.28
N ILE F 127 31.39 -19.80 1.30
CA ILE F 127 29.98 -19.45 1.53
C ILE F 127 29.33 -20.49 2.47
N ALA F 128 29.50 -21.77 2.16
CA ALA F 128 28.99 -22.82 3.04
C ALA F 128 29.36 -22.56 4.50
N LEU F 129 30.65 -22.29 4.74
CA LEU F 129 31.22 -22.04 6.08
C LEU F 129 30.68 -20.77 6.73
N ALA F 130 30.52 -19.73 5.92
CA ALA F 130 29.92 -18.50 6.40
C ALA F 130 28.52 -18.82 6.88
N LYS F 131 27.80 -19.61 6.08
CA LYS F 131 26.49 -20.14 6.49
C LYS F 131 26.65 -20.95 7.78
N ALA F 132 26.83 -22.27 7.64
CA ALA F 132 26.82 -23.24 8.75
C ALA F 132 27.33 -22.76 10.14
N GLY F 133 28.32 -21.87 10.16
CA GLY F 133 28.81 -21.37 11.43
C GLY F 133 28.15 -20.07 11.86
N ARG F 134 27.23 -19.57 11.04
CA ARG F 134 26.60 -18.28 11.30
C ARG F 134 25.95 -18.22 12.67
N GLU F 135 25.34 -19.33 13.08
CA GLU F 135 24.73 -19.42 14.41
C GLU F 135 25.79 -19.18 15.47
N MET F 136 26.86 -19.99 15.51
CA MET F 136 27.89 -19.86 16.54
C MET F 136 28.57 -18.50 16.54
N MET F 137 28.52 -17.81 15.41
CA MET F 137 29.16 -16.51 15.28
C MET F 137 28.24 -15.40 15.76
N LYS F 138 26.97 -15.73 15.99
CA LYS F 138 25.98 -14.75 16.44
C LYS F 138 26.35 -14.14 17.79
N GLY F 139 26.48 -12.82 17.84
CA GLY F 139 26.77 -12.14 19.09
C GLY F 139 28.25 -11.86 19.36
N ARG F 140 29.14 -12.55 18.65
CA ARG F 140 30.58 -12.50 18.93
C ARG F 140 31.29 -11.29 18.34
N ASN F 141 30.69 -10.66 17.33
CA ASN F 141 31.32 -9.56 16.57
C ASN F 141 32.70 -9.95 16.08
N GLY F 142 32.71 -10.95 15.20
CA GLY F 142 33.94 -11.55 14.71
C GLY F 142 34.02 -11.46 13.21
N SER F 143 34.82 -12.35 12.61
CA SER F 143 35.23 -12.18 11.22
C SER F 143 35.38 -13.49 10.47
N LEU F 144 35.39 -13.39 9.14
CA LEU F 144 35.71 -14.49 8.25
C LEU F 144 36.84 -14.06 7.34
N LEU F 145 37.89 -14.87 7.24
CA LEU F 145 39.01 -14.56 6.35
C LEU F 145 39.19 -15.65 5.35
N THR F 146 39.29 -15.29 4.06
CA THR F 146 39.58 -16.24 2.98
C THR F 146 40.91 -15.87 2.31
N LEU F 147 41.38 -16.68 1.35
CA LEU F 147 42.62 -16.38 0.61
C LEU F 147 42.44 -16.30 -0.89
N SER F 148 42.94 -15.24 -1.51
CA SER F 148 42.72 -15.11 -2.93
C SER F 148 44.06 -14.94 -3.62
N TYR F 149 44.03 -14.47 -4.87
CA TYR F 149 45.24 -14.36 -5.64
C TYR F 149 45.05 -13.47 -6.86
N LEU F 150 46.06 -12.65 -7.14
CA LEU F 150 46.11 -11.76 -8.31
C LEU F 150 45.48 -12.35 -9.59
N GLY F 151 45.47 -13.66 -9.71
CA GLY F 151 44.82 -14.31 -10.85
C GLY F 151 43.36 -13.93 -11.01
N ALA F 152 42.74 -13.52 -9.91
CA ALA F 152 41.35 -13.10 -9.94
C ALA F 152 41.15 -11.93 -10.87
N GLU F 153 42.20 -11.14 -11.11
CA GLU F 153 41.98 -9.89 -11.85
C GLU F 153 42.88 -9.75 -13.05
N ARG F 154 43.96 -10.51 -13.09
CA ARG F 154 44.86 -10.44 -14.23
C ARG F 154 45.37 -11.84 -14.57
N THR F 155 45.92 -12.01 -15.76
CA THR F 155 46.09 -13.35 -16.27
C THR F 155 47.52 -13.84 -16.32
N MET F 156 47.75 -14.93 -15.61
CA MET F 156 49.04 -15.59 -15.55
C MET F 156 48.86 -16.91 -16.31
N PRO F 157 49.89 -17.33 -17.08
CA PRO F 157 49.68 -18.64 -17.73
C PRO F 157 49.40 -19.71 -16.69
N ASN F 158 48.57 -20.68 -17.05
CA ASN F 158 48.42 -21.92 -16.29
C ASN F 158 47.62 -21.84 -15.00
N TYR F 159 47.43 -20.66 -14.42
CA TYR F 159 46.41 -20.53 -13.38
C TYR F 159 45.04 -20.98 -13.95
N ASN F 160 44.77 -20.51 -15.17
CA ASN F 160 43.61 -20.95 -15.93
C ASN F 160 42.33 -20.76 -15.18
N VAL F 161 41.55 -21.82 -15.05
CA VAL F 161 40.21 -21.72 -14.49
C VAL F 161 40.22 -21.15 -13.06
N MET F 162 41.34 -21.30 -12.35
CA MET F 162 41.41 -20.85 -10.94
C MET F 162 41.14 -19.36 -10.77
N GLY F 163 41.53 -18.57 -11.78
CA GLY F 163 41.25 -17.13 -11.79
C GLY F 163 39.77 -16.86 -11.65
N MET F 164 38.97 -17.49 -12.50
CA MET F 164 37.52 -17.45 -12.36
C MET F 164 37.06 -17.86 -10.95
N ALA F 165 37.62 -18.96 -10.43
CA ALA F 165 37.22 -19.49 -9.11
C ALA F 165 37.50 -18.51 -7.97
N LYS F 166 38.67 -17.86 -8.02
CA LYS F 166 39.01 -16.78 -7.10
C LYS F 166 38.24 -15.49 -7.37
N ALA F 167 38.07 -15.15 -8.64
CA ALA F 167 37.25 -14.00 -9.04
C ALA F 167 35.86 -14.03 -8.38
N SER F 168 35.27 -15.22 -8.33
CA SER F 168 33.97 -15.39 -7.67
C SER F 168 34.11 -15.34 -6.15
N LEU F 169 35.19 -15.90 -5.61
CA LEU F 169 35.40 -15.87 -4.17
C LEU F 169 35.46 -14.45 -3.65
N GLU F 170 36.20 -13.60 -4.33
CA GLU F 170 36.36 -12.23 -3.87
C GLU F 170 35.01 -11.51 -3.95
N ALA F 171 34.30 -11.82 -5.03
CA ALA F 171 32.93 -11.36 -5.17
C ALA F 171 32.12 -11.85 -3.98
N GLY F 172 32.31 -13.11 -3.64
CA GLY F 172 31.69 -13.71 -2.47
C GLY F 172 32.06 -12.96 -1.21
N VAL F 173 33.31 -12.54 -1.10
CA VAL F 173 33.72 -11.81 0.08
C VAL F 173 32.86 -10.58 0.20
N ARG F 174 32.77 -9.81 -0.89
CA ARG F 174 32.01 -8.57 -0.91
C ARG F 174 30.52 -8.77 -0.59
N TYR F 175 29.92 -9.80 -1.16
CA TYR F 175 28.52 -10.05 -0.85
C TYR F 175 28.34 -10.49 0.61
N LEU F 176 29.18 -11.40 1.08
CA LEU F 176 29.14 -11.83 2.49
C LEU F 176 29.26 -10.63 3.44
N ALA F 177 30.28 -9.80 3.22
CA ALA F 177 30.50 -8.61 4.04
C ALA F 177 29.23 -7.80 4.19
N GLY F 178 28.38 -7.82 3.16
CA GLY F 178 27.22 -6.95 3.14
C GLY F 178 25.98 -7.57 3.75
N SER F 179 26.02 -8.90 3.94
CA SER F 179 24.88 -9.57 4.52
C SER F 179 25.17 -9.90 5.97
N LEU F 180 26.34 -10.50 6.22
CA LEU F 180 26.71 -10.88 7.59
C LEU F 180 27.10 -9.65 8.39
N GLY F 181 27.01 -8.48 7.77
CA GLY F 181 27.53 -7.27 8.40
C GLY F 181 26.60 -6.56 9.35
N ALA F 182 25.31 -6.90 9.32
CA ALA F 182 24.34 -6.33 10.24
C ALA F 182 24.64 -6.77 11.66
N GLU F 183 24.73 -8.09 11.86
CA GLU F 183 25.02 -8.69 13.16
C GLU F 183 26.47 -8.49 13.59
N GLY F 184 27.30 -7.99 12.69
CA GLY F 184 28.65 -7.58 13.06
C GLY F 184 29.77 -8.46 12.55
N THR F 185 29.45 -9.44 11.71
CA THR F 185 30.50 -10.22 11.12
C THR F 185 31.21 -9.35 10.08
N ARG F 186 32.54 -9.45 10.06
CA ARG F 186 33.31 -8.92 8.95
C ARG F 186 33.78 -10.06 8.05
N VAL F 187 34.01 -9.76 6.78
CA VAL F 187 34.46 -10.74 5.82
C VAL F 187 35.57 -10.15 4.95
N ASN F 188 36.77 -10.70 5.03
CA ASN F 188 37.90 -10.14 4.30
C ASN F 188 38.68 -11.22 3.58
N ALA F 189 39.68 -10.80 2.80
CA ALA F 189 40.53 -11.75 2.12
C ALA F 189 41.94 -11.25 2.16
N VAL F 190 42.89 -12.17 2.10
CA VAL F 190 44.29 -11.81 1.96
C VAL F 190 44.76 -12.41 0.65
N SER F 191 45.23 -11.56 -0.26
CA SER F 191 45.62 -12.01 -1.59
C SER F 191 47.13 -12.01 -1.68
N ALA F 192 47.73 -13.18 -1.75
CA ALA F 192 49.15 -13.27 -1.48
C ALA F 192 49.99 -13.48 -2.70
N GLY F 193 51.25 -13.12 -2.58
CA GLY F 193 52.16 -13.30 -3.68
C GLY F 193 52.61 -14.74 -3.70
N PRO F 194 53.46 -15.08 -4.68
CA PRO F 194 54.03 -16.42 -4.72
C PRO F 194 55.19 -16.54 -3.73
N ILE F 195 55.37 -17.76 -3.22
CA ILE F 195 56.34 -18.00 -2.17
C ILE F 195 57.36 -19.02 -2.64
N ARG F 196 58.38 -19.25 -1.81
CA ARG F 196 59.55 -20.04 -2.17
C ARG F 196 59.33 -21.52 -1.86
N LEU F 210 58.81 -18.21 -11.36
CA LEU F 210 59.20 -17.10 -10.48
C LEU F 210 60.40 -16.32 -11.07
N ALA F 211 61.34 -15.97 -10.20
CA ALA F 211 62.63 -15.36 -10.58
C ALA F 211 62.51 -13.94 -11.11
N ALA F 212 61.89 -13.80 -12.27
CA ALA F 212 61.63 -12.47 -12.83
C ALA F 212 60.58 -11.73 -11.97
N ASN F 213 59.70 -12.47 -11.30
CA ASN F 213 58.73 -11.87 -10.38
C ASN F 213 59.44 -11.18 -9.23
N GLU F 214 60.48 -11.81 -8.70
CA GLU F 214 61.25 -11.23 -7.61
C GLU F 214 61.83 -9.85 -7.99
N ARG F 215 62.33 -9.65 -9.21
CA ARG F 215 62.99 -8.36 -9.49
C ARG F 215 62.09 -7.28 -10.10
N GLN F 216 60.89 -7.65 -10.54
CA GLN F 216 59.81 -6.71 -10.75
C GLN F 216 59.02 -6.30 -9.48
N THR F 217 58.89 -7.20 -8.53
CA THR F 217 58.13 -6.82 -7.33
C THR F 217 58.85 -5.72 -6.58
N PRO F 218 58.13 -4.66 -6.22
CA PRO F 218 58.69 -3.51 -5.50
C PRO F 218 59.60 -3.84 -4.32
N LEU F 219 59.23 -4.75 -3.43
CA LEU F 219 60.12 -5.06 -2.32
C LEU F 219 61.31 -5.91 -2.77
N ARG F 220 61.28 -6.33 -4.04
CA ARG F 220 62.35 -7.10 -4.68
C ARG F 220 62.63 -8.46 -4.06
N ARG F 221 61.60 -9.06 -3.46
CA ARG F 221 61.67 -10.43 -2.97
C ARG F 221 60.26 -11.01 -2.95
N ASN F 222 60.10 -12.32 -2.83
CA ASN F 222 58.77 -12.86 -2.58
C ASN F 222 58.38 -12.56 -1.16
N VAL F 223 57.10 -12.75 -0.84
CA VAL F 223 56.68 -12.70 0.56
C VAL F 223 56.82 -14.07 1.20
N THR F 224 56.75 -14.10 2.54
CA THR F 224 56.90 -15.33 3.32
C THR F 224 55.55 -15.78 3.90
N ILE F 225 55.49 -17.00 4.43
CA ILE F 225 54.23 -17.43 5.03
C ILE F 225 54.01 -16.59 6.29
N GLU F 226 55.06 -16.00 6.86
CA GLU F 226 54.94 -15.23 8.13
C GLU F 226 54.38 -13.83 7.97
N GLU F 227 54.43 -13.36 6.73
CA GLU F 227 54.00 -12.01 6.47
C GLU F 227 52.52 -12.03 6.09
N VAL F 228 52.05 -13.19 5.60
CA VAL F 228 50.63 -13.35 5.28
C VAL F 228 49.89 -13.77 6.55
N GLY F 229 50.57 -14.55 7.39
CA GLY F 229 49.98 -15.01 8.64
C GLY F 229 49.63 -13.80 9.48
N ASN F 230 50.61 -12.91 9.61
CA ASN F 230 50.40 -11.61 10.23
C ASN F 230 49.27 -10.83 9.60
N ALA F 231 49.27 -10.71 8.28
CA ALA F 231 48.27 -9.87 7.64
C ALA F 231 46.89 -10.42 7.91
N GLY F 232 46.80 -11.74 8.02
CA GLY F 232 45.52 -12.40 8.30
C GLY F 232 45.11 -12.19 9.74
N ALA F 233 46.03 -12.45 10.67
CA ALA F 233 45.75 -12.30 12.08
C ALA F 233 45.26 -10.90 12.36
N PHE F 234 45.87 -9.90 11.74
CA PHE F 234 45.40 -8.53 11.89
C PHE F 234 43.96 -8.42 11.41
N LEU F 235 43.65 -9.05 10.27
CA LEU F 235 42.32 -8.89 9.68
C LEU F 235 41.24 -9.65 10.44
N CYS F 236 41.64 -10.57 11.30
CA CYS F 236 40.64 -11.27 12.07
C CYS F 236 40.54 -10.75 13.51
N SER F 237 41.19 -9.61 13.79
CA SER F 237 41.26 -9.10 15.15
C SER F 237 40.51 -7.79 15.29
N ASP F 238 40.14 -7.45 16.54
CA ASP F 238 39.39 -6.20 16.78
C ASP F 238 40.20 -4.96 16.37
N LEU F 239 41.39 -5.14 15.81
CA LEU F 239 42.17 -4.03 15.28
C LEU F 239 41.60 -3.58 13.91
N ALA F 240 41.10 -4.54 13.13
CA ALA F 240 40.53 -4.27 11.81
C ALA F 240 39.02 -4.33 11.85
N SER F 241 38.41 -3.80 12.92
CA SER F 241 36.96 -3.83 13.12
C SER F 241 36.28 -2.69 12.37
N GLY F 242 37.09 -1.90 11.67
CA GLY F 242 36.58 -0.90 10.77
C GLY F 242 36.80 -1.41 9.35
N ILE F 243 37.23 -2.66 9.26
CA ILE F 243 37.67 -3.18 7.98
C ILE F 243 36.86 -4.40 7.55
N SER F 244 36.06 -4.25 6.50
CA SER F 244 35.36 -5.39 5.95
C SER F 244 35.21 -5.29 4.45
N GLY F 245 34.93 -6.42 3.81
CA GLY F 245 34.78 -6.50 2.37
C GLY F 245 36.08 -6.25 1.65
N GLU F 246 37.19 -6.30 2.38
CA GLU F 246 38.49 -5.91 1.84
C GLU F 246 39.35 -7.08 1.29
N ILE F 247 39.91 -6.88 0.11
CA ILE F 247 40.96 -7.75 -0.40
C ILE F 247 42.35 -7.19 -0.06
N LEU F 248 42.96 -7.65 1.03
CA LEU F 248 44.30 -7.19 1.40
C LEU F 248 45.38 -7.92 0.60
N TYR F 249 46.13 -7.18 -0.21
CA TYR F 249 47.27 -7.78 -0.89
C TYR F 249 48.48 -7.93 0.03
N VAL F 250 49.13 -9.07 -0.05
CA VAL F 250 50.39 -9.26 0.66
C VAL F 250 51.36 -9.89 -0.31
N ASP F 251 51.70 -9.12 -1.34
CA ASP F 251 52.80 -9.40 -2.25
C ASP F 251 53.75 -8.23 -2.06
N GLY F 252 54.92 -8.25 -2.67
CA GLY F 252 55.85 -7.18 -2.35
C GLY F 252 55.40 -5.85 -2.92
N GLY F 253 54.15 -5.78 -3.35
CA GLY F 253 53.66 -4.62 -4.08
C GLY F 253 53.54 -4.95 -5.56
N PHE F 254 53.87 -6.20 -5.91
CA PHE F 254 53.81 -6.68 -7.30
C PHE F 254 52.40 -6.63 -7.89
N ASN F 255 51.37 -6.51 -7.07
CA ASN F 255 50.04 -6.40 -7.67
C ASN F 255 49.90 -5.05 -8.35
N THR F 256 50.79 -4.14 -8.02
CA THR F 256 50.68 -2.76 -8.48
C THR F 256 51.67 -2.45 -9.58
N THR F 257 52.20 -3.48 -10.22
CA THR F 257 53.16 -3.24 -11.30
C THR F 257 52.61 -3.52 -12.71
N ALA F 258 53.51 -3.50 -13.68
CA ALA F 258 53.13 -3.71 -15.08
C ALA F 258 54.31 -4.12 -15.92
N MET F 259 55.51 -3.68 -15.54
CA MET F 259 56.74 -4.11 -16.21
C MET F 259 57.92 -4.19 -15.22
N GLY G 2 30.07 8.63 -42.79
CA GLY G 2 30.34 7.72 -41.69
C GLY G 2 29.47 7.98 -40.47
N PHE G 3 29.78 7.35 -39.34
CA PHE G 3 28.91 7.47 -38.17
C PHE G 3 29.17 8.74 -37.37
N LEU G 4 29.96 9.65 -37.94
CA LEU G 4 30.23 10.95 -37.33
C LEU G 4 29.80 12.10 -38.25
N THR G 5 29.06 11.76 -39.31
CA THR G 5 28.57 12.76 -40.25
C THR G 5 27.63 13.79 -39.60
N GLY G 6 27.91 15.07 -39.83
CA GLY G 6 27.11 16.12 -39.23
C GLY G 6 27.75 16.56 -37.93
N LYS G 7 28.78 15.84 -37.52
CA LYS G 7 29.46 16.15 -36.27
C LYS G 7 30.59 17.10 -36.52
N ARG G 8 30.84 17.98 -35.56
CA ARG G 8 31.95 18.91 -35.64
C ARG G 8 32.91 18.77 -34.43
N ALA G 9 34.20 18.59 -34.71
CA ALA G 9 35.18 18.33 -33.64
C ALA G 9 36.31 19.35 -33.60
N LEU G 10 36.67 19.73 -32.37
CA LEU G 10 37.91 20.46 -32.12
C LEU G 10 38.94 19.47 -31.60
N ILE G 11 40.00 19.28 -32.38
CA ILE G 11 41.00 18.35 -31.95
C ILE G 11 42.19 19.08 -31.39
N VAL G 12 42.48 18.82 -30.11
CA VAL G 12 43.60 19.45 -29.42
C VAL G 12 44.74 18.47 -29.13
N GLY G 13 45.95 18.83 -29.58
CA GLY G 13 47.14 18.03 -29.31
C GLY G 13 47.83 17.41 -30.51
N VAL G 14 47.48 17.84 -31.71
CA VAL G 14 48.18 17.40 -32.89
C VAL G 14 49.57 18.05 -32.93
N ALA G 15 50.59 17.25 -33.16
CA ALA G 15 51.91 17.83 -33.36
C ALA G 15 52.75 16.92 -34.28
N SER G 16 52.26 15.70 -34.49
CA SER G 16 52.89 14.80 -35.45
C SER G 16 51.86 14.03 -36.25
N LYS G 17 52.23 13.66 -37.46
CA LYS G 17 51.40 12.81 -38.30
C LYS G 17 51.31 11.36 -37.75
N LEU G 18 52.15 11.01 -36.78
CA LEU G 18 52.02 9.71 -36.14
C LEU G 18 51.81 9.93 -34.63
N SER G 19 50.92 10.86 -34.31
CA SER G 19 50.44 11.03 -32.95
C SER G 19 49.34 9.98 -32.77
N ILE G 20 48.76 9.94 -31.58
CA ILE G 20 47.56 9.18 -31.40
C ILE G 20 46.46 10.10 -31.87
N ALA G 21 46.71 11.39 -31.69
CA ALA G 21 45.77 12.41 -32.13
C ALA G 21 45.62 12.39 -33.63
N SER G 22 46.70 12.05 -34.32
CA SER G 22 46.72 12.13 -35.77
C SER G 22 46.02 10.97 -36.43
N GLY G 23 45.69 9.98 -35.61
CA GLY G 23 44.96 8.83 -36.09
C GLY G 23 43.51 9.00 -35.72
N ILE G 24 43.27 9.80 -34.68
CA ILE G 24 41.92 10.14 -34.29
C ILE G 24 41.34 11.06 -35.35
N ALA G 25 41.94 12.24 -35.50
CA ALA G 25 41.55 13.18 -36.55
C ALA G 25 41.36 12.48 -37.90
N ALA G 26 42.33 11.65 -38.27
CA ALA G 26 42.31 11.02 -39.59
C ALA G 26 41.16 10.03 -39.78
N ALA G 27 40.74 9.41 -38.69
CA ALA G 27 39.68 8.42 -38.77
C ALA G 27 38.36 9.05 -38.36
N MET G 28 38.44 10.13 -37.56
CA MET G 28 37.29 10.90 -37.20
C MET G 28 36.74 11.63 -38.43
N HIS G 29 37.65 12.02 -39.32
CA HIS G 29 37.31 12.62 -40.61
C HIS G 29 36.75 11.56 -41.54
N ARG G 30 37.45 10.42 -41.58
CA ARG G 30 37.05 9.22 -42.30
C ARG G 30 35.56 8.96 -42.12
N GLU G 31 35.08 9.11 -40.89
CA GLU G 31 33.68 8.87 -40.56
C GLU G 31 32.80 10.13 -40.61
N GLY G 32 33.30 11.19 -41.25
CA GLY G 32 32.40 12.26 -41.68
C GLY G 32 32.35 13.54 -40.88
N ALA G 33 33.36 13.75 -40.05
CA ALA G 33 33.38 14.92 -39.17
C ALA G 33 34.16 16.06 -39.78
N GLU G 34 33.68 17.28 -39.51
CA GLU G 34 34.42 18.46 -39.90
C GLU G 34 35.34 18.90 -38.78
N LEU G 35 36.63 18.71 -38.99
CA LEU G 35 37.63 18.94 -37.95
C LEU G 35 38.08 20.38 -37.82
N ALA G 36 38.36 20.81 -36.60
CA ALA G 36 39.07 22.05 -36.37
C ALA G 36 40.27 21.69 -35.50
N PHE G 37 41.37 22.45 -35.61
CA PHE G 37 42.59 22.09 -34.88
C PHE G 37 43.20 23.23 -34.09
N THR G 38 43.94 22.87 -33.05
CA THR G 38 44.79 23.81 -32.34
C THR G 38 46.21 23.37 -32.48
N TYR G 39 47.08 24.34 -32.77
CA TYR G 39 48.51 24.11 -32.80
C TYR G 39 49.14 24.77 -31.59
N GLN G 40 50.02 24.04 -30.90
CA GLN G 40 50.60 24.49 -29.65
C GLN G 40 51.33 25.84 -29.67
N ASN G 41 52.16 26.07 -30.68
CA ASN G 41 52.97 27.29 -30.76
C ASN G 41 53.32 27.60 -32.20
N ASP G 42 53.95 28.75 -32.43
CA ASP G 42 54.19 29.20 -33.79
C ASP G 42 54.97 28.19 -34.65
N LYS G 43 55.73 27.31 -33.99
CA LYS G 43 56.59 26.39 -34.74
C LYS G 43 55.74 25.32 -35.41
N LEU G 44 54.89 24.66 -34.62
CA LEU G 44 54.04 23.59 -35.13
C LEU G 44 52.91 24.09 -36.03
N ARG G 45 52.73 25.40 -36.12
CA ARG G 45 51.66 25.95 -36.95
C ARG G 45 51.76 25.48 -38.40
N GLY G 46 52.94 25.59 -39.00
CA GLY G 46 53.09 25.28 -40.41
C GLY G 46 52.77 23.83 -40.72
N ARG G 47 52.84 22.98 -39.71
CA ARG G 47 52.62 21.57 -39.94
C ARG G 47 51.24 21.14 -39.49
N VAL G 48 50.75 21.72 -38.41
CA VAL G 48 49.36 21.48 -38.09
C VAL G 48 48.53 21.91 -39.30
N GLU G 49 48.70 23.16 -39.73
CA GLU G 49 47.94 23.72 -40.84
C GLU G 49 47.95 22.84 -42.10
N GLU G 50 49.05 22.13 -42.30
CA GLU G 50 49.21 21.25 -43.46
C GLU G 50 48.41 19.98 -43.27
N PHE G 51 48.56 19.38 -42.08
CA PHE G 51 47.82 18.18 -41.69
C PHE G 51 46.30 18.38 -41.79
N ALA G 52 45.81 19.46 -41.18
CA ALA G 52 44.40 19.85 -41.29
C ALA G 52 43.88 19.59 -42.69
N SER G 53 44.56 20.22 -43.65
CA SER G 53 44.25 20.17 -45.07
C SER G 53 44.25 18.77 -45.72
N GLY G 54 44.81 17.77 -45.06
CA GLY G 54 44.71 16.40 -45.59
C GLY G 54 43.52 15.71 -44.96
N TRP G 55 42.93 16.40 -44.01
CA TRP G 55 41.86 15.85 -43.22
C TRP G 55 40.66 16.73 -43.42
N GLY G 56 40.50 17.20 -44.66
CA GLY G 56 39.32 17.96 -45.02
C GLY G 56 39.26 19.38 -44.48
N SER G 57 40.13 19.70 -43.52
CA SER G 57 40.06 21.02 -42.88
C SER G 57 40.87 22.08 -43.64
N ARG G 58 41.12 23.21 -42.98
CA ARG G 58 41.73 24.36 -43.66
C ARG G 58 42.21 25.40 -42.66
N PRO G 59 43.35 26.04 -42.98
CA PRO G 59 44.06 27.01 -42.12
C PRO G 59 43.18 27.96 -41.30
N GLU G 60 42.05 28.40 -41.84
CA GLU G 60 41.17 29.32 -41.10
C GLU G 60 40.52 28.60 -39.91
N LEU G 61 40.48 27.27 -39.98
CA LEU G 61 40.01 26.46 -38.87
C LEU G 61 41.16 25.96 -37.96
N CYS G 62 42.35 26.55 -38.08
CA CYS G 62 43.41 26.26 -37.10
C CYS G 62 43.68 27.47 -36.21
N PHE G 63 43.77 27.23 -34.90
CA PHE G 63 43.95 28.31 -33.92
C PHE G 63 45.12 28.02 -32.99
N PRO G 64 45.82 29.08 -32.53
CA PRO G 64 46.93 28.96 -31.60
C PRO G 64 46.45 28.69 -30.19
N CYS G 65 47.27 28.00 -29.39
CA CYS G 65 46.88 27.55 -28.05
C CYS G 65 48.02 26.84 -27.29
N ASP G 66 48.52 27.49 -26.23
CA ASP G 66 49.25 26.73 -25.23
C ASP G 66 48.25 26.54 -24.12
N VAL G 67 47.86 25.28 -23.91
CA VAL G 67 46.83 24.92 -22.96
C VAL G 67 47.16 25.31 -21.52
N ALA G 68 48.23 26.07 -21.31
CA ALA G 68 48.55 26.58 -19.99
C ALA G 68 47.88 27.94 -19.75
N ASP G 69 47.53 28.63 -20.84
CA ASP G 69 46.94 29.98 -20.78
C ASP G 69 45.41 29.93 -20.78
N ASP G 70 44.79 30.41 -19.70
CA ASP G 70 43.33 30.39 -19.62
C ASP G 70 42.66 31.23 -20.70
N SER G 71 43.29 32.33 -21.06
CA SER G 71 42.65 33.23 -22.01
C SER G 71 42.85 32.74 -23.44
N GLN G 72 44.05 32.27 -23.74
CA GLN G 72 44.34 31.71 -25.06
C GLN G 72 43.35 30.61 -25.36
N ILE G 73 43.05 29.79 -24.36
CA ILE G 73 42.12 28.67 -24.55
C ILE G 73 40.74 29.21 -24.92
N GLU G 74 40.24 30.17 -24.16
CA GLU G 74 38.96 30.80 -24.48
C GLU G 74 39.03 31.57 -25.80
N ALA G 75 40.24 31.94 -26.20
CA ALA G 75 40.40 32.64 -27.48
C ALA G 75 40.26 31.67 -28.65
N VAL G 76 40.52 30.39 -28.41
CA VAL G 76 40.27 29.37 -29.42
C VAL G 76 38.76 29.20 -29.57
N PHE G 77 38.00 29.37 -28.50
CA PHE G 77 36.57 29.13 -28.64
C PHE G 77 35.77 30.37 -29.05
N ALA G 78 36.22 31.55 -28.65
CA ALA G 78 35.67 32.79 -29.21
C ALA G 78 35.84 32.77 -30.72
N ALA G 79 37.03 32.35 -31.18
CA ALA G 79 37.35 32.35 -32.61
C ALA G 79 36.54 31.33 -33.39
N LEU G 80 36.54 30.09 -32.91
CA LEU G 80 35.85 29.01 -33.57
C LEU G 80 34.38 29.33 -33.77
N GLY G 81 33.80 30.04 -32.80
CA GLY G 81 32.37 30.32 -32.82
C GLY G 81 31.96 31.31 -33.90
N LYS G 82 32.94 32.01 -34.46
CA LYS G 82 32.72 32.90 -35.60
C LYS G 82 32.48 32.09 -36.88
N HIS G 83 32.94 30.84 -36.88
CA HIS G 83 32.80 29.93 -38.03
C HIS G 83 31.73 28.88 -37.82
N TRP G 84 31.59 28.44 -36.56
CA TRP G 84 30.74 27.32 -36.19
C TRP G 84 29.65 27.74 -35.26
N ASP G 85 28.45 27.22 -35.46
CA ASP G 85 27.37 27.61 -34.58
C ASP G 85 27.66 27.05 -33.20
N GLY G 86 27.91 25.74 -33.16
CA GLY G 86 28.19 25.07 -31.92
C GLY G 86 29.14 23.90 -32.12
N LEU G 87 29.74 23.46 -31.03
CA LEU G 87 30.72 22.42 -31.15
C LEU G 87 30.06 21.13 -30.73
N ASP G 88 30.34 20.07 -31.48
CA ASP G 88 29.90 18.74 -31.10
C ASP G 88 30.93 18.03 -30.26
N ILE G 89 32.21 18.24 -30.55
CA ILE G 89 33.23 17.42 -29.90
C ILE G 89 34.48 18.19 -29.46
N ILE G 90 35.15 17.71 -28.40
CA ILE G 90 36.52 18.12 -28.10
C ILE G 90 37.46 16.92 -27.90
N VAL G 91 38.56 16.86 -28.63
CA VAL G 91 39.53 15.77 -28.40
C VAL G 91 40.76 16.30 -27.70
N HIS G 92 41.20 15.60 -26.68
CA HIS G 92 42.26 16.13 -25.84
C HIS G 92 43.44 15.18 -25.77
N SER G 93 44.23 15.16 -26.83
CA SER G 93 45.46 14.41 -26.86
C SER G 93 46.68 15.25 -26.46
N VAL G 94 46.83 15.49 -25.16
CA VAL G 94 47.97 16.25 -24.63
C VAL G 94 48.48 15.73 -23.29
N GLY G 95 49.70 15.21 -23.30
CA GLY G 95 50.36 14.76 -22.08
C GLY G 95 51.80 15.23 -22.18
N PHE G 96 52.24 16.02 -21.21
CA PHE G 96 53.57 16.59 -21.26
C PHE G 96 54.10 16.83 -19.87
N ALA G 97 55.37 16.48 -19.67
CA ALA G 97 56.09 16.79 -18.46
C ALA G 97 57.57 16.96 -18.82
N PRO G 98 58.32 17.77 -18.05
CA PRO G 98 59.75 17.98 -18.32
C PRO G 98 60.49 16.65 -18.53
N GLY G 99 61.28 16.57 -19.60
CA GLY G 99 61.97 15.34 -19.95
C GLY G 99 62.75 14.76 -18.78
N ASP G 100 63.25 15.64 -17.92
CA ASP G 100 64.07 15.22 -16.79
C ASP G 100 63.23 14.61 -15.67
N GLN G 101 61.90 14.80 -15.73
CA GLN G 101 60.97 14.14 -14.80
C GLN G 101 60.65 12.71 -15.25
N LEU G 102 61.03 12.39 -16.48
CA LEU G 102 60.71 11.11 -17.10
C LEU G 102 61.96 10.33 -17.40
N ASP G 103 63.04 10.63 -16.69
CA ASP G 103 64.27 9.82 -16.82
C ASP G 103 64.87 9.53 -15.46
N GLY G 104 64.76 8.27 -15.05
CA GLY G 104 65.36 7.79 -13.82
C GLY G 104 64.42 7.41 -12.69
N ASP G 105 64.98 7.36 -11.49
CA ASP G 105 64.25 7.07 -10.26
C ASP G 105 63.09 8.04 -10.10
N PHE G 106 61.89 7.52 -9.85
CA PHE G 106 60.76 8.41 -9.63
C PHE G 106 61.09 9.38 -8.50
N THR G 107 61.29 8.87 -7.29
CA THR G 107 61.40 9.79 -6.17
C THR G 107 62.60 10.73 -6.28
N ALA G 108 63.76 10.25 -6.74
CA ALA G 108 64.90 11.16 -6.82
C ALA G 108 64.66 12.32 -7.81
N VAL G 109 64.35 12.03 -9.07
CA VAL G 109 64.25 13.07 -10.11
C VAL G 109 62.98 13.92 -10.10
N THR G 110 61.95 13.51 -9.37
CA THR G 110 60.69 14.23 -9.43
C THR G 110 60.74 15.44 -8.52
N THR G 111 60.48 16.61 -9.09
CA THR G 111 60.48 17.84 -8.30
C THR G 111 59.08 18.39 -8.21
N ARG G 112 58.96 19.52 -7.53
CA ARG G 112 57.68 20.19 -7.30
C ARG G 112 57.16 20.96 -8.50
N GLU G 113 58.05 21.53 -9.28
CA GLU G 113 57.61 22.24 -10.47
C GLU G 113 57.17 21.21 -11.48
N GLY G 114 58.07 20.31 -11.85
CA GLY G 114 57.78 19.23 -12.79
C GLY G 114 56.44 18.55 -12.56
N PHE G 115 56.08 18.37 -11.30
CA PHE G 115 54.76 17.88 -10.90
C PHE G 115 53.70 18.91 -11.31
N ARG G 116 53.86 20.16 -10.86
CA ARG G 116 52.93 21.23 -11.17
C ARG G 116 52.62 21.29 -12.66
N ILE G 117 53.65 21.54 -13.47
CA ILE G 117 53.57 21.51 -14.93
C ILE G 117 52.84 20.29 -15.43
N ALA G 118 53.31 19.12 -15.01
CA ALA G 118 52.80 17.84 -15.51
C ALA G 118 51.31 17.72 -15.29
N HIS G 119 50.85 18.15 -14.12
CA HIS G 119 49.43 18.05 -13.83
C HIS G 119 48.71 19.20 -14.51
N ASP G 120 49.44 20.28 -14.76
CA ASP G 120 48.82 21.48 -15.31
C ASP G 120 48.41 21.20 -16.76
N ILE G 121 49.35 20.61 -17.49
CA ILE G 121 49.25 20.41 -18.94
C ILE G 121 48.57 19.08 -19.27
N SER G 122 48.88 18.02 -18.54
CA SER G 122 48.30 16.70 -18.84
C SER G 122 46.86 16.56 -18.32
N ALA G 123 46.61 17.11 -17.14
CA ALA G 123 45.38 16.83 -16.45
C ALA G 123 44.42 18.01 -16.50
N TYR G 124 44.81 19.15 -15.92
CA TYR G 124 43.88 20.28 -15.83
C TYR G 124 43.56 20.90 -17.18
N SER G 125 44.44 20.77 -18.17
CA SER G 125 44.15 21.39 -19.46
C SER G 125 42.80 20.90 -19.93
N PHE G 126 42.50 19.62 -19.66
CA PHE G 126 41.24 19.00 -20.05
C PHE G 126 40.05 19.75 -19.42
N ILE G 127 39.99 19.85 -18.09
CA ILE G 127 38.86 20.52 -17.43
C ILE G 127 38.78 21.98 -17.87
N ALA G 128 39.85 22.51 -18.42
CA ALA G 128 39.78 23.88 -18.94
C ALA G 128 39.10 23.88 -20.29
N LEU G 129 39.35 22.84 -21.09
CA LEU G 129 38.72 22.73 -22.40
C LEU G 129 37.25 22.47 -22.22
N ALA G 130 36.91 21.53 -21.34
CA ALA G 130 35.52 21.39 -20.92
C ALA G 130 34.99 22.79 -20.65
N LYS G 131 35.50 23.40 -19.58
CA LYS G 131 35.06 24.72 -19.16
C LYS G 131 34.90 25.70 -20.30
N ALA G 132 36.00 26.06 -20.96
CA ALA G 132 35.98 27.10 -22.00
C ALA G 132 34.90 26.91 -23.05
N GLY G 133 34.87 25.74 -23.68
CA GLY G 133 33.90 25.50 -24.74
C GLY G 133 32.64 24.81 -24.31
N ARG G 134 32.19 25.07 -23.09
CA ARG G 134 30.98 24.43 -22.58
C ARG G 134 29.75 24.94 -23.32
N GLU G 135 29.67 26.26 -23.47
CA GLU G 135 28.53 26.91 -24.10
C GLU G 135 28.33 26.42 -25.52
N MET G 136 29.40 26.17 -26.25
CA MET G 136 29.23 25.79 -27.64
C MET G 136 28.69 24.38 -27.72
N MET G 137 28.98 23.57 -26.73
CA MET G 137 28.49 22.19 -26.74
C MET G 137 27.06 22.13 -26.24
N LYS G 138 26.52 23.28 -25.84
CA LYS G 138 25.17 23.38 -25.27
C LYS G 138 24.09 22.80 -26.20
N GLY G 139 23.31 21.87 -25.66
CA GLY G 139 22.22 21.27 -26.41
C GLY G 139 22.67 20.58 -27.68
N ARG G 140 23.91 20.11 -27.71
CA ARG G 140 24.43 19.44 -28.91
C ARG G 140 24.51 17.95 -28.70
N ASN G 141 24.14 17.49 -27.50
CA ASN G 141 24.35 16.10 -27.11
C ASN G 141 25.73 15.58 -27.47
N GLY G 142 26.75 16.41 -27.22
CA GLY G 142 28.11 16.13 -27.65
C GLY G 142 28.94 15.27 -26.71
N SER G 143 30.26 15.29 -26.90
CA SER G 143 31.16 14.41 -26.14
C SER G 143 32.60 14.94 -26.05
N LEU G 144 33.27 14.61 -24.94
CA LEU G 144 34.71 14.91 -24.74
C LEU G 144 35.61 13.66 -24.70
N LEU G 145 36.72 13.70 -25.45
CA LEU G 145 37.70 12.60 -25.39
C LEU G 145 39.05 13.10 -24.87
N THR G 146 39.68 12.30 -24.02
CA THR G 146 41.02 12.59 -23.55
C THR G 146 41.84 11.34 -23.76
N LEU G 147 43.16 11.44 -23.59
CA LEU G 147 44.00 10.28 -23.74
C LEU G 147 44.66 10.00 -22.43
N SER G 148 44.68 8.73 -22.05
CA SER G 148 45.33 8.33 -20.82
C SER G 148 46.30 7.16 -21.12
N TYR G 149 46.90 6.59 -20.09
CA TYR G 149 47.83 5.48 -20.30
C TYR G 149 47.93 4.63 -19.04
N LEU G 150 48.22 3.35 -19.22
CA LEU G 150 48.24 2.38 -18.13
C LEU G 150 48.95 2.86 -16.86
N GLY G 151 49.98 3.68 -17.03
CA GLY G 151 50.84 4.13 -15.95
C GLY G 151 50.10 4.83 -14.81
N ALA G 152 48.87 5.24 -15.10
CA ALA G 152 48.01 5.84 -14.09
C ALA G 152 47.37 4.77 -13.22
N GLU G 153 47.50 3.51 -13.61
CA GLU G 153 46.99 2.47 -12.73
C GLU G 153 48.11 1.55 -12.20
N ARG G 154 49.07 1.21 -13.04
CA ARG G 154 50.18 0.43 -12.51
C ARG G 154 51.55 0.97 -12.94
N THR G 155 52.57 0.68 -12.12
CA THR G 155 53.91 1.22 -12.30
C THR G 155 54.69 0.67 -13.49
N MET G 156 55.49 1.54 -14.06
CA MET G 156 56.41 1.21 -15.14
C MET G 156 57.57 2.17 -15.05
N PRO G 157 58.77 1.74 -15.48
CA PRO G 157 59.91 2.64 -15.30
C PRO G 157 59.78 3.91 -16.12
N ASN G 158 60.18 5.04 -15.54
CA ASN G 158 60.38 6.30 -16.26
C ASN G 158 59.12 6.98 -16.72
N TYR G 159 57.98 6.50 -16.28
CA TYR G 159 56.76 7.24 -16.52
C TYR G 159 56.69 8.28 -15.42
N ASN G 160 57.03 7.85 -14.21
CA ASN G 160 57.08 8.72 -13.05
C ASN G 160 55.87 9.63 -12.92
N VAL G 161 56.11 10.93 -12.78
CA VAL G 161 55.03 11.85 -12.41
C VAL G 161 53.91 11.91 -13.46
N MET G 162 54.15 11.32 -14.63
CA MET G 162 53.10 11.19 -15.65
C MET G 162 52.01 10.21 -15.21
N GLY G 163 52.30 9.40 -14.21
CA GLY G 163 51.29 8.50 -13.69
C GLY G 163 50.33 9.23 -12.79
N MET G 164 50.84 10.06 -11.89
CA MET G 164 49.98 10.83 -11.01
C MET G 164 49.19 11.78 -11.87
N ALA G 165 49.89 12.41 -12.81
CA ALA G 165 49.27 13.21 -13.85
C ALA G 165 48.04 12.54 -14.42
N LYS G 166 48.23 11.46 -15.15
CA LYS G 166 47.13 10.78 -15.83
C LYS G 166 46.03 10.36 -14.87
N ALA G 167 46.41 9.74 -13.75
CA ALA G 167 45.44 9.23 -12.80
C ALA G 167 44.52 10.32 -12.29
N SER G 168 45.08 11.54 -12.26
CA SER G 168 44.34 12.74 -11.91
C SER G 168 43.34 12.94 -13.01
N LEU G 169 43.84 13.07 -14.23
CA LEU G 169 43.01 13.15 -15.42
C LEU G 169 41.85 12.16 -15.41
N GLU G 170 42.12 10.91 -15.07
CA GLU G 170 41.06 9.90 -15.17
C GLU G 170 39.95 10.18 -14.14
N ALA G 171 40.30 10.88 -13.07
CA ALA G 171 39.29 11.33 -12.11
C ALA G 171 38.59 12.54 -12.70
N GLY G 172 39.35 13.38 -13.40
CA GLY G 172 38.77 14.52 -14.11
C GLY G 172 37.65 14.04 -15.01
N VAL G 173 37.95 13.05 -15.84
CA VAL G 173 36.94 12.42 -16.70
C VAL G 173 35.68 12.05 -15.92
N ARG G 174 35.85 11.34 -14.80
CA ARG G 174 34.68 10.92 -14.04
C ARG G 174 33.98 12.15 -13.51
N TYR G 175 34.75 13.08 -12.97
CA TYR G 175 34.13 14.24 -12.38
C TYR G 175 33.52 15.15 -13.44
N LEU G 176 34.03 15.07 -14.67
CA LEU G 176 33.49 15.87 -15.77
C LEU G 176 32.13 15.29 -16.15
N ALA G 177 32.14 14.01 -16.50
CA ALA G 177 30.93 13.26 -16.80
C ALA G 177 29.81 13.50 -15.80
N GLY G 178 30.14 13.36 -14.52
CA GLY G 178 29.13 13.44 -13.47
C GLY G 178 28.48 14.80 -13.48
N SER G 179 29.22 15.79 -13.97
CA SER G 179 28.77 17.18 -13.95
C SER G 179 28.11 17.65 -15.25
N LEU G 180 28.43 17.01 -16.36
CA LEU G 180 27.98 17.51 -17.66
C LEU G 180 27.08 16.50 -18.34
N GLY G 181 26.93 15.35 -17.72
CA GLY G 181 26.02 14.34 -18.23
C GLY G 181 24.62 14.93 -18.37
N ALA G 182 24.16 15.56 -17.29
CA ALA G 182 22.86 16.26 -17.26
C ALA G 182 22.64 17.18 -18.47
N GLU G 183 23.57 18.10 -18.72
CA GLU G 183 23.46 19.01 -19.84
C GLU G 183 23.38 18.29 -21.18
N GLY G 184 23.72 17.01 -21.20
CA GLY G 184 23.77 16.23 -22.43
C GLY G 184 25.16 15.74 -22.81
N THR G 185 26.20 16.36 -22.25
CA THR G 185 27.59 16.08 -22.62
C THR G 185 28.12 14.82 -21.98
N ARG G 186 28.58 13.87 -22.81
CA ARG G 186 29.23 12.65 -22.32
C ARG G 186 30.74 12.82 -22.31
N VAL G 187 31.38 12.44 -21.19
CA VAL G 187 32.83 12.51 -21.08
C VAL G 187 33.46 11.11 -20.92
N ASN G 188 34.47 10.83 -21.74
CA ASN G 188 35.11 9.52 -21.82
C ASN G 188 36.58 9.63 -22.13
N ALA G 189 37.33 8.54 -21.96
CA ALA G 189 38.75 8.51 -22.29
C ALA G 189 39.15 7.24 -23.04
N VAL G 190 40.22 7.35 -23.81
CA VAL G 190 40.85 6.18 -24.42
C VAL G 190 42.29 6.03 -23.90
N SER G 191 42.66 4.84 -23.43
CA SER G 191 44.01 4.63 -22.93
C SER G 191 44.79 3.65 -23.78
N ALA G 192 45.65 4.19 -24.65
CA ALA G 192 46.35 3.40 -25.66
C ALA G 192 47.65 2.79 -25.16
N GLY G 193 47.81 1.48 -25.36
CA GLY G 193 49.08 0.83 -25.13
C GLY G 193 50.14 1.43 -26.04
N PRO G 194 51.37 0.92 -25.96
CA PRO G 194 52.47 1.45 -26.78
C PRO G 194 52.16 1.47 -28.28
N ILE G 195 52.94 2.26 -29.01
CA ILE G 195 52.76 2.43 -30.45
C ILE G 195 54.11 2.72 -31.12
N LEU G 210 64.86 -3.05 -25.91
CA LEU G 210 64.31 -4.39 -25.92
C LEU G 210 63.01 -4.44 -25.14
N ALA G 211 62.59 -3.29 -24.60
CA ALA G 211 61.33 -3.21 -23.87
C ALA G 211 60.13 -3.52 -24.77
N ALA G 212 60.06 -4.78 -25.21
CA ALA G 212 58.99 -5.29 -26.04
C ALA G 212 58.13 -6.24 -25.21
N ASN G 213 57.37 -5.63 -24.30
CA ASN G 213 56.43 -6.33 -23.42
C ASN G 213 55.51 -7.28 -24.17
N GLU G 214 55.03 -6.81 -25.32
CA GLU G 214 54.04 -7.45 -26.18
C GLU G 214 53.84 -8.98 -26.10
N ARG G 215 54.90 -9.74 -25.80
CA ARG G 215 54.74 -11.18 -25.51
C ARG G 215 53.58 -11.40 -24.53
N GLN G 216 53.54 -10.53 -23.53
CA GLN G 216 52.47 -10.45 -22.54
C GLN G 216 51.13 -10.00 -23.15
N THR G 217 51.18 -9.00 -24.01
CA THR G 217 49.99 -8.54 -24.71
C THR G 217 49.36 -9.71 -25.46
N PRO G 218 48.13 -10.08 -25.07
CA PRO G 218 47.43 -11.21 -25.71
C PRO G 218 47.54 -11.23 -27.24
N LEU G 219 47.34 -10.10 -27.89
CA LEU G 219 47.33 -10.10 -29.36
C LEU G 219 48.74 -10.15 -29.94
N ARG G 220 49.72 -10.47 -29.12
CA ARG G 220 51.11 -10.66 -29.53
C ARG G 220 51.69 -9.59 -30.49
N ARG G 221 51.09 -8.40 -30.43
CA ARG G 221 51.60 -7.22 -31.16
C ARG G 221 51.11 -5.98 -30.42
N ASN G 222 51.61 -4.80 -30.80
CA ASN G 222 51.07 -3.58 -30.18
C ASN G 222 49.92 -3.06 -31.04
N VAL G 223 49.22 -2.01 -30.60
CA VAL G 223 48.13 -1.47 -31.41
C VAL G 223 48.63 -0.32 -32.26
N THR G 224 47.82 0.05 -33.24
CA THR G 224 48.17 1.08 -34.20
C THR G 224 47.34 2.33 -33.95
N ILE G 225 47.84 3.48 -34.37
CA ILE G 225 47.12 4.72 -34.06
C ILE G 225 45.77 4.67 -34.76
N GLU G 226 45.67 3.84 -35.80
CA GLU G 226 44.41 3.63 -36.50
C GLU G 226 43.42 2.99 -35.53
N GLU G 227 43.81 1.86 -34.96
CA GLU G 227 42.98 1.13 -34.00
C GLU G 227 42.61 1.95 -32.78
N VAL G 228 43.37 3.00 -32.50
CA VAL G 228 43.08 3.84 -31.34
C VAL G 228 42.14 4.96 -31.74
N GLY G 229 42.45 5.66 -32.83
CA GLY G 229 41.55 6.66 -33.36
C GLY G 229 40.15 6.10 -33.64
N ASN G 230 40.11 4.87 -34.16
CA ASN G 230 38.87 4.13 -34.33
C ASN G 230 38.07 4.09 -33.04
N ALA G 231 38.70 3.60 -31.98
CA ALA G 231 38.09 3.59 -30.67
C ALA G 231 37.67 5.00 -30.28
N GLY G 232 38.58 5.95 -30.52
CA GLY G 232 38.33 7.34 -30.19
C GLY G 232 37.12 7.86 -30.93
N ALA G 233 37.10 7.63 -32.24
CA ALA G 233 35.98 8.10 -33.07
C ALA G 233 34.66 7.59 -32.51
N PHE G 234 34.51 6.27 -32.47
CA PHE G 234 33.37 5.61 -31.82
C PHE G 234 32.89 6.31 -30.55
N LEU G 235 33.75 6.31 -29.55
CA LEU G 235 33.44 6.94 -28.26
C LEU G 235 32.96 8.38 -28.41
N CYS G 236 33.14 8.95 -29.59
CA CYS G 236 32.64 10.27 -29.86
C CYS G 236 31.46 10.27 -30.81
N SER G 237 30.98 9.09 -31.12
CA SER G 237 29.84 8.95 -32.00
C SER G 237 28.60 8.78 -31.17
N ASP G 238 27.43 8.89 -31.81
CA ASP G 238 26.18 8.61 -31.14
C ASP G 238 26.03 7.09 -30.95
N LEU G 239 26.86 6.29 -31.62
CA LEU G 239 26.81 4.85 -31.41
C LEU G 239 27.03 4.56 -29.94
N ALA G 240 27.75 5.46 -29.28
CA ALA G 240 28.17 5.27 -27.91
C ALA G 240 27.41 6.18 -26.95
N SER G 241 26.10 6.34 -27.18
CA SER G 241 25.33 7.34 -26.43
C SER G 241 25.03 6.85 -25.05
N GLY G 242 25.35 5.58 -24.81
CA GLY G 242 25.02 4.94 -23.56
C GLY G 242 26.26 4.89 -22.71
N ILE G 243 27.29 5.57 -23.19
CA ILE G 243 28.59 5.54 -22.56
C ILE G 243 29.09 6.91 -22.16
N SER G 244 29.40 7.07 -20.87
CA SER G 244 29.99 8.28 -20.34
C SER G 244 30.79 7.86 -19.12
N GLY G 245 31.93 8.50 -18.87
CA GLY G 245 32.77 8.22 -17.70
C GLY G 245 33.68 7.01 -17.89
N GLU G 246 33.52 6.33 -18.99
CA GLU G 246 34.35 5.16 -19.28
C GLU G 246 35.83 5.50 -19.40
N ILE G 247 36.67 4.47 -19.23
CA ILE G 247 38.07 4.54 -19.61
C ILE G 247 38.40 3.34 -20.44
N LEU G 248 38.39 3.52 -21.76
CA LEU G 248 38.50 2.38 -22.68
C LEU G 248 39.94 2.11 -23.07
N TYR G 249 40.41 0.91 -22.77
CA TYR G 249 41.77 0.55 -23.12
C TYR G 249 41.90 0.06 -24.52
N VAL G 250 42.69 0.78 -25.31
CA VAL G 250 43.09 0.24 -26.58
C VAL G 250 44.53 -0.19 -26.53
N ASP G 251 44.77 -1.38 -25.97
CA ASP G 251 46.12 -1.92 -25.83
C ASP G 251 46.23 -3.37 -26.22
N GLY G 252 45.23 -3.89 -26.93
CA GLY G 252 45.24 -5.29 -27.32
C GLY G 252 45.18 -6.24 -26.15
N GLY G 253 44.79 -5.75 -24.98
CA GLY G 253 44.63 -6.62 -23.83
C GLY G 253 45.85 -6.67 -22.93
N PHE G 254 46.78 -5.73 -23.10
CA PHE G 254 47.99 -5.77 -22.30
C PHE G 254 47.67 -5.57 -20.82
N ASN G 255 46.64 -4.78 -20.51
CA ASN G 255 46.38 -4.47 -19.13
C ASN G 255 45.58 -5.56 -18.39
N THR G 256 45.14 -6.58 -19.12
CA THR G 256 44.48 -7.71 -18.46
C THR G 256 45.51 -8.63 -17.86
N THR G 257 46.78 -8.46 -18.25
CA THR G 257 47.80 -9.45 -17.92
C THR G 257 48.68 -9.09 -16.76
N ALA G 258 49.22 -10.13 -16.12
CA ALA G 258 50.07 -10.00 -14.94
C ALA G 258 51.45 -10.56 -15.22
N MET G 259 51.47 -11.74 -15.83
CA MET G 259 52.71 -12.37 -16.32
C MET G 259 52.44 -12.97 -17.69
N GLY H 2 54.04 -3.92 22.28
CA GLY H 2 53.12 -3.56 21.21
C GLY H 2 53.89 -3.56 19.90
N PHE H 3 53.20 -3.58 18.75
CA PHE H 3 53.85 -4.05 17.53
C PHE H 3 54.71 -3.04 16.80
N LEU H 4 54.90 -1.86 17.40
CA LEU H 4 55.74 -0.82 16.80
C LEU H 4 56.87 -0.42 17.71
N THR H 5 57.05 -1.15 18.81
CA THR H 5 58.10 -0.81 19.77
C THR H 5 59.48 -0.81 19.13
N GLY H 6 60.18 0.30 19.24
CA GLY H 6 61.51 0.38 18.70
C GLY H 6 61.54 1.00 17.32
N LYS H 7 60.45 1.67 16.96
CA LYS H 7 60.36 2.41 15.70
C LYS H 7 60.22 3.91 15.95
N ARG H 8 60.75 4.73 15.05
CA ARG H 8 60.59 6.18 15.13
C ARG H 8 59.79 6.78 13.95
N ALA H 9 58.75 7.53 14.28
CA ALA H 9 57.83 8.05 13.25
C ALA H 9 57.66 9.56 13.35
N LEU H 10 57.70 10.25 12.22
CA LEU H 10 57.35 11.66 12.21
C LEU H 10 55.98 11.76 11.61
N ILE H 11 55.05 12.35 12.35
CA ILE H 11 53.65 12.46 11.93
C ILE H 11 53.32 13.87 11.48
N VAL H 12 52.82 13.99 10.26
CA VAL H 12 52.69 15.29 9.63
C VAL H 12 51.25 15.72 9.54
N GLY H 13 50.93 16.88 10.13
CA GLY H 13 49.60 17.44 9.97
C GLY H 13 48.59 17.07 11.04
N VAL H 14 49.03 17.13 12.30
CA VAL H 14 48.09 17.03 13.38
C VAL H 14 47.57 18.44 13.66
N ALA H 15 46.25 18.58 13.63
CA ALA H 15 45.63 19.90 13.77
C ALA H 15 44.36 19.87 14.59
N SER H 16 43.80 18.69 14.80
CA SER H 16 42.72 18.54 15.76
C SER H 16 43.01 17.32 16.61
N LYS H 17 42.24 17.09 17.67
CA LYS H 17 42.41 15.88 18.47
C LYS H 17 41.35 14.84 18.05
N LEU H 18 40.44 15.22 17.17
CA LEU H 18 39.51 14.23 16.66
C LEU H 18 39.82 13.88 15.21
N SER H 19 40.96 14.38 14.74
CA SER H 19 41.41 14.17 13.36
C SER H 19 41.90 12.74 13.18
N ILE H 20 41.95 12.24 11.94
CA ILE H 20 42.48 10.91 11.73
C ILE H 20 43.96 10.87 12.10
N ALA H 21 44.67 11.96 11.83
CA ALA H 21 46.05 12.09 12.29
C ALA H 21 46.18 11.83 13.78
N SER H 22 45.17 12.18 14.56
CA SER H 22 45.29 12.00 15.99
C SER H 22 45.05 10.57 16.41
N GLY H 23 44.27 9.84 15.64
CA GLY H 23 44.06 8.43 15.92
C GLY H 23 45.29 7.59 15.61
N ILE H 24 45.96 7.91 14.52
CA ILE H 24 47.16 7.20 14.09
C ILE H 24 48.31 7.45 15.06
N ALA H 25 48.42 8.66 15.56
CA ALA H 25 49.45 8.95 16.56
C ALA H 25 49.13 8.22 17.88
N ALA H 26 47.88 8.30 18.32
CA ALA H 26 47.49 7.70 19.58
C ALA H 26 47.64 6.19 19.52
N ALA H 27 47.24 5.61 18.40
CA ALA H 27 47.49 4.19 18.17
C ALA H 27 48.99 3.90 18.13
N MET H 28 49.73 4.62 17.28
CA MET H 28 51.16 4.34 17.16
C MET H 28 51.88 4.50 18.50
N HIS H 29 51.49 5.47 19.31
CA HIS H 29 52.03 5.55 20.65
C HIS H 29 51.65 4.31 21.46
N ARG H 30 50.36 3.98 21.49
CA ARG H 30 49.88 2.87 22.30
C ARG H 30 50.70 1.60 22.05
N GLU H 31 51.08 1.39 20.79
CA GLU H 31 51.84 0.21 20.40
C GLU H 31 53.37 0.43 20.43
N GLY H 32 53.81 1.55 21.01
CA GLY H 32 55.18 1.67 21.48
C GLY H 32 56.13 2.64 20.80
N ALA H 33 55.64 3.40 19.83
CA ALA H 33 56.52 4.15 18.95
C ALA H 33 56.92 5.49 19.55
N GLU H 34 58.01 6.03 19.02
CA GLU H 34 58.56 7.29 19.48
C GLU H 34 58.14 8.35 18.48
N LEU H 35 57.50 9.41 18.95
CA LEU H 35 56.84 10.27 18.00
C LEU H 35 57.42 11.65 17.97
N ALA H 36 57.56 12.16 16.75
CA ALA H 36 57.87 13.53 16.48
C ALA H 36 56.80 14.05 15.54
N PHE H 37 56.48 15.34 15.65
CA PHE H 37 55.36 15.95 14.91
C PHE H 37 55.79 17.18 14.11
N THR H 38 54.99 17.60 13.14
CA THR H 38 55.11 18.95 12.57
C THR H 38 53.82 19.74 12.78
N TYR H 39 53.93 21.07 12.68
CA TYR H 39 52.76 21.94 12.72
C TYR H 39 52.83 23.01 11.62
N GLN H 40 51.66 23.45 11.17
CA GLN H 40 51.54 24.46 10.11
C GLN H 40 52.40 25.70 10.36
N ASN H 41 51.99 26.52 11.33
CA ASN H 41 52.71 27.72 11.75
C ASN H 41 52.51 28.00 13.24
N ASP H 42 53.35 28.86 13.81
CA ASP H 42 53.43 29.06 15.26
C ASP H 42 52.09 29.34 15.97
N LYS H 43 51.00 29.45 15.21
CA LYS H 43 49.67 29.33 15.82
C LYS H 43 49.54 27.94 16.40
N LEU H 44 49.28 26.96 15.53
CA LEU H 44 48.91 25.60 15.93
C LEU H 44 50.01 24.93 16.78
N ARG H 45 51.17 25.57 16.82
CA ARG H 45 52.33 25.09 17.58
C ARG H 45 52.06 24.67 19.02
N GLY H 46 51.55 25.60 19.84
CA GLY H 46 51.37 25.30 21.24
C GLY H 46 50.38 24.17 21.44
N ARG H 47 49.44 24.08 20.50
CA ARG H 47 48.33 23.14 20.53
C ARG H 47 48.73 21.73 20.14
N VAL H 48 49.67 21.60 19.23
CA VAL H 48 50.17 20.27 18.88
C VAL H 48 51.21 19.83 19.90
N GLU H 49 51.96 20.79 20.43
CA GLU H 49 52.93 20.51 21.49
C GLU H 49 52.20 19.82 22.64
N GLU H 50 50.95 20.20 22.88
CA GLU H 50 50.21 19.57 23.96
C GLU H 50 49.94 18.11 23.62
N PHE H 51 49.49 17.87 22.39
CA PHE H 51 49.17 16.53 21.94
C PHE H 51 50.38 15.62 22.04
N ALA H 52 51.53 16.10 21.58
CA ALA H 52 52.79 15.35 21.65
C ALA H 52 53.12 14.89 23.07
N SER H 53 52.80 15.74 24.05
CA SER H 53 53.04 15.43 25.45
C SER H 53 52.15 14.28 25.92
N GLY H 54 51.03 14.10 25.26
CA GLY H 54 50.10 13.02 25.58
C GLY H 54 50.44 11.75 24.81
N TRP H 55 51.34 11.90 23.83
CA TRP H 55 51.65 10.82 22.90
C TRP H 55 53.11 10.33 23.02
N GLY H 56 53.69 10.49 24.22
CA GLY H 56 55.03 10.00 24.52
C GLY H 56 56.19 10.88 24.07
N SER H 57 55.85 12.09 23.64
CA SER H 57 56.79 13.00 22.99
C SER H 57 56.94 14.33 23.75
N ARG H 58 57.68 15.26 23.15
CA ARG H 58 58.06 16.49 23.83
C ARG H 58 58.20 17.63 22.85
N PRO H 59 57.75 18.84 23.23
CA PRO H 59 57.86 20.08 22.44
C PRO H 59 59.04 20.15 21.45
N GLU H 60 60.25 19.79 21.89
CA GLU H 60 61.44 19.88 21.03
C GLU H 60 61.38 19.00 19.79
N LEU H 61 60.50 18.00 19.83
CA LEU H 61 60.31 17.12 18.69
C LEU H 61 59.07 17.48 17.93
N CYS H 62 58.61 18.72 18.08
CA CYS H 62 57.55 19.27 17.25
C CYS H 62 58.17 20.34 16.39
N PHE H 63 58.08 20.20 15.07
CA PHE H 63 58.78 21.12 14.18
C PHE H 63 57.82 21.95 13.34
N PRO H 64 58.25 23.16 12.96
CA PRO H 64 57.45 24.02 12.09
C PRO H 64 57.53 23.56 10.66
N CYS H 65 56.39 23.35 10.02
CA CYS H 65 56.40 22.94 8.62
C CYS H 65 55.12 23.30 7.88
N ASP H 66 55.32 23.90 6.71
CA ASP H 66 54.26 24.16 5.73
C ASP H 66 54.64 23.37 4.51
N VAL H 67 53.92 22.30 4.22
CA VAL H 67 54.38 21.37 3.19
C VAL H 67 54.30 21.98 1.78
N ALA H 68 53.90 23.25 1.75
CA ALA H 68 54.00 24.10 0.56
C ALA H 68 55.44 24.48 0.27
N ASP H 69 56.24 24.64 1.33
CA ASP H 69 57.59 25.16 1.20
C ASP H 69 58.64 24.05 1.26
N ASP H 70 59.31 23.78 0.15
CA ASP H 70 60.39 22.79 0.11
C ASP H 70 61.48 23.02 1.17
N SER H 71 61.90 24.26 1.33
CA SER H 71 62.97 24.57 2.26
C SER H 71 62.57 24.39 3.73
N GLN H 72 61.27 24.24 3.99
CA GLN H 72 60.78 24.09 5.37
C GLN H 72 60.67 22.62 5.74
N ILE H 73 60.07 21.84 4.84
CA ILE H 73 60.16 20.39 4.89
C ILE H 73 61.62 20.01 5.12
N GLU H 74 62.49 20.52 4.26
CA GLU H 74 63.93 20.30 4.34
C GLU H 74 64.46 20.55 5.74
N ALA H 75 64.01 21.64 6.35
CA ALA H 75 64.46 22.02 7.70
C ALA H 75 63.93 21.06 8.74
N VAL H 76 62.83 20.38 8.41
CA VAL H 76 62.22 19.45 9.35
C VAL H 76 63.15 18.30 9.60
N PHE H 77 63.81 17.85 8.55
CA PHE H 77 64.66 16.68 8.69
C PHE H 77 66.08 17.03 9.14
N ALA H 78 66.52 18.26 8.91
CA ALA H 78 67.84 18.65 9.43
C ALA H 78 67.70 18.79 10.91
N ALA H 79 66.53 19.24 11.33
CA ALA H 79 66.24 19.49 12.73
C ALA H 79 66.05 18.17 13.45
N LEU H 80 65.32 17.28 12.81
CA LEU H 80 65.09 15.95 13.35
C LEU H 80 66.40 15.17 13.52
N GLY H 81 67.25 15.23 12.49
CA GLY H 81 68.52 14.52 12.52
C GLY H 81 69.52 14.97 13.57
N LYS H 82 69.07 15.78 14.52
CA LYS H 82 69.95 16.24 15.60
C LYS H 82 69.47 15.63 16.91
N HIS H 83 68.22 15.18 16.92
CA HIS H 83 67.73 14.43 18.05
C HIS H 83 67.82 12.94 17.73
N TRP H 84 67.25 12.54 16.59
CA TRP H 84 67.29 11.14 16.15
C TRP H 84 68.30 10.88 15.05
N ASP H 85 69.07 9.79 15.17
CA ASP H 85 70.07 9.45 14.17
C ASP H 85 69.51 8.63 12.99
N GLY H 86 68.18 8.44 12.99
CA GLY H 86 67.47 7.85 11.86
C GLY H 86 65.95 7.76 12.06
N LEU H 87 65.22 7.52 10.98
CA LEU H 87 63.75 7.50 11.06
C LEU H 87 63.18 6.28 10.34
N ASP H 88 62.05 5.79 10.85
CA ASP H 88 61.41 4.59 10.31
C ASP H 88 60.15 4.85 9.49
N ILE H 89 59.41 5.87 9.90
CA ILE H 89 58.03 6.04 9.47
C ILE H 89 57.69 7.50 9.20
N ILE H 90 57.06 7.78 8.07
CA ILE H 90 56.49 9.11 7.88
C ILE H 90 54.99 8.98 7.73
N VAL H 91 54.24 9.82 8.44
CA VAL H 91 52.78 9.80 8.38
C VAL H 91 52.27 11.10 7.82
N HIS H 92 51.46 10.99 6.79
CA HIS H 92 51.08 12.14 6.01
C HIS H 92 49.59 12.32 6.09
N SER H 93 49.15 13.28 6.89
CA SER H 93 47.73 13.39 7.16
C SER H 93 47.11 14.75 6.78
N VAL H 94 47.66 15.37 5.76
CA VAL H 94 47.13 16.65 5.31
C VAL H 94 46.42 16.45 4.00
N GLY H 95 45.24 17.04 3.92
CA GLY H 95 44.55 17.20 2.65
C GLY H 95 44.02 18.62 2.73
N PHE H 96 44.03 19.31 1.58
CA PHE H 96 43.52 20.67 1.53
C PHE H 96 43.28 21.17 0.11
N ALA H 97 42.06 21.68 -0.11
CA ALA H 97 41.74 22.41 -1.33
C ALA H 97 41.15 23.76 -0.96
N PRO H 98 41.29 24.77 -1.85
CA PRO H 98 40.55 26.03 -1.67
C PRO H 98 39.07 25.78 -1.40
N GLY H 99 38.47 26.53 -0.47
CA GLY H 99 37.06 26.35 -0.13
C GLY H 99 36.09 26.54 -1.28
N ASP H 100 36.43 27.41 -2.23
CA ASP H 100 35.54 27.70 -3.36
C ASP H 100 35.53 26.57 -4.39
N GLN H 101 36.54 25.69 -4.33
CA GLN H 101 36.63 24.54 -5.23
C GLN H 101 35.69 23.41 -4.84
N LEU H 102 35.06 23.57 -3.68
CA LEU H 102 34.36 22.47 -3.02
C LEU H 102 32.86 22.77 -2.74
N ASP H 103 32.29 23.74 -3.46
CA ASP H 103 30.94 24.22 -3.19
C ASP H 103 29.92 24.08 -4.34
N GLY H 104 30.03 23.04 -5.16
CA GLY H 104 28.99 22.82 -6.16
C GLY H 104 29.41 22.10 -7.42
N ASP H 105 28.86 22.54 -8.55
CA ASP H 105 29.17 21.94 -9.85
C ASP H 105 30.67 22.00 -10.15
N PHE H 106 31.25 20.82 -10.33
CA PHE H 106 32.67 20.64 -10.60
C PHE H 106 33.22 21.58 -11.68
N THR H 107 32.70 21.46 -12.90
CA THR H 107 33.17 22.24 -14.06
C THR H 107 33.09 23.74 -13.77
N ALA H 108 32.04 24.15 -13.07
CA ALA H 108 31.81 25.58 -12.86
C ALA H 108 32.85 26.19 -11.94
N VAL H 109 33.08 25.58 -10.78
CA VAL H 109 33.85 26.21 -9.72
C VAL H 109 35.30 25.75 -9.61
N THR H 110 35.68 24.75 -10.39
CA THR H 110 37.08 24.28 -10.38
C THR H 110 38.02 25.17 -11.23
N THR H 111 38.54 26.22 -10.62
CA THR H 111 39.55 27.08 -11.26
C THR H 111 40.90 26.39 -11.41
N ARG H 112 41.86 27.02 -12.11
CA ARG H 112 43.21 26.42 -12.30
C ARG H 112 44.08 26.50 -11.07
N GLU H 113 44.22 27.72 -10.55
CA GLU H 113 45.00 27.93 -9.33
C GLU H 113 44.44 27.11 -8.16
N GLY H 114 43.17 26.76 -8.22
CA GLY H 114 42.56 25.95 -7.18
C GLY H 114 43.08 24.55 -7.34
N PHE H 115 43.09 24.08 -8.59
CA PHE H 115 43.69 22.80 -8.98
C PHE H 115 45.16 22.74 -8.51
N ARG H 116 45.95 23.74 -8.91
CA ARG H 116 47.38 23.75 -8.62
C ARG H 116 47.66 23.56 -7.15
N ILE H 117 46.88 24.25 -6.32
CA ILE H 117 47.00 24.16 -4.86
C ILE H 117 46.69 22.77 -4.32
N ALA H 118 45.44 22.34 -4.54
CA ALA H 118 44.95 21.04 -4.09
C ALA H 118 45.94 19.91 -4.37
N HIS H 119 46.51 19.87 -5.57
CA HIS H 119 47.48 18.83 -5.87
C HIS H 119 48.82 19.07 -5.18
N ASP H 120 49.27 20.31 -5.17
CA ASP H 120 50.51 20.67 -4.48
C ASP H 120 50.45 20.11 -3.05
N ILE H 121 49.66 20.77 -2.21
CA ILE H 121 49.50 20.39 -0.81
C ILE H 121 49.10 18.91 -0.57
N SER H 122 48.10 18.41 -1.28
CA SER H 122 47.52 17.11 -0.92
C SER H 122 48.17 15.90 -1.57
N ALA H 123 48.96 16.12 -2.61
CA ALA H 123 49.48 15.03 -3.41
C ALA H 123 51.00 15.01 -3.47
N TYR H 124 51.63 16.15 -3.75
CA TYR H 124 53.08 16.19 -3.92
C TYR H 124 53.79 16.40 -2.62
N SER H 125 53.07 16.95 -1.63
CA SER H 125 53.66 17.10 -0.32
C SER H 125 54.13 15.73 0.11
N PHE H 126 53.41 14.69 -0.30
CA PHE H 126 53.81 13.33 0.05
C PHE H 126 55.15 12.99 -0.54
N ILE H 127 55.25 13.10 -1.86
CA ILE H 127 56.51 12.97 -2.59
C ILE H 127 57.67 13.71 -1.94
N ALA H 128 57.44 14.94 -1.48
CA ALA H 128 58.49 15.76 -0.90
C ALA H 128 58.91 15.27 0.48
N LEU H 129 57.99 14.61 1.18
CA LEU H 129 58.32 14.04 2.47
C LEU H 129 59.14 12.75 2.23
N ALA H 130 58.79 12.01 1.18
CA ALA H 130 59.52 10.81 0.84
C ALA H 130 60.94 11.18 0.49
N LYS H 131 61.07 12.24 -0.32
CA LYS H 131 62.36 12.70 -0.76
C LYS H 131 63.17 13.21 0.42
N ALA H 132 62.57 14.06 1.26
CA ALA H 132 63.37 14.72 2.28
C ALA H 132 63.66 13.76 3.40
N GLY H 133 62.76 12.82 3.62
CA GLY H 133 62.99 11.84 4.66
C GLY H 133 63.86 10.67 4.22
N ARG H 134 64.26 10.64 2.96
CA ARG H 134 64.96 9.48 2.45
C ARG H 134 66.27 9.24 3.16
N GLU H 135 67.11 10.26 3.27
CA GLU H 135 68.39 10.13 3.96
C GLU H 135 68.24 9.50 5.33
N MET H 136 67.35 10.07 6.13
CA MET H 136 67.17 9.62 7.50
C MET H 136 66.57 8.24 7.59
N MET H 137 65.88 7.82 6.54
CA MET H 137 65.19 6.52 6.53
C MET H 137 66.07 5.40 5.96
N LYS H 138 67.35 5.68 5.71
CA LYS H 138 68.23 4.73 5.00
C LYS H 138 68.48 3.48 5.83
N GLY H 139 68.48 2.32 5.19
CA GLY H 139 68.67 1.04 5.86
C GLY H 139 67.83 0.79 7.11
N ARG H 140 66.65 1.38 7.20
CA ARG H 140 65.74 1.11 8.31
C ARG H 140 64.67 0.10 7.93
N ASN H 141 64.56 -0.20 6.64
CA ASN H 141 63.45 -0.99 6.16
C ASN H 141 62.16 -0.42 6.73
N GLY H 142 61.92 0.86 6.44
CA GLY H 142 60.84 1.60 7.08
C GLY H 142 59.58 1.67 6.26
N SER H 143 58.79 2.73 6.45
CA SER H 143 57.55 2.91 5.67
C SER H 143 56.94 4.34 5.68
N LEU H 144 56.28 4.66 4.57
CA LEU H 144 55.56 5.92 4.38
C LEU H 144 54.05 5.65 4.39
N LEU H 145 53.26 6.45 5.11
CA LEU H 145 51.81 6.30 5.03
C LEU H 145 51.13 7.61 4.74
N THR H 146 50.10 7.57 3.88
CA THR H 146 49.26 8.75 3.57
C THR H 146 47.77 8.42 3.65
N LEU H 147 46.94 9.46 3.66
CA LEU H 147 45.49 9.26 3.74
C LEU H 147 44.78 9.50 2.44
N SER H 148 43.89 8.59 2.06
CA SER H 148 43.08 8.85 0.90
C SER H 148 41.59 8.71 1.18
N TYR H 149 40.82 8.59 0.11
CA TYR H 149 39.38 8.67 0.20
C TYR H 149 38.79 8.04 -1.05
N LEU H 150 37.63 7.40 -0.89
CA LEU H 150 36.95 6.74 -2.00
C LEU H 150 36.64 7.73 -3.08
N GLY H 151 36.51 9.01 -2.71
CA GLY H 151 36.24 10.05 -3.69
C GLY H 151 37.25 10.01 -4.83
N ALA H 152 38.42 9.44 -4.52
CA ALA H 152 39.53 9.32 -5.46
C ALA H 152 39.24 8.40 -6.63
N GLU H 153 38.30 7.49 -6.48
CA GLU H 153 38.07 6.47 -7.49
C GLU H 153 36.70 6.59 -8.16
N ARG H 154 35.68 6.87 -7.38
CA ARG H 154 34.37 7.19 -7.92
C ARG H 154 33.93 8.53 -7.37
N THR H 155 32.90 9.14 -7.98
CA THR H 155 32.50 10.50 -7.63
C THR H 155 31.66 10.58 -6.35
N MET H 156 31.87 11.65 -5.60
CA MET H 156 30.98 12.04 -4.52
C MET H 156 30.64 13.50 -4.74
N PRO H 157 29.41 13.89 -4.39
CA PRO H 157 29.11 15.31 -4.67
C PRO H 157 29.98 16.25 -3.85
N ASN H 158 30.34 17.37 -4.45
CA ASN H 158 31.10 18.43 -3.78
C ASN H 158 32.49 18.03 -3.29
N TYR H 159 33.11 17.03 -3.91
CA TYR H 159 34.49 16.67 -3.59
C TYR H 159 35.39 17.12 -4.71
N ASN H 160 34.76 17.39 -5.85
CA ASN H 160 35.40 18.02 -6.99
C ASN H 160 36.86 17.69 -7.20
N VAL H 161 37.71 18.70 -7.13
CA VAL H 161 39.10 18.52 -7.52
C VAL H 161 39.88 17.68 -6.52
N MET H 162 39.37 17.55 -5.30
CA MET H 162 40.05 16.71 -4.31
C MET H 162 40.05 15.25 -4.80
N GLY H 163 39.09 14.90 -5.65
CA GLY H 163 39.04 13.56 -6.19
C GLY H 163 40.19 13.33 -7.15
N MET H 164 40.40 14.29 -8.04
CA MET H 164 41.57 14.31 -8.89
C MET H 164 42.88 14.29 -8.04
N ALA H 165 43.02 15.27 -7.15
CA ALA H 165 44.19 15.35 -6.29
C ALA H 165 44.45 14.02 -5.61
N LYS H 166 43.46 13.51 -4.90
CA LYS H 166 43.56 12.20 -4.25
C LYS H 166 43.94 11.04 -5.20
N ALA H 167 43.55 11.11 -6.47
CA ALA H 167 43.94 10.05 -7.39
C ALA H 167 45.40 10.19 -7.82
N SER H 168 45.90 11.42 -7.76
CA SER H 168 47.32 11.69 -7.95
C SER H 168 48.07 11.03 -6.81
N LEU H 169 47.66 11.36 -5.58
CA LEU H 169 48.25 10.76 -4.39
C LEU H 169 48.35 9.22 -4.45
N GLU H 170 47.22 8.56 -4.70
CA GLU H 170 47.18 7.11 -4.70
C GLU H 170 48.21 6.52 -5.67
N ALA H 171 48.36 7.15 -6.84
CA ALA H 171 49.36 6.68 -7.78
C ALA H 171 50.73 6.98 -7.20
N GLY H 172 50.85 8.16 -6.59
CA GLY H 172 52.07 8.55 -5.91
C GLY H 172 52.53 7.40 -5.04
N VAL H 173 51.62 6.89 -4.20
CA VAL H 173 51.91 5.71 -3.41
C VAL H 173 52.53 4.61 -4.24
N ARG H 174 51.88 4.28 -5.36
CA ARG H 174 52.31 3.14 -6.17
C ARG H 174 53.72 3.28 -6.71
N TYR H 175 54.08 4.47 -7.15
CA TYR H 175 55.41 4.73 -7.68
C TYR H 175 56.43 4.77 -6.57
N LEU H 176 56.12 5.50 -5.51
CA LEU H 176 56.99 5.57 -4.36
C LEU H 176 57.35 4.14 -3.92
N ALA H 177 56.34 3.30 -3.77
CA ALA H 177 56.57 1.91 -3.44
C ALA H 177 57.46 1.21 -4.45
N GLY H 178 57.37 1.59 -5.72
CA GLY H 178 58.13 0.94 -6.76
C GLY H 178 59.51 1.53 -6.90
N SER H 179 59.68 2.69 -6.27
CA SER H 179 60.93 3.42 -6.37
C SER H 179 61.77 3.22 -5.13
N LEU H 180 61.18 3.47 -3.98
CA LEU H 180 61.83 3.29 -2.72
C LEU H 180 61.89 1.84 -2.28
N GLY H 181 61.30 0.95 -3.07
CA GLY H 181 61.20 -0.44 -2.66
C GLY H 181 62.55 -1.09 -2.44
N ALA H 182 63.37 -1.02 -3.50
CA ALA H 182 64.71 -1.62 -3.53
C ALA H 182 65.55 -1.31 -2.30
N GLU H 183 65.51 -0.10 -1.79
CA GLU H 183 66.34 0.20 -0.64
C GLU H 183 65.61 -0.19 0.65
N GLY H 184 64.44 -0.80 0.53
CA GLY H 184 63.81 -1.38 1.70
C GLY H 184 62.69 -0.58 2.34
N THR H 185 62.34 0.56 1.75
CA THR H 185 61.23 1.38 2.22
C THR H 185 59.89 0.84 1.72
N ARG H 186 58.90 0.79 2.61
CA ARG H 186 57.54 0.41 2.24
C ARG H 186 56.62 1.62 2.08
N VAL H 187 55.65 1.54 1.15
CA VAL H 187 54.72 2.67 0.96
C VAL H 187 53.25 2.24 0.79
N ASN H 188 52.36 2.84 1.59
CA ASN H 188 50.96 2.45 1.65
C ASN H 188 50.01 3.61 1.96
N ALA H 189 48.71 3.43 1.72
CA ALA H 189 47.75 4.45 2.13
C ALA H 189 46.54 3.87 2.86
N VAL H 190 45.99 4.61 3.82
CA VAL H 190 44.76 4.16 4.44
C VAL H 190 43.65 5.02 3.91
N SER H 191 42.60 4.40 3.37
CA SER H 191 41.50 5.16 2.77
C SER H 191 40.25 5.16 3.65
N ALA H 192 40.04 6.23 4.39
CA ALA H 192 39.11 6.21 5.51
C ALA H 192 37.71 6.53 5.07
N GLY H 193 36.73 5.99 5.79
CA GLY H 193 35.34 6.34 5.55
C GLY H 193 35.12 7.71 6.13
N PRO H 194 33.86 8.17 6.13
CA PRO H 194 33.51 9.45 6.76
C PRO H 194 33.41 9.31 8.27
N ILE H 195 33.70 10.37 9.01
CA ILE H 195 33.80 10.33 10.47
C ILE H 195 33.21 11.60 11.02
N ARG H 196 32.40 11.53 12.09
CA ARG H 196 31.93 12.77 12.75
C ARG H 196 32.89 13.18 13.85
N ARG H 207 26.67 16.31 6.67
CA ARG H 207 25.31 16.61 7.13
C ARG H 207 24.42 15.36 7.07
N LYS H 208 23.54 15.31 6.07
CA LYS H 208 22.66 14.18 5.85
C LYS H 208 23.34 13.21 4.89
N MET H 209 24.64 13.41 4.69
CA MET H 209 25.42 12.52 3.85
C MET H 209 25.95 11.34 4.66
N LEU H 210 26.01 11.51 5.98
CA LEU H 210 26.31 10.41 6.90
C LEU H 210 25.08 9.54 7.11
N ALA H 211 23.93 10.00 6.62
CA ALA H 211 22.65 9.33 6.81
C ALA H 211 22.58 8.07 5.97
N ALA H 212 22.86 8.21 4.68
CA ALA H 212 22.79 7.08 3.75
C ALA H 212 24.11 6.31 3.68
N ASN H 213 25.22 6.99 4.00
CA ASN H 213 26.55 6.38 4.05
C ASN H 213 26.51 5.20 5.01
N GLU H 214 26.04 5.50 6.22
CA GLU H 214 25.98 4.53 7.28
C GLU H 214 25.07 3.35 6.91
N ARG H 215 23.88 3.64 6.39
CA ARG H 215 22.94 2.57 6.06
C ARG H 215 23.39 1.73 4.88
N GLN H 216 24.20 2.32 4.00
CA GLN H 216 24.76 1.57 2.89
C GLN H 216 26.03 0.79 3.29
N THR H 217 26.72 1.27 4.34
CA THR H 217 27.90 0.60 4.90
C THR H 217 27.57 -0.73 5.59
N PRO H 218 28.14 -1.84 5.10
CA PRO H 218 27.92 -3.19 5.63
C PRO H 218 28.02 -3.36 7.15
N LEU H 219 28.76 -2.50 7.82
CA LEU H 219 28.82 -2.55 9.27
C LEU H 219 27.84 -1.57 9.89
N ARG H 220 26.96 -1.03 9.06
CA ARG H 220 25.97 -0.02 9.47
C ARG H 220 26.49 1.06 10.43
N ARG H 221 27.69 1.59 10.19
CA ARG H 221 28.20 2.72 10.99
C ARG H 221 29.42 3.38 10.33
N ASN H 222 29.89 4.47 10.93
CA ASN H 222 31.11 5.10 10.44
C ASN H 222 32.31 4.60 11.24
N VAL H 223 33.44 4.40 10.58
CA VAL H 223 34.63 3.95 11.29
C VAL H 223 35.12 5.08 12.17
N THR H 224 35.71 4.76 13.30
CA THR H 224 36.16 5.81 14.22
C THR H 224 37.61 6.17 13.91
N ILE H 225 38.12 7.29 14.45
CA ILE H 225 39.52 7.64 14.14
C ILE H 225 40.46 6.59 14.73
N GLU H 226 40.06 5.98 15.85
CA GLU H 226 40.88 4.93 16.43
C GLU H 226 40.95 3.71 15.55
N GLU H 227 39.96 3.52 14.68
CA GLU H 227 39.93 2.32 13.84
C GLU H 227 40.73 2.55 12.57
N VAL H 228 40.83 3.81 12.17
CA VAL H 228 41.70 4.13 11.06
C VAL H 228 43.10 4.20 11.63
N GLY H 229 43.21 4.53 12.91
CA GLY H 229 44.52 4.54 13.56
C GLY H 229 45.13 3.16 13.79
N ASN H 230 44.34 2.22 14.29
CA ASN H 230 44.82 0.86 14.49
C ASN H 230 45.24 0.28 13.12
N ALA H 231 44.35 0.34 12.14
CA ALA H 231 44.68 -0.12 10.79
C ALA H 231 45.88 0.57 10.18
N GLY H 232 46.21 1.77 10.69
CA GLY H 232 47.27 2.61 10.16
C GLY H 232 48.62 2.41 10.85
N ALA H 233 48.60 2.15 12.15
CA ALA H 233 49.79 1.65 12.81
C ALA H 233 50.25 0.40 12.10
N PHE H 234 49.40 -0.64 12.12
CA PHE H 234 49.71 -1.94 11.48
C PHE H 234 50.50 -1.77 10.19
N LEU H 235 50.07 -0.87 9.32
CA LEU H 235 50.72 -0.75 8.00
C LEU H 235 52.16 -0.31 8.14
N CYS H 236 52.46 0.56 9.11
CA CYS H 236 53.84 1.05 9.31
C CYS H 236 54.60 0.17 10.29
N SER H 237 54.09 -1.03 10.52
CA SER H 237 54.66 -1.95 11.49
C SER H 237 55.29 -3.11 10.77
N ASP H 238 56.13 -3.87 11.46
CA ASP H 238 56.81 -5.00 10.85
C ASP H 238 55.86 -6.18 10.57
N LEU H 239 54.68 -6.15 11.19
CA LEU H 239 53.66 -7.14 10.91
C LEU H 239 53.17 -7.02 9.47
N ALA H 240 53.31 -5.83 8.89
CA ALA H 240 52.86 -5.61 7.52
C ALA H 240 54.03 -5.59 6.57
N SER H 241 55.01 -6.46 6.79
CA SER H 241 56.26 -6.31 6.09
C SER H 241 56.11 -6.77 4.65
N GLY H 242 55.01 -7.45 4.36
CA GLY H 242 54.81 -8.04 3.05
C GLY H 242 53.86 -7.21 2.23
N ILE H 243 53.62 -5.99 2.68
CA ILE H 243 52.63 -5.12 2.07
C ILE H 243 53.24 -3.80 1.65
N SER H 244 53.16 -3.50 0.35
CA SER H 244 53.52 -2.19 -0.16
C SER H 244 52.56 -1.75 -1.25
N GLY H 245 52.39 -0.44 -1.39
CA GLY H 245 51.56 0.09 -2.48
C GLY H 245 50.09 -0.25 -2.34
N GLU H 246 49.66 -0.49 -1.13
CA GLU H 246 48.30 -0.91 -0.95
C GLU H 246 47.49 0.31 -0.62
N ILE H 247 46.20 0.24 -0.88
CA ILE H 247 45.30 1.25 -0.40
C ILE H 247 44.24 0.51 0.39
N LEU H 248 44.39 0.57 1.73
CA LEU H 248 43.62 -0.22 2.69
C LEU H 248 42.34 0.50 3.08
N TYR H 249 41.19 -0.04 2.72
CA TYR H 249 39.95 0.64 3.05
C TYR H 249 39.49 0.36 4.46
N VAL H 250 39.66 1.35 5.32
CA VAL H 250 38.96 1.35 6.57
C VAL H 250 37.70 2.13 6.36
N ASP H 251 36.59 1.46 6.06
CA ASP H 251 35.35 2.19 5.88
C ASP H 251 34.11 1.33 6.10
N GLY H 252 34.23 0.30 6.93
CA GLY H 252 33.10 -0.57 7.19
C GLY H 252 32.64 -1.38 5.99
N GLY H 253 33.33 -1.22 4.86
CA GLY H 253 33.05 -2.02 3.67
C GLY H 253 32.24 -1.26 2.63
N PHE H 254 32.08 0.03 2.89
CA PHE H 254 31.27 0.91 2.07
C PHE H 254 31.74 0.97 0.61
N ASN H 255 33.04 0.79 0.40
CA ASN H 255 33.56 0.90 -0.96
C ASN H 255 33.01 -0.24 -1.80
N THR H 256 32.82 -1.39 -1.18
CA THR H 256 32.37 -2.57 -1.91
C THR H 256 30.88 -2.63 -2.19
N THR H 257 30.20 -1.49 -2.21
CA THR H 257 28.73 -1.48 -2.34
C THR H 257 28.23 -0.52 -3.43
N ALA H 258 26.96 -0.69 -3.86
CA ALA H 258 26.39 0.08 -4.97
C ALA H 258 24.99 0.69 -4.71
N MET H 259 24.09 -0.09 -4.10
CA MET H 259 22.74 0.41 -3.77
C MET H 259 22.30 0.02 -2.35
N GLY I 2 -49.27 2.52 -24.34
CA GLY I 2 -49.26 2.63 -22.90
C GLY I 2 -47.84 2.86 -22.46
N PHE I 3 -47.57 2.86 -21.15
CA PHE I 3 -46.23 3.22 -20.67
C PHE I 3 -45.29 2.02 -20.46
N LEU I 4 -45.40 0.99 -21.30
CA LEU I 4 -44.46 -0.12 -21.25
C LEU I 4 -44.18 -0.53 -22.67
N THR I 5 -44.36 0.40 -23.60
CA THR I 5 -44.22 0.06 -25.00
C THR I 5 -42.74 -0.14 -25.33
N GLY I 6 -42.42 -1.21 -26.04
CA GLY I 6 -41.04 -1.52 -26.35
C GLY I 6 -40.31 -2.30 -25.26
N LYS I 7 -40.95 -2.49 -24.11
CA LYS I 7 -40.40 -3.29 -23.01
C LYS I 7 -40.76 -4.74 -23.14
N ARG I 8 -39.81 -5.66 -22.92
CA ARG I 8 -40.12 -7.10 -22.87
C ARG I 8 -40.18 -7.52 -21.42
N ALA I 9 -40.88 -8.59 -21.11
CA ALA I 9 -40.97 -8.95 -19.70
C ALA I 9 -41.10 -10.44 -19.45
N LEU I 10 -40.37 -10.94 -18.46
CA LEU I 10 -40.52 -12.34 -18.10
C LEU I 10 -41.39 -12.36 -16.86
N ILE I 11 -42.32 -13.30 -16.80
CA ILE I 11 -43.19 -13.35 -15.65
C ILE I 11 -43.30 -14.78 -15.16
N VAL I 12 -42.93 -14.96 -13.90
CA VAL I 12 -42.81 -16.26 -13.27
C VAL I 12 -43.93 -16.37 -12.27
N GLY I 13 -44.74 -17.43 -12.34
CA GLY I 13 -45.70 -17.71 -11.27
C GLY I 13 -47.15 -17.69 -11.71
N VAL I 14 -47.34 -17.72 -13.02
CA VAL I 14 -48.68 -17.76 -13.55
C VAL I 14 -49.21 -19.16 -13.33
N ALA I 15 -50.33 -19.27 -12.60
CA ALA I 15 -50.98 -20.57 -12.40
C ALA I 15 -52.52 -20.51 -12.48
N SER I 16 -53.09 -19.33 -12.18
CA SER I 16 -54.53 -19.11 -12.35
C SER I 16 -54.83 -17.89 -13.20
N LYS I 17 -56.09 -17.74 -13.63
CA LYS I 17 -56.44 -16.52 -14.36
C LYS I 17 -56.65 -15.36 -13.40
N LEU I 18 -56.85 -15.66 -12.12
CA LEU I 18 -57.07 -14.57 -11.14
C LEU I 18 -55.94 -14.44 -10.12
N SER I 19 -54.78 -15.00 -10.44
CA SER I 19 -53.53 -14.78 -9.68
C SER I 19 -53.29 -13.28 -9.53
N ILE I 20 -52.62 -12.84 -8.48
CA ILE I 20 -52.07 -11.50 -8.55
C ILE I 20 -51.08 -11.49 -9.73
N ALA I 21 -50.45 -12.63 -9.98
CA ALA I 21 -49.51 -12.75 -11.11
C ALA I 21 -50.17 -12.42 -12.44
N SER I 22 -51.40 -12.87 -12.65
CA SER I 22 -52.08 -12.51 -13.89
C SER I 22 -52.43 -11.05 -13.83
N GLY I 23 -52.74 -10.57 -12.64
CA GLY I 23 -52.96 -9.15 -12.43
C GLY I 23 -51.89 -8.33 -13.13
N ILE I 24 -50.64 -8.57 -12.75
CA ILE I 24 -49.48 -7.91 -13.35
C ILE I 24 -49.43 -8.14 -14.84
N ALA I 25 -49.37 -9.39 -15.23
CA ALA I 25 -49.27 -9.78 -16.62
C ALA I 25 -50.20 -8.94 -17.47
N ALA I 26 -51.45 -8.86 -17.07
CA ALA I 26 -52.45 -8.19 -17.88
C ALA I 26 -52.28 -6.67 -17.92
N ALA I 27 -51.90 -6.07 -16.80
CA ALA I 27 -51.72 -4.64 -16.83
C ALA I 27 -50.51 -4.31 -17.68
N MET I 28 -49.63 -5.27 -17.83
CA MET I 28 -48.38 -5.03 -18.51
C MET I 28 -48.58 -5.15 -20.01
N HIS I 29 -49.42 -6.09 -20.43
CA HIS I 29 -49.74 -6.15 -21.84
C HIS I 29 -50.66 -4.99 -22.26
N ARG I 30 -51.50 -4.52 -21.35
CA ARG I 30 -52.38 -3.44 -21.73
C ARG I 30 -51.58 -2.20 -22.00
N GLU I 31 -50.58 -1.95 -21.17
CA GLU I 31 -49.76 -0.75 -21.35
C GLU I 31 -48.64 -0.98 -22.36
N GLY I 32 -48.61 -2.15 -23.00
CA GLY I 32 -47.76 -2.37 -24.16
C GLY I 32 -46.60 -3.37 -24.12
N ALA I 33 -46.42 -4.13 -23.06
CA ALA I 33 -45.21 -4.93 -22.97
C ALA I 33 -45.35 -6.22 -23.75
N GLU I 34 -44.24 -6.75 -24.26
CA GLU I 34 -44.29 -8.06 -24.90
C GLU I 34 -43.91 -9.07 -23.84
N LEU I 35 -44.71 -10.10 -23.60
CA LEU I 35 -44.49 -10.95 -22.44
C LEU I 35 -44.07 -12.39 -22.74
N ALA I 36 -43.23 -12.97 -21.88
CA ALA I 36 -42.95 -14.39 -21.94
C ALA I 36 -43.20 -14.98 -20.58
N PHE I 37 -43.51 -16.27 -20.51
CA PHE I 37 -43.89 -16.89 -19.24
C PHE I 37 -43.14 -18.18 -19.02
N THR I 38 -42.98 -18.53 -17.75
CA THR I 38 -42.52 -19.85 -17.35
C THR I 38 -43.72 -20.60 -16.77
N TYR I 39 -43.74 -21.93 -16.88
CA TYR I 39 -44.72 -22.65 -16.08
C TYR I 39 -44.04 -23.59 -15.08
N GLN I 40 -44.51 -23.63 -13.82
CA GLN I 40 -43.78 -24.41 -12.81
C GLN I 40 -43.69 -25.91 -13.09
N ASN I 41 -44.82 -26.56 -13.36
CA ASN I 41 -44.86 -28.01 -13.57
C ASN I 41 -45.74 -28.37 -14.76
N ASP I 42 -45.35 -29.42 -15.49
CA ASP I 42 -45.93 -29.68 -16.81
C ASP I 42 -47.46 -29.73 -16.82
N LYS I 43 -48.07 -30.15 -15.72
CA LYS I 43 -49.53 -30.22 -15.64
C LYS I 43 -50.16 -28.83 -15.89
N LEU I 44 -49.52 -27.81 -15.32
CA LEU I 44 -49.91 -26.40 -15.47
C LEU I 44 -49.74 -25.84 -16.89
N ARG I 45 -49.10 -26.61 -17.78
CA ARG I 45 -48.59 -26.08 -19.05
C ARG I 45 -49.65 -25.45 -19.94
N GLY I 46 -50.83 -26.06 -20.03
CA GLY I 46 -51.89 -25.56 -20.90
C GLY I 46 -52.55 -24.27 -20.43
N ARG I 47 -52.84 -24.19 -19.14
CA ARG I 47 -53.47 -23.00 -18.58
C ARG I 47 -52.60 -21.76 -18.83
N VAL I 48 -51.29 -21.88 -18.68
CA VAL I 48 -50.39 -20.76 -18.93
C VAL I 48 -50.37 -20.38 -20.42
N GLU I 49 -50.21 -21.36 -21.31
CA GLU I 49 -50.11 -21.04 -22.75
C GLU I 49 -51.31 -20.23 -23.21
N GLU I 50 -52.50 -20.67 -22.81
CA GLU I 50 -53.75 -20.12 -23.33
C GLU I 50 -53.98 -18.75 -22.76
N PHE I 51 -53.49 -18.52 -21.55
CA PHE I 51 -53.48 -17.19 -20.94
C PHE I 51 -52.59 -16.26 -21.77
N ALA I 52 -51.38 -16.72 -22.04
CA ALA I 52 -50.38 -15.97 -22.76
C ALA I 52 -50.91 -15.49 -24.10
N SER I 53 -51.57 -16.39 -24.83
CA SER I 53 -52.15 -16.05 -26.12
C SER I 53 -53.21 -14.96 -25.97
N GLY I 54 -53.70 -14.77 -24.74
CA GLY I 54 -54.62 -13.69 -24.44
C GLY I 54 -53.95 -12.44 -23.87
N TRP I 55 -52.61 -12.39 -23.98
CA TRP I 55 -51.81 -11.32 -23.42
C TRP I 55 -50.75 -10.85 -24.43
N GLY I 56 -50.94 -11.21 -25.70
CA GLY I 56 -50.01 -10.86 -26.76
C GLY I 56 -48.95 -11.92 -27.01
N SER I 57 -48.59 -12.67 -25.97
CA SER I 57 -47.58 -13.72 -26.13
C SER I 57 -48.16 -14.93 -26.83
N ARG I 58 -47.44 -16.06 -26.79
CA ARG I 58 -47.83 -17.23 -27.61
C ARG I 58 -47.10 -18.46 -27.11
N PRO I 59 -47.52 -19.67 -27.53
CA PRO I 59 -46.88 -20.90 -27.02
C PRO I 59 -45.36 -20.90 -26.85
N GLU I 60 -44.65 -20.48 -27.88
CA GLU I 60 -43.20 -20.61 -27.93
C GLU I 60 -42.49 -19.55 -27.13
N LEU I 61 -43.23 -18.66 -26.51
CA LEU I 61 -42.62 -17.76 -25.53
C LEU I 61 -42.95 -18.20 -24.11
N CYS I 62 -43.58 -19.38 -24.01
CA CYS I 62 -43.87 -20.01 -22.72
C CYS I 62 -42.85 -21.11 -22.48
N PHE I 63 -42.28 -21.16 -21.27
CA PHE I 63 -41.18 -22.08 -20.95
C PHE I 63 -41.44 -22.92 -19.69
N PRO I 64 -40.90 -24.15 -19.66
CA PRO I 64 -40.97 -24.95 -18.44
C PRO I 64 -39.87 -24.54 -17.45
N CYS I 65 -40.22 -24.01 -16.29
CA CYS I 65 -39.20 -23.70 -15.30
C CYS I 65 -39.65 -23.99 -13.88
N ASP I 66 -38.77 -24.72 -13.17
CA ASP I 66 -38.92 -25.06 -11.77
C ASP I 66 -37.91 -24.28 -10.91
N VAL I 67 -38.34 -23.14 -10.36
CA VAL I 67 -37.42 -22.22 -9.70
C VAL I 67 -36.55 -22.81 -8.55
N ALA I 68 -36.61 -24.12 -8.28
CA ALA I 68 -35.70 -24.73 -7.31
C ALA I 68 -34.52 -25.42 -8.00
N ASP I 69 -34.62 -25.52 -9.32
CA ASP I 69 -33.61 -26.17 -10.14
C ASP I 69 -32.77 -25.11 -10.87
N ASP I 70 -31.58 -24.81 -10.33
CA ASP I 70 -30.66 -23.82 -10.92
C ASP I 70 -30.41 -24.13 -12.40
N SER I 71 -30.20 -25.40 -12.71
CA SER I 71 -29.98 -25.84 -14.08
C SER I 71 -31.11 -25.39 -15.01
N GLN I 72 -32.34 -25.49 -14.51
CA GLN I 72 -33.52 -25.23 -15.33
C GLN I 72 -33.69 -23.75 -15.57
N ILE I 73 -33.34 -22.94 -14.58
CA ILE I 73 -33.51 -21.50 -14.66
C ILE I 73 -32.58 -20.98 -15.73
N GLU I 74 -31.44 -21.63 -15.88
CA GLU I 74 -30.47 -21.17 -16.85
C GLU I 74 -30.99 -21.40 -18.26
N ALA I 75 -31.64 -22.53 -18.49
CA ALA I 75 -32.18 -22.85 -19.80
C ALA I 75 -33.36 -22.00 -20.20
N VAL I 76 -34.03 -21.34 -19.25
CA VAL I 76 -35.12 -20.44 -19.65
C VAL I 76 -34.57 -19.21 -20.31
N PHE I 77 -33.53 -18.63 -19.74
CA PHE I 77 -32.98 -17.43 -20.34
C PHE I 77 -32.27 -17.79 -21.63
N ALA I 78 -31.51 -18.87 -21.62
CA ALA I 78 -30.78 -19.22 -22.85
C ALA I 78 -31.78 -19.58 -23.95
N ALA I 79 -32.99 -19.99 -23.55
CA ALA I 79 -34.02 -20.36 -24.50
C ALA I 79 -34.78 -19.15 -25.00
N LEU I 80 -35.05 -18.23 -24.07
CA LEU I 80 -35.66 -16.97 -24.44
C LEU I 80 -34.69 -16.21 -25.31
N GLY I 81 -33.42 -16.27 -24.96
CA GLY I 81 -32.40 -15.57 -25.73
C GLY I 81 -32.37 -15.93 -27.20
N LYS I 82 -33.06 -17.00 -27.57
CA LYS I 82 -33.12 -17.40 -28.97
C LYS I 82 -34.16 -16.61 -29.72
N HIS I 83 -35.12 -16.05 -28.97
CA HIS I 83 -36.21 -15.24 -29.53
C HIS I 83 -35.99 -13.75 -29.28
N TRP I 84 -35.34 -13.42 -28.16
CA TRP I 84 -35.09 -12.03 -27.78
C TRP I 84 -33.59 -11.77 -27.58
N ASP I 85 -33.08 -10.71 -28.17
CA ASP I 85 -31.69 -10.40 -27.90
C ASP I 85 -31.54 -9.78 -26.52
N GLY I 86 -32.63 -9.24 -25.97
CA GLY I 86 -32.60 -8.65 -24.63
C GLY I 86 -33.84 -8.86 -23.76
N LEU I 87 -33.82 -8.31 -22.56
CA LEU I 87 -34.96 -8.46 -21.66
C LEU I 87 -35.02 -7.27 -20.71
N ASP I 88 -36.22 -6.72 -20.47
CA ASP I 88 -36.35 -5.49 -19.68
C ASP I 88 -36.82 -5.74 -18.24
N ILE I 89 -37.92 -6.45 -18.11
CA ILE I 89 -38.50 -6.69 -16.81
C ILE I 89 -38.44 -8.17 -16.41
N ILE I 90 -38.33 -8.46 -15.11
CA ILE I 90 -38.56 -9.80 -14.59
C ILE I 90 -39.55 -9.71 -13.45
N VAL I 91 -40.65 -10.43 -13.55
CA VAL I 91 -41.64 -10.36 -12.49
C VAL I 91 -41.62 -11.70 -11.82
N HIS I 92 -41.41 -11.67 -10.51
CA HIS I 92 -41.29 -12.89 -9.74
C HIS I 92 -42.46 -12.90 -8.76
N SER I 93 -43.41 -13.79 -9.00
CA SER I 93 -44.60 -13.80 -8.17
C SER I 93 -45.06 -15.22 -7.89
N VAL I 94 -44.22 -15.94 -7.14
CA VAL I 94 -44.63 -17.20 -6.55
C VAL I 94 -44.07 -17.29 -5.13
N GLY I 95 -44.97 -17.29 -4.15
CA GLY I 95 -44.59 -17.42 -2.75
C GLY I 95 -45.16 -18.68 -2.15
N PHE I 96 -44.34 -19.75 -2.09
CA PHE I 96 -44.79 -21.08 -1.69
C PHE I 96 -44.08 -21.63 -0.45
N ALA I 97 -44.83 -22.28 0.43
CA ALA I 97 -44.26 -23.01 1.57
C ALA I 97 -45.11 -24.26 1.90
N PRO I 98 -44.46 -25.36 2.32
CA PRO I 98 -45.18 -26.59 2.67
C PRO I 98 -46.34 -26.33 3.62
N GLY I 99 -47.54 -26.70 3.19
CA GLY I 99 -48.78 -26.34 3.87
C GLY I 99 -48.86 -26.61 5.37
N ASP I 100 -48.16 -27.64 5.84
CA ASP I 100 -48.20 -27.98 7.27
C ASP I 100 -47.55 -26.86 8.10
N GLN I 101 -46.62 -26.14 7.48
CA GLN I 101 -45.93 -25.03 8.13
C GLN I 101 -46.83 -23.80 8.33
N LEU I 102 -48.06 -23.89 7.83
CA LEU I 102 -48.93 -22.73 7.65
C LEU I 102 -50.29 -22.87 8.29
N ASP I 103 -50.41 -23.79 9.24
CA ASP I 103 -51.68 -24.05 9.93
C ASP I 103 -51.42 -24.55 11.35
N GLY I 104 -51.82 -23.75 12.33
CA GLY I 104 -51.68 -24.12 13.73
C GLY I 104 -50.68 -23.23 14.43
N ASP I 105 -50.22 -23.68 15.61
CA ASP I 105 -49.24 -22.94 16.39
C ASP I 105 -47.91 -22.88 15.64
N PHE I 106 -47.40 -21.65 15.46
CA PHE I 106 -46.17 -21.41 14.71
C PHE I 106 -45.01 -22.25 15.27
N THR I 107 -44.80 -22.19 16.58
CA THR I 107 -43.63 -22.85 17.16
C THR I 107 -43.81 -24.34 17.03
N ALA I 108 -45.07 -24.74 17.06
CA ALA I 108 -45.40 -26.15 16.95
C ALA I 108 -45.04 -26.68 15.58
N VAL I 109 -45.64 -26.08 14.54
CA VAL I 109 -45.71 -26.72 13.24
C VAL I 109 -44.55 -26.36 12.31
N THR I 110 -43.75 -25.37 12.68
CA THR I 110 -42.55 -25.09 11.90
C THR I 110 -41.58 -26.25 12.01
N THR I 111 -41.09 -26.74 10.89
CA THR I 111 -40.02 -27.72 10.97
C THR I 111 -38.80 -27.14 10.30
N ARG I 112 -37.69 -27.87 10.34
CA ARG I 112 -36.49 -27.37 9.72
C ARG I 112 -36.62 -27.40 8.21
N GLU I 113 -37.28 -28.45 7.71
CA GLU I 113 -37.31 -28.65 6.28
C GLU I 113 -38.33 -27.73 5.60
N GLY I 114 -39.47 -27.54 6.26
CA GLY I 114 -40.50 -26.64 5.77
C GLY I 114 -39.86 -25.27 5.63
N PHE I 115 -39.16 -24.86 6.69
CA PHE I 115 -38.42 -23.61 6.75
C PHE I 115 -37.46 -23.44 5.58
N ARG I 116 -36.65 -24.45 5.34
CA ARG I 116 -35.65 -24.37 4.29
C ARG I 116 -36.32 -24.21 2.93
N ILE I 117 -37.09 -25.21 2.53
CA ILE I 117 -37.90 -25.16 1.31
C ILE I 117 -38.58 -23.80 1.09
N ALA I 118 -39.28 -23.31 2.11
CA ALA I 118 -40.00 -22.04 2.03
C ALA I 118 -39.08 -20.93 1.59
N HIS I 119 -38.03 -20.70 2.37
CA HIS I 119 -37.02 -19.69 2.05
C HIS I 119 -36.36 -19.93 0.69
N ASP I 120 -36.19 -21.20 0.32
CA ASP I 120 -35.61 -21.55 -0.99
C ASP I 120 -36.54 -20.97 -2.03
N ILE I 121 -37.71 -21.59 -2.20
CA ILE I 121 -38.74 -21.12 -3.13
C ILE I 121 -39.12 -19.62 -3.01
N SER I 122 -39.59 -19.20 -1.84
CA SER I 122 -40.17 -17.86 -1.76
C SER I 122 -39.14 -16.75 -1.80
N ALA I 123 -37.89 -17.07 -1.50
CA ALA I 123 -36.87 -16.03 -1.42
C ALA I 123 -35.63 -16.26 -2.35
N TYR I 124 -35.02 -17.44 -2.38
CA TYR I 124 -33.80 -17.51 -3.20
C TYR I 124 -34.10 -17.45 -4.71
N SER I 125 -35.29 -17.87 -5.11
CA SER I 125 -35.63 -17.86 -6.53
C SER I 125 -35.59 -16.45 -7.03
N PHE I 126 -35.81 -15.48 -6.16
CA PHE I 126 -35.79 -14.12 -6.63
C PHE I 126 -34.36 -13.80 -6.95
N ILE I 127 -33.46 -14.18 -6.04
CA ILE I 127 -32.03 -13.98 -6.27
C ILE I 127 -31.54 -14.85 -7.42
N ALA I 128 -32.16 -16.00 -7.57
CA ALA I 128 -31.73 -16.93 -8.61
C ALA I 128 -32.15 -16.37 -9.94
N LEU I 129 -33.22 -15.58 -9.94
CA LEU I 129 -33.69 -14.99 -11.17
C LEU I 129 -32.80 -13.81 -11.57
N ALA I 130 -32.57 -12.87 -10.66
CA ALA I 130 -31.78 -11.70 -11.02
C ALA I 130 -30.42 -12.15 -11.55
N LYS I 131 -29.75 -13.01 -10.78
CA LYS I 131 -28.55 -13.70 -11.25
C LYS I 131 -28.67 -14.21 -12.69
N ALA I 132 -29.70 -15.00 -12.96
CA ALA I 132 -29.72 -15.72 -14.24
C ALA I 132 -29.92 -14.79 -15.44
N GLY I 133 -30.84 -13.84 -15.33
CA GLY I 133 -31.14 -12.98 -16.46
C GLY I 133 -30.42 -11.65 -16.46
N ARG I 134 -29.34 -11.61 -15.69
CA ARG I 134 -28.53 -10.41 -15.53
C ARG I 134 -27.94 -9.94 -16.87
N GLU I 135 -27.35 -10.88 -17.60
CA GLU I 135 -26.62 -10.59 -18.82
C GLU I 135 -27.52 -10.09 -19.95
N MET I 136 -28.78 -10.55 -20.01
CA MET I 136 -29.75 -10.09 -21.02
C MET I 136 -30.36 -8.78 -20.61
N MET I 137 -30.17 -8.45 -19.34
CA MET I 137 -30.71 -7.21 -18.82
C MET I 137 -29.61 -6.16 -18.84
N LYS I 138 -28.44 -6.55 -19.32
CA LYS I 138 -27.32 -5.64 -19.27
C LYS I 138 -27.51 -4.50 -20.25
N GLY I 139 -27.49 -3.27 -19.72
CA GLY I 139 -27.58 -2.06 -20.51
C GLY I 139 -28.96 -1.72 -21.06
N ARG I 140 -30.00 -2.34 -20.53
CA ARG I 140 -31.38 -2.03 -20.94
C ARG I 140 -32.01 -1.02 -19.98
N ASN I 141 -31.34 -0.80 -18.84
CA ASN I 141 -31.91 -0.05 -17.74
C ASN I 141 -33.19 -0.67 -17.21
N GLY I 142 -33.25 -2.01 -17.20
CA GLY I 142 -34.47 -2.74 -16.91
C GLY I 142 -34.94 -2.61 -15.47
N SER I 143 -35.67 -3.63 -15.00
CA SER I 143 -36.12 -3.67 -13.61
C SER I 143 -36.68 -5.05 -13.22
N LEU I 144 -36.48 -5.41 -11.96
CA LEU I 144 -36.96 -6.68 -11.39
C LEU I 144 -38.09 -6.36 -10.41
N LEU I 145 -39.15 -7.18 -10.41
CA LEU I 145 -40.25 -6.97 -9.47
C LEU I 145 -40.72 -8.26 -8.82
N THR I 146 -40.96 -8.18 -7.51
CA THR I 146 -41.42 -9.35 -6.73
C THR I 146 -42.64 -8.99 -5.83
N LEU I 147 -43.20 -9.99 -5.15
CA LEU I 147 -44.39 -9.82 -4.32
C LEU I 147 -44.18 -10.25 -2.88
N SER I 148 -44.64 -9.44 -1.93
CA SER I 148 -44.49 -9.77 -0.51
C SER I 148 -45.84 -9.58 0.23
N TYR I 149 -45.80 -9.40 1.54
CA TYR I 149 -47.03 -9.35 2.31
C TYR I 149 -46.80 -8.78 3.71
N LEU I 150 -47.79 -8.08 4.26
CA LEU I 150 -47.67 -7.45 5.59
C LEU I 150 -47.10 -8.39 6.63
N GLY I 151 -47.20 -9.68 6.38
CA GLY I 151 -46.83 -10.71 7.34
C GLY I 151 -45.35 -10.92 7.49
N ALA I 152 -44.55 -10.26 6.66
CA ALA I 152 -43.10 -10.32 6.83
C ALA I 152 -42.63 -9.19 7.72
N GLU I 153 -43.56 -8.36 8.17
CA GLU I 153 -43.23 -7.22 9.03
C GLU I 153 -43.89 -7.34 10.40
N ARG I 154 -45.16 -7.76 10.42
CA ARG I 154 -45.95 -7.94 11.65
C ARG I 154 -46.64 -9.29 11.63
N THR I 155 -46.94 -9.84 12.80
CA THR I 155 -47.44 -11.21 12.82
C THR I 155 -48.91 -11.27 12.40
N MET I 156 -49.23 -12.29 11.59
CA MET I 156 -50.58 -12.55 11.13
C MET I 156 -50.92 -14.03 11.34
N PRO I 157 -52.14 -14.31 11.82
CA PRO I 157 -52.50 -15.69 12.16
C PRO I 157 -52.26 -16.65 10.99
N ASN I 158 -51.62 -17.78 11.28
CA ASN I 158 -51.40 -18.88 10.34
C ASN I 158 -50.26 -18.70 9.32
N TYR I 159 -49.80 -17.48 9.04
CA TYR I 159 -48.76 -17.29 8.01
C TYR I 159 -47.46 -17.97 8.43
N ASN I 160 -47.10 -17.74 9.68
CA ASN I 160 -45.99 -18.45 10.30
C ASN I 160 -44.71 -18.27 9.53
N VAL I 161 -44.05 -19.39 9.25
CA VAL I 161 -42.75 -19.41 8.61
C VAL I 161 -42.69 -18.56 7.33
N MET I 162 -43.85 -18.27 6.74
CA MET I 162 -43.86 -17.51 5.49
C MET I 162 -43.66 -16.01 5.66
N GLY I 163 -43.95 -15.48 6.84
CA GLY I 163 -43.51 -14.13 7.18
C GLY I 163 -41.98 -14.08 7.18
N MET I 164 -41.37 -15.09 7.80
CA MET I 164 -39.92 -15.22 7.80
C MET I 164 -39.36 -15.21 6.38
N ALA I 165 -39.74 -16.21 5.59
CA ALA I 165 -39.34 -16.30 4.20
C ALA I 165 -39.51 -14.97 3.44
N LYS I 166 -40.68 -14.37 3.53
CA LYS I 166 -40.90 -13.10 2.87
C LYS I 166 -39.93 -12.03 3.42
N ALA I 167 -39.73 -11.97 4.73
CA ALA I 167 -38.82 -10.98 5.33
C ALA I 167 -37.39 -11.16 4.83
N SER I 168 -37.06 -12.36 4.37
CA SER I 168 -35.82 -12.60 3.66
C SER I 168 -35.93 -12.01 2.28
N LEU I 169 -36.99 -12.41 1.58
CA LEU I 169 -37.29 -11.93 0.23
C LEU I 169 -37.17 -10.40 0.16
N GLU I 170 -37.87 -9.73 1.08
CA GLU I 170 -37.81 -8.26 1.17
C GLU I 170 -36.37 -7.79 1.26
N ALA I 171 -35.63 -8.29 2.25
CA ALA I 171 -34.19 -8.03 2.37
C ALA I 171 -33.48 -8.27 1.03
N GLY I 172 -33.85 -9.35 0.37
CA GLY I 172 -33.35 -9.67 -0.96
C GLY I 172 -33.59 -8.57 -1.98
N VAL I 173 -34.67 -7.82 -1.81
CA VAL I 173 -34.97 -6.69 -2.71
C VAL I 173 -34.03 -5.51 -2.46
N ARG I 174 -33.66 -5.27 -1.20
CA ARG I 174 -32.73 -4.17 -0.93
C ARG I 174 -31.35 -4.47 -1.45
N TYR I 175 -30.92 -5.73 -1.35
CA TYR I 175 -29.55 -6.03 -1.69
C TYR I 175 -29.35 -6.01 -3.20
N LEU I 176 -30.15 -6.77 -3.93
CA LEU I 176 -30.18 -6.68 -5.39
C LEU I 176 -30.28 -5.21 -5.83
N ALA I 177 -31.00 -4.41 -5.06
CA ALA I 177 -31.11 -2.99 -5.37
C ALA I 177 -29.76 -2.32 -5.31
N GLY I 178 -28.99 -2.58 -4.26
CA GLY I 178 -27.71 -1.91 -4.09
C GLY I 178 -26.74 -2.50 -5.08
N SER I 179 -26.76 -3.83 -5.15
CA SER I 179 -25.95 -4.58 -6.10
C SER I 179 -26.17 -4.15 -7.55
N LEU I 180 -27.35 -4.47 -8.10
CA LEU I 180 -27.56 -4.34 -9.54
C LEU I 180 -27.84 -2.91 -9.95
N GLY I 181 -27.90 -2.02 -8.97
CA GLY I 181 -28.25 -0.64 -9.24
C GLY I 181 -27.29 0.09 -10.17
N ALA I 182 -26.01 -0.15 -9.97
CA ALA I 182 -24.91 0.44 -10.75
C ALA I 182 -25.08 0.27 -12.27
N GLU I 183 -25.33 -0.95 -12.75
CA GLU I 183 -25.46 -1.17 -14.19
C GLU I 183 -26.82 -0.79 -14.75
N GLY I 184 -27.64 -0.15 -13.93
CA GLY I 184 -28.94 0.31 -14.38
C GLY I 184 -30.15 -0.34 -13.73
N THR I 185 -30.13 -1.66 -13.52
CA THR I 185 -31.32 -2.38 -13.05
C THR I 185 -31.94 -1.81 -11.77
N ARG I 186 -33.25 -1.63 -11.74
CA ARG I 186 -33.96 -1.30 -10.48
C ARG I 186 -34.63 -2.53 -9.91
N VAL I 187 -34.73 -2.60 -8.59
CA VAL I 187 -35.39 -3.76 -7.99
C VAL I 187 -36.44 -3.32 -7.01
N ASN I 188 -37.68 -3.78 -7.20
CA ASN I 188 -38.74 -3.45 -6.27
C ASN I 188 -39.70 -4.60 -6.05
N ALA I 189 -40.56 -4.40 -5.05
CA ALA I 189 -41.54 -5.38 -4.64
C ALA I 189 -42.85 -4.68 -4.43
N VAL I 190 -43.93 -5.40 -4.66
CA VAL I 190 -45.24 -4.92 -4.29
C VAL I 190 -45.78 -5.79 -3.15
N SER I 191 -46.23 -5.18 -2.06
CA SER I 191 -46.95 -5.92 -1.02
C SER I 191 -48.46 -5.66 -1.09
N ALA I 192 -49.22 -6.74 -1.25
CA ALA I 192 -50.64 -6.60 -1.54
C ALA I 192 -51.49 -7.07 -0.39
N GLY I 193 -52.62 -6.40 -0.17
CA GLY I 193 -53.55 -6.82 0.84
C GLY I 193 -54.11 -8.17 0.45
N PRO I 194 -54.97 -8.75 1.30
CA PRO I 194 -55.66 -9.99 0.93
C PRO I 194 -56.76 -9.75 -0.13
N ILE I 195 -57.17 -10.80 -0.86
CA ILE I 195 -58.09 -10.66 -2.01
C ILE I 195 -59.21 -11.73 -2.05
N LEU I 210 -61.67 -12.38 7.33
CA LEU I 210 -61.64 -11.57 6.12
C LEU I 210 -62.51 -10.31 6.25
N ALA I 211 -63.58 -10.43 7.04
CA ALA I 211 -64.49 -9.30 7.32
C ALA I 211 -63.90 -8.36 8.38
N ALA I 212 -62.77 -8.78 8.96
CA ALA I 212 -62.03 -7.97 9.91
C ALA I 212 -61.02 -7.05 9.22
N ASN I 213 -60.50 -7.50 8.07
CA ASN I 213 -59.54 -6.69 7.34
C ASN I 213 -60.20 -5.45 6.76
N GLU I 214 -61.41 -5.65 6.24
CA GLU I 214 -62.06 -4.65 5.44
C GLU I 214 -62.34 -3.35 6.17
N ARG I 215 -62.87 -3.43 7.39
CA ARG I 215 -63.23 -2.22 8.11
C ARG I 215 -62.09 -1.60 8.93
N GLN I 216 -60.97 -2.33 9.10
CA GLN I 216 -59.75 -1.71 9.61
C GLN I 216 -59.07 -0.95 8.49
N THR I 217 -59.06 -1.57 7.31
CA THR I 217 -58.57 -0.92 6.11
C THR I 217 -59.17 0.49 5.94
N PRO I 218 -58.32 1.47 5.66
CA PRO I 218 -58.75 2.85 5.42
C PRO I 218 -59.73 3.03 4.24
N LEU I 219 -59.75 2.15 3.25
CA LEU I 219 -60.68 2.32 2.13
C LEU I 219 -61.87 1.37 2.23
N ARG I 220 -62.06 0.79 3.40
CA ARG I 220 -63.20 -0.08 3.67
C ARG I 220 -63.43 -1.19 2.66
N ARG I 221 -62.37 -1.62 1.97
CA ARG I 221 -62.48 -2.80 1.11
C ARG I 221 -61.15 -3.49 0.89
N ASN I 222 -61.16 -4.62 0.20
CA ASN I 222 -59.93 -5.32 -0.20
C ASN I 222 -59.47 -4.85 -1.58
N VAL I 223 -58.16 -4.67 -1.76
CA VAL I 223 -57.61 -4.30 -3.07
C VAL I 223 -57.92 -5.36 -4.11
N THR I 224 -57.87 -4.96 -5.39
CA THR I 224 -58.07 -5.87 -6.52
C THR I 224 -56.80 -6.17 -7.30
N ILE I 225 -56.76 -7.33 -7.93
CA ILE I 225 -55.61 -7.71 -8.73
C ILE I 225 -55.36 -6.75 -9.88
N GLU I 226 -56.32 -5.87 -10.18
CA GLU I 226 -56.09 -4.80 -11.15
C GLU I 226 -55.35 -3.63 -10.53
N GLU I 227 -55.62 -3.37 -9.26
CA GLU I 227 -54.93 -2.30 -8.56
C GLU I 227 -53.50 -2.73 -8.32
N VAL I 228 -53.33 -4.00 -7.97
CA VAL I 228 -52.01 -4.54 -7.72
C VAL I 228 -51.24 -4.67 -9.03
N GLY I 229 -51.91 -5.11 -10.09
CA GLY I 229 -51.32 -5.09 -11.43
C GLY I 229 -50.84 -3.73 -11.90
N ASN I 230 -51.72 -2.73 -11.84
CA ASN I 230 -51.30 -1.37 -12.11
C ASN I 230 -50.04 -1.03 -11.33
N ALA I 231 -50.00 -1.43 -10.06
CA ALA I 231 -48.88 -1.11 -9.15
C ALA I 231 -47.56 -1.70 -9.64
N GLY I 232 -47.55 -3.01 -9.83
CA GLY I 232 -46.43 -3.67 -10.49
C GLY I 232 -46.09 -2.97 -11.78
N ALA I 233 -47.08 -2.85 -12.65
CA ALA I 233 -46.90 -2.24 -13.97
C ALA I 233 -46.13 -0.93 -13.88
N PHE I 234 -46.48 -0.08 -12.92
CA PHE I 234 -45.85 1.24 -12.82
C PHE I 234 -44.40 1.18 -12.40
N LEU I 235 -44.09 0.28 -11.47
CA LEU I 235 -42.73 0.13 -10.96
C LEU I 235 -41.78 -0.28 -12.08
N CYS I 236 -42.29 -1.01 -13.06
CA CYS I 236 -41.47 -1.46 -14.19
C CYS I 236 -41.39 -0.49 -15.36
N SER I 237 -42.10 0.61 -15.24
CA SER I 237 -42.13 1.59 -16.32
C SER I 237 -41.08 2.62 -16.03
N ASP I 238 -40.57 3.25 -17.08
CA ASP I 238 -39.56 4.29 -16.91
C ASP I 238 -40.16 5.54 -16.25
N LEU I 239 -41.41 5.43 -15.79
CA LEU I 239 -42.00 6.45 -14.94
C LEU I 239 -41.34 6.40 -13.57
N ALA I 240 -41.07 5.18 -13.10
CA ALA I 240 -40.50 4.94 -11.78
C ALA I 240 -39.00 4.75 -11.83
N SER I 241 -38.30 5.65 -12.51
CA SER I 241 -36.88 5.48 -12.75
C SER I 241 -36.07 6.07 -11.60
N GLY I 242 -36.78 6.49 -10.57
CA GLY I 242 -36.15 7.01 -9.38
C GLY I 242 -36.49 6.08 -8.24
N ILE I 243 -37.04 4.92 -8.58
CA ILE I 243 -37.59 4.04 -7.56
C ILE I 243 -36.96 2.64 -7.57
N SER I 244 -36.13 2.40 -6.56
CA SER I 244 -35.57 1.08 -6.29
C SER I 244 -35.48 0.86 -4.78
N GLY I 245 -35.59 -0.40 -4.38
CA GLY I 245 -35.42 -0.79 -2.99
C GLY I 245 -36.73 -0.65 -2.24
N GLU I 246 -37.81 -0.52 -2.99
CA GLU I 246 -39.13 -0.30 -2.39
C GLU I 246 -39.95 -1.55 -2.22
N ILE I 247 -40.51 -1.71 -1.02
CA ILE I 247 -41.70 -2.53 -0.87
C ILE I 247 -42.87 -1.55 -0.95
N LEU I 248 -43.65 -1.65 -2.03
CA LEU I 248 -44.76 -0.72 -2.28
C LEU I 248 -46.07 -1.33 -1.83
N TYR I 249 -46.72 -0.67 -0.89
CA TYR I 249 -47.89 -1.26 -0.25
C TYR I 249 -49.19 -0.93 -1.00
N VAL I 250 -49.79 -1.97 -1.57
CA VAL I 250 -51.09 -1.88 -2.24
C VAL I 250 -52.10 -2.71 -1.44
N ASP I 251 -52.62 -2.13 -0.36
CA ASP I 251 -53.48 -2.91 0.52
C ASP I 251 -54.57 -1.99 1.07
N GLY I 252 -54.78 -0.88 0.39
CA GLY I 252 -55.85 0.02 0.78
C GLY I 252 -55.45 0.81 1.98
N GLY I 253 -54.35 0.43 2.61
CA GLY I 253 -53.83 1.16 3.75
C GLY I 253 -53.90 0.39 5.06
N PHE I 254 -54.16 -0.92 4.97
CA PHE I 254 -54.29 -1.75 6.15
C PHE I 254 -53.07 -1.63 7.04
N ASN I 255 -51.89 -1.71 6.43
CA ASN I 255 -50.65 -1.75 7.19
C ASN I 255 -50.41 -0.47 8.01
N THR I 256 -51.04 0.64 7.62
CA THR I 256 -50.92 1.85 8.41
C THR I 256 -51.83 1.79 9.65
N THR I 257 -52.64 0.74 9.78
CA THR I 257 -53.63 0.65 10.85
C THR I 257 -53.24 -0.28 11.98
N ALA I 258 -53.45 0.18 13.21
CA ALA I 258 -53.19 -0.65 14.38
C ALA I 258 -54.48 -1.27 14.88
N MET I 259 -55.48 -0.42 15.09
CA MET I 259 -56.85 -0.88 15.35
C MET I 259 -57.82 -0.23 14.36
N GLY J 2 -28.14 -9.48 42.10
CA GLY J 2 -28.56 -8.69 40.95
C GLY J 2 -29.99 -9.04 40.58
N PHE J 3 -30.36 -8.72 39.35
CA PHE J 3 -31.75 -8.85 38.92
C PHE J 3 -32.07 -10.14 38.13
N LEU J 4 -31.05 -10.94 37.87
CA LEU J 4 -31.26 -12.24 37.24
C LEU J 4 -31.20 -13.35 38.28
N THR J 5 -31.19 -12.94 39.55
CA THR J 5 -31.01 -13.87 40.64
C THR J 5 -32.19 -14.82 40.72
N GLY J 6 -31.92 -16.10 40.50
CA GLY J 6 -32.95 -17.11 40.57
C GLY J 6 -33.18 -17.80 39.24
N LYS J 7 -32.80 -17.15 38.16
CA LYS J 7 -33.09 -17.66 36.82
C LYS J 7 -32.01 -18.60 36.29
N ARG J 8 -32.43 -19.69 35.65
CA ARG J 8 -31.53 -20.61 34.97
C ARG J 8 -31.56 -20.34 33.46
N ALA J 9 -30.37 -20.21 32.85
CA ALA J 9 -30.28 -19.93 31.40
C ALA J 9 -29.33 -20.89 30.70
N LEU J 10 -29.54 -21.10 29.40
CA LEU J 10 -28.66 -21.92 28.57
C LEU J 10 -28.09 -21.05 27.43
N ILE J 11 -26.76 -21.01 27.27
CA ILE J 11 -26.15 -20.05 26.34
C ILE J 11 -25.39 -20.66 25.16
N VAL J 12 -26.04 -20.56 24.00
CA VAL J 12 -25.50 -21.00 22.71
C VAL J 12 -24.65 -19.94 22.05
N GLY J 13 -23.54 -20.35 21.44
CA GLY J 13 -22.80 -19.46 20.57
C GLY J 13 -21.52 -18.90 21.15
N VAL J 14 -21.23 -19.26 22.40
CA VAL J 14 -19.94 -18.93 22.98
C VAL J 14 -18.86 -19.60 22.17
N ALA J 15 -17.85 -18.84 21.78
CA ALA J 15 -16.80 -19.37 20.93
C ALA J 15 -15.50 -18.56 20.99
N SER J 16 -15.57 -17.33 21.52
CA SER J 16 -14.38 -16.52 21.80
C SER J 16 -14.53 -15.73 23.08
N LYS J 17 -13.42 -15.17 23.56
CA LYS J 17 -13.46 -14.35 24.76
C LYS J 17 -14.09 -13.00 24.44
N LEU J 18 -13.96 -12.60 23.17
CA LEU J 18 -14.43 -11.30 22.73
C LEU J 18 -15.78 -11.42 22.06
N SER J 19 -16.53 -12.45 22.47
CA SER J 19 -17.84 -12.74 21.88
C SER J 19 -18.98 -11.85 22.41
N ILE J 20 -20.04 -11.75 21.64
CA ILE J 20 -21.26 -11.21 22.19
C ILE J 20 -21.85 -12.28 23.11
N ALA J 21 -21.57 -13.54 22.77
CA ALA J 21 -22.06 -14.65 23.57
C ALA J 21 -21.32 -14.71 24.90
N SER J 22 -20.13 -14.11 24.95
CA SER J 22 -19.36 -14.10 26.17
C SER J 22 -19.80 -12.92 26.99
N GLY J 23 -20.15 -11.82 26.31
CA GLY J 23 -20.58 -10.61 26.96
C GLY J 23 -21.84 -10.91 27.76
N ILE J 24 -22.83 -11.42 27.05
CA ILE J 24 -24.12 -11.72 27.64
C ILE J 24 -23.95 -12.73 28.79
N ALA J 25 -23.13 -13.75 28.58
CA ALA J 25 -22.88 -14.75 29.61
C ALA J 25 -22.31 -14.15 30.87
N ALA J 26 -21.28 -13.31 30.69
CA ALA J 26 -20.57 -12.74 31.81
C ALA J 26 -21.48 -11.83 32.61
N ALA J 27 -22.23 -11.00 31.90
CA ALA J 27 -23.02 -9.97 32.55
C ALA J 27 -24.34 -10.54 33.08
N MET J 28 -24.77 -11.66 32.49
CA MET J 28 -25.95 -12.35 33.02
C MET J 28 -25.58 -12.86 34.40
N HIS J 29 -24.49 -13.63 34.45
CA HIS J 29 -24.02 -14.26 35.69
C HIS J 29 -23.77 -13.24 36.80
N ARG J 30 -23.18 -12.10 36.45
CA ARG J 30 -22.91 -11.06 37.42
C ARG J 30 -24.16 -10.65 38.21
N GLU J 31 -25.32 -10.78 37.57
CA GLU J 31 -26.58 -10.38 38.20
C GLU J 31 -27.21 -11.61 38.82
N GLY J 32 -26.45 -12.70 38.83
CA GLY J 32 -26.83 -13.87 39.59
C GLY J 32 -27.62 -14.89 38.78
N ALA J 33 -27.12 -15.23 37.61
CA ALA J 33 -27.79 -16.25 36.80
C ALA J 33 -26.96 -17.53 36.72
N GLU J 34 -27.64 -18.66 36.96
CA GLU J 34 -26.99 -19.95 36.83
C GLU J 34 -27.00 -20.34 35.35
N LEU J 35 -25.82 -20.50 34.77
CA LEU J 35 -25.69 -20.73 33.33
C LEU J 35 -25.51 -22.20 32.94
N ALA J 36 -25.80 -22.49 31.67
CA ALA J 36 -25.41 -23.75 31.04
C ALA J 36 -24.88 -23.40 29.65
N PHE J 37 -24.23 -24.32 28.95
CA PHE J 37 -23.58 -23.94 27.69
C PHE J 37 -23.60 -25.00 26.58
N THR J 38 -23.45 -24.53 25.33
CA THR J 38 -23.21 -25.41 24.20
C THR J 38 -21.89 -25.03 23.54
N TYR J 39 -21.17 -26.03 23.05
CA TYR J 39 -20.00 -25.79 22.22
C TYR J 39 -20.26 -26.39 20.84
N GLN J 40 -20.01 -25.61 19.79
CA GLN J 40 -20.28 -26.05 18.41
C GLN J 40 -19.70 -27.44 18.24
N ASN J 41 -18.38 -27.56 18.24
CA ASN J 41 -17.76 -28.87 18.17
C ASN J 41 -16.70 -29.10 19.25
N ASP J 42 -15.84 -30.09 19.00
CA ASP J 42 -14.89 -30.58 20.00
C ASP J 42 -13.56 -29.82 19.95
N LYS J 43 -13.20 -29.32 18.77
CA LYS J 43 -11.99 -28.52 18.64
C LYS J 43 -12.09 -27.23 19.44
N LEU J 44 -13.31 -26.76 19.65
CA LEU J 44 -13.54 -25.51 20.36
C LEU J 44 -14.09 -25.74 21.77
N ARG J 45 -14.12 -27.00 22.21
CA ARG J 45 -14.84 -27.40 23.42
C ARG J 45 -14.19 -26.93 24.71
N GLY J 46 -12.88 -27.18 24.86
CA GLY J 46 -12.17 -26.84 26.07
C GLY J 46 -12.32 -25.38 26.51
N ARG J 47 -12.21 -24.47 25.55
CA ARG J 47 -12.34 -23.03 25.80
C ARG J 47 -13.71 -22.70 26.42
N VAL J 48 -14.73 -23.49 26.11
CA VAL J 48 -16.05 -23.19 26.63
C VAL J 48 -16.13 -23.62 28.09
N GLU J 49 -15.66 -24.84 28.35
CA GLU J 49 -15.48 -25.31 29.71
C GLU J 49 -14.48 -24.42 30.45
N GLU J 50 -13.40 -24.03 29.76
CA GLU J 50 -12.45 -23.06 30.30
C GLU J 50 -13.18 -21.78 30.76
N PHE J 51 -14.09 -21.29 29.92
CA PHE J 51 -14.76 -20.02 30.18
C PHE J 51 -16.03 -20.17 31.01
N ALA J 52 -16.75 -21.27 30.82
CA ALA J 52 -17.95 -21.54 31.60
C ALA J 52 -17.66 -21.52 33.10
N SER J 53 -16.56 -22.17 33.48
CA SER J 53 -16.27 -22.37 34.90
C SER J 53 -15.97 -21.07 35.67
N GLY J 54 -15.38 -20.08 34.99
CA GLY J 54 -15.13 -18.78 35.59
C GLY J 54 -16.39 -17.91 35.71
N TRP J 55 -17.44 -18.32 35.00
CA TRP J 55 -18.73 -17.64 35.10
C TRP J 55 -19.66 -18.38 36.07
N GLY J 56 -19.09 -18.82 37.20
CA GLY J 56 -19.85 -19.53 38.21
C GLY J 56 -20.41 -20.85 37.76
N SER J 57 -19.89 -21.38 36.64
CA SER J 57 -20.39 -22.63 36.05
C SER J 57 -19.37 -23.76 36.11
N ARG J 58 -19.68 -24.90 35.47
CA ARG J 58 -18.82 -26.11 35.48
C ARG J 58 -19.12 -27.01 34.26
N PRO J 59 -18.12 -27.81 33.81
CA PRO J 59 -18.19 -28.68 32.62
C PRO J 59 -19.35 -29.71 32.57
N GLU J 60 -20.03 -29.94 33.68
CA GLU J 60 -21.15 -30.90 33.76
C GLU J 60 -22.44 -30.27 33.20
N LEU J 61 -22.32 -29.00 32.82
CA LEU J 61 -23.44 -28.23 32.28
C LEU J 61 -23.17 -27.77 30.85
N CYS J 62 -22.07 -28.23 30.26
CA CYS J 62 -21.71 -27.88 28.89
C CYS J 62 -21.89 -29.06 27.97
N PHE J 63 -22.75 -28.89 26.97
CA PHE J 63 -23.12 -29.97 26.07
C PHE J 63 -22.66 -29.68 24.62
N PRO J 64 -22.48 -30.73 23.79
CA PRO J 64 -22.03 -30.56 22.40
C PRO J 64 -23.17 -30.28 21.43
N CYS J 65 -23.19 -29.11 20.80
CA CYS J 65 -24.32 -28.79 19.93
C CYS J 65 -23.96 -28.06 18.64
N ASP J 66 -24.16 -28.76 17.53
CA ASP J 66 -24.17 -28.11 16.24
C ASP J 66 -25.62 -27.81 15.82
N VAL J 67 -25.97 -26.52 15.81
CA VAL J 67 -27.32 -26.10 15.50
C VAL J 67 -27.76 -26.43 14.08
N ALA J 68 -26.85 -27.01 13.30
CA ALA J 68 -27.21 -27.56 12.01
C ALA J 68 -27.94 -28.91 12.15
N ASP J 69 -27.82 -29.57 13.29
CA ASP J 69 -28.43 -30.91 13.48
C ASP J 69 -29.55 -31.03 14.51
N ASP J 70 -30.76 -31.28 14.02
CA ASP J 70 -31.95 -31.45 14.88
C ASP J 70 -31.75 -32.37 16.10
N SER J 71 -31.21 -33.57 15.85
CA SER J 71 -31.03 -34.57 16.91
C SER J 71 -30.12 -34.06 18.02
N GLN J 72 -28.95 -33.53 17.65
CA GLN J 72 -27.97 -33.00 18.60
C GLN J 72 -28.57 -31.93 19.53
N ILE J 73 -29.52 -31.18 19.00
CA ILE J 73 -30.15 -30.07 19.72
C ILE J 73 -31.02 -30.57 20.88
N GLU J 74 -31.72 -31.68 20.66
CA GLU J 74 -32.51 -32.30 21.74
C GLU J 74 -31.59 -32.94 22.77
N ALA J 75 -30.54 -33.61 22.28
CA ALA J 75 -29.48 -34.16 23.12
C ALA J 75 -29.03 -33.16 24.18
N VAL J 76 -29.11 -31.87 23.86
CA VAL J 76 -28.74 -30.82 24.79
C VAL J 76 -29.83 -30.64 25.85
N PHE J 77 -31.09 -30.88 25.47
CA PHE J 77 -32.23 -30.51 26.32
C PHE J 77 -32.83 -31.63 27.20
N ALA J 78 -32.61 -32.89 26.82
CA ALA J 78 -32.92 -34.00 27.73
C ALA J 78 -31.74 -34.20 28.70
N ALA J 79 -30.54 -33.84 28.23
CA ALA J 79 -29.33 -33.92 29.06
C ALA J 79 -29.31 -32.79 30.07
N LEU J 80 -29.53 -31.56 29.60
CA LEU J 80 -29.68 -30.44 30.52
C LEU J 80 -30.82 -30.73 31.47
N GLY J 81 -31.95 -31.18 30.90
CA GLY J 81 -33.15 -31.46 31.66
C GLY J 81 -32.98 -32.47 32.79
N LYS J 82 -31.89 -33.22 32.73
CA LYS J 82 -31.54 -34.15 33.81
C LYS J 82 -30.93 -33.43 35.01
N HIS J 83 -30.40 -32.23 34.79
CA HIS J 83 -29.81 -31.44 35.85
C HIS J 83 -30.75 -30.36 36.36
N TRP J 84 -31.46 -29.68 35.45
CA TRP J 84 -32.41 -28.67 35.86
C TRP J 84 -33.84 -29.16 35.68
N ASP J 85 -34.68 -28.94 36.70
CA ASP J 85 -36.06 -29.38 36.65
C ASP J 85 -36.83 -28.56 35.60
N GLY J 86 -36.33 -27.36 35.34
CA GLY J 86 -36.88 -26.50 34.30
C GLY J 86 -35.89 -25.41 33.91
N LEU J 87 -36.12 -24.79 32.75
CA LEU J 87 -35.27 -23.72 32.24
C LEU J 87 -36.05 -22.42 32.08
N ASP J 88 -35.36 -21.29 32.16
CA ASP J 88 -36.02 -19.99 32.02
C ASP J 88 -35.59 -19.26 30.73
N ILE J 89 -34.29 -19.24 30.46
CA ILE J 89 -33.73 -18.38 29.42
C ILE J 89 -32.84 -19.16 28.45
N ILE J 90 -32.98 -18.88 27.15
CA ILE J 90 -32.03 -19.40 26.16
C ILE J 90 -31.45 -18.24 25.37
N VAL J 91 -30.15 -18.26 25.11
CA VAL J 91 -29.46 -17.16 24.42
C VAL J 91 -28.80 -17.60 23.10
N HIS J 92 -29.20 -16.95 22.02
CA HIS J 92 -28.86 -17.38 20.67
C HIS J 92 -27.86 -16.43 20.02
N SER J 93 -26.59 -16.79 20.12
CA SER J 93 -25.52 -15.99 19.52
C SER J 93 -24.72 -16.82 18.51
N VAL J 94 -25.40 -17.21 17.44
CA VAL J 94 -24.77 -17.96 16.38
C VAL J 94 -25.14 -17.33 15.05
N GLY J 95 -24.18 -17.26 14.13
CA GLY J 95 -24.41 -16.74 12.80
C GLY J 95 -23.32 -17.11 11.80
N PHE J 96 -23.70 -17.86 10.77
CA PHE J 96 -22.73 -18.36 9.79
C PHE J 96 -23.24 -18.21 8.35
N ALA J 97 -22.28 -18.08 7.42
CA ALA J 97 -22.53 -18.13 5.98
C ALA J 97 -21.18 -18.32 5.29
N PRO J 98 -21.07 -19.32 4.41
CA PRO J 98 -19.85 -19.57 3.64
C PRO J 98 -19.15 -18.27 3.23
N GLY J 99 -18.03 -17.96 3.90
CA GLY J 99 -17.33 -16.68 3.75
C GLY J 99 -16.94 -16.21 2.35
N ASP J 100 -17.18 -17.03 1.33
CA ASP J 100 -16.95 -16.63 -0.04
C ASP J 100 -18.10 -15.73 -0.47
N GLN J 101 -19.24 -15.90 0.19
CA GLN J 101 -20.46 -15.12 -0.06
C GLN J 101 -20.55 -13.78 0.66
N LEU J 102 -19.60 -13.53 1.57
CA LEU J 102 -19.62 -12.33 2.36
C LEU J 102 -18.47 -11.47 1.90
N ASP J 103 -18.09 -11.71 0.65
CA ASP J 103 -17.06 -10.92 0.01
C ASP J 103 -17.35 -10.75 -1.46
N GLY J 104 -17.56 -9.51 -1.86
CA GLY J 104 -17.81 -9.19 -3.25
C GLY J 104 -19.27 -8.89 -3.50
N ASP J 105 -19.63 -8.87 -4.78
CA ASP J 105 -20.98 -8.46 -5.19
C ASP J 105 -22.04 -9.48 -4.85
N PHE J 106 -23.10 -9.00 -4.23
CA PHE J 106 -24.16 -9.86 -3.70
C PHE J 106 -24.73 -10.80 -4.75
N THR J 107 -25.03 -10.30 -5.95
CA THR J 107 -25.69 -11.14 -6.93
C THR J 107 -24.69 -12.18 -7.38
N ALA J 108 -23.47 -11.75 -7.65
CA ALA J 108 -22.42 -12.66 -8.12
C ALA J 108 -22.14 -13.85 -7.19
N VAL J 109 -22.04 -13.57 -5.89
CA VAL J 109 -21.49 -14.55 -4.98
C VAL J 109 -22.53 -15.42 -4.27
N THR J 110 -23.71 -14.86 -4.03
CA THR J 110 -24.75 -15.56 -3.31
C THR J 110 -25.19 -16.73 -4.15
N THR J 111 -24.88 -17.93 -3.71
CA THR J 111 -25.40 -19.13 -4.32
C THR J 111 -26.59 -19.63 -3.50
N ARG J 112 -27.35 -20.58 -4.04
CA ARG J 112 -28.46 -21.17 -3.32
C ARG J 112 -27.99 -21.89 -2.09
N GLU J 113 -26.93 -22.68 -2.27
CA GLU J 113 -26.31 -23.43 -1.17
C GLU J 113 -25.81 -22.52 -0.10
N GLY J 114 -25.22 -21.40 -0.48
CA GLY J 114 -24.83 -20.46 0.53
C GLY J 114 -26.04 -19.84 1.20
N PHE J 115 -27.05 -19.53 0.40
CA PHE J 115 -28.29 -18.96 0.92
C PHE J 115 -28.81 -19.89 1.99
N ARG J 116 -29.08 -21.12 1.57
CA ARG J 116 -29.58 -22.18 2.43
C ARG J 116 -28.90 -22.13 3.78
N ILE J 117 -27.58 -22.28 3.75
CA ILE J 117 -26.75 -22.38 4.95
C ILE J 117 -26.86 -21.13 5.80
N ALA J 118 -26.72 -19.97 5.17
CA ALA J 118 -26.82 -18.71 5.89
C ALA J 118 -28.09 -18.67 6.72
N HIS J 119 -29.20 -19.07 6.11
CA HIS J 119 -30.49 -19.02 6.78
C HIS J 119 -30.61 -20.14 7.79
N ASP J 120 -30.13 -21.31 7.39
CA ASP J 120 -30.14 -22.47 8.26
C ASP J 120 -29.48 -22.08 9.58
N ILE J 121 -28.15 -21.95 9.54
CA ILE J 121 -27.38 -21.77 10.76
C ILE J 121 -27.84 -20.54 11.55
N SER J 122 -28.10 -19.44 10.86
CA SER J 122 -28.35 -18.18 11.55
C SER J 122 -29.78 -17.85 11.85
N ALA J 123 -30.72 -18.46 11.12
CA ALA J 123 -32.12 -18.14 11.35
C ALA J 123 -32.86 -19.29 11.99
N TYR J 124 -32.90 -20.47 11.34
CA TYR J 124 -33.71 -21.57 11.90
C TYR J 124 -33.21 -22.04 13.25
N SER J 125 -31.89 -22.03 13.41
CA SER J 125 -31.25 -22.50 14.65
C SER J 125 -31.90 -21.88 15.89
N PHE J 126 -32.53 -20.72 15.72
CA PHE J 126 -33.25 -20.09 16.83
C PHE J 126 -34.59 -20.75 16.99
N ILE J 127 -35.27 -20.97 15.87
CA ILE J 127 -36.59 -21.57 15.86
C ILE J 127 -36.50 -23.02 16.37
N ALA J 128 -35.40 -23.70 16.07
CA ALA J 128 -35.19 -25.06 16.58
C ALA J 128 -35.03 -25.05 18.10
N LEU J 129 -34.28 -24.08 18.62
CA LEU J 129 -34.06 -23.99 20.05
C LEU J 129 -35.38 -23.80 20.76
N ALA J 130 -36.11 -22.77 20.36
CA ALA J 130 -37.46 -22.54 20.88
C ALA J 130 -38.32 -23.81 20.90
N LYS J 131 -38.23 -24.64 19.85
CA LYS J 131 -38.97 -25.91 19.81
C LYS J 131 -38.53 -26.92 20.86
N ALA J 132 -37.23 -27.22 20.92
CA ALA J 132 -36.71 -28.23 21.87
C ALA J 132 -36.73 -27.77 23.34
N GLY J 133 -36.85 -26.46 23.56
CA GLY J 133 -36.85 -25.94 24.92
C GLY J 133 -38.19 -25.40 25.37
N ARG J 134 -39.25 -25.76 24.65
CA ARG J 134 -40.60 -25.42 25.07
C ARG J 134 -40.94 -26.26 26.29
N GLU J 135 -40.32 -27.44 26.35
CA GLU J 135 -40.43 -28.34 27.48
C GLU J 135 -40.13 -27.61 28.78
N MET J 136 -38.84 -27.40 29.03
CA MET J 136 -38.34 -26.88 30.29
C MET J 136 -38.84 -25.49 30.68
N MET J 137 -39.23 -24.68 29.71
CA MET J 137 -39.59 -23.30 30.00
C MET J 137 -41.04 -23.19 30.43
N LYS J 138 -41.79 -24.25 30.14
CA LYS J 138 -43.21 -24.34 30.47
C LYS J 138 -43.51 -23.83 31.88
N GLY J 139 -44.21 -22.70 31.96
CA GLY J 139 -44.63 -22.16 33.26
C GLY J 139 -43.63 -21.22 33.90
N ARG J 140 -42.34 -21.41 33.58
CA ARG J 140 -41.28 -20.62 34.18
C ARG J 140 -41.37 -19.14 33.80
N ASN J 141 -42.30 -18.83 32.89
CA ASN J 141 -42.49 -17.49 32.35
C ASN J 141 -41.20 -16.94 31.76
N GLY J 142 -40.44 -17.83 31.14
CA GLY J 142 -39.09 -17.51 30.72
C GLY J 142 -39.04 -16.51 29.60
N SER J 143 -37.84 -16.31 29.06
CA SER J 143 -37.63 -15.35 27.99
C SER J 143 -36.54 -15.84 27.04
N LEU J 144 -36.75 -15.71 25.73
CA LEU J 144 -35.72 -15.98 24.71
C LEU J 144 -35.08 -14.69 24.22
N LEU J 145 -33.86 -14.79 23.71
CA LEU J 145 -33.09 -13.64 23.26
C LEU J 145 -32.14 -14.06 22.16
N THR J 146 -32.11 -13.31 21.06
CA THR J 146 -31.28 -13.66 19.93
C THR J 146 -30.46 -12.46 19.48
N LEU J 147 -29.57 -12.70 18.53
CA LEU J 147 -28.68 -11.67 18.04
C LEU J 147 -29.00 -11.26 16.60
N SER J 148 -29.23 -9.96 16.38
CA SER J 148 -29.34 -9.48 15.02
C SER J 148 -28.41 -8.31 14.78
N TYR J 149 -28.61 -7.61 13.67
CA TYR J 149 -27.67 -6.58 13.26
C TYR J 149 -28.26 -5.74 12.13
N LEU J 150 -27.96 -4.44 12.12
CA LEU J 150 -28.59 -3.46 11.23
C LEU J 150 -28.71 -3.88 9.77
N GLY J 151 -27.86 -4.80 9.33
CA GLY J 151 -27.78 -5.15 7.92
C GLY J 151 -28.97 -5.93 7.43
N ALA J 152 -29.87 -6.22 8.34
CA ALA J 152 -31.13 -6.86 7.98
C ALA J 152 -32.16 -5.82 7.57
N GLU J 153 -32.00 -4.61 8.08
CA GLU J 153 -32.91 -3.53 7.76
C GLU J 153 -32.51 -2.82 6.46
N ARG J 154 -31.24 -2.42 6.41
CA ARG J 154 -30.71 -1.58 5.36
C ARG J 154 -29.38 -2.18 4.94
N THR J 155 -28.95 -1.91 3.70
CA THR J 155 -27.81 -2.62 3.12
C THR J 155 -26.46 -2.02 3.48
N MET J 156 -25.42 -2.85 3.39
CA MET J 156 -24.03 -2.41 3.59
C MET J 156 -23.06 -3.32 2.82
N PRO J 157 -21.94 -2.75 2.34
CA PRO J 157 -20.94 -3.52 1.59
C PRO J 157 -20.61 -4.85 2.27
N ASN J 158 -20.73 -5.94 1.51
CA ASN J 158 -20.26 -7.27 1.92
C ASN J 158 -21.08 -7.99 2.99
N TYR J 159 -22.20 -7.45 3.42
CA TYR J 159 -22.98 -8.19 4.41
C TYR J 159 -23.86 -9.20 3.68
N ASN J 160 -24.04 -8.93 2.39
CA ASN J 160 -24.73 -9.82 1.46
C ASN J 160 -25.87 -10.65 2.08
N VAL J 161 -25.89 -11.96 1.84
CA VAL J 161 -27.06 -12.77 2.17
C VAL J 161 -27.33 -12.83 3.66
N MET J 162 -26.38 -12.36 4.47
CA MET J 162 -26.59 -12.43 5.90
C MET J 162 -27.76 -11.51 6.29
N GLY J 163 -27.82 -10.33 5.68
CA GLY J 163 -28.97 -9.44 5.81
C GLY J 163 -30.30 -10.13 5.45
N MET J 164 -30.26 -11.08 4.53
CA MET J 164 -31.47 -11.83 4.19
C MET J 164 -31.86 -12.79 5.32
N ALA J 165 -30.87 -13.49 5.87
CA ALA J 165 -31.12 -14.42 6.97
C ALA J 165 -31.45 -13.69 8.28
N LYS J 166 -30.69 -12.63 8.55
CA LYS J 166 -30.90 -11.82 9.74
C LYS J 166 -32.28 -11.14 9.71
N ALA J 167 -32.84 -10.99 8.52
CA ALA J 167 -34.19 -10.47 8.38
C ALA J 167 -35.18 -11.58 8.67
N SER J 168 -34.88 -12.76 8.13
CA SER J 168 -35.63 -13.95 8.46
C SER J 168 -35.64 -14.09 9.97
N LEU J 169 -34.45 -14.17 10.55
CA LEU J 169 -34.31 -14.19 12.01
C LEU J 169 -35.21 -13.20 12.75
N GLU J 170 -35.19 -11.92 12.35
CA GLU J 170 -36.01 -10.89 13.02
C GLU J 170 -37.51 -11.06 12.76
N ALA J 171 -37.88 -11.96 11.85
CA ALA J 171 -39.27 -12.31 11.73
C ALA J 171 -39.58 -13.37 12.78
N GLY J 172 -38.72 -14.37 12.87
CA GLY J 172 -38.95 -15.47 13.78
C GLY J 172 -39.18 -14.99 15.19
N VAL J 173 -38.33 -14.07 15.62
CA VAL J 173 -38.50 -13.36 16.89
C VAL J 173 -39.95 -12.95 17.04
N ARG J 174 -40.46 -12.23 16.04
CA ARG J 174 -41.79 -11.64 16.14
C ARG J 174 -42.86 -12.72 16.26
N TYR J 175 -42.69 -13.81 15.51
CA TYR J 175 -43.67 -14.89 15.46
C TYR J 175 -43.57 -15.83 16.67
N LEU J 176 -42.35 -16.14 17.12
CA LEU J 176 -42.19 -16.84 18.41
C LEU J 176 -42.95 -16.09 19.49
N ALA J 177 -42.65 -14.81 19.64
CA ALA J 177 -43.39 -13.95 20.54
C ALA J 177 -44.88 -14.15 20.34
N GLY J 178 -45.30 -14.24 19.08
CA GLY J 178 -46.69 -14.43 18.75
C GLY J 178 -47.27 -15.73 19.28
N SER J 179 -46.44 -16.77 19.32
CA SER J 179 -46.93 -18.08 19.75
C SER J 179 -46.76 -18.37 21.24
N LEU J 180 -45.55 -18.16 21.74
CA LEU J 180 -45.17 -18.63 23.07
C LEU J 180 -45.71 -17.78 24.22
N GLY J 181 -46.09 -16.55 23.93
CA GLY J 181 -46.44 -15.58 24.96
C GLY J 181 -47.60 -15.98 25.86
N ALA J 182 -48.56 -16.70 25.28
CA ALA J 182 -49.69 -17.19 26.07
C ALA J 182 -49.15 -18.04 27.21
N GLU J 183 -48.19 -18.91 26.92
CA GLU J 183 -47.69 -19.81 27.96
C GLU J 183 -46.54 -19.16 28.72
N GLY J 184 -46.51 -17.83 28.75
CA GLY J 184 -45.54 -17.07 29.53
C GLY J 184 -44.21 -16.70 28.86
N THR J 185 -43.78 -17.50 27.89
CA THR J 185 -42.48 -17.30 27.23
C THR J 185 -42.40 -16.02 26.40
N ARG J 186 -41.51 -15.11 26.79
CA ARG J 186 -41.20 -13.91 26.00
C ARG J 186 -40.08 -14.18 25.01
N VAL J 187 -39.92 -13.27 24.04
CA VAL J 187 -38.90 -13.36 22.99
C VAL J 187 -38.42 -11.96 22.57
N ASN J 188 -37.11 -11.76 22.55
CA ASN J 188 -36.55 -10.47 22.15
C ASN J 188 -35.24 -10.65 21.38
N ALA J 189 -34.80 -9.58 20.74
CA ALA J 189 -33.49 -9.59 20.07
C ALA J 189 -32.70 -8.36 20.43
N VAL J 190 -31.40 -8.54 20.63
CA VAL J 190 -30.50 -7.41 20.68
C VAL J 190 -29.70 -7.35 19.38
N SER J 191 -29.72 -6.17 18.76
CA SER J 191 -29.04 -5.91 17.49
C SER J 191 -27.74 -5.16 17.78
N ALA J 192 -26.62 -5.82 17.56
CA ALA J 192 -25.37 -5.26 18.06
C ALA J 192 -24.75 -4.28 17.07
N GLY J 193 -24.20 -3.18 17.58
CA GLY J 193 -23.46 -2.28 16.74
C GLY J 193 -22.24 -3.02 16.25
N PRO J 194 -21.37 -2.34 15.49
CA PRO J 194 -20.12 -2.99 15.11
C PRO J 194 -19.11 -3.01 16.28
N ILE J 195 -18.21 -4.00 16.30
CA ILE J 195 -17.26 -4.14 17.40
C ILE J 195 -15.87 -4.50 16.93
N MET J 209 -14.50 -1.43 8.50
CA MET J 209 -15.84 -0.84 8.51
C MET J 209 -15.94 0.35 9.46
N LEU J 210 -15.23 0.27 10.57
CA LEU J 210 -15.38 1.19 11.70
C LEU J 210 -14.94 2.62 11.42
N ALA J 211 -14.36 2.86 10.24
CA ALA J 211 -13.81 4.15 9.86
C ALA J 211 -14.74 5.31 10.22
N ALA J 212 -15.80 5.50 9.45
CA ALA J 212 -16.72 6.60 9.70
C ALA J 212 -18.01 6.11 10.39
N ASN J 213 -18.09 4.82 10.68
CA ASN J 213 -19.17 4.31 11.52
C ASN J 213 -19.07 4.99 12.89
N GLU J 214 -17.86 5.05 13.43
CA GLU J 214 -17.62 5.75 14.69
C GLU J 214 -18.13 7.18 14.57
N ARG J 215 -17.75 7.90 13.53
CA ARG J 215 -18.07 9.33 13.43
C ARG J 215 -19.49 9.63 12.91
N GLN J 216 -20.17 8.61 12.38
CA GLN J 216 -21.58 8.78 12.03
C GLN J 216 -22.46 8.46 13.24
N THR J 217 -22.08 7.45 14.02
CA THR J 217 -22.80 7.10 15.23
C THR J 217 -22.88 8.27 16.19
N PRO J 218 -24.06 8.46 16.81
CA PRO J 218 -24.36 9.50 17.81
C PRO J 218 -23.38 9.61 18.96
N LEU J 219 -23.02 8.50 19.59
CA LEU J 219 -22.12 8.57 20.74
C LEU J 219 -20.66 8.85 20.36
N ARG J 220 -20.36 8.72 19.07
CA ARG J 220 -19.03 8.93 18.51
C ARG J 220 -18.04 7.90 19.04
N ARG J 221 -18.55 6.71 19.35
CA ARG J 221 -17.69 5.60 19.72
C ARG J 221 -18.22 4.29 19.12
N ASN J 222 -17.98 3.18 19.79
CA ASN J 222 -18.71 1.96 19.48
C ASN J 222 -19.26 1.40 20.75
N VAL J 223 -19.67 0.15 20.68
CA VAL J 223 -20.30 -0.47 21.82
C VAL J 223 -19.42 -1.58 22.34
N THR J 224 -19.28 -1.66 23.67
CA THR J 224 -18.47 -2.70 24.29
C THR J 224 -19.28 -3.98 24.33
N ILE J 225 -18.60 -5.12 24.42
CA ILE J 225 -19.34 -6.38 24.51
C ILE J 225 -20.04 -6.40 25.88
N GLU J 226 -19.50 -5.63 26.81
CA GLU J 226 -20.14 -5.42 28.10
C GLU J 226 -21.49 -4.79 27.87
N GLU J 227 -21.51 -3.85 26.93
CA GLU J 227 -22.72 -3.06 26.70
C GLU J 227 -23.81 -3.94 26.12
N VAL J 228 -23.50 -4.65 25.05
CA VAL J 228 -24.45 -5.61 24.50
C VAL J 228 -24.85 -6.63 25.55
N GLY J 229 -23.92 -6.95 26.44
CA GLY J 229 -24.19 -7.90 27.52
C GLY J 229 -25.31 -7.42 28.43
N ASN J 230 -25.08 -6.28 29.08
CA ASN J 230 -26.06 -5.64 29.96
C ASN J 230 -27.49 -5.69 29.42
N ALA J 231 -27.68 -5.06 28.26
CA ALA J 231 -28.98 -5.02 27.57
C ALA J 231 -29.58 -6.41 27.44
N GLY J 232 -28.85 -7.32 26.81
CA GLY J 232 -29.35 -8.67 26.59
C GLY J 232 -29.82 -9.34 27.86
N ALA J 233 -29.12 -9.06 28.96
CA ALA J 233 -29.51 -9.55 30.29
C ALA J 233 -30.80 -8.88 30.71
N PHE J 234 -30.82 -7.55 30.65
CA PHE J 234 -32.01 -6.81 31.06
C PHE J 234 -33.25 -7.35 30.38
N LEU J 235 -33.08 -7.88 29.17
CA LEU J 235 -34.22 -8.41 28.44
C LEU J 235 -34.58 -9.83 28.87
N CYS J 236 -33.68 -10.50 29.58
CA CYS J 236 -33.98 -11.84 30.07
C CYS J 236 -34.40 -11.79 31.52
N SER J 237 -34.38 -10.58 32.08
CA SER J 237 -34.78 -10.33 33.47
C SER J 237 -36.27 -10.05 33.58
N ASP J 238 -36.76 -9.98 34.81
CA ASP J 238 -38.15 -9.61 35.03
C ASP J 238 -38.35 -8.10 35.12
N LEU J 239 -37.26 -7.34 35.09
CA LEU J 239 -37.36 -5.89 34.99
C LEU J 239 -38.01 -5.53 33.65
N ALA J 240 -37.83 -6.39 32.66
CA ALA J 240 -38.47 -6.23 31.35
C ALA J 240 -39.67 -7.15 31.24
N SER J 241 -40.64 -6.93 32.13
CA SER J 241 -41.73 -7.87 32.26
C SER J 241 -42.65 -7.80 31.06
N GLY J 242 -42.98 -6.58 30.64
CA GLY J 242 -43.92 -6.40 29.53
C GLY J 242 -43.29 -6.18 28.17
N ILE J 243 -42.12 -6.79 27.95
CA ILE J 243 -41.38 -6.66 26.69
C ILE J 243 -41.28 -7.99 25.95
N SER J 244 -41.85 -8.05 24.75
CA SER J 244 -41.63 -9.20 23.89
C SER J 244 -41.59 -8.77 22.43
N GLY J 245 -41.01 -9.65 21.59
CA GLY J 245 -40.82 -9.40 20.18
C GLY J 245 -40.10 -8.10 19.84
N GLU J 246 -39.27 -7.62 20.76
CA GLU J 246 -38.59 -6.36 20.53
C GLU J 246 -37.25 -6.56 19.87
N ILE J 247 -36.85 -5.60 19.05
CA ILE J 247 -35.47 -5.48 18.62
C ILE J 247 -34.90 -4.32 19.41
N LEU J 248 -33.92 -4.58 20.27
CA LEU J 248 -33.33 -3.48 21.02
C LEU J 248 -32.00 -3.13 20.39
N TYR J 249 -31.89 -1.90 19.90
CA TYR J 249 -30.69 -1.51 19.20
C TYR J 249 -29.59 -1.07 20.15
N VAL J 250 -28.49 -1.84 20.14
CA VAL J 250 -27.28 -1.44 20.86
C VAL J 250 -26.17 -1.08 19.87
N ASP J 251 -26.20 0.16 19.38
CA ASP J 251 -25.25 0.62 18.40
C ASP J 251 -24.94 2.05 18.70
N GLY J 252 -25.32 2.47 19.91
CA GLY J 252 -24.98 3.80 20.38
C GLY J 252 -25.56 4.83 19.45
N GLY J 253 -26.63 4.45 18.76
CA GLY J 253 -27.42 5.38 17.98
C GLY J 253 -27.42 5.20 16.48
N PHE J 254 -26.35 4.59 15.96
CA PHE J 254 -26.07 4.58 14.52
C PHE J 254 -27.29 4.38 13.63
N ASN J 255 -28.16 3.44 14.00
CA ASN J 255 -29.28 3.09 13.16
C ASN J 255 -30.16 4.29 12.90
N THR J 256 -30.20 5.21 13.85
CA THR J 256 -30.99 6.43 13.70
C THR J 256 -30.23 7.53 12.96
N THR J 257 -29.31 7.15 12.09
CA THR J 257 -28.59 8.13 11.26
C THR J 257 -28.70 7.77 9.80
N ALA J 258 -28.59 8.78 8.94
CA ALA J 258 -28.68 8.57 7.49
C ALA J 258 -27.36 8.83 6.76
N MET J 259 -26.59 9.80 7.23
CA MET J 259 -25.31 10.15 6.62
C MET J 259 -24.42 10.97 7.56
N GLY K 2 -53.50 10.84 -21.45
CA GLY K 2 -52.86 10.46 -20.20
C GLY K 2 -53.80 9.67 -19.33
N PHE K 3 -53.27 9.08 -18.26
CA PHE K 3 -54.10 8.32 -17.34
C PHE K 3 -54.79 9.19 -16.32
N LEU K 4 -54.52 10.49 -16.38
CA LEU K 4 -55.14 11.47 -15.49
C LEU K 4 -56.11 12.36 -16.26
N THR K 5 -56.67 11.85 -17.35
CA THR K 5 -57.67 12.55 -18.12
C THR K 5 -59.00 12.57 -17.38
N GLY K 6 -59.46 13.77 -17.01
CA GLY K 6 -60.78 13.94 -16.42
C GLY K 6 -60.77 14.41 -14.98
N LYS K 7 -59.59 14.33 -14.37
CA LYS K 7 -59.42 14.64 -12.96
C LYS K 7 -58.98 16.09 -12.83
N ARG K 8 -59.35 16.73 -11.73
CA ARG K 8 -58.95 18.13 -11.49
C ARG K 8 -58.08 18.17 -10.23
N ALA K 9 -57.11 19.08 -10.19
CA ALA K 9 -56.19 19.13 -9.06
C ALA K 9 -55.90 20.54 -8.56
N LEU K 10 -55.76 20.72 -7.24
CA LEU K 10 -55.17 21.97 -6.77
C LEU K 10 -53.73 21.71 -6.42
N ILE K 11 -52.84 22.61 -6.82
CA ILE K 11 -51.41 22.43 -6.56
C ILE K 11 -50.85 23.59 -5.73
N VAL K 12 -50.72 23.30 -4.44
CA VAL K 12 -50.28 24.25 -3.44
C VAL K 12 -48.76 24.26 -3.24
N GLY K 13 -48.10 25.34 -3.64
CA GLY K 13 -46.69 25.49 -3.36
C GLY K 13 -45.76 25.54 -4.56
N VAL K 14 -46.19 26.22 -5.63
CA VAL K 14 -45.36 26.34 -6.82
C VAL K 14 -44.56 27.63 -6.80
N ALA K 15 -43.30 27.58 -6.36
CA ALA K 15 -42.50 28.80 -6.29
C ALA K 15 -41.50 28.97 -7.45
N SER K 16 -40.81 27.89 -7.85
CA SER K 16 -39.86 27.96 -8.95
C SER K 16 -40.18 26.94 -10.04
N LYS K 17 -39.56 27.05 -11.22
CA LYS K 17 -39.86 26.13 -12.33
C LYS K 17 -39.28 24.74 -12.09
N LEU K 18 -38.31 24.67 -11.19
CA LEU K 18 -37.63 23.41 -10.90
C LEU K 18 -38.00 22.84 -9.54
N SER K 19 -39.08 23.32 -8.93
CA SER K 19 -39.54 22.79 -7.64
C SER K 19 -40.01 21.36 -7.86
N ILE K 20 -40.06 20.55 -6.81
CA ILE K 20 -40.70 19.23 -6.96
C ILE K 20 -42.15 19.45 -7.35
N ALA K 21 -42.69 20.59 -6.91
CA ALA K 21 -44.09 20.94 -7.14
C ALA K 21 -44.33 21.16 -8.63
N SER K 22 -43.38 21.84 -9.27
CA SER K 22 -43.45 22.11 -10.69
C SER K 22 -43.32 20.85 -11.48
N GLY K 23 -42.59 19.88 -10.93
CA GLY K 23 -42.39 18.63 -11.62
C GLY K 23 -43.66 17.85 -11.73
N ILE K 24 -44.35 17.70 -10.61
CA ILE K 24 -45.67 17.03 -10.52
C ILE K 24 -46.75 17.66 -11.42
N ALA K 25 -46.83 18.99 -11.41
CA ALA K 25 -47.76 19.71 -12.27
C ALA K 25 -47.59 19.28 -13.71
N ALA K 26 -46.39 19.50 -14.24
CA ALA K 26 -46.08 19.25 -15.65
C ALA K 26 -46.39 17.81 -15.99
N ALA K 27 -46.08 16.94 -15.06
CA ALA K 27 -46.40 15.54 -15.21
C ALA K 27 -47.89 15.25 -15.02
N MET K 28 -48.63 16.12 -14.33
CA MET K 28 -50.07 15.85 -14.20
C MET K 28 -50.81 16.40 -15.40
N HIS K 29 -50.39 17.60 -15.82
CA HIS K 29 -50.86 18.21 -17.07
C HIS K 29 -50.69 17.27 -18.24
N ARG K 30 -49.43 17.02 -18.59
CA ARG K 30 -49.02 16.02 -19.59
C ARG K 30 -49.91 14.79 -19.64
N GLU K 31 -50.35 14.36 -18.47
CA GLU K 31 -51.09 13.14 -18.35
C GLU K 31 -52.58 13.44 -18.28
N GLY K 32 -52.91 14.73 -18.43
CA GLY K 32 -54.29 15.09 -18.71
C GLY K 32 -55.15 15.70 -17.61
N ALA K 33 -54.55 16.42 -16.67
CA ALA K 33 -55.33 16.95 -15.56
C ALA K 33 -55.67 18.44 -15.70
N GLU K 34 -56.94 18.78 -15.49
CA GLU K 34 -57.33 20.17 -15.36
C GLU K 34 -56.59 20.62 -14.11
N LEU K 35 -55.70 21.61 -14.27
CA LEU K 35 -54.91 22.13 -13.16
C LEU K 35 -55.41 23.47 -12.63
N ALA K 36 -55.28 23.66 -11.32
CA ALA K 36 -55.49 24.97 -10.68
C ALA K 36 -54.49 25.14 -9.53
N PHE K 37 -54.03 26.37 -9.32
CA PHE K 37 -52.85 26.61 -8.50
C PHE K 37 -53.07 27.68 -7.44
N THR K 38 -52.15 27.76 -6.48
CA THR K 38 -52.16 28.86 -5.51
C THR K 38 -50.80 29.58 -5.47
N TYR K 39 -50.84 30.90 -5.36
CA TYR K 39 -49.64 31.69 -5.08
C TYR K 39 -49.64 32.12 -3.62
N GLN K 40 -48.52 31.81 -2.94
CA GLN K 40 -48.27 32.15 -1.54
C GLN K 40 -48.53 33.63 -1.25
N ASN K 41 -47.53 34.47 -1.51
CA ASN K 41 -47.73 35.90 -1.44
C ASN K 41 -48.04 36.43 -2.84
N ASP K 42 -47.76 37.70 -3.12
CA ASP K 42 -48.08 38.23 -4.45
C ASP K 42 -46.85 38.63 -5.25
N LYS K 43 -45.66 38.53 -4.67
CA LYS K 43 -44.49 38.75 -5.51
C LYS K 43 -44.38 37.51 -6.38
N LEU K 44 -44.76 36.37 -5.82
CA LEU K 44 -44.80 35.13 -6.59
C LEU K 44 -46.02 35.04 -7.52
N ARG K 45 -46.97 35.96 -7.37
CA ARG K 45 -48.23 35.89 -8.12
C ARG K 45 -47.98 35.70 -9.59
N GLY K 46 -47.23 36.64 -10.16
CA GLY K 46 -46.90 36.60 -11.58
C GLY K 46 -46.33 35.26 -11.96
N ARG K 47 -45.17 34.95 -11.42
CA ARG K 47 -44.45 33.74 -11.79
C ARG K 47 -45.30 32.47 -11.74
N VAL K 48 -46.34 32.43 -10.89
CA VAL K 48 -47.17 31.23 -10.78
C VAL K 48 -48.21 31.15 -11.91
N GLU K 49 -48.97 32.23 -12.11
CA GLU K 49 -49.94 32.30 -13.21
C GLU K 49 -49.29 32.06 -14.58
N GLU K 50 -47.99 32.36 -14.69
CA GLU K 50 -47.24 32.18 -15.94
C GLU K 50 -46.93 30.72 -16.18
N PHE K 51 -46.59 30.00 -15.12
CA PHE K 51 -46.36 28.57 -15.22
C PHE K 51 -47.67 27.87 -15.52
N ALA K 52 -48.72 28.31 -14.85
CA ALA K 52 -50.04 27.73 -15.03
C ALA K 52 -50.47 27.81 -16.48
N SER K 53 -50.14 28.94 -17.12
CA SER K 53 -50.48 29.14 -18.52
C SER K 53 -49.91 28.06 -19.42
N GLY K 54 -48.72 27.59 -19.05
CA GLY K 54 -48.05 26.53 -19.78
C GLY K 54 -48.53 25.12 -19.46
N TRP K 55 -49.26 24.95 -18.35
CA TRP K 55 -49.78 23.64 -17.93
C TRP K 55 -51.31 23.58 -18.08
N GLY K 56 -51.82 24.25 -19.10
CA GLY K 56 -53.24 24.21 -19.42
C GLY K 56 -54.14 25.15 -18.64
N SER K 57 -53.55 25.98 -17.78
CA SER K 57 -54.36 26.83 -16.90
C SER K 57 -54.29 28.33 -17.18
N ARG K 58 -55.04 29.08 -16.39
CA ARG K 58 -55.26 30.50 -16.63
C ARG K 58 -55.20 31.18 -15.28
N PRO K 59 -54.88 32.48 -15.24
CA PRO K 59 -54.74 33.17 -13.96
C PRO K 59 -55.97 33.08 -13.07
N GLU K 60 -57.15 32.89 -13.65
CA GLU K 60 -58.38 32.77 -12.87
C GLU K 60 -58.45 31.42 -12.17
N LEU K 61 -57.39 30.63 -12.33
CA LEU K 61 -57.29 29.39 -11.60
C LEU K 61 -56.11 29.42 -10.64
N CYS K 62 -55.59 30.63 -10.40
CA CYS K 62 -54.54 30.86 -9.40
C CYS K 62 -55.02 31.81 -8.30
N PHE K 63 -54.95 31.34 -7.05
CA PHE K 63 -55.50 32.09 -5.91
C PHE K 63 -54.45 32.33 -4.84
N PRO K 64 -54.50 33.50 -4.18
CA PRO K 64 -53.54 33.66 -3.10
C PRO K 64 -53.95 32.83 -1.89
N CYS K 65 -52.98 32.14 -1.29
CA CYS K 65 -53.21 31.43 -0.04
C CYS K 65 -52.29 31.95 1.07
N ASP K 66 -51.06 31.44 1.15
CA ASP K 66 -50.23 31.53 2.38
C ASP K 66 -50.93 30.65 3.41
N VAL K 67 -50.34 29.50 3.67
CA VAL K 67 -51.05 28.45 4.38
C VAL K 67 -50.87 28.63 5.89
N ALA K 68 -50.30 29.78 6.25
CA ALA K 68 -50.20 30.21 7.65
C ALA K 68 -51.54 30.74 8.17
N ASP K 69 -52.49 30.94 7.27
CA ASP K 69 -53.82 31.51 7.60
C ASP K 69 -54.99 30.63 7.18
N ASP K 70 -55.94 30.46 8.10
CA ASP K 70 -57.10 29.59 7.91
C ASP K 70 -58.04 30.11 6.82
N SER K 71 -58.31 31.41 6.88
CA SER K 71 -59.34 32.05 6.05
C SER K 71 -58.99 31.97 4.56
N GLN K 72 -57.77 32.37 4.22
CA GLN K 72 -57.31 32.32 2.83
C GLN K 72 -57.43 30.93 2.23
N ILE K 73 -57.12 29.91 3.03
CA ILE K 73 -57.25 28.52 2.59
C ILE K 73 -58.66 28.24 2.08
N GLU K 74 -59.64 28.53 2.92
CA GLU K 74 -61.04 28.32 2.51
C GLU K 74 -61.45 29.33 1.43
N ALA K 75 -61.06 30.58 1.60
CA ALA K 75 -61.29 31.60 0.55
C ALA K 75 -60.75 31.18 -0.81
N VAL K 76 -59.85 30.20 -0.81
CA VAL K 76 -59.33 29.60 -2.02
C VAL K 76 -60.32 28.58 -2.57
N PHE K 77 -60.81 27.71 -1.69
CA PHE K 77 -61.77 26.69 -2.13
C PHE K 77 -63.15 27.30 -2.42
N ALA K 78 -63.46 28.43 -1.78
CA ALA K 78 -64.69 29.16 -2.05
C ALA K 78 -64.60 29.83 -3.42
N ALA K 79 -63.46 30.46 -3.66
CA ALA K 79 -63.15 31.01 -4.98
C ALA K 79 -63.23 29.95 -6.05
N LEU K 80 -62.46 28.88 -5.86
CA LEU K 80 -62.36 27.78 -6.84
C LEU K 80 -63.73 27.15 -7.08
N GLY K 81 -64.61 27.29 -6.09
CA GLY K 81 -65.94 26.72 -6.14
C GLY K 81 -66.87 27.43 -7.10
N LYS K 82 -66.48 28.62 -7.54
CA LYS K 82 -67.26 29.32 -8.53
C LYS K 82 -66.88 28.85 -9.92
N HIS K 83 -65.64 28.39 -10.08
CA HIS K 83 -65.19 27.87 -11.35
C HIS K 83 -65.53 26.41 -11.54
N TRP K 84 -65.18 25.59 -10.55
CA TRP K 84 -65.36 24.15 -10.66
C TRP K 84 -66.46 23.65 -9.76
N ASP K 85 -67.12 22.57 -10.17
CA ASP K 85 -68.20 21.97 -9.40
C ASP K 85 -67.70 20.81 -8.58
N GLY K 86 -66.38 20.74 -8.41
CA GLY K 86 -65.75 19.62 -7.74
C GLY K 86 -64.22 19.66 -7.79
N LEU K 87 -63.57 18.74 -7.06
CA LEU K 87 -62.11 18.62 -7.05
C LEU K 87 -61.73 17.17 -6.80
N ASP K 88 -60.60 16.76 -7.34
CA ASP K 88 -60.21 15.35 -7.30
C ASP K 88 -58.92 15.09 -6.48
N ILE K 89 -58.06 16.10 -6.45
CA ILE K 89 -56.68 15.92 -6.04
C ILE K 89 -56.15 17.19 -5.42
N ILE K 90 -55.62 17.12 -4.20
CA ILE K 90 -54.83 18.25 -3.73
C ILE K 90 -53.38 17.85 -3.63
N VAL K 91 -52.49 18.61 -4.25
CA VAL K 91 -51.06 18.38 -4.06
C VAL K 91 -50.48 19.48 -3.17
N HIS K 92 -49.95 19.03 -2.04
CA HIS K 92 -49.36 19.88 -1.01
C HIS K 92 -47.82 19.79 -1.03
N SER K 93 -47.17 20.85 -1.52
CA SER K 93 -45.70 20.84 -1.67
C SER K 93 -45.01 22.06 -1.07
N VAL K 94 -45.18 22.24 0.24
CA VAL K 94 -44.48 23.28 0.93
C VAL K 94 -43.64 22.65 2.04
N GLY K 95 -42.48 23.26 2.27
CA GLY K 95 -41.55 22.83 3.29
C GLY K 95 -40.73 24.04 3.70
N PHE K 96 -41.12 24.64 4.82
CA PHE K 96 -40.47 25.85 5.30
C PHE K 96 -40.18 25.79 6.80
N ALA K 97 -38.98 26.24 7.17
CA ALA K 97 -38.59 26.46 8.56
C ALA K 97 -37.80 27.77 8.67
N PRO K 98 -37.88 28.46 9.82
CA PRO K 98 -37.10 29.70 9.97
C PRO K 98 -35.62 29.46 9.78
N GLY K 99 -34.93 30.42 9.18
CA GLY K 99 -33.55 30.27 8.72
C GLY K 99 -32.57 29.86 9.81
N ASP K 100 -32.84 30.32 11.03
CA ASP K 100 -31.93 30.09 12.15
C ASP K 100 -32.07 28.69 12.74
N GLN K 101 -33.17 28.01 12.42
CA GLN K 101 -33.46 26.68 12.95
C GLN K 101 -32.78 25.57 12.16
N LEU K 102 -32.08 25.94 11.09
CA LEU K 102 -31.53 24.96 10.16
C LEU K 102 -30.00 25.07 10.02
N ASP K 103 -29.37 25.86 10.88
CA ASP K 103 -27.95 26.10 10.75
C ASP K 103 -27.22 25.75 12.03
N GLY K 104 -26.83 24.49 12.16
CA GLY K 104 -26.00 24.07 13.28
C GLY K 104 -26.65 23.12 14.28
N ASP K 105 -26.17 23.20 15.53
CA ASP K 105 -26.53 22.26 16.57
C ASP K 105 -28.02 22.29 16.84
N PHE K 106 -28.62 21.12 16.69
CA PHE K 106 -30.05 20.95 16.85
C PHE K 106 -30.57 21.54 18.17
N THR K 107 -30.06 21.00 19.27
CA THR K 107 -30.47 21.43 20.61
C THR K 107 -30.28 22.93 20.80
N ALA K 108 -29.33 23.50 20.09
CA ALA K 108 -28.97 24.89 20.32
C ALA K 108 -29.90 25.86 19.60
N VAL K 109 -30.28 25.53 18.37
CA VAL K 109 -31.08 26.46 17.57
C VAL K 109 -32.58 26.21 17.63
N THR K 110 -32.99 24.96 17.88
CA THR K 110 -34.41 24.64 17.98
C THR K 110 -35.09 25.49 19.06
N THR K 111 -35.94 26.41 18.64
CA THR K 111 -36.61 27.27 19.59
C THR K 111 -38.10 27.07 19.52
N ARG K 112 -38.74 27.33 20.66
CA ARG K 112 -40.16 27.13 20.81
C ARG K 112 -40.92 27.79 19.67
N GLU K 113 -40.39 28.91 19.17
CA GLU K 113 -41.03 29.55 18.04
C GLU K 113 -40.74 28.73 16.78
N GLY K 114 -39.48 28.70 16.33
CA GLY K 114 -39.10 27.92 15.15
C GLY K 114 -39.76 26.55 15.06
N PHE K 115 -39.95 25.90 16.21
CA PHE K 115 -40.66 24.63 16.24
C PHE K 115 -42.12 24.81 15.83
N ARG K 116 -42.70 25.93 16.26
CA ARG K 116 -44.11 26.18 16.03
C ARG K 116 -44.39 26.42 14.56
N ILE K 117 -43.57 27.26 13.94
CA ILE K 117 -43.76 27.66 12.55
C ILE K 117 -43.70 26.47 11.60
N ALA K 118 -42.53 25.85 11.57
CA ALA K 118 -42.33 24.63 10.79
C ALA K 118 -42.90 23.44 11.54
N HIS K 119 -44.14 23.11 11.21
CA HIS K 119 -44.99 22.17 11.95
C HIS K 119 -46.36 22.62 11.57
N ASP K 120 -46.61 23.88 11.96
CA ASP K 120 -47.69 24.66 11.44
C ASP K 120 -47.63 24.52 9.93
N ILE K 121 -46.70 25.27 9.30
CA ILE K 121 -46.58 25.30 7.83
C ILE K 121 -46.44 23.91 7.17
N SER K 122 -45.39 23.18 7.54
CA SER K 122 -45.05 21.91 6.90
C SER K 122 -45.98 20.75 7.23
N ALA K 123 -46.56 20.76 8.43
CA ALA K 123 -47.38 19.63 8.83
C ALA K 123 -48.86 19.99 8.94
N TYR K 124 -49.20 21.15 9.50
CA TYR K 124 -50.62 21.40 9.74
C TYR K 124 -51.40 21.67 8.48
N SER K 125 -50.85 22.59 7.68
CA SER K 125 -51.51 23.07 6.47
C SER K 125 -51.96 21.93 5.56
N PHE K 126 -51.40 20.74 5.72
CA PHE K 126 -51.89 19.60 4.98
C PHE K 126 -53.25 19.25 5.51
N ILE K 127 -53.37 19.19 6.84
CA ILE K 127 -54.65 18.87 7.44
C ILE K 127 -55.68 19.95 7.08
N ALA K 128 -55.23 21.20 7.10
CA ALA K 128 -56.05 22.32 6.72
C ALA K 128 -56.64 22.09 5.34
N LEU K 129 -55.79 21.90 4.33
CA LEU K 129 -56.27 21.64 2.98
C LEU K 129 -57.15 20.39 2.95
N ALA K 130 -56.78 19.37 3.71
CA ALA K 130 -57.60 18.16 3.75
C ALA K 130 -59.01 18.56 4.14
N LYS K 131 -59.10 19.46 5.12
CA LYS K 131 -60.36 19.91 5.69
C LYS K 131 -61.13 20.83 4.75
N ALA K 132 -60.51 21.94 4.37
CA ALA K 132 -61.20 22.99 3.65
C ALA K 132 -61.69 22.57 2.26
N GLY K 133 -61.02 21.60 1.65
CA GLY K 133 -61.42 21.09 0.35
C GLY K 133 -62.15 19.77 0.48
N ARG K 134 -62.40 19.38 1.71
CA ARG K 134 -63.00 18.09 1.95
C ARG K 134 -64.33 18.01 1.22
N GLU K 135 -65.03 19.13 1.14
CA GLU K 135 -66.31 19.16 0.46
C GLU K 135 -66.13 19.01 -1.06
N MET K 136 -65.44 19.97 -1.68
CA MET K 136 -65.26 19.98 -3.13
C MET K 136 -64.89 18.62 -3.64
N MET K 137 -64.40 17.76 -2.74
CA MET K 137 -64.00 16.41 -3.10
C MET K 137 -65.09 15.39 -2.87
N LYS K 138 -66.11 15.77 -2.07
CA LYS K 138 -67.18 14.84 -1.67
C LYS K 138 -67.58 13.86 -2.77
N GLY K 139 -67.58 12.58 -2.42
CA GLY K 139 -67.97 11.53 -3.33
C GLY K 139 -67.45 11.68 -4.74
N ARG K 140 -66.12 11.84 -4.86
CA ARG K 140 -65.43 11.90 -6.16
C ARG K 140 -64.33 10.84 -6.26
N ASN K 141 -64.12 10.09 -5.18
CA ASN K 141 -63.08 9.08 -5.13
C ASN K 141 -61.74 9.64 -5.58
N GLY K 142 -61.39 10.80 -5.01
CA GLY K 142 -60.14 11.48 -5.30
C GLY K 142 -58.98 11.10 -4.36
N SER K 143 -58.17 12.08 -3.96
CA SER K 143 -56.90 11.79 -3.29
C SER K 143 -56.08 13.04 -2.93
N LEU K 144 -55.37 13.00 -1.80
CA LEU K 144 -54.39 14.04 -1.45
C LEU K 144 -52.97 13.49 -1.54
N LEU K 145 -52.00 14.36 -1.84
CA LEU K 145 -50.60 14.00 -1.92
C LEU K 145 -49.73 15.06 -1.28
N THR K 146 -48.74 14.65 -0.51
CA THR K 146 -47.88 15.64 0.12
C THR K 146 -46.42 15.22 -0.04
N LEU K 147 -45.50 16.13 0.28
CA LEU K 147 -44.07 15.87 0.10
C LEU K 147 -43.35 15.66 1.42
N SER K 148 -42.59 14.58 1.51
CA SER K 148 -41.79 14.37 2.71
C SER K 148 -40.36 13.99 2.36
N TYR K 149 -39.55 13.84 3.40
CA TYR K 149 -38.12 13.64 3.24
C TYR K 149 -37.62 12.45 4.09
N LEU K 150 -36.38 12.06 3.90
CA LEU K 150 -35.79 10.94 4.62
C LEU K 150 -35.51 11.34 6.06
N GLY K 151 -35.43 12.65 6.30
CA GLY K 151 -34.96 13.19 7.57
C GLY K 151 -35.96 12.93 8.67
N ALA K 152 -37.20 12.74 8.25
CA ALA K 152 -38.28 12.38 9.13
C ALA K 152 -37.94 11.07 9.84
N GLU K 153 -37.34 10.16 9.11
CA GLU K 153 -37.11 8.82 9.66
C GLU K 153 -35.74 8.63 10.31
N ARG K 154 -34.72 9.33 9.83
CA ARG K 154 -33.40 9.23 10.45
C ARG K 154 -32.73 10.60 10.42
N THR K 155 -31.67 10.79 11.21
CA THR K 155 -31.09 12.14 11.32
C THR K 155 -30.20 12.52 10.15
N MET K 156 -30.18 13.82 9.89
CA MET K 156 -29.40 14.36 8.80
C MET K 156 -28.78 15.67 9.24
N PRO K 157 -27.60 15.98 8.68
CA PRO K 157 -26.93 17.25 8.94
C PRO K 157 -27.79 18.46 8.59
N ASN K 158 -28.13 19.21 9.63
CA ASN K 158 -28.84 20.49 9.54
C ASN K 158 -30.30 20.44 9.06
N TYR K 159 -30.88 19.25 8.92
CA TYR K 159 -32.33 19.18 8.72
C TYR K 159 -33.04 19.63 10.01
N ASN K 160 -32.53 19.16 11.14
CA ASN K 160 -32.99 19.55 12.48
C ASN K 160 -34.52 19.59 12.65
N VAL K 161 -35.04 20.73 13.11
CA VAL K 161 -36.43 20.82 13.55
C VAL K 161 -37.41 20.48 12.42
N MET K 162 -36.96 20.59 11.16
CA MET K 162 -37.79 20.25 10.00
C MET K 162 -38.04 18.76 9.86
N GLY K 163 -37.34 17.95 10.65
CA GLY K 163 -37.45 16.51 10.55
C GLY K 163 -38.48 15.98 11.51
N MET K 164 -38.85 16.82 12.49
CA MET K 164 -39.92 16.50 13.42
C MET K 164 -41.25 16.82 12.75
N ALA K 165 -41.34 17.97 12.10
CA ALA K 165 -42.49 18.30 11.28
C ALA K 165 -42.78 17.18 10.25
N LYS K 166 -41.78 16.87 9.42
CA LYS K 166 -41.95 15.83 8.41
C LYS K 166 -42.33 14.48 9.04
N ALA K 167 -42.10 14.31 10.34
CA ALA K 167 -42.47 13.07 11.01
C ALA K 167 -43.95 13.10 11.37
N SER K 168 -44.45 14.31 11.61
CA SER K 168 -45.84 14.56 11.94
C SER K 168 -46.70 14.70 10.69
N LEU K 169 -46.17 15.40 9.69
CA LEU K 169 -46.75 15.38 8.35
C LEU K 169 -47.01 13.94 7.92
N GLU K 170 -45.97 13.11 8.02
CA GLU K 170 -46.08 11.71 7.65
C GLU K 170 -47.15 11.03 8.49
N ALA K 171 -47.13 11.30 9.79
CA ALA K 171 -48.19 10.85 10.70
C ALA K 171 -49.57 11.27 10.20
N GLY K 172 -49.70 12.58 9.94
CA GLY K 172 -50.92 13.16 9.40
C GLY K 172 -51.43 12.37 8.22
N VAL K 173 -50.54 12.06 7.28
CA VAL K 173 -50.87 11.22 6.14
C VAL K 173 -51.52 9.91 6.57
N ARG K 174 -51.08 9.34 7.69
CA ARG K 174 -51.67 8.07 8.15
C ARG K 174 -53.02 8.22 8.84
N TYR K 175 -53.23 9.36 9.52
CA TYR K 175 -54.50 9.63 10.22
C TYR K 175 -55.53 10.33 9.35
N LEU K 176 -55.07 10.86 8.22
CA LEU K 176 -55.96 11.42 7.21
C LEU K 176 -56.59 10.28 6.43
N ALA K 177 -55.76 9.34 6.01
CA ALA K 177 -56.24 8.22 5.25
C ALA K 177 -57.15 7.36 6.10
N GLY K 178 -57.08 7.52 7.43
CA GLY K 178 -58.00 6.83 8.33
C GLY K 178 -59.34 7.56 8.35
N SER K 179 -59.29 8.84 8.64
CA SER K 179 -60.47 9.69 8.74
C SER K 179 -61.23 9.84 7.42
N LEU K 180 -60.49 10.08 6.33
CA LEU K 180 -61.09 10.45 5.04
C LEU K 180 -61.31 9.26 4.12
N GLY K 181 -60.83 8.09 4.53
CA GLY K 181 -60.83 6.96 3.62
C GLY K 181 -62.21 6.39 3.40
N ALA K 182 -63.07 6.61 4.39
CA ALA K 182 -64.48 6.23 4.34
C ALA K 182 -65.15 6.80 3.10
N GLU K 183 -65.01 8.10 2.93
CA GLU K 183 -65.60 8.84 1.82
C GLU K 183 -64.96 8.45 0.49
N GLY K 184 -63.79 7.82 0.54
CA GLY K 184 -63.17 7.27 -0.66
C GLY K 184 -61.94 8.02 -1.13
N THR K 185 -61.49 8.94 -0.30
CA THR K 185 -60.30 9.73 -0.55
C THR K 185 -59.04 8.98 -0.12
N ARG K 186 -58.05 8.89 -1.01
CA ARG K 186 -56.76 8.29 -0.69
C ARG K 186 -55.70 9.33 -0.34
N VAL K 187 -54.99 9.10 0.75
CA VAL K 187 -53.89 10.01 1.12
C VAL K 187 -52.53 9.31 1.07
N ASN K 188 -51.57 9.91 0.34
CA ASN K 188 -50.20 9.39 0.30
C ASN K 188 -49.14 10.48 0.23
N ALA K 189 -47.89 10.08 0.43
CA ALA K 189 -46.75 10.99 0.35
C ALA K 189 -45.74 10.44 -0.62
N VAL K 190 -44.91 11.35 -1.13
CA VAL K 190 -43.75 10.97 -1.87
C VAL K 190 -42.56 11.54 -1.16
N SER K 191 -41.64 10.66 -0.74
CA SER K 191 -40.42 11.09 -0.07
C SER K 191 -39.27 11.11 -1.06
N ALA K 192 -38.98 12.28 -1.57
CA ALA K 192 -37.94 12.42 -2.59
C ALA K 192 -36.53 12.45 -1.98
N GLY K 193 -35.56 11.91 -2.72
CA GLY K 193 -34.18 12.09 -2.33
C GLY K 193 -33.78 13.52 -2.60
N PRO K 194 -32.51 13.85 -2.33
CA PRO K 194 -32.04 15.20 -2.64
C PRO K 194 -31.87 15.35 -4.14
N ILE K 195 -31.92 16.60 -4.61
CA ILE K 195 -32.00 16.90 -6.04
C ILE K 195 -31.12 18.09 -6.44
N ARG K 196 -30.79 18.18 -7.73
CA ARG K 196 -29.90 19.22 -8.21
C ARG K 196 -30.56 20.60 -8.27
N MET K 209 -22.52 18.33 -0.36
CA MET K 209 -23.96 18.52 -0.46
C MET K 209 -24.64 17.23 -0.87
N LEU K 210 -24.47 17.00 -2.16
CA LEU K 210 -25.29 16.09 -2.95
C LEU K 210 -24.33 15.14 -3.67
N ALA K 211 -23.05 15.25 -3.29
CA ALA K 211 -22.00 14.42 -3.86
C ALA K 211 -21.81 13.20 -2.98
N ALA K 212 -22.12 13.39 -1.70
CA ALA K 212 -22.10 12.30 -0.74
C ALA K 212 -23.25 11.35 -1.03
N ASN K 213 -24.41 11.94 -1.28
CA ASN K 213 -25.62 11.16 -1.49
C ASN K 213 -25.59 10.33 -2.78
N GLU K 214 -24.83 10.78 -3.78
CA GLU K 214 -24.80 10.06 -5.04
C GLU K 214 -24.23 8.66 -4.90
N ARG K 215 -23.03 8.56 -4.32
CA ARG K 215 -22.25 7.32 -4.37
C ARG K 215 -22.84 6.22 -3.48
N GLN K 216 -23.49 6.61 -2.39
CA GLN K 216 -24.19 5.66 -1.52
C GLN K 216 -25.54 5.20 -2.11
N THR K 217 -26.13 6.05 -2.95
CA THR K 217 -27.39 5.71 -3.63
C THR K 217 -27.19 4.53 -4.56
N PRO K 218 -28.12 3.57 -4.49
CA PRO K 218 -28.10 2.40 -5.34
C PRO K 218 -28.00 2.72 -6.81
N LEU K 219 -28.63 3.80 -7.26
CA LEU K 219 -28.66 4.08 -8.70
C LEU K 219 -27.48 4.96 -9.15
N ARG K 220 -26.64 5.37 -8.21
CA ARG K 220 -25.46 6.18 -8.50
C ARG K 220 -25.81 7.56 -9.06
N ARG K 221 -27.00 8.06 -8.75
CA ARG K 221 -27.45 9.36 -9.23
C ARG K 221 -28.67 9.86 -8.46
N ASN K 222 -28.81 11.16 -8.33
CA ASN K 222 -30.01 11.67 -7.71
C ASN K 222 -31.18 11.61 -8.67
N VAL K 223 -32.38 11.57 -8.10
CA VAL K 223 -33.57 11.53 -8.90
C VAL K 223 -33.77 12.94 -9.45
N THR K 224 -34.73 13.11 -10.34
CA THR K 224 -35.08 14.42 -10.87
C THR K 224 -36.53 14.79 -10.54
N ILE K 225 -36.88 16.06 -10.74
CA ILE K 225 -38.26 16.47 -10.51
C ILE K 225 -39.24 15.66 -11.39
N GLU K 226 -38.82 15.27 -12.60
CA GLU K 226 -39.68 14.47 -13.47
C GLU K 226 -40.08 13.16 -12.81
N GLU K 227 -39.17 12.59 -12.01
CA GLU K 227 -39.37 11.24 -11.50
C GLU K 227 -40.36 11.27 -10.34
N VAL K 228 -40.02 12.04 -9.30
CA VAL K 228 -40.99 12.43 -8.27
C VAL K 228 -42.29 12.93 -8.92
N GLY K 229 -42.17 13.70 -10.00
CA GLY K 229 -43.32 14.12 -10.77
C GLY K 229 -44.16 12.92 -11.15
N ASN K 230 -43.59 12.03 -11.96
CA ASN K 230 -44.32 10.86 -12.44
C ASN K 230 -44.82 10.02 -11.28
N ALA K 231 -43.98 9.79 -10.27
CA ALA K 231 -44.43 9.01 -9.12
C ALA K 231 -45.62 9.71 -8.50
N GLY K 232 -45.54 11.02 -8.40
CA GLY K 232 -46.64 11.81 -7.84
C GLY K 232 -47.90 11.60 -8.63
N ALA K 233 -47.85 11.90 -9.93
CA ALA K 233 -48.97 11.70 -10.83
C ALA K 233 -49.57 10.33 -10.61
N PHE K 234 -48.74 9.30 -10.68
CA PHE K 234 -49.24 7.95 -10.51
C PHE K 234 -50.08 7.81 -9.27
N LEU K 235 -49.69 8.51 -8.22
CA LEU K 235 -50.29 8.25 -6.92
C LEU K 235 -51.66 8.88 -6.92
N CYS K 236 -51.82 10.04 -7.55
CA CYS K 236 -53.13 10.72 -7.51
C CYS K 236 -54.00 10.32 -8.68
N SER K 237 -54.04 9.03 -8.98
CA SER K 237 -54.56 8.58 -10.27
C SER K 237 -55.16 7.22 -10.14
N ASP K 238 -56.12 6.90 -11.00
CA ASP K 238 -56.88 5.66 -10.87
C ASP K 238 -56.07 4.38 -11.10
N LEU K 239 -54.79 4.51 -11.45
CA LEU K 239 -53.84 3.40 -11.39
C LEU K 239 -53.44 3.04 -9.94
N ALA K 240 -53.28 4.08 -9.12
CA ALA K 240 -53.00 3.93 -7.70
C ALA K 240 -54.24 3.84 -6.80
N SER K 241 -55.28 3.11 -7.19
CA SER K 241 -56.52 3.25 -6.43
C SER K 241 -56.59 2.16 -5.38
N GLY K 242 -55.53 1.35 -5.35
CA GLY K 242 -55.40 0.35 -4.30
C GLY K 242 -54.51 0.83 -3.17
N ILE K 243 -53.99 2.04 -3.31
CA ILE K 243 -52.87 2.51 -2.47
C ILE K 243 -53.14 3.77 -1.67
N SER K 244 -53.28 3.63 -0.36
CA SER K 244 -53.49 4.79 0.49
C SER K 244 -52.65 4.68 1.75
N GLY K 245 -52.36 5.83 2.38
CA GLY K 245 -51.50 5.86 3.54
C GLY K 245 -50.00 5.69 3.23
N GLU K 246 -49.70 5.31 2.00
CA GLU K 246 -48.33 4.96 1.60
C GLU K 246 -47.39 6.16 1.53
N ILE K 247 -46.13 5.94 1.89
CA ILE K 247 -45.09 6.95 1.74
C ILE K 247 -44.07 6.47 0.72
N LEU K 248 -44.39 6.56 -0.56
CA LEU K 248 -43.52 6.06 -1.60
C LEU K 248 -42.27 6.91 -1.72
N TYR K 249 -41.12 6.25 -1.70
CA TYR K 249 -39.81 6.90 -1.79
C TYR K 249 -39.35 7.04 -3.20
N VAL K 250 -39.12 8.25 -3.63
CA VAL K 250 -38.47 8.44 -4.91
C VAL K 250 -37.05 8.94 -4.64
N ASP K 251 -36.13 8.01 -4.32
CA ASP K 251 -34.75 8.42 -4.10
C ASP K 251 -33.69 7.43 -4.60
N GLY K 252 -34.00 6.71 -5.67
CA GLY K 252 -32.98 5.87 -6.29
C GLY K 252 -32.46 4.77 -5.39
N GLY K 253 -32.93 4.75 -4.15
CA GLY K 253 -32.69 3.62 -3.26
C GLY K 253 -32.00 4.04 -1.99
N PHE K 254 -31.68 5.33 -1.90
CA PHE K 254 -30.86 5.83 -0.80
C PHE K 254 -31.38 5.43 0.58
N ASN K 255 -32.69 5.40 0.76
CA ASN K 255 -33.24 5.10 2.07
C ASN K 255 -32.95 3.69 2.54
N THR K 256 -32.72 2.78 1.60
CA THR K 256 -32.48 1.39 1.96
C THR K 256 -31.02 1.12 2.36
N THR K 257 -30.18 2.15 2.31
CA THR K 257 -28.74 1.97 2.49
C THR K 257 -28.15 2.55 3.77
N ALA K 258 -27.14 1.86 4.30
CA ALA K 258 -26.34 2.36 5.41
C ALA K 258 -24.85 2.47 5.02
N MET K 259 -24.53 1.99 3.81
CA MET K 259 -23.17 1.77 3.29
C MET K 259 -22.08 2.43 4.13
N GLY L 2 -28.60 -0.73 44.14
CA GLY L 2 -29.46 -0.56 42.99
C GLY L 2 -28.64 -0.02 41.85
N PHE L 3 -28.95 -0.46 40.63
CA PHE L 3 -28.12 -0.14 39.46
C PHE L 3 -28.18 1.32 39.07
N LEU L 4 -28.99 2.10 39.78
CA LEU L 4 -29.14 3.52 39.48
C LEU L 4 -28.69 4.39 40.63
N THR L 5 -28.00 3.80 41.60
CA THR L 5 -27.41 4.57 42.69
C THR L 5 -26.32 5.50 42.16
N GLY L 6 -26.11 6.65 42.80
CA GLY L 6 -25.13 7.59 42.30
C GLY L 6 -25.71 8.63 41.37
N LYS L 7 -26.62 8.23 40.49
CA LYS L 7 -27.24 9.15 39.54
C LYS L 7 -28.35 9.95 40.20
N ARG L 8 -28.59 11.16 39.70
CA ARG L 8 -29.64 12.06 40.19
C ARG L 8 -30.59 12.50 39.06
N ALA L 9 -31.90 12.54 39.32
CA ALA L 9 -32.88 12.63 38.23
C ALA L 9 -34.05 13.61 38.46
N LEU L 10 -34.39 14.40 37.43
CA LEU L 10 -35.58 15.25 37.49
C LEU L 10 -36.73 14.61 36.73
N ILE L 11 -37.91 14.58 37.34
CA ILE L 11 -39.10 13.98 36.71
C ILE L 11 -40.25 14.96 36.44
N VAL L 12 -40.43 15.32 35.18
CA VAL L 12 -41.51 16.19 34.78
C VAL L 12 -42.73 15.34 34.50
N GLY L 13 -43.92 15.81 34.86
CA GLY L 13 -45.13 15.13 34.45
C GLY L 13 -45.94 14.38 35.50
N VAL L 14 -45.34 14.13 36.67
CA VAL L 14 -46.07 13.59 37.81
C VAL L 14 -47.30 14.44 38.10
N ALA L 15 -48.47 13.83 38.09
CA ALA L 15 -49.68 14.59 38.32
C ALA L 15 -50.70 13.81 39.15
N SER L 16 -50.70 12.48 38.96
CA SER L 16 -51.55 11.56 39.72
C SER L 16 -50.78 10.29 40.09
N LYS L 17 -51.31 9.51 41.03
CA LYS L 17 -50.67 8.25 41.39
C LYS L 17 -50.73 7.29 40.22
N LEU L 18 -51.63 7.58 39.28
CA LEU L 18 -51.86 6.67 38.16
C LEU L 18 -50.99 6.95 36.94
N SER L 19 -50.26 8.07 36.96
CA SER L 19 -49.38 8.44 35.85
C SER L 19 -48.34 7.35 35.56
N ILE L 20 -47.67 7.48 34.41
CA ILE L 20 -46.52 6.63 34.12
C ILE L 20 -45.33 7.28 34.79
N ALA L 21 -45.32 8.60 34.78
CA ALA L 21 -44.32 9.38 35.51
C ALA L 21 -44.18 8.91 36.95
N SER L 22 -45.20 8.23 37.46
CA SER L 22 -45.20 7.74 38.83
C SER L 22 -44.89 6.25 38.96
N GLY L 23 -44.90 5.53 37.85
CA GLY L 23 -44.36 4.19 37.89
C GLY L 23 -42.86 4.31 37.79
N ILE L 24 -42.42 5.24 36.96
CA ILE L 24 -41.01 5.39 36.61
C ILE L 24 -40.23 5.98 37.75
N ALA L 25 -40.83 6.97 38.43
CA ALA L 25 -40.23 7.59 39.62
C ALA L 25 -39.92 6.58 40.72
N ALA L 26 -40.88 5.69 41.01
CA ALA L 26 -40.69 4.67 42.02
C ALA L 26 -39.63 3.71 41.56
N ALA L 27 -39.61 3.41 40.28
CA ALA L 27 -38.62 2.50 39.73
C ALA L 27 -37.21 3.05 39.95
N MET L 28 -37.00 4.30 39.54
CA MET L 28 -35.67 4.91 39.61
C MET L 28 -35.16 5.10 41.05
N HIS L 29 -36.06 5.25 42.01
CA HIS L 29 -35.69 5.42 43.41
C HIS L 29 -35.63 4.07 44.10
N ARG L 30 -36.44 3.14 43.61
CA ARG L 30 -36.33 1.76 44.04
C ARG L 30 -34.91 1.29 43.81
N GLU L 31 -34.29 1.78 42.74
CA GLU L 31 -32.94 1.37 42.37
C GLU L 31 -31.91 2.43 42.73
N GLY L 32 -32.31 3.34 43.63
CA GLY L 32 -31.35 4.13 44.36
C GLY L 32 -30.93 5.49 43.82
N ALA L 33 -31.83 6.18 43.13
CA ALA L 33 -31.53 7.51 42.60
C ALA L 33 -32.14 8.61 43.48
N GLU L 34 -31.49 9.77 43.54
CA GLU L 34 -32.04 10.91 44.29
C GLU L 34 -32.95 11.74 43.39
N LEU L 35 -34.23 11.77 43.72
CA LEU L 35 -35.22 12.38 42.85
C LEU L 35 -35.52 13.84 43.19
N ALA L 36 -35.84 14.62 42.16
CA ALA L 36 -36.47 15.94 42.28
C ALA L 36 -37.71 16.01 41.37
N PHE L 37 -38.53 17.06 41.51
CA PHE L 37 -39.82 17.08 40.82
C PHE L 37 -40.35 18.46 40.44
N THR L 38 -41.18 18.49 39.40
CA THR L 38 -41.90 19.69 39.00
C THR L 38 -43.40 19.48 39.20
N TYR L 39 -44.10 20.52 39.63
CA TYR L 39 -45.57 20.44 39.65
C TYR L 39 -46.14 21.39 38.61
N GLN L 40 -47.25 20.97 38.01
CA GLN L 40 -47.93 21.69 36.93
C GLN L 40 -48.59 23.01 37.37
N ASN L 41 -49.40 22.93 38.42
CA ASN L 41 -50.24 24.03 38.87
C ASN L 41 -50.36 23.99 40.40
N ASP L 42 -50.86 25.05 41.03
CA ASP L 42 -50.70 25.19 42.46
C ASP L 42 -51.46 24.16 43.34
N LYS L 43 -52.55 23.58 42.82
CA LYS L 43 -53.30 22.54 43.53
C LYS L 43 -53.09 21.19 42.89
N LEU L 44 -51.89 21.02 42.35
CA LEU L 44 -51.28 19.69 42.23
C LEU L 44 -50.02 19.71 43.12
N ARG L 45 -49.58 20.92 43.49
CA ARG L 45 -48.40 21.16 44.34
C ARG L 45 -48.30 20.23 45.50
N GLY L 46 -49.35 20.22 46.34
CA GLY L 46 -49.38 19.36 47.52
C GLY L 46 -49.36 17.90 47.13
N ARG L 47 -50.15 17.55 46.12
CA ARG L 47 -50.23 16.18 45.64
C ARG L 47 -48.89 15.69 45.04
N VAL L 48 -47.96 16.60 44.78
CA VAL L 48 -46.64 16.21 44.30
C VAL L 48 -45.68 16.08 45.47
N GLU L 49 -45.75 17.06 46.36
CA GLU L 49 -44.83 17.13 47.48
C GLU L 49 -44.96 15.92 48.40
N GLU L 50 -46.16 15.37 48.58
CA GLU L 50 -46.25 14.15 49.37
C GLU L 50 -46.25 12.92 48.48
N PHE L 51 -45.93 13.12 47.20
CA PHE L 51 -45.46 12.04 46.35
C PHE L 51 -43.95 11.98 46.47
N ALA L 52 -43.36 13.16 46.39
CA ALA L 52 -41.92 13.34 46.54
C ALA L 52 -41.40 12.65 47.79
N SER L 53 -42.13 12.77 48.89
CA SER L 53 -41.67 12.19 50.16
C SER L 53 -41.96 10.68 50.25
N GLY L 54 -42.88 10.19 49.43
CA GLY L 54 -43.10 8.76 49.37
C GLY L 54 -42.00 8.09 48.57
N TRP L 55 -41.12 8.92 48.00
CA TRP L 55 -40.08 8.49 47.07
C TRP L 55 -38.73 9.10 47.42
N GLY L 56 -38.51 9.34 48.72
CA GLY L 56 -37.23 9.82 49.19
C GLY L 56 -36.92 11.28 48.92
N SER L 57 -37.70 11.93 48.08
CA SER L 57 -37.48 13.36 47.87
C SER L 57 -38.09 14.15 49.01
N ARG L 58 -38.06 15.47 48.87
CA ARG L 58 -38.56 16.40 49.88
C ARG L 58 -39.11 17.63 49.14
N PRO L 59 -40.12 18.30 49.72
CA PRO L 59 -40.81 19.42 49.05
C PRO L 59 -39.91 20.55 48.54
N GLU L 60 -38.64 20.57 48.97
CA GLU L 60 -37.71 21.62 48.57
C GLU L 60 -37.03 21.33 47.23
N LEU L 61 -37.09 20.07 46.80
CA LEU L 61 -36.57 19.68 45.49
C LEU L 61 -37.72 19.62 44.50
N CYS L 62 -38.89 20.10 44.92
CA CYS L 62 -40.03 20.22 44.03
C CYS L 62 -40.22 21.67 43.61
N PHE L 63 -40.67 21.86 42.37
CA PHE L 63 -40.64 23.17 41.74
C PHE L 63 -41.90 23.46 40.93
N PRO L 64 -42.19 24.75 40.72
CA PRO L 64 -43.28 25.11 39.81
C PRO L 64 -42.82 25.18 38.35
N CYS L 65 -43.59 24.61 37.41
CA CYS L 65 -43.23 24.66 35.99
C CYS L 65 -44.38 24.31 35.03
N ASP L 66 -44.78 25.27 34.19
CA ASP L 66 -45.65 24.95 33.04
C ASP L 66 -44.82 24.95 31.75
N VAL L 67 -44.63 23.74 31.22
CA VAL L 67 -43.80 23.50 30.04
C VAL L 67 -43.91 24.54 28.93
N ALA L 68 -45.00 25.31 28.91
CA ALA L 68 -45.22 26.29 27.87
C ALA L 68 -44.40 27.54 28.12
N ASP L 69 -43.91 27.69 29.34
CA ASP L 69 -43.24 28.91 29.77
C ASP L 69 -41.74 28.70 29.83
N ASP L 70 -41.02 29.24 28.84
CA ASP L 70 -39.57 29.01 28.76
C ASP L 70 -38.84 29.60 29.97
N SER L 71 -39.34 30.73 30.46
CA SER L 71 -38.74 31.35 31.62
C SER L 71 -38.94 30.44 32.83
N GLN L 72 -40.15 29.92 33.00
CA GLN L 72 -40.41 28.99 34.10
C GLN L 72 -39.47 27.78 34.07
N ILE L 73 -39.26 27.22 32.88
CA ILE L 73 -38.41 26.03 32.72
C ILE L 73 -37.01 26.33 33.19
N GLU L 74 -36.48 27.44 32.73
CA GLU L 74 -35.15 27.86 33.15
C GLU L 74 -35.09 28.13 34.65
N ALA L 75 -36.24 28.48 35.25
CA ALA L 75 -36.30 28.78 36.68
C ALA L 75 -36.27 27.51 37.49
N VAL L 76 -36.74 26.41 36.92
CA VAL L 76 -36.66 25.11 37.59
C VAL L 76 -35.22 24.61 37.69
N PHE L 77 -34.42 24.89 36.66
CA PHE L 77 -33.03 24.44 36.64
C PHE L 77 -32.13 25.35 37.46
N ALA L 78 -32.41 26.65 37.44
CA ALA L 78 -31.67 27.60 38.27
C ALA L 78 -31.93 27.32 39.74
N ALA L 79 -33.19 27.13 40.09
CA ALA L 79 -33.59 26.86 41.47
C ALA L 79 -32.96 25.59 41.97
N LEU L 80 -33.16 24.49 41.24
CA LEU L 80 -32.56 23.21 41.63
C LEU L 80 -31.04 23.35 41.61
N GLY L 81 -30.54 24.15 40.67
CA GLY L 81 -29.11 24.39 40.51
C GLY L 81 -28.45 25.03 41.70
N LYS L 82 -29.22 25.25 42.77
CA LYS L 82 -28.67 25.77 44.00
C LYS L 82 -28.91 24.79 45.16
N HIS L 83 -29.36 23.59 44.83
CA HIS L 83 -29.31 22.48 45.79
C HIS L 83 -28.30 21.45 45.26
N TRP L 84 -28.18 21.37 43.94
CA TRP L 84 -27.34 20.34 43.32
C TRP L 84 -26.26 20.95 42.46
N ASP L 85 -25.27 20.13 42.14
CA ASP L 85 -24.17 20.60 41.33
C ASP L 85 -24.33 20.17 39.89
N GLY L 86 -24.92 18.98 39.71
CA GLY L 86 -25.10 18.43 38.38
C GLY L 86 -26.32 17.53 38.29
N LEU L 87 -26.74 17.24 37.06
CA LEU L 87 -27.95 16.46 36.82
C LEU L 87 -27.65 15.34 35.85
N ASP L 88 -28.02 14.11 36.23
CA ASP L 88 -27.68 12.94 35.43
C ASP L 88 -28.83 12.49 34.53
N ILE L 89 -30.06 12.61 35.02
CA ILE L 89 -31.21 12.08 34.29
C ILE L 89 -32.37 13.08 34.34
N ILE L 90 -33.17 13.12 33.27
CA ILE L 90 -34.35 13.98 33.18
C ILE L 90 -35.45 13.22 32.46
N VAL L 91 -36.60 13.06 33.12
CA VAL L 91 -37.67 12.26 32.55
C VAL L 91 -38.80 13.17 32.08
N HIS L 92 -39.34 12.85 30.91
CA HIS L 92 -40.33 13.69 30.23
C HIS L 92 -41.59 12.91 29.91
N SER L 93 -42.56 12.98 30.80
CA SER L 93 -43.82 12.27 30.57
C SER L 93 -45.00 13.23 30.59
N VAL L 94 -45.03 14.13 29.63
CA VAL L 94 -46.17 15.04 29.45
C VAL L 94 -46.81 14.84 28.08
N GLY L 95 -48.03 14.32 28.08
CA GLY L 95 -48.77 14.15 26.84
C GLY L 95 -50.12 14.84 26.98
N PHE L 96 -50.30 15.95 26.27
CA PHE L 96 -51.56 16.68 26.35
C PHE L 96 -52.00 17.32 25.02
N ALA L 97 -53.33 17.39 24.85
CA ALA L 97 -53.97 18.01 23.70
C ALA L 97 -55.35 18.48 24.17
N PRO L 98 -55.82 19.66 23.73
CA PRO L 98 -57.20 20.06 24.03
C PRO L 98 -58.18 18.90 23.86
N GLY L 99 -59.00 18.67 24.88
CA GLY L 99 -59.75 17.43 25.03
C GLY L 99 -60.69 17.07 23.92
N ASP L 100 -61.41 18.07 23.41
CA ASP L 100 -62.41 17.87 22.35
C ASP L 100 -61.76 17.33 21.08
N GLN L 101 -60.56 17.84 20.81
CA GLN L 101 -59.69 17.41 19.71
C GLN L 101 -59.50 15.87 19.64
N LEU L 102 -59.75 15.19 20.75
CA LEU L 102 -59.52 13.75 20.86
C LEU L 102 -60.79 12.89 20.87
N ASP L 103 -61.84 13.35 20.19
CA ASP L 103 -63.06 12.57 20.08
C ASP L 103 -63.66 12.71 18.70
N GLY L 104 -63.84 11.59 18.00
CA GLY L 104 -64.47 11.57 16.70
C GLY L 104 -63.55 11.47 15.49
N ASP L 105 -63.98 12.07 14.37
CA ASP L 105 -63.25 12.12 13.12
C ASP L 105 -62.04 13.03 13.23
N PHE L 106 -60.91 12.55 12.71
CA PHE L 106 -59.64 13.26 12.83
C PHE L 106 -59.71 14.60 12.10
N THR L 107 -60.11 14.55 10.82
CA THR L 107 -60.16 15.73 9.95
C THR L 107 -61.21 16.72 10.41
N ALA L 108 -62.32 16.17 10.90
CA ALA L 108 -63.41 16.99 11.37
C ALA L 108 -63.01 17.89 12.54
N VAL L 109 -62.37 17.33 13.57
CA VAL L 109 -62.14 18.10 14.78
C VAL L 109 -60.72 18.67 14.96
N THR L 110 -59.76 18.24 14.16
CA THR L 110 -58.40 18.74 14.37
C THR L 110 -58.34 20.21 14.03
N THR L 111 -58.11 21.04 15.03
CA THR L 111 -57.99 22.47 14.74
C THR L 111 -56.53 22.81 14.59
N ARG L 112 -56.24 24.07 14.32
CA ARG L 112 -54.85 24.57 14.26
C ARG L 112 -54.27 24.75 15.66
N GLU L 113 -54.98 25.49 16.50
CA GLU L 113 -54.65 25.63 17.91
C GLU L 113 -54.55 24.25 18.60
N GLY L 114 -55.39 23.30 18.19
CA GLY L 114 -55.29 21.93 18.68
C GLY L 114 -53.95 21.30 18.34
N PHE L 115 -53.63 21.26 17.05
CA PHE L 115 -52.33 20.85 16.55
C PHE L 115 -51.18 21.54 17.28
N ARG L 116 -51.17 22.88 17.22
CA ARG L 116 -50.14 23.73 17.83
C ARG L 116 -49.85 23.41 19.27
N ILE L 117 -50.90 23.48 20.09
CA ILE L 117 -50.76 23.25 21.51
C ILE L 117 -50.27 21.83 21.81
N ALA L 118 -50.76 20.84 21.08
CA ALA L 118 -50.31 19.46 21.34
C ALA L 118 -48.82 19.26 21.04
N HIS L 119 -48.32 19.93 20.00
CA HIS L 119 -46.93 19.78 19.67
C HIS L 119 -46.12 20.55 20.68
N ASP L 120 -46.64 21.68 21.13
CA ASP L 120 -45.91 22.52 22.06
C ASP L 120 -45.72 21.76 23.37
N ILE L 121 -46.80 21.26 23.93
CA ILE L 121 -46.76 20.61 25.24
C ILE L 121 -46.29 19.15 25.14
N SER L 122 -46.53 18.48 24.02
CA SER L 122 -46.09 17.07 23.91
C SER L 122 -44.72 16.89 23.23
N ALA L 123 -44.34 17.79 22.31
CA ALA L 123 -43.10 17.60 21.59
C ALA L 123 -42.03 18.58 22.05
N TYR L 124 -42.14 19.86 21.68
CA TYR L 124 -41.05 20.82 21.98
C TYR L 124 -40.57 20.83 23.44
N SER L 125 -41.45 20.54 24.40
CA SER L 125 -41.08 20.59 25.81
C SER L 125 -39.77 19.83 26.08
N PHE L 126 -39.65 18.67 25.43
CA PHE L 126 -38.47 17.81 25.56
C PHE L 126 -37.24 18.61 25.21
N ILE L 127 -37.31 19.29 24.06
CA ILE L 127 -36.26 20.19 23.62
C ILE L 127 -36.05 21.32 24.62
N ALA L 128 -37.14 21.73 25.27
CA ALA L 128 -37.09 22.88 26.18
C ALA L 128 -36.32 22.49 27.42
N LEU L 129 -36.54 21.26 27.85
CA LEU L 129 -35.79 20.71 28.95
C LEU L 129 -34.32 20.51 28.54
N ALA L 130 -34.11 19.70 27.51
CA ALA L 130 -32.76 19.38 27.03
C ALA L 130 -31.89 20.62 26.89
N LYS L 131 -32.43 21.71 26.34
CA LYS L 131 -31.67 22.97 26.23
C LYS L 131 -31.31 23.52 27.60
N ALA L 132 -32.34 23.86 28.34
CA ALA L 132 -32.16 24.51 29.62
C ALA L 132 -31.45 23.58 30.59
N GLY L 133 -31.62 22.28 30.35
CA GLY L 133 -30.97 21.27 31.17
C GLY L 133 -29.66 20.77 30.61
N ARG L 134 -29.14 21.45 29.61
CA ARG L 134 -27.92 20.97 28.97
C ARG L 134 -26.68 21.18 29.85
N GLU L 135 -26.58 22.34 30.49
CA GLU L 135 -25.33 22.66 31.18
C GLU L 135 -25.30 22.18 32.61
N MET L 136 -26.43 21.71 33.11
CA MET L 136 -26.42 21.04 34.40
C MET L 136 -26.03 19.58 34.21
N MET L 137 -26.18 19.09 32.99
CA MET L 137 -25.93 17.67 32.69
C MET L 137 -24.50 17.46 32.26
N LYS L 138 -23.81 18.56 32.02
CA LYS L 138 -22.45 18.58 31.49
C LYS L 138 -21.50 17.61 32.18
N GLY L 139 -20.83 16.79 31.38
CA GLY L 139 -19.80 15.90 31.89
C GLY L 139 -20.26 14.95 32.97
N ARG L 140 -21.56 14.72 33.01
CA ARG L 140 -22.13 13.74 33.92
C ARG L 140 -22.51 12.45 33.18
N ASN L 141 -22.38 12.47 31.87
CA ASN L 141 -22.51 11.27 31.06
C ASN L 141 -23.86 10.58 31.28
N GLY L 142 -24.94 11.30 31.01
CA GLY L 142 -26.26 10.85 31.42
C GLY L 142 -27.30 10.52 30.38
N SER L 143 -28.56 10.61 30.80
CA SER L 143 -29.69 10.16 30.01
C SER L 143 -30.86 11.15 29.98
N LEU L 144 -31.61 11.09 28.89
CA LEU L 144 -32.90 11.75 28.74
C LEU L 144 -33.94 10.71 28.33
N LEU L 145 -35.09 10.72 28.99
CA LEU L 145 -36.14 9.77 28.67
C LEU L 145 -37.44 10.52 28.31
N THR L 146 -38.30 9.85 27.55
CA THR L 146 -39.61 10.40 27.22
C THR L 146 -40.55 9.29 26.87
N LEU L 147 -41.82 9.62 26.63
CA LEU L 147 -42.83 8.59 26.41
C LEU L 147 -43.60 8.77 25.11
N SER L 148 -43.81 7.68 24.40
CA SER L 148 -44.45 7.73 23.12
C SER L 148 -45.49 6.64 23.06
N TYR L 149 -46.28 6.62 22.00
CA TYR L 149 -47.33 5.63 21.89
C TYR L 149 -47.29 4.98 20.51
N LEU L 150 -47.62 3.69 20.42
CA LEU L 150 -47.78 3.02 19.12
C LEU L 150 -48.53 3.90 18.12
N GLY L 151 -49.39 4.78 18.64
CA GLY L 151 -50.17 5.68 17.80
C GLY L 151 -49.38 6.65 16.95
N ALA L 152 -48.07 6.67 17.15
CA ALA L 152 -47.24 7.58 16.39
C ALA L 152 -46.73 6.85 15.17
N GLU L 153 -46.88 5.53 15.17
CA GLU L 153 -46.41 4.72 14.06
C GLU L 153 -47.56 4.39 13.16
N ARG L 154 -48.66 3.96 13.76
CA ARG L 154 -49.83 3.54 13.00
C ARG L 154 -51.06 4.23 13.57
N THR L 155 -52.23 3.88 13.06
CA THR L 155 -53.43 4.62 13.43
C THR L 155 -54.28 3.90 14.46
N MET L 156 -55.20 4.68 15.04
CA MET L 156 -56.13 4.19 16.04
C MET L 156 -57.18 5.26 16.29
N PRO L 157 -58.45 4.84 16.40
CA PRO L 157 -59.56 5.79 16.52
C PRO L 157 -59.40 6.66 17.75
N ASN L 158 -59.72 7.95 17.61
CA ASN L 158 -59.75 8.94 18.68
C ASN L 158 -58.39 9.51 19.07
N TYR L 159 -57.29 9.05 18.45
CA TYR L 159 -55.99 9.55 18.88
C TYR L 159 -55.61 10.82 18.14
N ASN L 160 -55.97 10.90 16.87
CA ASN L 160 -55.92 12.17 16.15
C ASN L 160 -54.59 12.90 16.22
N VAL L 161 -54.64 14.21 16.38
CA VAL L 161 -53.43 15.03 16.32
C VAL L 161 -52.33 14.63 17.31
N MET L 162 -52.64 13.78 18.28
CA MET L 162 -51.61 13.35 19.24
C MET L 162 -50.58 12.46 18.55
N GLY L 163 -51.05 11.58 17.67
CA GLY L 163 -50.18 10.77 16.85
C GLY L 163 -49.18 11.65 16.11
N MET L 164 -49.64 12.78 15.59
CA MET L 164 -48.73 13.70 14.91
C MET L 164 -47.78 14.33 15.91
N ALA L 165 -48.27 14.64 17.11
CA ALA L 165 -47.42 15.24 18.12
C ALA L 165 -46.38 14.22 18.57
N LYS L 166 -46.85 12.99 18.83
CA LYS L 166 -46.00 11.88 19.24
C LYS L 166 -45.02 11.47 18.14
N ALA L 167 -45.45 11.50 16.88
CA ALA L 167 -44.54 11.19 15.77
C ALA L 167 -43.42 12.21 15.66
N SER L 168 -43.73 13.45 16.05
CA SER L 168 -42.78 14.56 16.10
C SER L 168 -41.86 14.42 17.30
N LEU L 169 -42.33 13.69 18.30
CA LEU L 169 -41.56 13.44 19.51
C LEU L 169 -40.45 12.44 19.24
N GLU L 170 -40.82 11.27 18.70
CA GLU L 170 -39.84 10.24 18.38
C GLU L 170 -38.71 10.83 17.51
N ALA L 171 -39.05 11.57 16.46
CA ALA L 171 -38.02 12.24 15.65
C ALA L 171 -37.19 13.17 16.51
N GLY L 172 -37.81 13.83 17.48
CA GLY L 172 -37.10 14.72 18.37
C GLY L 172 -36.09 13.96 19.19
N VAL L 173 -36.45 12.74 19.60
CA VAL L 173 -35.53 11.86 20.30
C VAL L 173 -34.30 11.56 19.45
N ARG L 174 -34.53 11.17 18.21
CA ARG L 174 -33.45 10.79 17.31
C ARG L 174 -32.48 11.94 17.01
N TYR L 175 -33.00 13.13 16.77
CA TYR L 175 -32.14 14.29 16.49
C TYR L 175 -31.38 14.71 17.76
N LEU L 176 -32.07 14.75 18.91
CA LEU L 176 -31.41 15.08 20.18
C LEU L 176 -30.31 14.07 20.46
N ALA L 177 -30.62 12.80 20.29
CA ALA L 177 -29.60 11.75 20.38
C ALA L 177 -28.36 12.07 19.52
N GLY L 178 -28.60 12.55 18.30
CA GLY L 178 -27.51 12.78 17.37
C GLY L 178 -26.71 14.04 17.66
N SER L 179 -27.31 14.91 18.46
CA SER L 179 -26.66 16.17 18.82
C SER L 179 -25.85 15.97 20.11
N LEU L 180 -26.55 15.78 21.22
CA LEU L 180 -25.91 15.70 22.53
C LEU L 180 -25.04 14.44 22.73
N GLY L 181 -25.28 13.41 21.94
CA GLY L 181 -24.48 12.20 22.00
C GLY L 181 -22.97 12.41 22.14
N ALA L 182 -22.40 13.30 21.32
CA ALA L 182 -20.97 13.55 21.37
C ALA L 182 -20.54 13.91 22.79
N GLU L 183 -21.21 14.91 23.36
CA GLU L 183 -20.83 15.36 24.69
C GLU L 183 -21.38 14.44 25.79
N GLY L 184 -21.58 13.17 25.48
CA GLY L 184 -21.90 12.18 26.48
C GLY L 184 -23.36 11.88 26.80
N THR L 185 -24.28 12.78 26.44
CA THR L 185 -25.70 12.57 26.76
C THR L 185 -26.36 11.60 25.81
N ARG L 186 -27.03 10.60 26.38
CA ARG L 186 -27.88 9.73 25.61
C ARG L 186 -29.35 10.20 25.67
N VAL L 187 -30.08 10.08 24.56
CA VAL L 187 -31.50 10.42 24.54
C VAL L 187 -32.31 9.23 24.10
N ASN L 188 -33.39 8.91 24.82
CA ASN L 188 -34.14 7.69 24.55
C ASN L 188 -35.60 7.76 24.90
N ALA L 189 -36.33 6.69 24.59
CA ALA L 189 -37.76 6.71 24.88
C ALA L 189 -38.36 5.34 25.07
N VAL L 190 -39.36 5.29 25.95
CA VAL L 190 -40.19 4.12 26.06
C VAL L 190 -41.57 4.45 25.50
N SER L 191 -42.08 3.55 24.65
CA SER L 191 -43.41 3.67 24.08
C SER L 191 -44.33 2.63 24.69
N ALA L 192 -45.18 3.08 25.61
CA ALA L 192 -45.96 2.17 26.47
C ALA L 192 -47.31 1.78 25.90
N GLY L 193 -47.65 0.50 26.04
CA GLY L 193 -48.99 0.05 25.69
C GLY L 193 -50.00 0.68 26.63
N PRO L 194 -51.27 0.35 26.43
CA PRO L 194 -52.34 0.95 27.27
C PRO L 194 -52.39 0.29 28.67
N ILE L 195 -53.05 0.98 29.62
CA ILE L 195 -53.10 0.55 31.03
C ILE L 195 -54.47 0.70 31.71
N ARG L 196 -54.74 1.91 32.17
CA ARG L 196 -56.00 2.34 32.83
C ARG L 196 -55.84 3.75 33.44
N LEU L 210 -59.67 -1.77 23.20
CA LEU L 210 -59.72 -1.57 24.65
C LEU L 210 -59.74 -2.94 25.32
N ALA L 211 -60.22 -3.93 24.57
CA ALA L 211 -60.48 -5.24 25.12
C ALA L 211 -59.81 -6.32 24.30
N ALA L 212 -59.79 -6.13 22.99
CA ALA L 212 -59.30 -7.18 22.08
C ALA L 212 -57.80 -7.03 21.85
N ASN L 213 -57.32 -5.78 21.89
CA ASN L 213 -55.90 -5.52 21.74
C ASN L 213 -55.11 -6.27 22.80
N GLU L 214 -55.72 -6.40 23.97
CA GLU L 214 -55.21 -7.28 25.00
C GLU L 214 -55.02 -8.68 24.43
N ARG L 215 -56.11 -9.29 23.99
CA ARG L 215 -56.03 -10.67 23.53
C ARG L 215 -55.27 -10.76 22.20
N GLN L 216 -55.13 -9.63 21.51
CA GLN L 216 -54.24 -9.60 20.35
C GLN L 216 -52.81 -9.75 20.84
N THR L 217 -52.45 -8.92 21.82
CA THR L 217 -51.11 -8.85 22.39
C THR L 217 -50.53 -10.22 22.76
N PRO L 218 -49.31 -10.53 22.29
CA PRO L 218 -48.56 -11.76 22.54
C PRO L 218 -48.56 -12.29 23.99
N LEU L 219 -48.34 -11.40 24.96
CA LEU L 219 -48.38 -11.78 26.38
C LEU L 219 -49.81 -11.84 26.96
N ARG L 220 -50.78 -11.49 26.12
CA ARG L 220 -52.20 -11.61 26.45
C ARG L 220 -52.61 -10.73 27.63
N ARG L 221 -51.94 -9.61 27.79
CA ARG L 221 -52.27 -8.72 28.89
C ARG L 221 -51.79 -7.30 28.60
N ASN L 222 -52.10 -6.37 29.49
CA ASN L 222 -51.52 -5.04 29.36
C ASN L 222 -50.23 -4.99 30.15
N VAL L 223 -49.62 -3.81 30.20
CA VAL L 223 -48.41 -3.67 30.99
C VAL L 223 -48.76 -2.80 32.18
N THR L 224 -47.90 -2.82 33.18
CA THR L 224 -48.10 -2.03 34.38
C THR L 224 -47.20 -0.81 34.34
N ILE L 225 -47.52 0.23 35.10
CA ILE L 225 -46.62 1.39 35.13
C ILE L 225 -45.26 1.01 35.78
N GLU L 226 -45.19 -0.12 36.46
CA GLU L 226 -43.91 -0.54 37.02
C GLU L 226 -43.07 -1.11 35.91
N GLU L 227 -43.68 -1.91 35.05
CA GLU L 227 -42.98 -2.47 33.90
C GLU L 227 -42.41 -1.35 33.03
N VAL L 228 -43.28 -0.39 32.70
CA VAL L 228 -42.86 0.81 32.00
C VAL L 228 -41.89 1.58 32.86
N GLY L 229 -42.00 1.43 34.17
CA GLY L 229 -41.09 2.09 35.10
C GLY L 229 -39.68 1.50 35.06
N ASN L 230 -39.60 0.17 35.20
CA ASN L 230 -38.34 -0.54 35.12
C ASN L 230 -37.53 -0.17 33.88
N ALA L 231 -38.07 -0.50 32.71
CA ALA L 231 -37.42 -0.19 31.44
C ALA L 231 -36.92 1.24 31.38
N GLY L 232 -37.69 2.16 31.95
CA GLY L 232 -37.29 3.55 31.95
C GLY L 232 -36.00 3.70 32.75
N ALA L 233 -35.99 3.05 33.91
CA ALA L 233 -34.83 3.10 34.78
C ALA L 233 -33.63 2.40 34.13
N PHE L 234 -33.87 1.28 33.45
CA PHE L 234 -32.77 0.60 32.76
C PHE L 234 -32.16 1.52 31.73
N LEU L 235 -32.98 1.92 30.75
CA LEU L 235 -32.59 2.93 29.75
C LEU L 235 -31.85 4.11 30.34
N CYS L 236 -32.21 4.52 31.55
CA CYS L 236 -31.57 5.68 32.18
C CYS L 236 -30.28 5.37 32.95
N SER L 237 -30.06 4.10 33.29
CA SER L 237 -28.84 3.69 33.98
C SER L 237 -27.63 3.68 33.05
N ASP L 238 -26.48 3.26 33.57
CA ASP L 238 -25.31 3.05 32.72
C ASP L 238 -25.31 1.60 32.20
N LEU L 239 -26.29 0.81 32.64
CA LEU L 239 -26.43 -0.54 32.11
C LEU L 239 -26.67 -0.46 30.60
N ALA L 240 -27.45 0.53 30.18
CA ALA L 240 -27.74 0.77 28.77
C ALA L 240 -26.86 1.87 28.16
N SER L 241 -25.59 1.89 28.52
CA SER L 241 -24.68 2.97 28.12
C SER L 241 -24.38 2.92 26.64
N GLY L 242 -24.89 1.87 25.98
CA GLY L 242 -24.68 1.66 24.56
C GLY L 242 -25.94 1.87 23.75
N ILE L 243 -26.97 2.34 24.44
CA ILE L 243 -28.26 2.54 23.81
C ILE L 243 -28.66 4.01 23.80
N SER L 244 -28.76 4.58 22.61
CA SER L 244 -29.26 5.95 22.44
C SER L 244 -30.01 6.08 21.13
N GLY L 245 -31.00 6.96 21.11
CA GLY L 245 -31.91 7.13 19.98
C GLY L 245 -32.87 5.98 19.83
N GLU L 246 -33.51 5.58 20.91
CA GLU L 246 -34.26 4.34 20.87
C GLU L 246 -35.71 4.51 21.27
N ILE L 247 -36.57 3.84 20.51
CA ILE L 247 -37.95 3.67 20.88
C ILE L 247 -38.12 2.26 21.39
N LEU L 248 -37.96 2.11 22.70
CA LEU L 248 -38.11 0.82 23.37
C LEU L 248 -39.59 0.55 23.58
N TYR L 249 -40.06 -0.60 23.12
CA TYR L 249 -41.49 -0.84 23.09
C TYR L 249 -41.96 -1.74 24.22
N VAL L 250 -42.36 -1.13 25.31
CA VAL L 250 -42.97 -1.86 26.42
C VAL L 250 -44.48 -1.96 26.23
N ASP L 251 -44.89 -3.01 25.52
CA ASP L 251 -46.31 -3.26 25.35
C ASP L 251 -46.55 -4.71 24.97
N GLY L 252 -45.92 -5.63 25.69
CA GLY L 252 -46.27 -7.03 25.59
C GLY L 252 -46.15 -7.67 24.22
N GLY L 253 -45.62 -6.93 23.25
CA GLY L 253 -45.42 -7.44 21.89
C GLY L 253 -46.52 -7.01 20.92
N PHE L 254 -47.29 -6.01 21.32
CA PHE L 254 -48.46 -5.57 20.56
C PHE L 254 -48.08 -4.95 19.21
N ASN L 255 -46.94 -4.29 19.17
CA ASN L 255 -46.60 -3.56 17.96
C ASN L 255 -46.19 -4.51 16.85
N THR L 256 -45.86 -5.75 17.20
CA THR L 256 -45.39 -6.71 16.22
C THR L 256 -46.55 -7.52 15.61
N THR L 257 -47.77 -7.04 15.79
CA THR L 257 -48.95 -7.82 15.38
C THR L 257 -49.91 -7.13 14.40
N ALA L 258 -50.66 -7.97 13.66
CA ALA L 258 -51.68 -7.49 12.73
C ALA L 258 -53.00 -8.30 12.80
N GLY M 2 -19.14 -2.01 61.79
CA GLY M 2 -17.93 -2.16 61.01
C GLY M 2 -16.70 -2.07 61.89
N PHE M 3 -15.57 -2.62 61.42
CA PHE M 3 -14.36 -2.66 62.23
C PHE M 3 -13.56 -1.35 62.22
N LEU M 4 -14.22 -0.25 61.86
CA LEU M 4 -13.62 1.08 61.97
C LEU M 4 -14.56 2.03 62.74
N THR M 5 -15.65 1.47 63.26
CA THR M 5 -16.74 2.26 63.84
C THR M 5 -16.25 3.11 65.00
N GLY M 6 -16.36 4.43 64.82
CA GLY M 6 -15.93 5.37 65.84
C GLY M 6 -14.52 5.87 65.59
N LYS M 7 -14.10 5.76 64.34
CA LYS M 7 -12.83 6.33 63.90
C LYS M 7 -13.13 7.46 62.94
N ARG M 8 -12.36 8.53 63.02
CA ARG M 8 -12.58 9.63 62.10
C ARG M 8 -11.40 9.76 61.11
N ALA M 9 -11.71 9.58 59.83
CA ALA M 9 -10.71 9.52 58.76
C ALA M 9 -10.80 10.68 57.78
N LEU M 10 -9.65 11.24 57.44
CA LEU M 10 -9.56 12.23 56.38
C LEU M 10 -9.07 11.54 55.12
N ILE M 11 -9.54 11.96 53.94
CA ILE M 11 -9.17 11.29 52.70
C ILE M 11 -8.79 12.23 51.56
N VAL M 12 -7.55 12.14 51.10
CA VAL M 12 -7.03 13.00 50.04
C VAL M 12 -6.99 12.25 48.70
N GLY M 13 -7.49 12.88 47.63
CA GLY M 13 -7.40 12.31 46.30
C GLY M 13 -8.63 11.64 45.72
N VAL M 14 -9.81 11.98 46.22
CA VAL M 14 -11.04 11.52 45.59
C VAL M 14 -11.36 12.44 44.41
N ALA M 15 -10.94 12.03 43.21
CA ALA M 15 -11.24 12.85 42.04
C ALA M 15 -12.46 12.32 41.29
N SER M 16 -12.61 11.00 41.23
CA SER M 16 -13.64 10.40 40.39
C SER M 16 -14.47 9.31 41.03
N LYS M 17 -15.45 8.86 40.26
CA LYS M 17 -16.31 7.75 40.67
C LYS M 17 -15.55 6.44 40.66
N LEU M 18 -14.50 6.38 39.84
CA LEU M 18 -13.74 5.14 39.69
C LEU M 18 -12.50 5.06 40.56
N SER M 19 -12.11 6.18 41.16
CA SER M 19 -10.84 6.29 41.88
C SER M 19 -10.63 5.16 42.89
N ILE M 20 -9.38 4.96 43.30
CA ILE M 20 -9.14 4.04 44.38
C ILE M 20 -9.69 4.70 45.62
N ALA M 21 -9.43 6.00 45.75
CA ALA M 21 -9.83 6.78 46.91
C ALA M 21 -11.31 6.60 47.19
N SER M 22 -12.05 6.32 46.12
CA SER M 22 -13.48 6.02 46.18
C SER M 22 -13.73 4.62 46.77
N GLY M 23 -13.03 3.63 46.26
CA GLY M 23 -13.11 2.29 46.80
C GLY M 23 -12.79 2.32 48.28
N ILE M 24 -11.72 3.02 48.64
CA ILE M 24 -11.30 3.11 50.04
C ILE M 24 -12.37 3.76 50.90
N ALA M 25 -12.77 4.98 50.54
CA ALA M 25 -13.80 5.71 51.28
C ALA M 25 -15.10 4.90 51.42
N ALA M 26 -15.55 4.29 50.33
CA ALA M 26 -16.75 3.46 50.37
C ALA M 26 -16.57 2.42 51.45
N ALA M 27 -15.49 1.64 51.35
CA ALA M 27 -15.26 0.51 52.23
C ALA M 27 -15.09 0.93 53.68
N MET M 28 -14.44 2.08 53.89
CA MET M 28 -14.21 2.51 55.26
C MET M 28 -15.50 2.99 55.91
N HIS M 29 -16.39 3.57 55.11
CA HIS M 29 -17.68 4.02 55.65
C HIS M 29 -18.64 2.83 55.69
N ARG M 30 -18.43 1.84 54.82
CA ARG M 30 -19.19 0.60 54.91
C ARG M 30 -18.90 -0.10 56.23
N GLU M 31 -17.76 0.26 56.82
CA GLU M 31 -17.40 -0.27 58.13
C GLU M 31 -17.41 0.87 59.14
N GLY M 32 -18.01 1.99 58.73
CA GLY M 32 -18.48 2.99 59.68
C GLY M 32 -17.51 4.01 60.23
N ALA M 33 -16.73 4.62 59.36
CA ALA M 33 -15.88 5.74 59.76
C ALA M 33 -16.57 7.04 59.40
N GLU M 34 -16.55 8.00 60.30
CA GLU M 34 -17.02 9.34 59.98
C GLU M 34 -15.88 9.97 59.17
N LEU M 35 -16.21 10.59 58.03
CA LEU M 35 -15.15 11.00 57.09
C LEU M 35 -15.16 12.48 56.72
N ALA M 36 -13.98 12.98 56.36
CA ALA M 36 -13.84 14.27 55.69
C ALA M 36 -13.03 14.01 54.40
N PHE M 37 -12.93 15.01 53.52
CA PHE M 37 -12.29 14.81 52.22
C PHE M 37 -11.64 16.11 51.79
N THR M 38 -10.72 16.02 50.83
CA THR M 38 -10.29 17.19 50.05
C THR M 38 -10.67 17.06 48.59
N TYR M 39 -10.59 18.19 47.89
CA TYR M 39 -10.76 18.27 46.44
C TYR M 39 -9.64 19.17 45.90
N GLN M 40 -8.92 18.73 44.86
CA GLN M 40 -7.70 19.44 44.46
C GLN M 40 -7.94 20.92 44.12
N ASN M 41 -8.81 21.18 43.17
CA ASN M 41 -9.14 22.57 42.88
C ASN M 41 -10.64 22.73 42.78
N ASP M 42 -11.09 23.95 42.52
CA ASP M 42 -12.51 24.25 42.61
C ASP M 42 -13.33 23.35 41.71
N LYS M 43 -12.96 23.30 40.43
CA LYS M 43 -13.67 22.49 39.44
C LYS M 43 -14.21 21.20 40.03
N LEU M 44 -13.38 20.54 40.83
CA LEU M 44 -13.76 19.26 41.40
C LEU M 44 -14.51 19.40 42.73
N ARG M 45 -14.88 20.62 43.11
CA ARG M 45 -15.49 20.77 44.44
C ARG M 45 -16.83 20.06 44.47
N GLY M 46 -17.57 20.19 43.37
CA GLY M 46 -18.91 19.68 43.30
C GLY M 46 -18.99 18.19 43.51
N ARG M 47 -18.25 17.43 42.70
CA ARG M 47 -18.41 16.00 42.69
C ARG M 47 -17.89 15.36 43.97
N VAL M 48 -16.89 15.96 44.58
CA VAL M 48 -16.40 15.46 45.86
C VAL M 48 -17.52 15.48 46.90
N GLU M 49 -18.26 16.60 46.92
CA GLU M 49 -19.30 16.86 47.94
C GLU M 49 -20.52 15.97 47.75
N GLU M 50 -20.81 15.60 46.50
CA GLU M 50 -21.87 14.64 46.23
C GLU M 50 -21.39 13.24 46.61
N PHE M 51 -20.11 12.97 46.41
CA PHE M 51 -19.55 11.70 46.79
C PHE M 51 -19.61 11.57 48.30
N ALA M 52 -19.22 12.64 48.99
CA ALA M 52 -19.24 12.66 50.45
C ALA M 52 -20.66 12.44 51.01
N SER M 53 -21.62 13.19 50.47
CA SER M 53 -23.02 13.13 50.91
C SER M 53 -23.58 11.69 50.84
N GLY M 54 -23.09 10.92 49.88
CA GLY M 54 -23.47 9.52 49.76
C GLY M 54 -22.58 8.62 50.59
N TRP M 55 -21.76 9.21 51.45
CA TRP M 55 -20.90 8.45 52.37
C TRP M 55 -20.96 9.05 53.77
N GLY M 56 -22.15 9.50 54.15
CA GLY M 56 -22.39 9.97 55.50
C GLY M 56 -21.88 11.37 55.77
N SER M 57 -20.91 11.82 54.97
CA SER M 57 -20.28 13.11 55.20
C SER M 57 -21.13 14.30 54.75
N ARG M 58 -20.52 15.47 54.75
CA ARG M 58 -21.20 16.73 54.46
C ARG M 58 -20.20 17.82 54.02
N PRO M 59 -20.60 18.67 53.06
CA PRO M 59 -19.82 19.79 52.49
C PRO M 59 -18.89 20.56 53.46
N GLU M 60 -19.25 20.64 54.74
CA GLU M 60 -18.42 21.32 55.75
C GLU M 60 -17.13 20.53 56.00
N LEU M 61 -17.16 19.23 55.69
CA LEU M 61 -16.04 18.33 55.89
C LEU M 61 -15.22 18.19 54.61
N CYS M 62 -15.44 19.09 53.65
CA CYS M 62 -14.73 19.04 52.39
C CYS M 62 -13.88 20.31 52.26
N PHE M 63 -12.60 20.13 51.96
CA PHE M 63 -11.62 21.22 52.03
C PHE M 63 -10.72 21.31 50.80
N PRO M 64 -10.52 22.53 50.27
CA PRO M 64 -9.61 22.74 49.14
C PRO M 64 -8.18 22.36 49.48
N CYS M 65 -7.46 21.70 48.58
CA CYS M 65 -6.08 21.31 48.85
C CYS M 65 -5.26 20.82 47.65
N ASP M 66 -4.45 21.71 47.07
CA ASP M 66 -3.45 21.32 46.08
C ASP M 66 -2.23 20.94 46.87
N VAL M 67 -1.99 19.64 47.00
CA VAL M 67 -0.96 19.15 47.92
C VAL M 67 0.44 19.67 47.67
N ALA M 68 0.61 20.66 46.79
CA ALA M 68 1.90 21.33 46.59
C ALA M 68 1.95 22.73 47.24
N ASP M 69 0.85 23.14 47.85
CA ASP M 69 0.84 24.38 48.61
C ASP M 69 0.83 24.01 50.09
N ASP M 70 1.92 24.34 50.77
CA ASP M 70 2.05 23.99 52.19
C ASP M 70 0.95 24.64 53.01
N SER M 71 0.79 25.94 52.83
CA SER M 71 -0.23 26.72 53.51
C SER M 71 -1.58 26.05 53.38
N GLN M 72 -1.95 25.74 52.13
CA GLN M 72 -3.22 25.08 51.86
C GLN M 72 -3.36 23.78 52.65
N ILE M 73 -2.27 23.04 52.80
CA ILE M 73 -2.30 21.76 53.54
C ILE M 73 -2.46 21.95 55.05
N GLU M 74 -1.72 22.92 55.62
CA GLU M 74 -1.93 23.28 57.03
C GLU M 74 -3.36 23.73 57.18
N ALA M 75 -3.81 24.52 56.19
CA ALA M 75 -5.13 25.15 56.21
C ALA M 75 -6.25 24.15 56.05
N VAL M 76 -5.92 22.89 55.76
CA VAL M 76 -6.91 21.81 55.76
C VAL M 76 -7.16 21.32 57.19
N PHE M 77 -6.08 21.23 57.96
CA PHE M 77 -6.17 20.67 59.30
C PHE M 77 -6.62 21.71 60.32
N ALA M 78 -6.26 22.96 60.05
CA ALA M 78 -6.84 24.09 60.74
C ALA M 78 -8.36 24.08 60.58
N ALA M 79 -8.83 24.21 59.32
CA ALA M 79 -10.25 24.15 58.98
C ALA M 79 -10.98 22.95 59.59
N LEU M 80 -10.36 21.77 59.57
CA LEU M 80 -11.00 20.58 60.09
C LEU M 80 -10.91 20.60 61.59
N GLY M 81 -9.90 21.32 62.08
CA GLY M 81 -9.65 21.42 63.51
C GLY M 81 -10.77 22.10 64.26
N LYS M 82 -11.51 22.95 63.57
CA LYS M 82 -12.64 23.64 64.17
C LYS M 82 -13.90 22.76 64.26
N HIS M 83 -14.07 21.80 63.35
CA HIS M 83 -15.19 20.88 63.49
C HIS M 83 -14.81 19.74 64.45
N TRP M 84 -13.70 19.07 64.17
CA TRP M 84 -13.26 17.90 64.93
C TRP M 84 -12.24 18.22 66.02
N ASP M 85 -12.16 17.36 67.03
CA ASP M 85 -11.22 17.58 68.14
C ASP M 85 -9.96 16.76 67.94
N GLY M 86 -10.06 15.74 67.10
CA GLY M 86 -8.96 14.83 66.90
C GLY M 86 -9.11 14.04 65.62
N LEU M 87 -8.01 13.47 65.16
CA LEU M 87 -7.98 12.74 63.90
C LEU M 87 -7.43 11.32 64.14
N ASP M 88 -7.97 10.35 63.41
CA ASP M 88 -7.50 8.98 63.61
C ASP M 88 -6.73 8.49 62.40
N ILE M 89 -7.31 8.68 61.22
CA ILE M 89 -6.71 8.12 60.02
C ILE M 89 -6.65 9.17 58.91
N ILE M 90 -5.55 9.19 58.17
CA ILE M 90 -5.45 9.93 56.92
C ILE M 90 -5.12 8.96 55.82
N VAL M 91 -5.74 9.10 54.65
CA VAL M 91 -5.51 8.19 53.52
C VAL M 91 -5.02 8.97 52.30
N HIS M 92 -3.87 8.55 51.77
CA HIS M 92 -3.18 9.26 50.70
C HIS M 92 -3.32 8.51 49.38
N SER M 93 -4.17 9.06 48.51
CA SER M 93 -4.49 8.45 47.22
C SER M 93 -4.53 9.53 46.15
N VAL M 94 -3.46 10.31 46.05
CA VAL M 94 -3.28 11.16 44.88
C VAL M 94 -1.96 10.78 44.22
N GLY M 95 -1.91 10.81 42.90
CA GLY M 95 -0.73 10.38 42.15
C GLY M 95 -0.58 10.96 40.75
N PHE M 96 0.31 11.94 40.62
CA PHE M 96 0.48 12.68 39.36
C PHE M 96 1.94 12.85 38.91
N ALA M 97 2.16 12.77 37.60
CA ALA M 97 3.42 13.12 36.94
C ALA M 97 3.07 13.60 35.53
N PRO M 98 3.55 14.81 35.14
CA PRO M 98 3.12 15.48 33.90
C PRO M 98 3.03 14.50 32.71
N GLY M 99 1.89 14.53 32.01
CA GLY M 99 1.60 13.61 30.92
C GLY M 99 2.76 13.13 30.04
N ASP M 100 3.53 14.06 29.50
CA ASP M 100 4.65 13.72 28.59
C ASP M 100 5.81 12.94 29.24
N GLN M 101 5.69 12.64 30.53
CA GLN M 101 6.71 11.86 31.25
C GLN M 101 6.35 10.37 31.24
N LEU M 102 5.24 10.01 30.61
CA LEU M 102 4.68 8.68 30.74
C LEU M 102 4.34 7.98 29.42
N ASP M 103 4.88 8.47 28.31
CA ASP M 103 4.84 7.71 27.05
C ASP M 103 6.12 7.87 26.24
N GLY M 104 6.98 6.86 26.35
CA GLY M 104 8.23 6.85 25.61
C GLY M 104 9.39 6.26 26.38
N ASP M 105 10.59 6.66 25.96
CA ASP M 105 11.83 6.14 26.53
C ASP M 105 12.12 6.86 27.83
N PHE M 106 12.25 6.10 28.91
CA PHE M 106 12.46 6.67 30.24
C PHE M 106 13.52 7.73 30.17
N THR M 107 14.70 7.34 29.70
CA THR M 107 15.81 8.27 29.54
C THR M 107 15.50 9.44 28.62
N ALA M 108 14.79 9.20 27.53
CA ALA M 108 14.55 10.25 26.53
C ALA M 108 13.48 11.25 26.96
N VAL M 109 12.46 10.81 27.70
CA VAL M 109 11.33 11.71 27.96
C VAL M 109 11.30 12.28 29.37
N THR M 110 12.23 11.83 30.22
CA THR M 110 12.22 12.26 31.60
C THR M 110 12.98 13.55 31.77
N THR M 111 12.38 14.49 32.48
CA THR M 111 13.00 15.79 32.63
C THR M 111 13.30 16.10 34.08
N ARG M 112 14.05 17.17 34.28
CA ARG M 112 14.36 17.60 35.63
C ARG M 112 13.04 17.93 36.28
N GLU M 113 12.31 18.81 35.61
CA GLU M 113 11.02 19.31 36.10
C GLU M 113 10.03 18.18 36.42
N GLY M 114 9.81 17.27 35.46
CA GLY M 114 8.89 16.16 35.64
C GLY M 114 9.22 15.24 36.82
N PHE M 115 10.51 15.17 37.16
CA PHE M 115 10.98 14.38 38.31
C PHE M 115 10.59 15.12 39.60
N ARG M 116 10.72 16.45 39.57
CA ARG M 116 10.40 17.31 40.71
C ARG M 116 8.91 17.28 41.03
N ILE M 117 8.09 17.24 39.98
CA ILE M 117 6.64 17.26 40.16
C ILE M 117 6.09 15.88 40.50
N ALA M 118 6.62 14.85 39.88
CA ALA M 118 6.23 13.49 40.21
C ALA M 118 6.51 13.19 41.69
N HIS M 119 7.62 13.76 42.18
CA HIS M 119 8.15 13.47 43.52
C HIS M 119 7.57 14.37 44.60
N ASP M 120 7.31 15.62 44.24
CA ASP M 120 6.64 16.56 45.14
C ASP M 120 5.19 16.12 45.30
N ILE M 121 4.49 15.94 44.19
CA ILE M 121 3.06 15.67 44.23
C ILE M 121 2.72 14.24 44.58
N SER M 122 3.49 13.24 44.11
CA SER M 122 3.12 11.85 44.43
C SER M 122 3.83 11.27 45.66
N ALA M 123 4.90 11.93 46.12
CA ALA M 123 5.69 11.39 47.24
C ALA M 123 5.76 12.30 48.47
N TYR M 124 6.19 13.55 48.30
CA TYR M 124 6.33 14.45 49.45
C TYR M 124 5.01 14.79 50.12
N SER M 125 4.00 15.06 49.28
CA SER M 125 2.65 15.31 49.74
C SER M 125 2.29 14.46 50.95
N PHE M 126 2.54 13.14 50.85
CA PHE M 126 2.36 12.20 51.97
C PHE M 126 3.03 12.76 53.22
N ILE M 127 4.34 12.99 53.14
CA ILE M 127 5.09 13.48 54.29
C ILE M 127 4.46 14.76 54.84
N ALA M 128 4.06 15.66 53.94
CA ALA M 128 3.46 16.94 54.34
C ALA M 128 2.19 16.73 55.14
N LEU M 129 1.57 15.58 54.97
CA LEU M 129 0.33 15.30 55.68
C LEU M 129 0.61 14.81 57.09
N ALA M 130 1.62 13.96 57.24
CA ALA M 130 1.99 13.48 58.56
C ALA M 130 2.38 14.69 59.40
N LYS M 131 3.22 15.54 58.83
CA LYS M 131 3.65 16.78 59.48
C LYS M 131 2.50 17.62 59.96
N ALA M 132 1.59 17.96 59.06
CA ALA M 132 0.55 18.94 59.35
C ALA M 132 -0.61 18.40 60.21
N GLY M 133 -0.88 17.10 60.13
CA GLY M 133 -1.95 16.50 60.90
C GLY M 133 -1.38 15.66 62.03
N ARG M 134 -0.20 16.03 62.50
CA ARG M 134 0.45 15.31 63.58
C ARG M 134 -0.15 15.70 64.92
N GLU M 135 -0.43 16.99 65.05
CA GLU M 135 -1.06 17.51 66.26
C GLU M 135 -2.40 16.83 66.43
N MET M 136 -3.21 16.90 65.39
CA MET M 136 -4.57 16.39 65.50
C MET M 136 -4.60 14.88 65.65
N MET M 137 -3.44 14.24 65.64
CA MET M 137 -3.38 12.78 65.79
C MET M 137 -2.59 12.34 67.01
N LYS M 138 -2.33 13.28 67.91
CA LYS M 138 -1.65 12.98 69.18
C LYS M 138 -2.54 12.07 70.06
N GLY M 139 -1.95 11.02 70.60
CA GLY M 139 -2.68 10.10 71.48
C GLY M 139 -3.84 9.30 70.88
N ARG M 140 -4.09 9.44 69.59
CA ARG M 140 -5.24 8.78 68.98
C ARG M 140 -4.92 7.36 68.56
N ASN M 141 -3.63 7.01 68.57
CA ASN M 141 -3.16 5.72 68.08
C ASN M 141 -3.64 5.42 66.67
N GLY M 142 -3.44 6.39 65.80
CA GLY M 142 -4.03 6.36 64.48
C GLY M 142 -3.26 5.57 63.47
N SER M 143 -3.37 5.99 62.22
CA SER M 143 -2.73 5.31 61.11
C SER M 143 -2.69 6.20 59.86
N LEU M 144 -1.51 6.27 59.23
CA LEU M 144 -1.38 6.86 57.91
C LEU M 144 -1.40 5.71 56.91
N LEU M 145 -1.95 5.96 55.73
CA LEU M 145 -2.06 4.93 54.71
C LEU M 145 -1.94 5.56 53.33
N THR M 146 -1.18 4.92 52.45
CA THR M 146 -0.99 5.48 51.11
C THR M 146 -1.13 4.40 50.04
N LEU M 147 -1.08 4.84 48.78
CA LEU M 147 -1.06 3.93 47.66
C LEU M 147 0.23 4.03 46.90
N SER M 148 0.71 2.89 46.44
CA SER M 148 1.84 2.85 45.52
C SER M 148 1.65 1.65 44.62
N TYR M 149 2.67 1.30 43.85
CA TYR M 149 2.50 0.35 42.75
C TYR M 149 3.74 -0.55 42.58
N LEU M 150 3.60 -1.67 41.87
CA LEU M 150 4.71 -2.58 41.57
C LEU M 150 5.91 -1.88 40.90
N GLY M 151 5.64 -0.77 40.22
CA GLY M 151 6.64 -0.03 39.47
C GLY M 151 7.65 0.66 40.37
N ALA M 152 7.45 0.54 41.67
CA ALA M 152 8.36 1.11 42.65
C ALA M 152 9.54 0.18 42.82
N GLU M 153 9.34 -1.08 42.44
CA GLU M 153 10.40 -2.05 42.60
C GLU M 153 10.98 -2.54 41.29
N ARG M 154 10.11 -2.88 40.34
CA ARG M 154 10.59 -3.36 39.05
C ARG M 154 10.02 -2.52 37.90
N THR M 155 10.51 -2.72 36.68
CA THR M 155 10.25 -1.76 35.64
C THR M 155 9.08 -2.09 34.74
N MET M 156 8.24 -1.07 34.55
CA MET M 156 7.21 -1.07 33.52
C MET M 156 7.69 -0.36 32.28
N PRO M 157 7.21 -0.82 31.12
CA PRO M 157 7.17 0.19 30.05
C PRO M 157 6.23 1.35 30.45
N ASN M 158 6.74 2.57 30.29
CA ASN M 158 5.98 3.83 30.36
C ASN M 158 5.59 4.35 31.75
N TYR M 159 5.81 3.57 32.80
CA TYR M 159 5.58 4.12 34.13
C TYR M 159 6.67 5.14 34.42
N ASN M 160 7.84 4.91 33.82
CA ASN M 160 8.97 5.85 33.88
C ASN M 160 9.18 6.44 35.28
N VAL M 161 9.37 7.74 35.32
CA VAL M 161 9.67 8.47 36.54
C VAL M 161 8.64 8.33 37.69
N MET M 162 7.51 7.68 37.45
CA MET M 162 6.57 7.47 38.57
C MET M 162 7.16 6.47 39.53
N GLY M 163 7.76 5.42 38.96
CA GLY M 163 8.44 4.37 39.71
C GLY M 163 9.58 4.85 40.59
N MET M 164 10.39 5.77 40.07
CA MET M 164 11.28 6.47 40.96
C MET M 164 10.47 7.14 42.08
N ALA M 165 9.56 8.03 41.73
CA ALA M 165 8.74 8.71 42.74
C ALA M 165 8.07 7.75 43.74
N LYS M 166 7.52 6.64 43.24
CA LYS M 166 6.88 5.65 44.11
C LYS M 166 7.90 4.90 44.97
N ALA M 167 9.11 4.71 44.44
CA ALA M 167 10.19 4.09 45.22
C ALA M 167 10.52 4.95 46.44
N SER M 168 10.54 6.27 46.26
CA SER M 168 10.66 7.22 47.37
C SER M 168 9.43 7.23 48.26
N LEU M 169 8.24 7.20 47.66
CA LEU M 169 7.02 7.15 48.44
C LEU M 169 7.09 5.94 49.37
N GLU M 170 7.37 4.77 48.81
CA GLU M 170 7.38 3.58 49.64
C GLU M 170 8.42 3.65 50.75
N ALA M 171 9.62 4.16 50.46
CA ALA M 171 10.64 4.32 51.51
C ALA M 171 10.17 5.36 52.52
N GLY M 172 9.24 6.21 52.09
CA GLY M 172 8.62 7.17 52.97
C GLY M 172 7.76 6.53 54.05
N VAL M 173 6.96 5.54 53.66
CA VAL M 173 6.22 4.73 54.62
C VAL M 173 7.14 4.38 55.77
N ARG M 174 8.28 3.80 55.43
CA ARG M 174 9.26 3.34 56.40
C ARG M 174 9.87 4.47 57.26
N TYR M 175 10.29 5.56 56.65
CA TYR M 175 10.83 6.67 57.43
C TYR M 175 9.79 7.39 58.29
N LEU M 176 8.54 7.44 57.85
CA LEU M 176 7.44 7.94 58.71
C LEU M 176 7.10 6.90 59.80
N ALA M 177 6.80 5.66 59.40
CA ALA M 177 6.36 4.63 60.34
C ALA M 177 7.28 4.44 61.55
N GLY M 178 8.55 4.85 61.45
CA GLY M 178 9.52 4.65 62.52
C GLY M 178 9.64 5.86 63.42
N SER M 179 9.41 7.03 62.85
CA SER M 179 9.35 8.25 63.64
C SER M 179 8.07 8.34 64.47
N LEU M 180 6.94 7.99 63.88
CA LEU M 180 5.62 8.28 64.46
C LEU M 180 5.06 7.14 65.31
N GLY M 181 5.64 5.95 65.21
CA GLY M 181 5.18 4.79 65.98
C GLY M 181 5.24 4.98 67.49
N ALA M 182 6.26 5.72 67.94
CA ALA M 182 6.50 5.97 69.37
C ALA M 182 5.37 6.76 70.03
N GLU M 183 4.76 7.66 69.29
CA GLU M 183 3.60 8.38 69.79
C GLU M 183 2.32 7.62 69.44
N GLY M 184 2.48 6.47 68.76
CA GLY M 184 1.39 5.54 68.55
C GLY M 184 0.90 5.32 67.13
N THR M 185 1.11 6.31 66.25
CA THR M 185 0.63 6.26 64.87
C THR M 185 1.38 5.21 64.04
N ARG M 186 0.65 4.34 63.36
CA ARG M 186 1.27 3.41 62.40
C ARG M 186 1.15 3.93 60.95
N VAL M 187 2.18 3.72 60.13
CA VAL M 187 2.10 4.08 58.71
C VAL M 187 2.14 2.81 57.85
N ASN M 188 1.31 2.78 56.80
CA ASN M 188 1.23 1.61 55.93
C ASN M 188 0.87 1.96 54.47
N ALA M 189 1.08 1.02 53.55
CA ALA M 189 0.69 1.24 52.18
C ALA M 189 -0.02 0.02 51.57
N VAL M 190 -0.76 0.30 50.50
CA VAL M 190 -1.31 -0.74 49.65
C VAL M 190 -0.73 -0.54 48.26
N SER M 191 -0.18 -1.60 47.71
CA SER M 191 0.25 -1.58 46.32
C SER M 191 -0.75 -2.41 45.54
N ALA M 192 -1.54 -1.74 44.72
CA ALA M 192 -2.65 -2.36 44.02
C ALA M 192 -2.27 -2.70 42.59
N GLY M 193 -2.80 -3.81 42.09
CA GLY M 193 -2.65 -4.16 40.70
C GLY M 193 -3.39 -3.17 39.80
N PRO M 194 -3.46 -3.50 38.51
CA PRO M 194 -4.21 -2.72 37.50
C PRO M 194 -5.70 -3.00 37.56
N ILE M 195 -6.53 -2.01 37.28
CA ILE M 195 -7.96 -2.26 37.12
C ILE M 195 -8.58 -1.36 36.06
N ARG M 196 -9.64 -1.88 35.43
CA ARG M 196 -10.45 -1.16 34.45
C ARG M 196 -11.19 0.03 35.06
N MET M 209 -3.32 -3.67 27.43
CA MET M 209 -2.31 -3.83 28.48
C MET M 209 -2.70 -4.94 29.45
N LEU M 210 -3.86 -4.76 30.08
CA LEU M 210 -4.33 -5.57 31.21
C LEU M 210 -4.41 -7.07 30.89
N ALA M 211 -4.38 -7.41 29.60
CA ALA M 211 -4.59 -8.78 29.14
C ALA M 211 -3.39 -9.67 29.42
N ALA M 212 -2.23 -9.06 29.61
CA ALA M 212 -1.05 -9.83 30.01
C ALA M 212 -0.94 -9.90 31.52
N ASN M 213 -1.10 -8.75 32.18
CA ASN M 213 -1.17 -8.71 33.65
C ASN M 213 -2.21 -9.68 34.23
N GLU M 214 -3.39 -9.76 33.61
CA GLU M 214 -4.46 -10.64 34.08
C GLU M 214 -4.13 -12.10 33.84
N ARG M 215 -3.29 -12.38 32.84
CA ARG M 215 -2.98 -13.76 32.52
C ARG M 215 -1.89 -14.32 33.44
N GLN M 216 -0.92 -13.49 33.80
CA GLN M 216 0.21 -13.94 34.59
C GLN M 216 -0.17 -14.01 36.06
N THR M 217 -1.02 -13.08 36.49
CA THR M 217 -1.49 -13.03 37.86
C THR M 217 -2.07 -14.38 38.30
N PRO M 218 -1.69 -14.85 39.49
CA PRO M 218 -2.14 -16.10 40.12
C PRO M 218 -3.65 -16.33 40.14
N LEU M 219 -4.43 -15.30 40.48
CA LEU M 219 -5.89 -15.46 40.58
C LEU M 219 -6.59 -15.48 39.23
N ARG M 220 -5.87 -15.08 38.19
CA ARG M 220 -6.36 -15.04 36.80
C ARG M 220 -7.48 -14.01 36.59
N ARG M 221 -7.25 -12.80 37.09
CA ARG M 221 -8.21 -11.69 37.05
C ARG M 221 -7.55 -10.51 37.75
N ASN M 222 -8.02 -9.30 37.48
CA ASN M 222 -7.48 -8.14 38.20
C ASN M 222 -8.28 -7.78 39.43
N VAL M 223 -7.67 -7.02 40.31
CA VAL M 223 -8.33 -6.58 41.54
C VAL M 223 -9.34 -5.45 41.28
N THR M 224 -10.43 -5.42 42.03
CA THR M 224 -11.41 -4.33 41.96
C THR M 224 -11.15 -3.31 43.07
N ILE M 225 -11.57 -2.05 42.91
CA ILE M 225 -11.25 -1.02 43.91
C ILE M 225 -11.95 -1.34 45.23
N GLU M 226 -12.77 -2.40 45.20
CA GLU M 226 -13.35 -2.94 46.41
C GLU M 226 -12.29 -3.70 47.18
N GLU M 227 -11.61 -4.63 46.50
CA GLU M 227 -10.52 -5.40 47.10
C GLU M 227 -9.41 -4.47 47.63
N VAL M 228 -9.15 -3.39 46.91
CA VAL M 228 -8.18 -2.41 47.37
C VAL M 228 -8.73 -1.55 48.54
N GLY M 229 -10.04 -1.31 48.54
CA GLY M 229 -10.69 -0.59 49.63
C GLY M 229 -10.78 -1.36 50.94
N ASN M 230 -11.10 -2.65 50.83
CA ASN M 230 -11.12 -3.54 51.98
C ASN M 230 -9.80 -3.51 52.72
N ALA M 231 -8.71 -3.79 52.01
CA ALA M 231 -7.39 -3.85 52.60
C ALA M 231 -6.99 -2.52 53.23
N GLY M 232 -7.14 -1.44 52.47
CA GLY M 232 -6.83 -0.11 52.97
C GLY M 232 -7.56 0.22 54.27
N ALA M 233 -8.83 -0.20 54.33
CA ALA M 233 -9.63 -0.17 55.56
C ALA M 233 -8.97 -0.98 56.68
N PHE M 234 -8.58 -2.22 56.36
CA PHE M 234 -7.99 -3.13 57.34
C PHE M 234 -6.70 -2.58 57.95
N LEU M 235 -5.76 -2.14 57.12
CA LEU M 235 -4.54 -1.56 57.65
C LEU M 235 -4.90 -0.45 58.63
N CYS M 236 -5.90 0.35 58.28
CA CYS M 236 -6.27 1.54 59.07
C CYS M 236 -7.08 1.18 60.30
N SER M 237 -7.42 -0.11 60.43
CA SER M 237 -8.24 -0.57 61.54
C SER M 237 -7.39 -1.05 62.69
N ASP M 238 -8.00 -1.23 63.86
CA ASP M 238 -7.25 -1.76 65.00
C ASP M 238 -7.00 -3.26 64.80
N LEU M 239 -7.54 -3.83 63.73
CA LEU M 239 -7.20 -5.21 63.36
C LEU M 239 -5.77 -5.27 62.79
N ALA M 240 -5.18 -4.10 62.54
CA ALA M 240 -3.80 -3.99 62.06
C ALA M 240 -2.97 -3.07 62.96
N SER M 241 -3.11 -3.26 64.27
CA SER M 241 -2.29 -2.56 65.25
C SER M 241 -0.94 -3.20 65.32
N GLY M 242 -0.89 -4.47 64.88
CA GLY M 242 0.34 -5.23 64.89
C GLY M 242 1.07 -5.06 63.58
N ILE M 243 0.55 -4.18 62.72
CA ILE M 243 1.13 -3.93 61.41
C ILE M 243 1.55 -2.47 61.30
N SER M 244 2.79 -2.26 60.90
CA SER M 244 3.29 -0.91 60.63
C SER M 244 4.42 -1.05 59.66
N GLY M 245 4.69 0.03 58.93
CA GLY M 245 5.74 0.04 57.92
C GLY M 245 5.52 -0.84 56.69
N GLU M 246 4.56 -1.77 56.75
CA GLU M 246 4.31 -2.70 55.65
C GLU M 246 3.96 -2.03 54.32
N ILE M 247 4.08 -2.83 53.25
CA ILE M 247 3.54 -2.57 51.91
C ILE M 247 2.64 -3.74 51.48
N LEU M 248 1.32 -3.62 51.60
CA LEU M 248 0.44 -4.75 51.28
C LEU M 248 0.06 -4.82 49.77
N TYR M 249 0.27 -5.98 49.15
CA TYR M 249 0.13 -6.10 47.69
C TYR M 249 -1.20 -6.68 47.32
N VAL M 250 -2.06 -5.83 46.78
CA VAL M 250 -3.38 -6.24 46.31
C VAL M 250 -3.34 -6.33 44.79
N ASP M 251 -2.96 -7.49 44.28
CA ASP M 251 -2.82 -7.68 42.84
C ASP M 251 -3.01 -9.14 42.43
N GLY M 252 -3.54 -9.94 43.33
CA GLY M 252 -3.80 -11.32 42.99
C GLY M 252 -2.51 -12.09 42.90
N GLY M 253 -1.41 -11.44 43.24
CA GLY M 253 -0.12 -12.09 43.37
C GLY M 253 0.78 -11.96 42.16
N PHE M 254 0.56 -10.93 41.37
CA PHE M 254 1.32 -10.73 40.15
C PHE M 254 2.73 -10.33 40.51
N ASN M 255 2.82 -9.67 41.64
CA ASN M 255 4.07 -9.26 42.24
C ASN M 255 5.01 -10.47 42.43
N THR M 256 4.41 -11.60 42.80
CA THR M 256 5.12 -12.85 43.10
C THR M 256 5.54 -13.66 41.89
N THR M 257 5.52 -13.06 40.71
CA THR M 257 5.68 -13.83 39.47
C THR M 257 6.74 -13.29 38.50
N ALA M 258 7.21 -14.18 37.64
CA ALA M 258 8.16 -13.86 36.58
C ALA M 258 7.65 -14.41 35.25
N GLY N 2 45.36 -3.80 32.64
CA GLY N 2 44.25 -4.07 33.55
C GLY N 2 43.07 -4.62 32.77
N PHE N 3 41.89 -4.60 33.38
CA PHE N 3 40.69 -5.01 32.66
C PHE N 3 39.81 -3.81 32.35
N LEU N 4 40.33 -2.61 32.60
CA LEU N 4 39.67 -1.40 32.11
C LEU N 4 40.59 -0.74 31.09
N THR N 5 41.55 -1.53 30.62
CA THR N 5 42.44 -1.12 29.56
C THR N 5 41.60 -0.79 28.34
N GLY N 6 41.79 0.37 27.74
CA GLY N 6 41.07 0.69 26.53
C GLY N 6 39.79 1.49 26.76
N LYS N 7 39.28 1.43 27.99
CA LYS N 7 38.05 2.09 28.40
C LYS N 7 38.32 3.54 28.81
N ARG N 8 37.28 4.37 28.70
CA ARG N 8 37.37 5.79 29.05
C ARG N 8 36.23 6.09 30.01
N ALA N 9 36.51 6.89 31.03
CA ALA N 9 35.54 7.07 32.10
C ALA N 9 35.36 8.52 32.53
N LEU N 10 34.12 8.93 32.80
CA LEU N 10 33.90 10.22 33.46
C LEU N 10 33.43 10.00 34.91
N ILE N 11 34.04 10.75 35.84
CA ILE N 11 33.81 10.53 37.25
C ILE N 11 33.34 11.78 37.96
N VAL N 12 32.19 11.64 38.61
CA VAL N 12 31.43 12.77 39.13
C VAL N 12 31.33 12.66 40.64
N GLY N 13 31.94 13.59 41.36
CA GLY N 13 31.85 13.60 42.80
C GLY N 13 33.17 13.38 43.50
N VAL N 14 34.25 13.81 42.87
CA VAL N 14 35.52 13.88 43.54
C VAL N 14 35.55 15.21 44.27
N ALA N 15 35.63 15.17 45.59
CA ALA N 15 35.67 16.36 46.42
C ALA N 15 36.62 16.23 47.62
N SER N 16 37.01 14.99 47.95
CA SER N 16 38.02 14.77 49.00
C SER N 16 38.77 13.45 48.76
N LYS N 17 40.02 13.38 49.22
CA LYS N 17 40.91 12.28 48.82
C LYS N 17 40.47 10.91 49.35
N LEU N 18 39.91 10.86 50.55
CA LEU N 18 39.44 9.59 51.08
C LEU N 18 37.96 9.39 50.87
N SER N 19 37.51 9.60 49.64
CA SER N 19 36.11 9.40 49.29
C SER N 19 35.90 8.08 48.56
N ILE N 20 34.63 7.71 48.35
CA ILE N 20 34.31 6.52 47.59
C ILE N 20 34.52 6.80 46.10
N ALA N 21 34.22 8.03 45.71
CA ALA N 21 34.51 8.47 44.37
C ALA N 21 36.01 8.34 44.12
N SER N 22 36.78 8.55 45.18
CA SER N 22 38.23 8.51 45.04
C SER N 22 38.66 7.06 44.95
N GLY N 23 38.04 6.19 45.73
CA GLY N 23 38.32 4.78 45.65
C GLY N 23 38.10 4.29 44.23
N ILE N 24 36.91 4.52 43.69
CA ILE N 24 36.57 4.02 42.36
C ILE N 24 37.48 4.56 41.27
N ALA N 25 37.88 5.83 41.39
CA ALA N 25 38.76 6.42 40.39
C ALA N 25 40.06 5.66 40.37
N ALA N 26 40.63 5.48 41.56
CA ALA N 26 41.88 4.77 41.74
C ALA N 26 41.84 3.38 41.14
N ALA N 27 40.88 2.57 41.55
CA ALA N 27 40.76 1.23 40.98
C ALA N 27 40.68 1.30 39.46
N MET N 28 39.88 2.23 38.92
CA MET N 28 39.68 2.27 37.47
C MET N 28 40.97 2.66 36.78
N HIS N 29 41.75 3.53 37.41
CA HIS N 29 43.03 3.93 36.85
C HIS N 29 44.03 2.78 36.93
N ARG N 30 44.22 2.21 38.12
CA ARG N 30 45.09 1.03 38.28
C ARG N 30 44.80 -0.04 37.24
N GLU N 31 43.52 -0.26 36.97
CA GLU N 31 43.10 -1.36 36.09
C GLU N 31 42.93 -0.88 34.65
N GLY N 32 43.40 0.33 34.39
CA GLY N 32 43.73 0.72 33.03
C GLY N 32 42.75 1.61 32.31
N ALA N 33 42.03 2.42 33.05
CA ALA N 33 41.05 3.30 32.42
C ALA N 33 41.65 4.67 32.23
N GLU N 34 41.18 5.37 31.20
CA GLU N 34 41.59 6.74 30.94
C GLU N 34 40.50 7.65 31.53
N LEU N 35 40.86 8.41 32.55
CA LEU N 35 39.86 9.04 33.42
C LEU N 35 39.64 10.52 33.17
N ALA N 36 38.40 10.95 33.37
CA ALA N 36 38.04 12.38 33.35
C ALA N 36 37.11 12.71 34.53
N PHE N 37 37.12 13.97 34.97
CA PHE N 37 36.49 14.37 36.24
C PHE N 37 35.68 15.68 36.16
N THR N 38 34.62 15.75 36.96
CA THR N 38 33.95 17.02 37.21
C THR N 38 34.21 17.51 38.63
N TYR N 39 34.19 18.83 38.80
CA TYR N 39 34.31 19.45 40.11
C TYR N 39 33.14 20.42 40.34
N GLN N 40 32.61 20.38 41.57
CA GLN N 40 31.31 20.94 41.94
C GLN N 40 31.26 22.47 41.96
N ASN N 41 32.41 23.10 42.21
CA ASN N 41 32.45 24.54 42.37
C ASN N 41 33.86 25.04 42.08
N ASP N 42 34.33 26.09 42.76
CA ASP N 42 35.65 26.65 42.45
C ASP N 42 36.71 26.34 43.50
N LYS N 43 36.28 26.22 44.75
CA LYS N 43 37.16 25.79 45.82
C LYS N 43 37.59 24.36 45.59
N LEU N 44 36.63 23.53 45.20
CA LEU N 44 36.90 22.12 44.92
C LEU N 44 37.68 21.92 43.62
N ARG N 45 37.95 23.01 42.91
CA ARG N 45 38.60 22.92 41.61
C ARG N 45 40.04 22.50 41.75
N GLY N 46 40.78 23.25 42.55
CA GLY N 46 42.19 23.00 42.75
C GLY N 46 42.43 21.53 43.01
N ARG N 47 41.83 21.03 44.09
CA ARG N 47 42.15 19.70 44.56
C ARG N 47 41.54 18.59 43.70
N VAL N 48 40.74 18.93 42.70
CA VAL N 48 40.29 17.89 41.79
C VAL N 48 41.31 17.79 40.67
N GLU N 49 41.76 18.92 40.15
CA GLU N 49 42.85 18.93 39.18
C GLU N 49 44.05 18.16 39.72
N GLU N 50 44.30 18.28 41.03
CA GLU N 50 45.40 17.55 41.63
C GLU N 50 45.15 16.06 41.51
N PHE N 51 44.10 15.59 42.20
CA PHE N 51 43.75 14.16 42.21
C PHE N 51 43.72 13.51 40.81
N ALA N 52 43.24 14.26 39.81
CA ALA N 52 43.15 13.74 38.46
C ALA N 52 44.52 13.49 37.82
N SER N 53 45.56 14.15 38.32
CA SER N 53 46.88 13.99 37.74
C SER N 53 47.55 12.75 38.27
N GLY N 54 47.36 12.50 39.57
CA GLY N 54 47.81 11.28 40.22
C GLY N 54 47.21 10.04 39.58
N TRP N 55 45.98 10.19 39.10
CA TRP N 55 45.26 9.09 38.46
C TRP N 55 45.45 9.16 36.94
N GLY N 56 46.64 9.61 36.52
CA GLY N 56 47.00 9.69 35.12
C GLY N 56 46.01 10.36 34.18
N SER N 57 45.58 11.58 34.55
CA SER N 57 44.72 12.40 33.70
C SER N 57 45.30 13.81 33.74
N ARG N 58 44.55 14.80 33.26
CA ARG N 58 45.06 16.17 33.22
C ARG N 58 43.99 17.23 33.53
N PRO N 59 44.42 18.44 33.87
CA PRO N 59 43.40 19.45 34.16
C PRO N 59 42.44 19.75 32.99
N GLU N 60 42.92 19.65 31.75
CA GLU N 60 42.05 19.80 30.56
C GLU N 60 40.86 18.83 30.59
N LEU N 61 41.07 17.66 31.20
CA LEU N 61 40.02 16.65 31.29
C LEU N 61 39.29 16.74 32.62
N CYS N 62 39.35 17.92 33.23
CA CYS N 62 38.55 18.25 34.39
C CYS N 62 37.54 19.33 34.03
N PHE N 63 36.32 19.21 34.56
CA PHE N 63 35.21 20.00 34.05
C PHE N 63 34.30 20.57 35.13
N PRO N 64 34.09 21.90 35.10
CA PRO N 64 33.22 22.56 36.08
C PRO N 64 31.75 22.18 35.89
N CYS N 65 31.13 21.51 36.87
CA CYS N 65 29.75 21.00 36.74
C CYS N 65 28.94 20.84 38.03
N ASP N 66 28.09 21.82 38.33
CA ASP N 66 27.02 21.65 39.32
C ASP N 66 25.95 20.70 38.78
N VAL N 67 25.81 19.50 39.35
CA VAL N 67 24.90 18.49 38.77
C VAL N 67 23.41 18.89 38.80
N ALA N 68 23.12 20.05 39.39
CA ALA N 68 21.77 20.56 39.48
C ALA N 68 21.44 21.55 38.38
N ASP N 69 22.32 21.66 37.38
CA ASP N 69 22.19 22.63 36.28
C ASP N 69 22.21 21.91 34.93
N ASP N 70 21.06 21.84 34.26
CA ASP N 70 20.91 21.02 33.05
C ASP N 70 21.80 21.39 31.87
N SER N 71 22.21 22.66 31.81
CA SER N 71 23.09 23.14 30.75
C SER N 71 24.55 22.88 31.07
N GLN N 72 24.93 23.08 32.34
CA GLN N 72 26.29 22.82 32.79
C GLN N 72 26.61 21.36 32.51
N ILE N 73 25.72 20.47 32.92
CA ILE N 73 25.86 19.03 32.63
C ILE N 73 26.10 18.78 31.13
N GLU N 74 25.22 19.33 30.30
CA GLU N 74 25.35 19.30 28.84
C GLU N 74 26.67 19.95 28.40
N ALA N 75 27.08 20.99 29.11
CA ALA N 75 28.29 21.73 28.76
C ALA N 75 29.51 20.88 29.00
N VAL N 76 29.41 19.92 29.91
CA VAL N 76 30.54 19.06 30.22
C VAL N 76 30.82 18.14 29.04
N PHE N 77 29.84 17.33 28.65
CA PHE N 77 30.04 16.35 27.58
C PHE N 77 30.42 16.98 26.26
N ALA N 78 29.82 18.13 25.99
CA ALA N 78 30.14 18.88 24.80
C ALA N 78 31.61 19.22 24.81
N ALA N 79 32.14 19.47 26.01
CA ALA N 79 33.54 19.84 26.16
C ALA N 79 34.44 18.60 26.10
N LEU N 80 34.04 17.53 26.78
CA LEU N 80 34.74 16.25 26.68
C LEU N 80 34.88 15.78 25.23
N GLY N 81 33.77 15.84 24.49
CA GLY N 81 33.75 15.50 23.07
C GLY N 81 34.75 16.24 22.19
N LYS N 82 35.41 17.27 22.73
CA LYS N 82 36.45 17.96 21.95
C LYS N 82 37.80 17.31 22.24
N HIS N 83 37.77 16.27 23.05
CA HIS N 83 38.94 15.44 23.32
C HIS N 83 38.64 13.98 22.92
N TRP N 84 37.55 13.43 23.46
CA TRP N 84 37.19 12.06 23.16
C TRP N 84 36.12 11.95 22.09
N ASP N 85 36.24 10.95 21.24
CA ASP N 85 35.19 10.73 20.26
C ASP N 85 34.14 9.79 20.83
N GLY N 86 34.44 9.26 22.02
CA GLY N 86 33.53 8.34 22.66
C GLY N 86 33.76 8.30 24.14
N LEU N 87 32.87 7.63 24.86
CA LEU N 87 32.87 7.57 26.31
C LEU N 87 32.26 6.24 26.71
N ASP N 88 32.83 5.55 27.67
CA ASP N 88 32.33 4.20 27.99
C ASP N 88 31.71 4.11 29.35
N ILE N 89 32.11 5.00 30.25
CA ILE N 89 31.77 4.86 31.65
C ILE N 89 31.53 6.22 32.27
N ILE N 90 30.35 6.40 32.88
CA ILE N 90 30.12 7.55 33.76
C ILE N 90 29.99 7.07 35.19
N VAL N 91 30.73 7.72 36.09
CA VAL N 91 30.63 7.35 37.49
C VAL N 91 29.96 8.48 38.25
N HIS N 92 28.97 8.09 39.05
CA HIS N 92 28.13 9.01 39.77
C HIS N 92 28.34 8.72 41.25
N SER N 93 29.00 9.64 41.94
CA SER N 93 29.23 9.49 43.36
C SER N 93 28.80 10.76 44.03
N VAL N 94 27.57 10.76 44.49
CA VAL N 94 26.92 11.98 44.95
C VAL N 94 25.89 11.67 46.02
N GLY N 95 26.16 12.13 47.24
CA GLY N 95 25.21 11.93 48.32
C GLY N 95 24.94 13.21 49.11
N PHE N 96 23.90 13.96 48.70
CA PHE N 96 23.56 15.23 49.34
C PHE N 96 22.05 15.49 49.56
N ALA N 97 21.65 15.52 50.82
CA ALA N 97 20.46 16.24 51.27
C ALA N 97 20.92 17.41 52.10
N PRO N 98 20.21 18.56 52.01
CA PRO N 98 20.49 19.71 52.88
C PRO N 98 20.56 19.29 54.36
N GLY N 99 21.74 19.48 54.97
CA GLY N 99 22.10 18.89 56.25
C GLY N 99 21.12 18.87 57.42
N ASP N 100 20.23 19.87 57.50
CA ASP N 100 19.28 19.99 58.61
C ASP N 100 18.09 19.04 58.48
N GLN N 101 18.01 18.35 57.35
CA GLN N 101 17.05 17.25 57.18
C GLN N 101 17.59 16.00 57.90
N LEU N 102 18.90 16.01 58.15
CA LEU N 102 19.63 14.87 58.72
C LEU N 102 19.93 15.07 60.21
N ASP N 103 19.32 16.10 60.79
CA ASP N 103 19.46 16.40 62.21
C ASP N 103 18.09 16.37 62.92
N GLY N 104 17.66 15.17 63.32
CA GLY N 104 16.48 15.06 64.15
C GLY N 104 15.46 14.02 63.74
N ASP N 105 14.26 14.19 64.27
CA ASP N 105 13.12 13.34 63.94
C ASP N 105 12.83 13.48 62.48
N PHE N 106 12.73 12.37 61.77
CA PHE N 106 12.44 12.41 60.35
C PHE N 106 11.26 13.34 60.08
N THR N 107 10.08 12.90 60.55
CA THR N 107 8.81 13.58 60.32
C THR N 107 8.81 15.09 60.58
N ALA N 108 9.56 15.54 61.57
CA ALA N 108 9.48 16.93 61.98
C ALA N 108 10.42 17.86 61.19
N VAL N 109 11.66 17.44 60.94
CA VAL N 109 12.62 18.31 60.27
C VAL N 109 12.58 18.21 58.75
N THR N 110 11.83 17.24 58.22
CA THR N 110 11.74 17.08 56.77
C THR N 110 10.87 18.18 56.19
N THR N 111 11.30 18.79 55.09
CA THR N 111 10.54 19.88 54.51
C THR N 111 10.41 19.77 52.99
N ARG N 112 9.57 20.61 52.39
CA ARG N 112 9.33 20.55 50.95
C ARG N 112 10.60 20.86 50.19
N GLU N 113 11.32 21.88 50.64
CA GLU N 113 12.51 22.29 49.92
C GLU N 113 13.59 21.24 50.15
N GLY N 114 13.74 20.81 51.40
CA GLY N 114 14.72 19.79 51.77
C GLY N 114 14.57 18.51 50.97
N PHE N 115 13.38 17.92 51.01
CA PHE N 115 13.02 16.76 50.20
C PHE N 115 13.39 16.96 48.73
N ARG N 116 13.10 18.15 48.21
CA ARG N 116 13.30 18.42 46.80
C ARG N 116 14.77 18.39 46.40
N ILE N 117 15.57 19.19 47.11
CA ILE N 117 16.99 19.31 46.81
C ILE N 117 17.65 17.93 46.85
N ALA N 118 17.20 17.11 47.79
CA ALA N 118 17.77 15.80 48.03
C ALA N 118 17.59 14.90 46.82
N HIS N 119 16.37 14.76 46.32
CA HIS N 119 16.15 13.96 45.12
C HIS N 119 16.75 14.63 43.89
N ASP N 120 16.67 15.96 43.81
CA ASP N 120 17.20 16.65 42.64
C ASP N 120 18.67 16.30 42.44
N ILE N 121 19.45 16.42 43.53
CA ILE N 121 20.90 16.23 43.54
C ILE N 121 21.30 14.75 43.53
N SER N 122 20.68 13.98 44.42
CA SER N 122 21.06 12.59 44.56
C SER N 122 20.48 11.70 43.47
N ALA N 123 19.19 11.88 43.18
CA ALA N 123 18.48 10.92 42.35
C ALA N 123 18.23 11.40 40.90
N TYR N 124 17.79 12.64 40.67
CA TYR N 124 17.54 13.03 39.28
C TYR N 124 18.86 13.12 38.53
N SER N 125 19.86 13.77 39.13
CA SER N 125 21.11 14.08 38.44
C SER N 125 21.73 12.86 37.78
N PHE N 126 21.47 11.68 38.34
CA PHE N 126 21.93 10.44 37.71
C PHE N 126 21.32 10.26 36.34
N ILE N 127 20.00 10.39 36.28
CA ILE N 127 19.26 10.45 35.03
C ILE N 127 19.88 11.51 34.13
N ALA N 128 20.16 12.69 34.71
CA ALA N 128 20.61 13.84 33.92
C ALA N 128 21.94 13.56 33.27
N LEU N 129 22.80 12.82 33.99
CA LEU N 129 24.09 12.39 33.43
C LEU N 129 23.84 11.30 32.38
N ALA N 130 22.86 10.43 32.62
CA ALA N 130 22.59 9.36 31.68
C ALA N 130 22.28 9.97 30.32
N LYS N 131 21.20 10.74 30.26
CA LYS N 131 20.72 11.35 29.01
C LYS N 131 21.78 12.12 28.26
N ALA N 132 22.43 13.08 28.94
CA ALA N 132 23.40 13.97 28.31
C ALA N 132 24.65 13.24 27.88
N GLY N 133 24.75 11.97 28.25
CA GLY N 133 25.91 11.17 27.92
C GLY N 133 25.60 10.14 26.87
N ARG N 134 24.35 9.68 26.84
CA ARG N 134 23.85 8.73 25.84
C ARG N 134 24.50 8.90 24.47
N GLU N 135 24.59 10.15 24.04
CA GLU N 135 25.24 10.50 22.78
C GLU N 135 26.66 9.94 22.64
N MET N 136 27.58 10.30 23.54
CA MET N 136 28.94 9.78 23.44
C MET N 136 29.10 8.33 23.82
N MET N 137 28.03 7.68 24.28
CA MET N 137 28.16 6.31 24.75
C MET N 137 27.66 5.36 23.68
N LYS N 138 27.12 5.94 22.62
CA LYS N 138 26.50 5.15 21.54
C LYS N 138 27.48 4.17 20.87
N GLY N 139 27.25 2.88 21.10
CA GLY N 139 28.02 1.85 20.43
C GLY N 139 29.33 1.48 21.11
N ARG N 140 29.52 1.93 22.35
CA ARG N 140 30.71 1.61 23.13
C ARG N 140 30.42 0.47 24.09
N ASN N 141 29.18 0.00 24.09
CA ASN N 141 28.72 -0.98 25.07
C ASN N 141 29.19 -0.66 26.46
N GLY N 142 29.18 0.64 26.76
CA GLY N 142 29.64 1.14 28.04
C GLY N 142 28.72 0.76 29.18
N SER N 143 28.78 1.52 30.27
CA SER N 143 27.99 1.22 31.47
C SER N 143 27.96 2.42 32.39
N LEU N 144 27.06 2.41 33.37
CA LEU N 144 26.96 3.53 34.31
C LEU N 144 27.05 3.08 35.77
N LEU N 145 27.60 3.95 36.62
CA LEU N 145 27.70 3.65 38.04
C LEU N 145 27.30 4.81 38.95
N THR N 146 26.34 4.54 39.83
CA THR N 146 25.94 5.41 40.94
C THR N 146 26.11 4.69 42.28
N LEU N 147 26.15 5.50 43.34
CA LEU N 147 26.22 5.07 44.72
C LEU N 147 24.89 5.04 45.43
N SER N 148 24.62 3.97 46.17
CA SER N 148 23.48 3.96 47.09
C SER N 148 23.93 3.55 48.50
N TYR N 149 23.02 3.68 49.47
CA TYR N 149 23.27 3.27 50.85
C TYR N 149 22.24 2.22 51.25
N LEU N 150 22.34 1.68 52.47
CA LEU N 150 21.39 0.70 52.97
C LEU N 150 20.07 1.39 53.31
N GLY N 151 20.17 2.68 53.65
CA GLY N 151 19.04 3.46 54.07
C GLY N 151 18.04 3.65 52.95
N ALA N 152 18.39 3.15 51.78
CA ALA N 152 17.49 3.21 50.65
C ALA N 152 16.45 2.12 50.78
N GLU N 153 16.74 1.07 51.55
CA GLU N 153 15.77 0.00 51.77
C GLU N 153 15.22 -0.13 53.17
N ARG N 154 15.99 0.25 54.19
CA ARG N 154 15.50 0.19 55.57
C ARG N 154 15.90 1.42 56.36
N THR N 155 15.32 1.58 57.54
CA THR N 155 15.54 2.83 58.28
C THR N 155 16.78 2.78 59.17
N MET N 156 17.69 3.70 58.83
CA MET N 156 18.85 4.01 59.63
C MET N 156 18.64 5.40 60.20
N PRO N 157 18.55 5.52 61.54
CA PRO N 157 18.31 6.81 62.19
C PRO N 157 19.21 7.94 61.67
N ASN N 158 18.67 9.15 61.74
CA ASN N 158 19.31 10.35 61.23
C ASN N 158 19.78 10.25 59.77
N TYR N 159 19.19 9.31 59.02
CA TYR N 159 19.41 9.29 57.57
C TYR N 159 18.23 9.96 56.87
N ASN N 160 17.07 9.90 57.52
CA ASN N 160 15.88 10.65 57.12
C ASN N 160 15.53 10.62 55.61
N VAL N 161 15.52 11.81 54.99
CA VAL N 161 15.06 11.96 53.62
C VAL N 161 16.05 11.42 52.60
N MET N 162 17.32 11.34 52.98
CA MET N 162 18.35 10.83 52.07
C MET N 162 18.12 9.37 51.68
N GLY N 163 17.18 8.71 52.36
CA GLY N 163 16.91 7.31 52.10
C GLY N 163 15.74 7.23 51.17
N MET N 164 15.07 8.36 50.99
CA MET N 164 13.96 8.47 50.06
C MET N 164 14.50 8.89 48.71
N ALA N 165 15.60 9.63 48.72
CA ALA N 165 16.22 10.03 47.49
C ALA N 165 17.01 8.85 46.92
N LYS N 166 17.70 8.11 47.80
CA LYS N 166 18.44 6.93 47.36
C LYS N 166 17.47 5.87 46.86
N ALA N 167 16.38 5.66 47.59
CA ALA N 167 15.38 4.65 47.19
C ALA N 167 14.84 4.95 45.81
N SER N 168 14.78 6.24 45.49
CA SER N 168 14.37 6.70 44.16
C SER N 168 15.47 6.43 43.14
N LEU N 169 16.69 6.88 43.47
CA LEU N 169 17.85 6.59 42.66
C LEU N 169 17.91 5.12 42.26
N GLU N 170 17.88 4.23 43.26
CA GLU N 170 17.95 2.80 42.99
C GLU N 170 16.95 2.39 41.90
N ALA N 171 15.75 2.96 41.96
CA ALA N 171 14.70 2.67 40.97
C ALA N 171 15.15 3.17 39.62
N GLY N 172 15.72 4.36 39.62
CA GLY N 172 16.25 4.95 38.40
C GLY N 172 17.31 4.07 37.79
N VAL N 173 18.10 3.41 38.63
CA VAL N 173 19.07 2.46 38.12
C VAL N 173 18.32 1.39 37.32
N ARG N 174 17.21 0.91 37.87
CA ARG N 174 16.44 -0.15 37.23
C ARG N 174 15.77 0.27 35.95
N TYR N 175 15.32 1.52 35.90
CA TYR N 175 14.63 2.06 34.73
C TYR N 175 15.59 2.43 33.59
N LEU N 176 16.82 2.84 33.93
CA LEU N 176 17.84 3.18 32.94
C LEU N 176 18.42 1.91 32.34
N ALA N 177 18.47 0.84 33.13
CA ALA N 177 18.92 -0.46 32.61
C ALA N 177 17.94 -0.99 31.59
N GLY N 178 16.66 -0.93 31.93
CA GLY N 178 15.60 -1.33 31.03
C GLY N 178 15.42 -0.36 29.87
N SER N 179 15.71 0.91 30.14
CA SER N 179 15.77 1.90 29.07
C SER N 179 16.98 1.62 28.19
N LEU N 180 18.16 1.98 28.71
CA LEU N 180 19.40 2.00 27.92
C LEU N 180 19.96 0.60 27.57
N GLY N 181 19.33 -0.45 28.08
CA GLY N 181 19.76 -1.79 27.74
C GLY N 181 19.77 -2.04 26.24
N ALA N 182 18.64 -1.76 25.60
CA ALA N 182 18.47 -1.89 24.15
C ALA N 182 19.72 -1.57 23.31
N GLU N 183 20.31 -0.39 23.47
CA GLU N 183 21.50 -0.06 22.68
C GLU N 183 22.77 -0.44 23.43
N GLY N 184 22.63 -1.28 24.44
CA GLY N 184 23.77 -1.95 25.03
C GLY N 184 24.51 -1.24 26.14
N THR N 185 23.91 -0.20 26.73
CA THR N 185 24.48 0.41 27.91
C THR N 185 23.98 -0.38 29.12
N ARG N 186 24.85 -0.60 30.09
CA ARG N 186 24.47 -1.32 31.30
C ARG N 186 24.44 -0.37 32.47
N VAL N 187 23.44 -0.53 33.33
CA VAL N 187 23.28 0.37 34.45
C VAL N 187 23.24 -0.46 35.72
N ASN N 188 24.04 -0.02 36.71
CA ASN N 188 24.29 -0.75 37.95
C ASN N 188 24.54 0.21 39.08
N ALA N 189 24.61 -0.32 40.32
CA ALA N 189 24.98 0.49 41.48
C ALA N 189 25.70 -0.29 42.58
N VAL N 190 26.49 0.43 43.36
CA VAL N 190 27.18 -0.16 44.48
C VAL N 190 26.70 0.48 45.77
N SER N 191 26.15 -0.33 46.68
CA SER N 191 25.67 0.19 47.96
C SER N 191 26.69 -0.15 49.02
N ALA N 192 27.26 0.87 49.63
CA ALA N 192 28.39 0.63 50.50
C ALA N 192 28.05 0.82 51.97
N GLY N 193 28.51 -0.09 52.80
CA GLY N 193 28.48 0.14 54.22
C GLY N 193 29.19 1.44 54.60
N PRO N 194 29.22 1.71 55.90
CA PRO N 194 29.90 2.93 56.37
C PRO N 194 31.42 2.76 56.36
N ILE N 195 32.15 3.88 56.35
CA ILE N 195 33.61 3.87 56.29
C ILE N 195 34.15 4.97 57.21
N ARG N 196 35.39 4.86 57.69
CA ARG N 196 35.93 5.86 58.60
C ARG N 196 37.13 6.61 58.02
N MET N 209 30.42 5.02 68.20
CA MET N 209 29.13 5.43 67.66
C MET N 209 28.67 4.48 66.55
N LEU N 210 29.35 4.59 65.41
CA LEU N 210 29.05 3.76 64.24
C LEU N 210 29.65 2.35 64.38
N ALA N 211 30.35 2.12 65.49
CA ALA N 211 31.13 0.90 65.69
C ALA N 211 30.32 -0.26 66.30
N ALA N 212 29.00 -0.12 66.32
CA ALA N 212 28.15 -1.25 66.69
C ALA N 212 27.80 -2.02 65.41
N ASN N 213 27.56 -1.24 64.35
CA ASN N 213 27.50 -1.73 62.98
C ASN N 213 28.69 -2.65 62.73
N GLU N 214 29.89 -2.14 62.98
CA GLU N 214 31.06 -2.99 63.04
C GLU N 214 30.98 -3.89 64.29
N ARG N 215 30.17 -4.95 64.17
CA ARG N 215 29.99 -5.98 65.21
C ARG N 215 28.86 -6.89 64.78
N GLN N 216 27.86 -6.31 64.10
CA GLN N 216 26.79 -7.08 63.47
C GLN N 216 27.21 -7.55 62.08
N THR N 217 28.00 -6.74 61.38
CA THR N 217 28.62 -7.12 60.11
C THR N 217 29.22 -8.50 60.23
N PRO N 218 28.92 -9.38 59.27
CA PRO N 218 29.44 -10.75 59.36
C PRO N 218 30.96 -10.78 59.43
N LEU N 219 31.62 -9.95 58.64
CA LEU N 219 33.08 -9.95 58.58
C LEU N 219 33.68 -9.17 59.75
N ARG N 220 32.83 -8.81 60.70
CA ARG N 220 33.25 -8.13 61.93
C ARG N 220 34.09 -6.87 61.73
N ARG N 221 34.19 -6.37 60.49
CA ARG N 221 34.82 -5.08 60.22
C ARG N 221 34.09 -4.27 59.15
N ASN N 222 34.43 -2.99 59.04
CA ASN N 222 33.88 -2.14 58.00
C ASN N 222 34.73 -2.15 56.74
N VAL N 223 34.12 -1.87 55.60
CA VAL N 223 34.80 -1.95 54.33
C VAL N 223 35.50 -0.64 54.00
N THR N 224 36.41 -0.67 53.04
CA THR N 224 37.23 0.49 52.72
C THR N 224 36.98 0.96 51.31
N ILE N 225 37.42 2.20 51.03
CA ILE N 225 37.11 2.85 49.78
C ILE N 225 37.70 2.03 48.68
N GLU N 226 38.78 1.31 48.99
CA GLU N 226 39.43 0.41 48.02
C GLU N 226 38.57 -0.78 47.65
N GLU N 227 37.78 -1.28 48.60
CA GLU N 227 36.93 -2.45 48.34
C GLU N 227 35.67 -2.04 47.59
N VAL N 228 35.07 -0.93 48.01
CA VAL N 228 33.97 -0.34 47.26
C VAL N 228 34.45 0.05 45.85
N GLY N 229 35.57 0.76 45.77
CA GLY N 229 36.22 1.03 44.50
C GLY N 229 36.44 -0.17 43.60
N ASN N 230 36.78 -1.32 44.18
CA ASN N 230 37.13 -2.49 43.35
C ASN N 230 35.89 -3.13 42.73
N ALA N 231 34.84 -3.32 43.53
CA ALA N 231 33.56 -3.77 43.00
C ALA N 231 33.03 -2.76 41.98
N GLY N 232 33.39 -1.50 42.17
CA GLY N 232 32.98 -0.47 41.23
C GLY N 232 33.50 -0.76 39.84
N ALA N 233 34.83 -0.78 39.72
CA ALA N 233 35.49 -0.91 38.43
C ALA N 233 35.17 -2.25 37.79
N PHE N 234 34.89 -3.25 38.61
CA PHE N 234 34.47 -4.52 38.07
C PHE N 234 33.19 -4.36 37.27
N LEU N 235 32.25 -3.62 37.87
CA LEU N 235 30.92 -3.47 37.30
C LEU N 235 30.95 -2.64 36.01
N CYS N 236 31.84 -1.65 35.93
CA CYS N 236 31.98 -0.88 34.69
C CYS N 236 32.92 -1.55 33.67
N SER N 237 33.23 -2.84 33.89
CA SER N 237 34.20 -3.58 33.06
C SER N 237 33.59 -4.78 32.34
N ASP N 238 34.11 -5.08 31.15
CA ASP N 238 33.59 -6.17 30.34
C ASP N 238 33.50 -7.51 31.09
N LEU N 239 34.09 -7.59 32.29
CA LEU N 239 33.96 -8.80 33.09
C LEU N 239 32.51 -8.95 33.62
N ALA N 240 31.75 -7.86 33.64
CA ALA N 240 30.38 -7.86 34.18
C ALA N 240 29.35 -7.72 33.08
N SER N 241 29.70 -8.11 31.86
CA SER N 241 28.89 -7.77 30.71
C SER N 241 27.50 -8.39 30.72
N GLY N 242 27.26 -9.34 31.61
CA GLY N 242 25.96 -9.97 31.74
C GLY N 242 25.15 -9.42 32.90
N ILE N 243 25.67 -8.36 33.52
CA ILE N 243 25.12 -7.81 34.74
C ILE N 243 24.66 -6.38 34.55
N SER N 244 23.36 -6.18 34.54
CA SER N 244 22.80 -4.83 34.61
C SER N 244 21.68 -4.76 35.63
N GLY N 245 21.33 -3.52 36.00
CA GLY N 245 20.21 -3.26 36.89
C GLY N 245 20.36 -3.90 38.26
N GLU N 246 21.54 -4.41 38.53
CA GLU N 246 21.80 -5.02 39.81
C GLU N 246 22.14 -3.91 40.81
N ILE N 247 21.75 -4.11 42.07
CA ILE N 247 22.33 -3.30 43.14
C ILE N 247 23.28 -4.20 43.89
N LEU N 248 24.59 -3.95 43.73
CA LEU N 248 25.63 -4.73 44.42
C LEU N 248 26.06 -4.04 45.71
N TYR N 249 25.79 -4.70 46.84
CA TYR N 249 26.19 -4.23 48.15
C TYR N 249 27.65 -4.52 48.45
N VAL N 250 28.35 -3.50 48.93
CA VAL N 250 29.69 -3.68 49.49
C VAL N 250 29.64 -3.27 50.97
N ASP N 251 29.21 -4.17 51.85
CA ASP N 251 29.02 -3.75 53.24
C ASP N 251 29.46 -4.77 54.29
N GLY N 252 30.22 -5.77 53.88
CA GLY N 252 30.63 -6.81 54.80
C GLY N 252 29.52 -7.79 55.01
N GLY N 253 28.42 -7.64 54.28
CA GLY N 253 27.26 -8.53 54.41
C GLY N 253 26.27 -8.05 55.46
N PHE N 254 26.51 -6.82 55.95
CA PHE N 254 25.69 -6.19 56.99
C PHE N 254 24.21 -6.23 56.67
N ASN N 255 23.87 -5.88 55.43
CA ASN N 255 22.48 -5.91 54.98
C ASN N 255 21.79 -7.25 55.29
N THR N 256 22.49 -8.38 55.11
CA THR N 256 21.84 -9.67 55.32
C THR N 256 21.60 -10.04 56.80
N THR N 257 21.53 -9.06 57.69
CA THR N 257 21.45 -9.38 59.13
C THR N 257 20.31 -8.76 59.94
N GLY O 2 -19.35 -10.52 61.92
CA GLY O 2 -18.02 -10.99 61.58
C GLY O 2 -17.78 -11.12 60.08
N PHE O 3 -16.51 -11.12 59.68
CA PHE O 3 -16.17 -11.19 58.26
C PHE O 3 -15.73 -12.58 57.78
N LEU O 4 -15.82 -13.57 58.66
CA LEU O 4 -15.47 -14.94 58.30
C LEU O 4 -16.66 -15.86 58.43
N THR O 5 -17.86 -15.27 58.47
CA THR O 5 -19.10 -16.03 58.62
C THR O 5 -19.38 -16.98 57.45
N GLY O 6 -19.76 -18.21 57.78
CA GLY O 6 -20.11 -19.22 56.81
C GLY O 6 -18.87 -19.95 56.31
N LYS O 7 -17.69 -19.49 56.78
CA LYS O 7 -16.40 -20.03 56.35
C LYS O 7 -15.92 -21.17 57.24
N ARG O 8 -15.82 -22.36 56.66
CA ARG O 8 -15.42 -23.54 57.42
C ARG O 8 -13.90 -23.75 57.34
N ALA O 9 -13.21 -23.60 58.47
CA ALA O 9 -11.74 -23.60 58.50
C ALA O 9 -11.11 -24.81 59.23
N LEU O 10 -9.91 -25.21 58.79
CA LEU O 10 -9.13 -26.26 59.44
C LEU O 10 -7.89 -25.64 60.09
N ILE O 11 -7.47 -26.16 61.24
CA ILE O 11 -6.31 -25.59 61.92
C ILE O 11 -5.29 -26.65 62.32
N VAL O 12 -4.07 -26.47 61.79
CA VAL O 12 -2.96 -27.35 62.10
C VAL O 12 -1.93 -26.67 63.02
N GLY O 13 -1.52 -27.38 64.06
CA GLY O 13 -0.44 -26.93 64.90
C GLY O 13 -0.81 -26.09 66.10
N VAL O 14 -2.04 -26.25 66.62
CA VAL O 14 -2.34 -25.66 67.93
C VAL O 14 -1.86 -26.58 69.01
N ALA O 15 -0.83 -26.15 69.73
CA ALA O 15 -0.23 -26.97 70.76
C ALA O 15 -0.22 -26.27 72.11
N SER O 16 -0.53 -24.97 72.10
CA SER O 16 -0.48 -24.14 73.29
C SER O 16 -1.58 -23.07 73.30
N LYS O 17 -1.82 -22.44 74.46
CA LYS O 17 -2.77 -21.34 74.57
C LYS O 17 -2.04 -20.01 74.48
N LEU O 18 -0.71 -20.10 74.47
CA LEU O 18 0.17 -18.97 74.22
C LEU O 18 0.58 -19.00 72.73
N SER O 19 0.34 -20.14 72.10
CA SER O 19 0.60 -20.37 70.68
C SER O 19 -0.03 -19.34 69.73
N ILE O 20 0.60 -19.16 68.58
CA ILE O 20 0.11 -18.25 67.52
C ILE O 20 -1.11 -18.86 66.86
N ALA O 21 -1.05 -20.18 66.68
CA ALA O 21 -2.16 -20.95 66.12
C ALA O 21 -3.43 -20.75 66.94
N SER O 22 -3.29 -20.86 68.25
CA SER O 22 -4.40 -20.59 69.14
C SER O 22 -4.93 -19.19 68.84
N GLY O 23 -4.02 -18.29 68.49
CA GLY O 23 -4.39 -16.91 68.18
C GLY O 23 -5.19 -16.75 66.91
N ILE O 24 -4.59 -17.14 65.78
CA ILE O 24 -5.27 -17.19 64.50
C ILE O 24 -6.68 -17.77 64.72
N ALA O 25 -6.72 -18.92 65.40
CA ALA O 25 -7.99 -19.58 65.78
C ALA O 25 -8.94 -18.61 66.49
N ALA O 26 -8.45 -18.02 67.57
CA ALA O 26 -9.23 -17.12 68.41
C ALA O 26 -9.93 -16.01 67.64
N ALA O 27 -9.16 -15.25 66.86
CA ALA O 27 -9.74 -14.16 66.08
C ALA O 27 -10.73 -14.69 65.08
N MET O 28 -10.42 -15.84 64.51
CA MET O 28 -11.27 -16.43 63.48
C MET O 28 -12.65 -16.77 64.04
N HIS O 29 -12.68 -17.52 65.13
CA HIS O 29 -13.96 -17.89 65.75
C HIS O 29 -14.71 -16.67 66.29
N ARG O 30 -13.98 -15.60 66.58
CA ARG O 30 -14.60 -14.34 66.96
C ARG O 30 -15.35 -13.74 65.77
N GLU O 31 -14.89 -14.03 64.56
CA GLU O 31 -15.47 -13.38 63.39
C GLU O 31 -16.46 -14.28 62.68
N GLY O 32 -16.65 -15.47 63.22
CA GLY O 32 -17.74 -16.33 62.74
C GLY O 32 -17.29 -17.54 61.97
N ALA O 33 -16.14 -18.10 62.34
CA ALA O 33 -15.61 -19.21 61.58
C ALA O 33 -15.89 -20.55 62.25
N GLU O 34 -16.26 -21.52 61.45
CA GLU O 34 -16.43 -22.86 61.98
C GLU O 34 -15.07 -23.54 61.94
N LEU O 35 -14.51 -23.82 63.11
CA LEU O 35 -13.19 -24.40 63.19
C LEU O 35 -13.20 -25.92 63.27
N ALA O 36 -12.03 -26.50 63.05
CA ALA O 36 -11.75 -27.91 63.31
C ALA O 36 -10.25 -27.92 63.57
N PHE O 37 -9.76 -28.91 64.28
CA PHE O 37 -8.36 -28.89 64.67
C PHE O 37 -7.67 -30.22 64.47
N THR O 38 -6.35 -30.18 64.32
CA THR O 38 -5.54 -31.38 64.38
C THR O 38 -4.73 -31.34 65.67
N TYR O 39 -4.28 -32.49 66.13
CA TYR O 39 -3.30 -32.51 67.21
C TYR O 39 -2.12 -33.43 66.83
N GLN O 40 -0.89 -32.94 67.06
CA GLN O 40 0.33 -33.61 66.61
C GLN O 40 0.52 -35.03 67.19
N ASN O 41 0.48 -35.17 68.52
CA ASN O 41 0.52 -36.48 69.19
C ASN O 41 -0.57 -36.58 70.25
N ASP O 42 -0.68 -37.74 70.90
CA ASP O 42 -1.74 -37.92 71.88
C ASP O 42 -1.54 -37.08 73.15
N LYS O 43 -0.32 -36.62 73.40
CA LYS O 43 -0.01 -35.93 74.67
C LYS O 43 -0.77 -34.61 74.86
N LEU O 44 -0.90 -33.81 73.80
CA LEU O 44 -1.58 -32.53 73.92
C LEU O 44 -3.03 -32.64 73.43
N ARG O 45 -3.41 -33.84 73.00
CA ARG O 45 -4.75 -34.12 72.48
C ARG O 45 -5.85 -33.42 73.28
N GLY O 46 -5.86 -33.67 74.59
CA GLY O 46 -6.87 -33.13 75.46
C GLY O 46 -6.88 -31.62 75.52
N ARG O 47 -5.70 -31.02 75.67
CA ARG O 47 -5.63 -29.56 75.76
C ARG O 47 -6.02 -28.93 74.42
N VAL O 48 -5.78 -29.67 73.33
CA VAL O 48 -6.21 -29.23 72.01
C VAL O 48 -7.73 -29.25 71.97
N GLU O 49 -8.30 -30.38 72.40
CA GLU O 49 -9.73 -30.67 72.26
C GLU O 49 -10.64 -29.67 72.94
N GLU O 50 -10.28 -29.20 74.13
CA GLU O 50 -11.23 -28.33 74.80
C GLU O 50 -10.85 -26.85 74.63
N PHE O 51 -9.68 -26.60 74.05
CA PHE O 51 -9.44 -25.30 73.43
C PHE O 51 -10.50 -25.09 72.37
N ALA O 52 -10.74 -26.18 71.63
CA ALA O 52 -11.69 -26.20 70.52
C ALA O 52 -13.13 -26.03 70.99
N SER O 53 -13.47 -26.66 72.11
CA SER O 53 -14.80 -26.50 72.69
C SER O 53 -15.03 -25.06 73.13
N GLY O 54 -13.95 -24.41 73.56
CA GLY O 54 -13.95 -23.00 73.95
C GLY O 54 -13.77 -22.06 72.76
N TRP O 55 -13.76 -22.65 71.57
CA TRP O 55 -13.80 -21.91 70.31
C TRP O 55 -14.94 -22.49 69.46
N GLY O 56 -16.01 -22.90 70.15
CA GLY O 56 -17.22 -23.37 69.50
C GLY O 56 -17.12 -24.69 68.75
N SER O 57 -16.05 -25.43 68.95
CA SER O 57 -15.86 -26.70 68.25
C SER O 57 -16.12 -27.89 69.16
N ARG O 58 -15.88 -29.09 68.62
CA ARG O 58 -16.20 -30.32 69.34
C ARG O 58 -15.24 -31.49 69.03
N PRO O 59 -14.49 -31.93 70.05
CA PRO O 59 -13.45 -32.96 70.11
C PRO O 59 -13.39 -34.01 69.00
N GLU O 60 -14.44 -34.22 68.21
CA GLU O 60 -14.27 -35.12 67.07
C GLU O 60 -14.51 -34.34 65.76
N LEU O 61 -14.21 -33.04 65.85
CA LEU O 61 -13.69 -32.24 64.72
C LEU O 61 -12.18 -32.08 64.96
N CYS O 62 -11.65 -32.96 65.81
CA CYS O 62 -10.23 -33.01 66.11
C CYS O 62 -9.68 -34.39 65.79
N PHE O 63 -8.84 -34.46 64.76
CA PHE O 63 -8.22 -35.71 64.33
C PHE O 63 -6.71 -35.67 64.65
N PRO O 64 -6.10 -36.85 64.82
CA PRO O 64 -4.64 -36.87 65.01
C PRO O 64 -3.92 -36.71 63.69
N CYS O 65 -2.85 -35.91 63.67
CA CYS O 65 -1.98 -35.83 62.51
C CYS O 65 -0.57 -35.35 62.83
N ASP O 66 0.40 -36.21 62.48
CA ASP O 66 1.80 -35.80 62.42
C ASP O 66 2.18 -35.51 60.97
N VAL O 67 2.38 -34.22 60.69
CA VAL O 67 2.57 -33.72 59.34
C VAL O 67 3.74 -34.38 58.62
N ALA O 68 4.45 -35.27 59.32
CA ALA O 68 5.58 -35.98 58.72
C ALA O 68 5.14 -37.27 58.04
N ASP O 69 4.07 -37.89 58.52
CA ASP O 69 3.50 -39.00 57.78
C ASP O 69 2.52 -38.47 56.74
N ASP O 70 2.81 -38.74 55.47
CA ASP O 70 1.88 -38.51 54.39
C ASP O 70 0.52 -39.15 54.67
N SER O 71 0.55 -40.46 54.91
CA SER O 71 -0.66 -41.26 55.01
C SER O 71 -1.64 -40.69 56.04
N GLN O 72 -1.10 -40.23 57.17
CA GLN O 72 -1.92 -39.62 58.21
C GLN O 72 -2.67 -38.42 57.71
N ILE O 73 -1.95 -37.56 56.99
CA ILE O 73 -2.52 -36.30 56.50
C ILE O 73 -3.76 -36.59 55.63
N GLU O 74 -3.61 -37.55 54.72
CA GLU O 74 -4.71 -38.02 53.89
C GLU O 74 -5.91 -38.60 54.67
N ALA O 75 -5.66 -39.35 55.75
CA ALA O 75 -6.75 -39.87 56.60
C ALA O 75 -7.51 -38.75 57.29
N VAL O 76 -6.79 -37.68 57.64
CA VAL O 76 -7.38 -36.53 58.30
C VAL O 76 -8.42 -35.88 57.41
N PHE O 77 -7.99 -35.43 56.24
CA PHE O 77 -8.89 -34.81 55.28
C PHE O 77 -10.00 -35.75 54.84
N ALA O 78 -9.71 -37.04 54.80
CA ALA O 78 -10.72 -38.03 54.42
C ALA O 78 -11.78 -38.15 55.51
N ALA O 79 -11.39 -37.90 56.76
CA ALA O 79 -12.30 -38.03 57.89
C ALA O 79 -13.12 -36.77 58.08
N LEU O 80 -12.45 -35.62 58.10
CA LEU O 80 -13.14 -34.34 58.25
C LEU O 80 -14.26 -34.22 57.25
N GLY O 81 -14.04 -34.73 56.03
CA GLY O 81 -15.01 -34.65 54.97
C GLY O 81 -16.31 -35.37 55.30
N LYS O 82 -16.26 -36.24 56.31
CA LYS O 82 -17.44 -37.00 56.72
C LYS O 82 -18.31 -36.21 57.71
N HIS O 83 -17.88 -34.99 58.04
CA HIS O 83 -18.70 -34.07 58.83
C HIS O 83 -19.02 -32.83 57.98
N TRP O 84 -18.08 -32.42 57.12
CA TRP O 84 -18.22 -31.20 56.30
C TRP O 84 -18.33 -31.46 54.80
N ASP O 85 -19.09 -30.59 54.14
CA ASP O 85 -19.30 -30.64 52.69
C ASP O 85 -18.00 -30.28 51.95
N GLY O 86 -17.43 -29.15 52.35
CA GLY O 86 -16.13 -28.70 51.85
C GLY O 86 -15.35 -27.96 52.93
N LEU O 87 -14.19 -27.43 52.55
CA LEU O 87 -13.32 -26.75 53.50
C LEU O 87 -12.83 -25.45 52.87
N ASP O 88 -13.05 -24.34 53.54
CA ASP O 88 -12.62 -23.06 53.00
C ASP O 88 -11.17 -22.79 53.32
N ILE O 89 -10.81 -22.93 54.59
CA ILE O 89 -9.51 -22.48 55.03
C ILE O 89 -8.67 -23.59 55.65
N ILE O 90 -7.35 -23.56 55.43
CA ILE O 90 -6.39 -24.37 56.20
C ILE O 90 -5.32 -23.46 56.76
N VAL O 91 -5.21 -23.40 58.08
CA VAL O 91 -4.18 -22.62 58.74
C VAL O 91 -3.06 -23.57 59.10
N HIS O 92 -1.83 -23.04 59.16
CA HIS O 92 -0.61 -23.83 59.28
C HIS O 92 0.38 -23.13 60.21
N SER O 93 0.30 -23.48 61.49
CA SER O 93 1.23 -22.96 62.48
C SER O 93 2.14 -24.06 62.99
N VAL O 94 3.07 -24.49 62.13
CA VAL O 94 4.08 -25.44 62.57
C VAL O 94 5.49 -24.92 62.25
N GLY O 95 6.31 -24.91 63.29
CA GLY O 95 7.71 -24.56 63.17
C GLY O 95 8.45 -25.48 64.12
N PHE O 96 9.46 -26.17 63.61
CA PHE O 96 10.21 -27.13 64.42
C PHE O 96 11.56 -27.45 63.81
N ALA O 97 12.53 -27.73 64.67
CA ALA O 97 13.86 -28.17 64.25
C ALA O 97 14.60 -28.81 65.42
N PRO O 98 14.94 -30.11 65.28
CA PRO O 98 15.59 -30.94 66.31
C PRO O 98 16.57 -30.13 67.14
N GLY O 99 16.40 -30.10 68.46
CA GLY O 99 17.08 -29.19 69.36
C GLY O 99 18.51 -28.78 69.07
N ASP O 100 19.37 -29.78 68.82
CA ASP O 100 20.80 -29.55 68.59
C ASP O 100 21.13 -28.61 67.41
N GLN O 101 20.23 -28.51 66.43
CA GLN O 101 20.45 -27.69 65.24
C GLN O 101 20.31 -26.20 65.51
N LEU O 102 19.78 -25.88 66.68
CA LEU O 102 19.41 -24.51 67.00
C LEU O 102 20.23 -23.91 68.15
N ASP O 103 21.29 -24.57 68.58
CA ASP O 103 22.20 -23.93 69.54
C ASP O 103 23.67 -23.91 69.08
N GLY O 104 24.15 -22.71 68.73
CA GLY O 104 25.52 -22.53 68.35
C GLY O 104 25.70 -22.15 66.90
N ASP O 105 26.94 -21.75 66.58
CA ASP O 105 27.48 -21.60 65.22
C ASP O 105 26.68 -22.39 64.20
N PHE O 106 26.01 -21.68 63.30
CA PHE O 106 25.21 -22.35 62.29
C PHE O 106 25.96 -23.53 61.68
N THR O 107 27.11 -23.22 61.08
CA THR O 107 27.94 -24.19 60.36
C THR O 107 28.34 -25.40 61.18
N ALA O 108 28.74 -25.17 62.42
CA ALA O 108 29.22 -26.25 63.26
C ALA O 108 28.11 -27.22 63.64
N VAL O 109 26.96 -26.70 64.07
CA VAL O 109 25.90 -27.54 64.60
C VAL O 109 24.93 -28.13 63.56
N THR O 110 24.84 -27.50 62.39
CA THR O 110 23.90 -27.97 61.38
C THR O 110 24.31 -29.32 60.80
N THR O 111 23.37 -30.27 60.78
CA THR O 111 23.66 -31.61 60.29
C THR O 111 22.73 -31.92 59.11
N ARG O 112 22.88 -33.09 58.49
CA ARG O 112 22.02 -33.41 57.34
C ARG O 112 20.61 -33.72 57.76
N GLU O 113 20.46 -34.68 58.66
CA GLU O 113 19.17 -35.06 59.22
C GLU O 113 18.43 -33.85 59.82
N GLY O 114 19.09 -33.12 60.71
CA GLY O 114 18.45 -31.98 61.35
C GLY O 114 17.97 -30.96 60.34
N PHE O 115 18.76 -30.75 59.29
CA PHE O 115 18.33 -29.95 58.14
C PHE O 115 17.16 -30.68 57.50
N ARG O 116 17.41 -31.88 56.99
CA ARG O 116 16.40 -32.70 56.30
C ARG O 116 15.07 -32.70 57.03
N ILE O 117 15.14 -32.82 58.35
CA ILE O 117 13.95 -32.85 59.20
C ILE O 117 13.29 -31.48 59.27
N ALA O 118 14.01 -30.47 59.75
CA ALA O 118 13.46 -29.12 59.89
C ALA O 118 12.89 -28.52 58.59
N HIS O 119 12.95 -29.26 57.49
CA HIS O 119 12.41 -28.82 56.19
C HIS O 119 11.18 -29.66 55.82
N ASP O 120 11.29 -30.96 56.04
CA ASP O 120 10.18 -31.88 55.79
C ASP O 120 8.99 -31.60 56.67
N ILE O 121 9.27 -31.03 57.84
CA ILE O 121 8.24 -30.76 58.82
C ILE O 121 7.82 -29.28 58.79
N SER O 122 8.76 -28.38 58.52
CA SER O 122 8.44 -26.95 58.60
C SER O 122 8.03 -26.36 57.24
N ALA O 123 8.35 -27.06 56.16
CA ALA O 123 7.96 -26.58 54.84
C ALA O 123 6.94 -27.51 54.18
N TYR O 124 7.41 -28.63 53.65
CA TYR O 124 6.55 -29.52 52.86
C TYR O 124 5.21 -29.81 53.50
N SER O 125 5.16 -29.94 54.83
CA SER O 125 3.91 -30.13 55.54
C SER O 125 2.84 -29.21 54.96
N PHE O 126 3.17 -27.93 54.89
CA PHE O 126 2.32 -26.93 54.25
C PHE O 126 1.83 -27.38 52.87
N ILE O 127 2.77 -27.74 52.01
CA ILE O 127 2.45 -28.24 50.69
C ILE O 127 1.68 -29.57 50.75
N ALA O 128 2.00 -30.40 51.73
CA ALA O 128 1.25 -31.63 51.93
C ALA O 128 -0.20 -31.31 52.22
N LEU O 129 -0.43 -30.27 53.02
CA LEU O 129 -1.78 -29.91 53.39
C LEU O 129 -2.53 -29.51 52.12
N ALA O 130 -1.93 -28.58 51.39
CA ALA O 130 -2.46 -28.15 50.09
C ALA O 130 -2.84 -29.33 49.20
N LYS O 131 -1.94 -30.29 49.04
CA LYS O 131 -2.18 -31.42 48.14
C LYS O 131 -3.38 -32.26 48.52
N ALA O 132 -3.54 -32.50 49.81
CA ALA O 132 -4.55 -33.44 50.32
C ALA O 132 -5.77 -32.74 50.88
N GLY O 133 -5.78 -31.42 50.78
CA GLY O 133 -6.94 -30.63 51.17
C GLY O 133 -7.51 -29.98 49.93
N ARG O 134 -6.82 -30.17 48.80
CA ARG O 134 -7.19 -29.53 47.55
C ARG O 134 -8.57 -30.00 47.10
N GLU O 135 -8.80 -31.32 47.20
CA GLU O 135 -10.05 -31.92 46.75
C GLU O 135 -11.27 -31.28 47.41
N MET O 136 -11.24 -31.24 48.74
CA MET O 136 -12.29 -30.61 49.53
C MET O 136 -12.44 -29.12 49.23
N MET O 137 -11.33 -28.46 48.92
CA MET O 137 -11.30 -27.01 48.76
C MET O 137 -11.76 -26.55 47.39
N LYS O 138 -11.93 -27.52 46.49
CA LYS O 138 -12.31 -27.24 45.12
C LYS O 138 -13.67 -26.56 45.09
N GLY O 139 -13.71 -25.38 44.48
CA GLY O 139 -14.95 -24.67 44.25
C GLY O 139 -15.45 -23.82 45.41
N ARG O 140 -14.60 -23.60 46.42
CA ARG O 140 -15.02 -22.83 47.57
C ARG O 140 -14.43 -21.43 47.59
N ASN O 141 -13.48 -21.16 46.71
CA ASN O 141 -12.69 -19.93 46.80
C ASN O 141 -12.13 -19.77 48.21
N GLY O 142 -11.32 -20.75 48.61
CA GLY O 142 -10.82 -20.81 49.97
C GLY O 142 -9.47 -20.17 50.16
N SER O 143 -8.80 -20.51 51.24
CA SER O 143 -7.47 -19.95 51.44
C SER O 143 -6.56 -20.87 52.25
N LEU O 144 -5.26 -20.76 52.00
CA LEU O 144 -4.25 -21.37 52.86
C LEU O 144 -3.44 -20.27 53.53
N LEU O 145 -3.01 -20.51 54.76
CA LEU O 145 -2.23 -19.53 55.49
C LEU O 145 -1.11 -20.27 56.19
N THR O 146 0.08 -19.68 56.27
CA THR O 146 1.08 -20.21 57.20
C THR O 146 1.83 -19.09 57.90
N LEU O 147 2.73 -19.50 58.77
CA LEU O 147 3.50 -18.55 59.53
C LEU O 147 4.94 -18.50 59.05
N SER O 148 5.54 -17.31 59.10
CA SER O 148 6.95 -17.20 58.84
C SER O 148 7.63 -16.36 59.90
N TYR O 149 8.81 -15.85 59.54
CA TYR O 149 9.65 -15.06 60.45
C TYR O 149 10.82 -14.48 59.65
N LEU O 150 11.19 -13.25 60.00
CA LEU O 150 12.25 -12.49 59.35
C LEU O 150 13.48 -13.29 58.99
N GLY O 151 13.79 -14.28 59.83
CA GLY O 151 15.01 -15.08 59.70
C GLY O 151 15.09 -15.92 58.44
N ALA O 152 14.04 -15.86 57.65
CA ALA O 152 14.03 -16.41 56.32
C ALA O 152 14.65 -15.41 55.35
N GLU O 153 14.77 -14.17 55.79
CA GLU O 153 15.19 -13.08 54.91
C GLU O 153 16.44 -12.35 55.41
N ARG O 154 16.64 -12.31 56.72
CA ARG O 154 17.90 -11.82 57.26
C ARG O 154 18.35 -12.75 58.38
N THR O 155 19.51 -12.48 58.99
CA THR O 155 20.03 -13.46 59.95
C THR O 155 19.69 -13.14 61.37
N MET O 156 19.96 -14.13 62.22
CA MET O 156 19.34 -14.28 63.52
C MET O 156 20.03 -15.36 64.35
N PRO O 157 20.56 -15.00 65.52
CA PRO O 157 21.33 -15.98 66.27
C PRO O 157 20.53 -17.23 66.63
N ASN O 158 21.15 -18.37 66.38
CA ASN O 158 20.57 -19.67 66.76
C ASN O 158 19.25 -19.98 66.05
N TYR O 159 18.72 -19.02 65.30
CA TYR O 159 17.59 -19.34 64.43
C TYR O 159 18.06 -20.38 63.43
N ASN O 160 19.22 -20.10 62.82
CA ASN O 160 19.95 -21.06 62.03
C ASN O 160 19.12 -21.78 60.98
N VAL O 161 19.34 -23.09 60.86
CA VAL O 161 18.80 -23.88 59.77
C VAL O 161 17.27 -23.73 59.68
N MET O 162 16.66 -23.21 60.73
CA MET O 162 15.23 -22.89 60.73
C MET O 162 14.88 -21.76 59.76
N GLY O 163 15.80 -20.80 59.56
CA GLY O 163 15.58 -19.71 58.64
C GLY O 163 15.63 -20.18 57.20
N MET O 164 16.27 -21.32 56.99
CA MET O 164 16.32 -21.96 55.68
C MET O 164 15.02 -22.69 55.47
N ALA O 165 14.41 -23.10 56.57
CA ALA O 165 13.09 -23.74 56.53
C ALA O 165 12.03 -22.76 56.06
N LYS O 166 11.94 -21.62 56.75
CA LYS O 166 10.94 -20.60 56.49
C LYS O 166 11.12 -19.99 55.10
N ALA O 167 12.36 -19.66 54.73
CA ALA O 167 12.60 -19.03 53.43
C ALA O 167 12.13 -19.95 52.32
N SER O 168 12.31 -21.24 52.53
CA SER O 168 11.81 -22.22 51.58
C SER O 168 10.30 -22.35 51.73
N LEU O 169 9.79 -22.08 52.93
CA LEU O 169 8.35 -22.10 53.17
C LEU O 169 7.69 -20.89 52.51
N GLU O 170 8.31 -19.72 52.65
CA GLU O 170 7.82 -18.53 51.99
C GLU O 170 7.81 -18.72 50.47
N ALA O 171 8.82 -19.41 49.93
CA ALA O 171 8.85 -19.74 48.49
C ALA O 171 7.64 -20.56 48.05
N GLY O 172 7.32 -21.61 48.81
CA GLY O 172 6.21 -22.48 48.49
C GLY O 172 4.89 -21.73 48.42
N VAL O 173 4.65 -20.94 49.45
CA VAL O 173 3.58 -19.96 49.44
C VAL O 173 3.45 -19.23 48.08
N ARG O 174 4.58 -18.86 47.47
CA ARG O 174 4.57 -18.15 46.18
C ARG O 174 4.23 -19.10 45.04
N TYR O 175 4.67 -20.36 45.15
CA TYR O 175 4.40 -21.37 44.13
C TYR O 175 3.00 -21.99 44.23
N LEU O 176 2.50 -22.18 45.45
CA LEU O 176 1.14 -22.68 45.63
C LEU O 176 0.20 -21.64 45.06
N ALA O 177 0.41 -20.41 45.49
CA ALA O 177 -0.33 -19.25 45.05
C ALA O 177 -0.53 -19.21 43.55
N GLY O 178 0.56 -19.41 42.82
CA GLY O 178 0.56 -19.25 41.38
C GLY O 178 -0.10 -20.42 40.71
N SER O 179 -0.08 -21.56 41.40
CA SER O 179 -0.72 -22.78 40.91
C SER O 179 -2.24 -22.81 41.23
N LEU O 180 -2.55 -22.91 42.53
CA LEU O 180 -3.92 -23.03 43.02
C LEU O 180 -4.83 -21.83 42.79
N GLY O 181 -4.24 -20.64 42.68
CA GLY O 181 -5.00 -19.40 42.56
C GLY O 181 -5.94 -19.38 41.37
N ALA O 182 -5.52 -20.02 40.28
CA ALA O 182 -6.34 -20.10 39.07
C ALA O 182 -7.71 -20.72 39.37
N GLU O 183 -7.69 -21.71 40.28
CA GLU O 183 -8.88 -22.44 40.71
C GLU O 183 -9.76 -21.61 41.61
N GLY O 184 -9.18 -20.59 42.24
CA GLY O 184 -9.89 -19.74 43.17
C GLY O 184 -9.34 -19.76 44.59
N THR O 185 -8.50 -20.75 44.88
CA THR O 185 -7.83 -20.89 46.17
C THR O 185 -6.77 -19.82 46.36
N ARG O 186 -6.86 -19.05 47.44
CA ARG O 186 -5.84 -18.05 47.73
C ARG O 186 -4.76 -18.61 48.66
N VAL O 187 -3.56 -18.04 48.64
CA VAL O 187 -2.48 -18.50 49.54
C VAL O 187 -1.58 -17.38 50.04
N ASN O 188 -1.54 -17.21 51.35
CA ASN O 188 -0.76 -16.14 51.98
C ASN O 188 0.00 -16.70 53.16
N ALA O 189 0.64 -15.81 53.92
CA ALA O 189 1.33 -16.22 55.13
C ALA O 189 1.55 -15.04 56.06
N VAL O 190 1.52 -15.32 57.35
CA VAL O 190 1.77 -14.30 58.34
C VAL O 190 3.12 -14.55 59.02
N SER O 191 3.94 -13.52 59.03
CA SER O 191 5.27 -13.61 59.58
C SER O 191 5.34 -12.71 60.80
N ALA O 192 5.24 -13.30 62.00
CA ALA O 192 5.08 -12.50 63.20
C ALA O 192 6.39 -12.15 63.91
N GLY O 193 6.44 -10.94 64.49
CA GLY O 193 7.57 -10.54 65.31
C GLY O 193 7.76 -11.47 66.51
N PRO O 194 8.86 -11.28 67.26
CA PRO O 194 9.05 -12.11 68.46
C PRO O 194 7.91 -11.92 69.46
N ILE O 195 7.57 -12.96 70.22
CA ILE O 195 6.44 -12.94 71.14
C ILE O 195 6.71 -13.74 72.43
N ARG O 196 6.31 -13.19 73.57
CA ARG O 196 6.38 -13.91 74.84
C ARG O 196 5.54 -15.19 74.83
N ARG O 207 17.71 -16.23 72.21
CA ARG O 207 17.37 -16.07 73.62
C ARG O 207 16.54 -14.79 73.88
N LYS O 208 17.23 -13.65 73.90
CA LYS O 208 16.65 -12.40 74.39
C LYS O 208 16.49 -11.33 73.31
N MET O 209 15.85 -11.69 72.19
CA MET O 209 15.66 -10.75 71.11
C MET O 209 14.75 -9.62 71.57
N LEU O 210 13.95 -9.90 72.59
CA LEU O 210 13.15 -8.86 73.20
C LEU O 210 14.07 -7.83 73.85
N ALA O 211 13.44 -6.82 74.47
CA ALA O 211 14.14 -5.74 75.17
C ALA O 211 15.01 -4.94 74.22
N ALA O 212 15.64 -5.62 73.27
CA ALA O 212 16.46 -4.97 72.28
C ALA O 212 15.68 -4.76 70.96
N ASN O 213 14.68 -5.61 70.70
CA ASN O 213 13.81 -5.41 69.55
C ASN O 213 12.86 -4.24 69.83
N GLU O 214 12.43 -4.12 71.08
CA GLU O 214 11.54 -3.06 71.51
C GLU O 214 12.31 -1.77 71.77
N ARG O 215 13.20 -1.42 70.83
CA ARG O 215 13.82 -0.09 70.79
C ARG O 215 14.21 0.17 69.33
N GLN O 216 14.28 -0.92 68.56
CA GLN O 216 14.50 -0.85 67.12
C GLN O 216 13.14 -0.75 66.43
N THR O 217 12.25 -1.69 66.75
CA THR O 217 10.92 -1.73 66.15
C THR O 217 10.24 -0.36 66.26
N PRO O 218 9.67 0.09 65.14
CA PRO O 218 9.05 1.41 65.10
C PRO O 218 7.96 1.59 66.17
N LEU O 219 7.21 0.54 66.48
CA LEU O 219 6.08 0.69 67.39
C LEU O 219 6.44 0.56 68.87
N ARG O 220 7.71 0.31 69.17
CA ARG O 220 8.24 0.25 70.53
C ARG O 220 7.67 -0.87 71.43
N ARG O 221 7.32 -2.01 70.84
CA ARG O 221 6.89 -3.16 71.63
C ARG O 221 6.89 -4.44 70.80
N ASN O 222 6.35 -5.51 71.36
CA ASN O 222 6.13 -6.69 70.55
C ASN O 222 4.70 -6.71 70.09
N VAL O 223 4.35 -7.76 69.36
CA VAL O 223 2.99 -7.95 68.94
C VAL O 223 2.35 -9.01 69.82
N THR O 224 1.04 -8.90 69.99
CA THR O 224 0.27 -9.87 70.74
C THR O 224 -0.13 -10.98 69.79
N ILE O 225 -0.39 -12.19 70.28
CA ILE O 225 -0.84 -13.25 69.38
C ILE O 225 -2.24 -12.90 68.86
N GLU O 226 -2.89 -11.98 69.56
CA GLU O 226 -4.11 -11.40 69.07
C GLU O 226 -3.82 -10.66 67.76
N GLU O 227 -2.82 -9.77 67.76
CA GLU O 227 -2.48 -9.00 66.58
C GLU O 227 -2.07 -9.90 65.40
N VAL O 228 -1.48 -11.04 65.73
CA VAL O 228 -1.19 -12.07 64.74
C VAL O 228 -2.47 -12.78 64.35
N GLY O 229 -3.34 -13.03 65.33
CA GLY O 229 -4.66 -13.58 65.06
C GLY O 229 -5.50 -12.71 64.13
N ASN O 230 -5.59 -11.42 64.46
CA ASN O 230 -6.29 -10.44 63.63
C ASN O 230 -5.85 -10.54 62.18
N ALA O 231 -4.55 -10.45 61.96
CA ALA O 231 -4.00 -10.51 60.61
C ALA O 231 -4.41 -11.78 59.89
N GLY O 232 -4.21 -12.92 60.55
CA GLY O 232 -4.44 -14.22 59.95
C GLY O 232 -5.89 -14.37 59.54
N ALA O 233 -6.77 -13.81 60.37
CA ALA O 233 -8.19 -13.78 60.09
C ALA O 233 -8.42 -13.11 58.73
N PHE O 234 -8.06 -11.84 58.67
CA PHE O 234 -8.35 -10.96 57.56
C PHE O 234 -7.83 -11.43 56.20
N LEU O 235 -6.77 -12.21 56.19
CA LEU O 235 -6.20 -12.67 54.93
C LEU O 235 -6.88 -13.95 54.47
N CYS O 236 -7.57 -14.63 55.37
CA CYS O 236 -8.33 -15.81 54.98
C CYS O 236 -9.79 -15.46 54.70
N SER O 237 -10.09 -14.18 54.90
CA SER O 237 -11.45 -13.66 54.73
C SER O 237 -11.63 -13.05 53.38
N ASP O 238 -12.87 -13.06 52.90
CA ASP O 238 -13.18 -12.50 51.60
C ASP O 238 -12.94 -10.98 51.56
N LEU O 239 -12.47 -10.42 52.67
CA LEU O 239 -11.96 -9.04 52.74
C LEU O 239 -10.56 -8.93 52.15
N ALA O 240 -10.00 -10.07 51.76
CA ALA O 240 -8.67 -10.12 51.16
C ALA O 240 -8.71 -11.00 49.93
N SER O 241 -9.81 -10.92 49.20
CA SER O 241 -10.02 -11.81 48.05
C SER O 241 -9.11 -11.35 46.93
N GLY O 242 -8.70 -10.09 46.99
CA GLY O 242 -7.76 -9.54 46.03
C GLY O 242 -6.35 -9.60 46.59
N ILE O 243 -6.05 -10.66 47.33
CA ILE O 243 -4.72 -10.84 47.92
C ILE O 243 -4.31 -12.33 47.88
N SER O 244 -3.20 -12.62 47.21
CA SER O 244 -2.65 -13.98 47.14
C SER O 244 -1.11 -13.91 47.05
N GLY O 245 -0.43 -14.97 47.50
CA GLY O 245 1.02 -15.05 47.45
C GLY O 245 1.72 -14.06 48.36
N GLU O 246 1.10 -13.73 49.49
CA GLU O 246 1.54 -12.58 50.27
C GLU O 246 2.22 -12.97 51.57
N ILE O 247 3.24 -12.22 51.95
CA ILE O 247 3.94 -12.42 53.20
C ILE O 247 3.75 -11.18 54.05
N LEU O 248 2.87 -11.26 55.04
CA LEU O 248 2.45 -10.09 55.79
C LEU O 248 3.22 -9.99 57.08
N TYR O 249 3.87 -8.84 57.28
CA TYR O 249 4.72 -8.64 58.43
C TYR O 249 3.97 -7.98 59.59
N VAL O 250 3.55 -8.84 60.52
CA VAL O 250 2.99 -8.39 61.76
C VAL O 250 4.08 -8.33 62.82
N ASP O 251 4.79 -7.21 62.82
CA ASP O 251 5.62 -6.82 63.93
C ASP O 251 5.39 -5.33 64.05
N GLY O 252 6.10 -4.65 64.91
CA GLY O 252 5.88 -3.22 65.03
C GLY O 252 6.66 -2.48 63.96
N GLY O 253 6.97 -3.19 62.88
CA GLY O 253 7.72 -2.63 61.76
C GLY O 253 9.17 -3.11 61.73
N PHE O 254 9.50 -4.03 62.63
CA PHE O 254 10.88 -4.51 62.80
C PHE O 254 11.30 -5.38 61.61
N ASN O 255 11.52 -4.72 60.49
CA ASN O 255 11.88 -5.38 59.25
C ASN O 255 12.12 -4.27 58.25
N THR O 256 11.62 -3.09 58.59
CA THR O 256 11.91 -1.87 57.84
C THR O 256 13.11 -1.18 58.49
N THR O 257 13.66 -1.83 59.52
CA THR O 257 14.67 -1.24 60.39
C THR O 257 16.08 -1.84 60.25
N ALA O 258 17.09 -0.95 60.36
CA ALA O 258 18.47 -1.37 60.24
C ALA O 258 19.25 -1.27 61.56
N GLY P 2 46.41 -13.23 37.15
CA GLY P 2 45.07 -12.70 37.34
C GLY P 2 44.76 -12.33 38.78
N PHE P 3 43.51 -11.96 39.06
CA PHE P 3 43.14 -11.57 40.42
C PHE P 3 42.94 -12.80 41.31
N LEU P 4 43.41 -13.92 40.82
CA LEU P 4 43.24 -15.21 41.48
C LEU P 4 44.56 -15.95 41.52
N THR P 5 45.65 -15.20 41.41
CA THR P 5 46.99 -15.77 41.48
C THR P 5 47.27 -16.18 42.92
N GLY P 6 47.67 -17.45 43.10
CA GLY P 6 48.06 -17.93 44.42
C GLY P 6 46.91 -18.55 45.16
N LYS P 7 45.71 -18.37 44.62
CA LYS P 7 44.50 -18.95 45.21
C LYS P 7 44.38 -20.43 44.82
N ARG P 8 43.92 -21.25 45.76
CA ARG P 8 43.58 -22.62 45.42
C ARG P 8 42.07 -22.76 45.49
N ALA P 9 41.51 -23.55 44.59
CA ALA P 9 40.08 -23.54 44.35
C ALA P 9 39.54 -24.93 44.07
N LEU P 10 38.67 -25.39 44.94
CA LEU P 10 37.95 -26.63 44.67
C LEU P 10 36.75 -26.31 43.79
N ILE P 11 36.43 -27.20 42.86
CA ILE P 11 35.28 -26.98 42.01
C ILE P 11 34.34 -28.17 42.03
N VAL P 12 33.11 -27.93 42.48
CA VAL P 12 32.18 -29.02 42.69
C VAL P 12 31.10 -29.00 41.63
N GLY P 13 31.02 -30.08 40.86
CA GLY P 13 29.91 -30.24 39.95
C GLY P 13 30.19 -29.80 38.54
N VAL P 14 31.31 -30.27 37.99
CA VAL P 14 31.54 -30.21 36.56
C VAL P 14 31.06 -31.54 35.97
N ALA P 15 30.34 -31.46 34.84
CA ALA P 15 29.80 -32.63 34.13
C ALA P 15 29.67 -32.42 32.60
N SER P 16 29.94 -31.20 32.15
CA SER P 16 29.96 -30.85 30.73
C SER P 16 30.95 -29.72 30.46
N LYS P 17 31.41 -29.58 29.22
CA LYS P 17 32.32 -28.47 28.87
C LYS P 17 31.57 -27.15 28.73
N LEU P 18 30.25 -27.20 28.86
CA LEU P 18 29.41 -26.03 28.66
C LEU P 18 28.59 -25.65 29.90
N SER P 19 28.82 -26.36 31.01
CA SER P 19 28.18 -26.06 32.31
C SER P 19 28.45 -24.62 32.76
N ILE P 20 27.68 -24.13 33.72
CA ILE P 20 28.07 -22.93 34.43
C ILE P 20 29.33 -23.24 35.26
N ALA P 21 29.50 -24.51 35.60
CA ALA P 21 30.69 -24.95 36.32
C ALA P 21 31.92 -24.83 35.43
N SER P 22 31.74 -25.07 34.14
CA SER P 22 32.87 -25.02 33.23
C SER P 22 33.23 -23.59 32.89
N GLY P 23 32.32 -22.66 33.20
CA GLY P 23 32.59 -21.25 33.01
C GLY P 23 33.38 -20.64 34.16
N ILE P 24 32.98 -20.99 35.38
CA ILE P 24 33.64 -20.55 36.57
C ILE P 24 35.03 -21.15 36.62
N ALA P 25 35.13 -22.40 36.18
CA ALA P 25 36.43 -23.04 36.12
C ALA P 25 37.31 -22.29 35.16
N ALA P 26 36.78 -22.04 33.98
CA ALA P 26 37.60 -21.55 32.89
C ALA P 26 38.02 -20.14 33.17
N ALA P 27 37.12 -19.39 33.78
CA ALA P 27 37.42 -18.03 34.13
C ALA P 27 38.52 -18.06 35.16
N MET P 28 38.27 -18.77 36.26
CA MET P 28 39.21 -18.86 37.37
C MET P 28 40.65 -19.21 36.95
N HIS P 29 40.83 -20.27 36.17
CA HIS P 29 42.19 -20.62 35.72
C HIS P 29 42.82 -19.53 34.87
N ARG P 30 42.12 -19.06 33.85
CA ARG P 30 42.54 -17.89 33.06
C ARG P 30 43.07 -16.76 33.96
N GLU P 31 42.50 -16.67 35.15
CA GLU P 31 42.87 -15.64 36.12
C GLU P 31 43.86 -16.14 37.17
N GLY P 32 44.49 -17.30 36.91
CA GLY P 32 45.64 -17.73 37.68
C GLY P 32 45.38 -18.56 38.92
N ALA P 33 44.19 -19.16 38.97
CA ALA P 33 43.77 -19.95 40.13
C ALA P 33 44.31 -21.36 40.01
N GLU P 34 44.56 -22.01 41.16
CA GLU P 34 45.00 -23.40 41.18
C GLU P 34 43.77 -24.26 41.41
N LEU P 35 43.45 -25.15 40.48
CA LEU P 35 42.16 -25.84 40.56
C LEU P 35 42.25 -27.32 40.96
N ALA P 36 41.35 -27.72 41.85
CA ALA P 36 40.97 -29.11 42.09
C ALA P 36 39.49 -29.28 41.75
N PHE P 37 39.02 -30.51 41.61
CA PHE P 37 37.67 -30.79 41.15
C PHE P 37 37.09 -32.02 41.84
N THR P 38 35.77 -32.21 41.71
CA THR P 38 35.12 -33.47 42.08
C THR P 38 34.38 -34.04 40.88
N TYR P 39 34.16 -35.35 40.87
CA TYR P 39 33.36 -35.99 39.86
C TYR P 39 32.33 -36.93 40.53
N GLN P 40 31.04 -36.71 40.25
CA GLN P 40 29.95 -37.42 40.91
C GLN P 40 30.02 -38.94 40.79
N ASN P 41 30.33 -39.45 39.60
CA ASN P 41 30.33 -40.90 39.44
C ASN P 41 31.45 -41.45 38.57
N ASP P 42 31.38 -42.74 38.29
CA ASP P 42 32.51 -43.47 37.74
C ASP P 42 32.77 -43.20 36.26
N LYS P 43 31.71 -43.12 35.47
CA LYS P 43 31.85 -42.88 34.02
C LYS P 43 32.19 -41.42 33.70
N LEU P 44 31.60 -40.50 34.46
CA LEU P 44 31.84 -39.08 34.33
C LEU P 44 33.30 -38.72 34.62
N ARG P 45 33.98 -39.61 35.36
CA ARG P 45 35.34 -39.35 35.88
C ARG P 45 36.35 -39.01 34.79
N GLY P 46 36.50 -39.92 33.83
CA GLY P 46 37.35 -39.63 32.68
C GLY P 46 37.05 -38.27 32.07
N ARG P 47 35.77 -37.99 31.83
CA ARG P 47 35.32 -36.74 31.21
C ARG P 47 35.79 -35.51 31.99
N VAL P 48 35.73 -35.59 33.31
CA VAL P 48 36.21 -34.51 34.16
C VAL P 48 37.73 -34.32 34.04
N GLU P 49 38.47 -35.41 34.18
CA GLU P 49 39.93 -35.41 34.26
C GLU P 49 40.63 -34.60 33.18
N GLU P 50 40.05 -34.57 31.99
CA GLU P 50 40.66 -33.82 30.90
C GLU P 50 40.37 -32.31 31.06
N PHE P 51 39.15 -31.97 31.44
CA PHE P 51 38.80 -30.59 31.73
C PHE P 51 39.79 -30.04 32.75
N ALA P 52 40.06 -30.85 33.76
CA ALA P 52 41.03 -30.51 34.79
C ALA P 52 42.43 -30.31 34.22
N SER P 53 42.84 -31.25 33.36
CA SER P 53 44.23 -31.31 32.91
C SER P 53 44.42 -30.15 31.94
N GLY P 54 43.33 -29.79 31.27
CA GLY P 54 43.33 -28.62 30.41
C GLY P 54 43.20 -27.28 31.12
N TRP P 55 42.83 -27.30 32.41
CA TRP P 55 42.64 -26.05 33.15
C TRP P 55 43.77 -25.86 34.16
N GLY P 56 44.95 -26.35 33.79
CA GLY P 56 46.15 -26.18 34.59
C GLY P 56 46.33 -27.25 35.64
N SER P 57 45.28 -28.01 35.90
CA SER P 57 45.29 -28.99 36.98
C SER P 57 45.73 -30.35 36.50
N ARG P 58 45.79 -31.31 37.42
CA ARG P 58 46.22 -32.66 37.09
C ARG P 58 45.20 -33.71 37.56
N PRO P 59 45.19 -34.90 36.93
CA PRO P 59 44.22 -35.96 37.26
C PRO P 59 44.19 -36.33 38.73
N GLU P 60 45.33 -36.31 39.39
CA GLU P 60 45.42 -36.65 40.80
C GLU P 60 44.67 -35.67 41.70
N LEU P 61 44.26 -34.53 41.15
CA LEU P 61 43.46 -33.53 41.87
C LEU P 61 41.96 -33.64 41.54
N CYS P 62 41.59 -34.75 40.91
CA CYS P 62 40.19 -35.06 40.70
C CYS P 62 39.80 -36.11 41.72
N PHE P 63 38.76 -35.84 42.49
CA PHE P 63 38.34 -36.73 43.57
C PHE P 63 36.90 -37.17 43.40
N PRO P 64 36.58 -38.42 43.77
CA PRO P 64 35.22 -38.97 43.70
C PRO P 64 34.30 -38.41 44.78
N CYS P 65 33.09 -37.99 44.43
CA CYS P 65 32.20 -37.33 45.40
C CYS P 65 30.75 -37.10 44.96
N ASP P 66 29.84 -38.01 45.33
CA ASP P 66 28.40 -37.75 45.20
C ASP P 66 27.92 -36.93 46.40
N VAL P 67 27.41 -35.74 46.17
CA VAL P 67 27.15 -34.81 47.28
C VAL P 67 26.00 -35.22 48.20
N ALA P 68 25.35 -36.36 47.94
CA ALA P 68 24.32 -36.87 48.85
C ALA P 68 24.98 -37.53 50.06
N ASP P 69 26.19 -38.02 49.86
CA ASP P 69 26.92 -38.83 50.84
C ASP P 69 27.98 -38.00 51.56
N ASP P 70 27.89 -37.92 52.90
CA ASP P 70 28.82 -37.13 53.72
C ASP P 70 30.27 -37.67 53.71
N SER P 71 30.41 -38.99 53.65
CA SER P 71 31.73 -39.62 53.68
C SER P 71 32.54 -39.17 52.48
N GLN P 72 31.99 -39.41 51.30
CA GLN P 72 32.64 -39.04 50.06
C GLN P 72 33.07 -37.58 50.12
N ILE P 73 32.23 -36.72 50.71
CA ILE P 73 32.56 -35.31 50.74
C ILE P 73 33.84 -35.06 51.53
N GLU P 74 33.85 -35.47 52.80
CA GLU P 74 35.01 -35.19 53.65
C GLU P 74 36.27 -35.95 53.21
N ALA P 75 36.09 -37.13 52.64
CA ALA P 75 37.20 -37.92 52.12
C ALA P 75 37.87 -37.16 50.99
N VAL P 76 37.08 -36.37 50.28
CA VAL P 76 37.62 -35.51 49.24
C VAL P 76 38.63 -34.58 49.90
N PHE P 77 38.23 -33.87 50.94
CA PHE P 77 39.12 -32.94 51.63
C PHE P 77 40.32 -33.61 52.35
N ALA P 78 40.19 -34.88 52.69
CA ALA P 78 41.33 -35.63 53.21
C ALA P 78 42.32 -35.90 52.08
N ALA P 79 41.82 -36.28 50.92
CA ALA P 79 42.69 -36.58 49.81
C ALA P 79 43.38 -35.31 49.34
N LEU P 80 42.59 -34.28 49.08
CA LEU P 80 43.09 -32.97 48.69
C LEU P 80 44.18 -32.51 49.63
N GLY P 81 43.95 -32.67 50.93
CA GLY P 81 44.93 -32.25 51.92
C GLY P 81 46.33 -32.86 51.86
N LYS P 82 46.46 -34.02 51.23
CA LYS P 82 47.77 -34.62 50.97
C LYS P 82 48.59 -33.80 49.94
N HIS P 83 47.91 -33.01 49.11
CA HIS P 83 48.58 -32.19 48.10
C HIS P 83 48.72 -30.73 48.52
N TRP P 84 47.72 -30.20 49.21
CA TRP P 84 47.71 -28.78 49.50
C TRP P 84 47.87 -28.42 50.97
N ASP P 85 48.67 -27.39 51.16
CA ASP P 85 48.91 -26.78 52.45
C ASP P 85 47.63 -26.22 53.08
N GLY P 86 46.61 -26.00 52.25
CA GLY P 86 45.36 -25.36 52.66
C GLY P 86 44.52 -25.04 51.44
N LEU P 87 43.29 -24.56 51.64
CA LEU P 87 42.35 -24.31 50.53
C LEU P 87 41.92 -22.85 50.54
N ASP P 88 41.36 -22.36 49.44
CA ASP P 88 40.95 -20.96 49.41
C ASP P 88 39.52 -20.76 48.90
N ILE P 89 39.12 -21.65 48.00
CA ILE P 89 37.91 -21.41 47.24
C ILE P 89 37.16 -22.72 47.03
N ILE P 90 35.91 -22.76 47.49
CA ILE P 90 35.00 -23.84 47.15
C ILE P 90 33.87 -23.29 46.30
N VAL P 91 33.71 -23.83 45.09
CA VAL P 91 32.64 -23.43 44.18
C VAL P 91 31.59 -24.54 44.13
N HIS P 92 30.35 -24.20 44.47
CA HIS P 92 29.25 -25.16 44.59
C HIS P 92 28.26 -25.07 43.42
N SER P 93 28.37 -26.01 42.48
CA SER P 93 27.55 -25.94 41.27
C SER P 93 26.85 -27.26 40.99
N VAL P 94 25.92 -27.60 41.87
CA VAL P 94 25.08 -28.75 41.70
C VAL P 94 23.63 -28.27 41.67
N GLY P 95 22.97 -28.44 40.54
CA GLY P 95 21.58 -28.04 40.41
C GLY P 95 20.75 -29.25 40.02
N PHE P 96 20.06 -29.84 41.00
CA PHE P 96 19.32 -31.06 40.77
C PHE P 96 18.04 -31.20 41.59
N ALA P 97 16.98 -31.61 40.91
CA ALA P 97 15.80 -32.19 41.52
C ALA P 97 15.34 -33.30 40.60
N PRO P 98 14.70 -34.35 41.14
CA PRO P 98 14.14 -35.39 40.26
C PRO P 98 13.27 -34.76 39.15
N GLY P 99 13.31 -35.34 37.94
CA GLY P 99 12.57 -34.80 36.82
C GLY P 99 11.10 -34.66 37.17
N ASP P 100 10.65 -35.61 37.99
CA ASP P 100 9.32 -35.68 38.58
C ASP P 100 8.76 -34.32 38.99
N GLN P 101 9.49 -33.64 39.86
CA GLN P 101 8.99 -32.42 40.49
C GLN P 101 9.06 -31.19 39.59
N LEU P 102 9.81 -31.29 38.50
CA LEU P 102 10.08 -30.13 37.68
C LEU P 102 9.26 -30.09 36.39
N ASP P 103 8.11 -30.76 36.39
CA ASP P 103 7.31 -30.83 35.17
C ASP P 103 5.80 -30.84 35.40
N GLY P 104 5.19 -29.66 35.25
CA GLY P 104 3.75 -29.51 35.31
C GLY P 104 3.22 -28.63 36.42
N ASP P 105 1.94 -28.84 36.74
CA ASP P 105 1.31 -28.12 37.83
C ASP P 105 2.08 -28.41 39.11
N PHE P 106 2.51 -27.36 39.79
CA PHE P 106 3.24 -27.49 41.05
C PHE P 106 2.56 -28.44 42.06
N THR P 107 1.31 -28.15 42.43
CA THR P 107 0.65 -28.82 43.56
C THR P 107 0.40 -30.29 43.29
N ALA P 108 0.35 -30.66 42.02
CA ALA P 108 0.11 -32.05 41.65
C ALA P 108 1.36 -32.90 41.74
N VAL P 109 2.40 -32.50 41.00
CA VAL P 109 3.60 -33.34 40.80
C VAL P 109 4.53 -33.41 42.00
N THR P 110 4.52 -32.34 42.79
CA THR P 110 5.41 -32.17 43.93
C THR P 110 5.15 -33.12 45.11
N THR P 111 6.17 -33.89 45.50
CA THR P 111 6.04 -34.92 46.54
C THR P 111 6.99 -34.69 47.70
N ARG P 112 6.73 -35.31 48.86
CA ARG P 112 7.59 -35.19 50.05
C ARG P 112 9.02 -35.66 49.77
N GLU P 113 9.11 -36.68 48.91
CA GLU P 113 10.39 -37.26 48.51
C GLU P 113 11.16 -36.31 47.59
N GLY P 114 10.56 -35.97 46.44
CA GLY P 114 11.18 -35.04 45.51
C GLY P 114 11.44 -33.67 46.12
N PHE P 115 10.83 -33.39 47.27
CA PHE P 115 11.09 -32.16 48.01
C PHE P 115 12.35 -32.33 48.81
N ARG P 116 12.50 -33.52 49.37
CA ARG P 116 13.66 -33.85 50.20
C ARG P 116 14.91 -33.93 49.36
N ILE P 117 14.86 -34.71 48.27
CA ILE P 117 16.02 -34.86 47.40
C ILE P 117 16.46 -33.50 46.85
N ALA P 118 15.50 -32.69 46.41
CA ALA P 118 15.79 -31.39 45.86
C ALA P 118 16.50 -30.48 46.86
N HIS P 119 16.00 -30.43 48.09
CA HIS P 119 16.64 -29.62 49.13
C HIS P 119 17.93 -30.23 49.66
N ASP P 120 18.05 -31.54 49.52
CA ASP P 120 19.27 -32.23 49.93
C ASP P 120 20.41 -31.77 49.03
N ILE P 121 20.32 -32.14 47.75
CA ILE P 121 21.42 -31.96 46.83
C ILE P 121 21.67 -30.47 46.55
N SER P 122 20.60 -29.69 46.40
CA SER P 122 20.75 -28.33 45.89
C SER P 122 20.94 -27.27 46.97
N ALA P 123 20.78 -27.66 48.23
CA ALA P 123 20.90 -26.70 49.33
C ALA P 123 21.88 -27.16 50.42
N TYR P 124 21.56 -28.21 51.16
CA TYR P 124 22.41 -28.61 52.28
C TYR P 124 23.83 -28.98 51.83
N SER P 125 24.00 -29.45 50.60
CA SER P 125 25.34 -29.82 50.11
C SER P 125 26.29 -28.66 50.26
N PHE P 126 25.83 -27.48 49.87
CA PHE P 126 26.61 -26.27 50.07
C PHE P 126 26.88 -26.04 51.55
N ILE P 127 25.87 -26.27 52.39
CA ILE P 127 26.08 -26.19 53.84
C ILE P 127 27.12 -27.21 54.28
N ALA P 128 27.10 -28.37 53.64
CA ALA P 128 28.00 -29.47 53.97
C ALA P 128 29.45 -29.14 53.64
N LEU P 129 29.68 -28.60 52.45
CA LEU P 129 31.03 -28.29 52.01
C LEU P 129 31.66 -27.21 52.89
N ALA P 130 30.87 -26.24 53.32
CA ALA P 130 31.42 -25.17 54.16
C ALA P 130 31.95 -25.76 55.48
N LYS P 131 31.26 -26.80 55.94
CA LYS P 131 31.67 -27.54 57.13
C LYS P 131 32.90 -28.39 56.82
N ALA P 132 32.72 -29.34 55.91
CA ALA P 132 33.76 -30.27 55.48
C ALA P 132 35.15 -29.64 55.32
N GLY P 133 35.21 -28.48 54.66
CA GLY P 133 36.48 -27.86 54.30
C GLY P 133 36.83 -26.64 55.14
N ARG P 134 36.15 -26.51 56.28
CA ARG P 134 36.32 -25.36 57.16
C ARG P 134 37.74 -25.25 57.68
N GLU P 135 38.37 -26.41 57.85
CA GLU P 135 39.72 -26.51 58.38
C GLU P 135 40.75 -26.01 57.36
N MET P 136 40.80 -26.65 56.19
CA MET P 136 41.74 -26.26 55.15
C MET P 136 41.53 -24.82 54.75
N MET P 137 40.33 -24.29 55.03
CA MET P 137 40.06 -22.90 54.69
C MET P 137 40.44 -21.95 55.81
N LYS P 138 40.44 -22.43 57.06
CA LYS P 138 40.76 -21.54 58.19
C LYS P 138 42.10 -20.85 57.98
N GLY P 139 42.16 -19.58 58.37
CA GLY P 139 43.40 -18.84 58.30
C GLY P 139 43.74 -18.25 56.94
N ARG P 140 43.02 -18.63 55.89
CA ARG P 140 43.34 -18.19 54.53
C ARG P 140 42.66 -16.87 54.11
N ASN P 141 41.60 -16.48 54.82
CA ASN P 141 40.61 -15.52 54.30
C ASN P 141 40.11 -15.94 52.90
N GLY P 142 39.35 -17.04 52.88
CA GLY P 142 38.89 -17.64 51.63
C GLY P 142 37.54 -17.11 51.24
N SER P 143 36.75 -17.97 50.60
CA SER P 143 35.39 -17.63 50.16
C SER P 143 34.63 -18.80 49.54
N LEU P 144 33.33 -18.86 49.83
CA LEU P 144 32.46 -19.89 49.28
C LEU P 144 31.47 -19.28 48.29
N LEU P 145 31.25 -19.97 47.17
CA LEU P 145 30.39 -19.50 46.09
C LEU P 145 29.40 -20.57 45.66
N THR P 146 28.15 -20.17 45.44
CA THR P 146 27.16 -21.07 44.83
C THR P 146 26.29 -20.38 43.79
N LEU P 147 25.42 -21.17 43.16
CA LEU P 147 24.64 -20.70 42.02
C LEU P 147 23.14 -20.84 42.23
N SER P 148 22.44 -19.71 42.12
CA SER P 148 21.00 -19.68 42.31
C SER P 148 20.32 -19.27 41.02
N TYR P 149 19.00 -19.04 41.12
CA TYR P 149 18.15 -18.67 40.00
C TYR P 149 16.94 -17.88 40.49
N LEU P 150 16.32 -17.13 39.58
CA LEU P 150 15.20 -16.25 39.90
C LEU P 150 14.04 -16.94 40.63
N GLY P 151 13.68 -18.15 40.20
CA GLY P 151 12.57 -18.90 40.78
C GLY P 151 12.52 -18.98 42.31
N ALA P 152 13.57 -18.46 42.95
CA ALA P 152 13.65 -18.42 44.39
C ALA P 152 12.88 -17.24 44.99
N GLU P 153 12.79 -16.14 44.24
CA GLU P 153 12.09 -14.95 44.77
C GLU P 153 10.76 -14.66 44.05
N ARG P 154 10.65 -15.05 42.78
CA ARG P 154 9.37 -14.99 42.06
C ARG P 154 9.18 -16.28 41.28
N THR P 155 7.94 -16.74 41.15
CA THR P 155 7.71 -18.04 40.52
C THR P 155 8.08 -18.01 39.05
N MET P 156 8.38 -19.19 38.54
CA MET P 156 8.56 -19.44 37.12
C MET P 156 7.92 -20.79 36.84
N PRO P 157 7.39 -20.98 35.62
CA PRO P 157 6.71 -22.26 35.37
C PRO P 157 7.63 -23.49 35.39
N ASN P 158 7.10 -24.60 35.88
CA ASN P 158 7.77 -25.90 35.93
C ASN P 158 9.09 -25.96 36.70
N TYR P 159 9.53 -24.84 37.28
CA TYR P 159 10.67 -24.81 38.19
C TYR P 159 10.28 -25.46 39.51
N ASN P 160 9.02 -25.26 39.87
CA ASN P 160 8.40 -25.88 41.02
C ASN P 160 9.33 -25.99 42.19
N VAL P 161 9.37 -27.16 42.82
CA VAL P 161 9.98 -27.33 44.13
C VAL P 161 11.42 -26.84 44.18
N MET P 162 12.08 -26.80 43.03
CA MET P 162 13.49 -26.42 43.01
C MET P 162 13.67 -24.98 43.42
N GLY P 163 12.62 -24.19 43.25
CA GLY P 163 12.63 -22.79 43.64
C GLY P 163 12.56 -22.63 45.15
N MET P 164 11.92 -23.56 45.82
CA MET P 164 11.98 -23.57 47.28
C MET P 164 13.40 -23.91 47.71
N ALA P 165 13.89 -25.04 47.19
CA ALA P 165 15.24 -25.49 47.44
C ALA P 165 16.28 -24.41 47.12
N LYS P 166 15.97 -23.52 46.18
CA LYS P 166 16.86 -22.40 45.88
C LYS P 166 16.66 -21.27 46.90
N ALA P 167 15.42 -21.01 47.28
CA ALA P 167 15.15 -19.99 48.29
C ALA P 167 15.82 -20.41 49.58
N SER P 168 15.92 -21.73 49.76
CA SER P 168 16.59 -22.34 50.90
C SER P 168 18.10 -22.06 50.89
N LEU P 169 18.73 -22.50 49.81
CA LEU P 169 20.13 -22.23 49.52
C LEU P 169 20.47 -20.78 49.80
N GLU P 170 19.73 -19.86 49.20
CA GLU P 170 20.02 -18.44 49.34
C GLU P 170 19.96 -18.04 50.81
N ALA P 171 19.02 -18.63 51.54
CA ALA P 171 18.95 -18.41 52.98
C ALA P 171 20.24 -18.89 53.63
N GLY P 172 20.54 -20.19 53.45
CA GLY P 172 21.81 -20.74 53.86
C GLY P 172 23.03 -19.91 53.51
N VAL P 173 23.06 -19.37 52.29
CA VAL P 173 24.15 -18.46 51.88
C VAL P 173 24.36 -17.37 52.91
N ARG P 174 23.26 -16.76 53.36
CA ARG P 174 23.32 -15.64 54.30
C ARG P 174 23.75 -16.11 55.68
N TYR P 175 23.48 -17.36 56.00
CA TYR P 175 23.76 -17.85 57.35
C TYR P 175 25.17 -18.37 57.53
N LEU P 176 25.74 -18.95 56.47
CA LEU P 176 27.15 -19.32 56.53
C LEU P 176 28.00 -18.08 56.77
N ALA P 177 27.80 -17.05 55.95
CA ALA P 177 28.53 -15.79 56.10
C ALA P 177 28.42 -15.19 57.51
N GLY P 178 27.32 -15.47 58.19
CA GLY P 178 27.15 -15.00 59.55
C GLY P 178 28.02 -15.80 60.48
N SER P 179 28.16 -17.09 60.16
CA SER P 179 29.00 -17.98 60.96
C SER P 179 30.46 -17.88 60.57
N LEU P 180 30.76 -18.27 59.33
CA LEU P 180 32.13 -18.32 58.84
C LEU P 180 32.70 -16.95 58.62
N GLY P 181 31.94 -15.93 59.01
CA GLY P 181 32.34 -14.55 58.79
C GLY P 181 33.50 -14.09 59.65
N ALA P 182 33.58 -14.60 60.88
CA ALA P 182 34.63 -14.16 61.80
C ALA P 182 36.01 -14.69 61.40
N GLU P 183 36.10 -15.98 61.11
CA GLU P 183 37.38 -16.53 60.72
C GLU P 183 37.64 -16.28 59.24
N GLY P 184 37.01 -15.22 58.73
CA GLY P 184 37.42 -14.61 57.47
C GLY P 184 36.83 -15.12 56.18
N THR P 185 36.10 -16.23 56.24
CA THR P 185 35.46 -16.72 55.05
C THR P 185 34.26 -15.82 54.64
N ARG P 186 34.30 -15.32 53.41
CA ARG P 186 33.15 -14.66 52.77
C ARG P 186 32.27 -15.73 52.10
N VAL P 187 30.95 -15.48 52.02
CA VAL P 187 30.06 -16.41 51.32
C VAL P 187 29.12 -15.65 50.38
N ASN P 188 28.91 -16.21 49.19
CA ASN P 188 28.08 -15.57 48.18
C ASN P 188 27.42 -16.54 47.22
N ALA P 189 26.67 -15.96 46.28
CA ALA P 189 26.09 -16.76 45.22
C ALA P 189 26.02 -15.95 43.95
N VAL P 190 25.71 -16.63 42.85
CA VAL P 190 25.52 -15.94 41.59
C VAL P 190 24.23 -16.47 40.99
N SER P 191 23.17 -15.66 41.04
CA SER P 191 21.88 -16.11 40.54
C SER P 191 21.84 -15.85 39.05
N ALA P 192 22.06 -16.90 38.27
CA ALA P 192 22.38 -16.75 36.86
C ALA P 192 21.17 -16.85 35.99
N GLY P 193 21.05 -15.92 35.03
CA GLY P 193 20.00 -15.92 34.03
C GLY P 193 19.97 -17.23 33.26
N PRO P 194 19.01 -17.37 32.34
CA PRO P 194 18.95 -18.57 31.51
C PRO P 194 20.00 -18.55 30.37
N ILE P 195 20.42 -19.76 29.93
CA ILE P 195 21.40 -20.05 28.87
C ILE P 195 20.97 -21.32 28.11
N ARG P 196 20.91 -21.44 26.76
CA ARG P 196 21.36 -20.63 25.60
C ARG P 196 22.57 -21.33 24.98
N LYS P 208 10.29 -22.56 24.11
CA LYS P 208 10.50 -21.25 23.50
C LYS P 208 10.47 -20.13 24.54
N MET P 209 10.76 -20.49 25.79
CA MET P 209 10.94 -19.51 26.87
C MET P 209 12.21 -18.70 26.66
N LEU P 210 13.26 -19.36 26.17
CA LEU P 210 14.56 -18.72 25.98
C LEU P 210 14.47 -17.50 25.06
N ALA P 211 13.73 -17.64 23.97
CA ALA P 211 13.50 -16.53 23.07
C ALA P 211 12.53 -15.54 23.71
N ALA P 212 11.61 -16.03 24.53
CA ALA P 212 10.69 -15.18 25.27
C ALA P 212 11.45 -14.34 26.32
N ASN P 213 12.30 -15.03 27.08
CA ASN P 213 13.17 -14.43 28.10
C ASN P 213 14.15 -13.45 27.47
N GLU P 214 14.61 -13.79 26.27
CA GLU P 214 15.56 -12.98 25.53
C GLU P 214 14.94 -11.65 25.14
N ARG P 215 13.61 -11.60 25.17
CA ARG P 215 12.88 -10.40 24.78
C ARG P 215 12.86 -9.37 25.90
N GLN P 216 12.55 -9.85 27.09
CA GLN P 216 12.22 -8.98 28.22
C GLN P 216 13.46 -8.38 28.90
N THR P 217 14.44 -9.24 29.21
CA THR P 217 15.75 -8.80 29.71
C THR P 217 16.29 -7.54 29.04
N PRO P 218 16.74 -6.55 29.84
CA PRO P 218 17.10 -5.22 29.31
C PRO P 218 18.19 -5.26 28.24
N LEU P 219 18.99 -6.31 28.27
CA LEU P 219 20.08 -6.44 27.30
C LEU P 219 19.64 -6.98 25.95
N ARG P 220 18.42 -7.52 25.89
CA ARG P 220 17.91 -8.23 24.71
C ARG P 220 18.73 -9.50 24.40
N ARG P 221 19.34 -10.12 25.41
CA ARG P 221 20.01 -11.38 25.16
C ARG P 221 20.14 -12.24 26.42
N ASN P 222 20.45 -13.52 26.23
CA ASN P 222 20.77 -14.37 27.34
C ASN P 222 22.21 -14.12 27.74
N VAL P 223 22.59 -14.51 28.95
CA VAL P 223 23.99 -14.44 29.35
C VAL P 223 24.70 -15.74 29.00
N THR P 224 26.03 -15.69 29.06
CA THR P 224 26.90 -16.79 28.67
C THR P 224 27.65 -17.31 29.90
N ILE P 225 28.03 -18.59 29.86
CA ILE P 225 28.78 -19.19 30.96
C ILE P 225 30.05 -18.36 31.27
N GLU P 226 30.56 -17.61 30.30
CA GLU P 226 31.72 -16.76 30.55
C GLU P 226 31.41 -15.55 31.45
N GLU P 227 30.34 -14.79 31.15
CA GLU P 227 30.04 -13.58 31.91
C GLU P 227 29.58 -13.97 33.31
N VAL P 228 28.90 -15.11 33.40
CA VAL P 228 28.53 -15.66 34.69
C VAL P 228 29.80 -16.11 35.41
N GLY P 229 30.66 -16.80 34.66
CA GLY P 229 31.93 -17.31 35.14
C GLY P 229 32.73 -16.21 35.78
N ASN P 230 33.05 -15.19 35.00
CA ASN P 230 33.76 -14.03 35.55
C ASN P 230 33.21 -13.58 36.90
N ALA P 231 31.89 -13.48 37.00
CA ALA P 231 31.26 -13.02 38.24
C ALA P 231 31.66 -13.91 39.40
N GLY P 232 31.61 -15.22 39.15
CA GLY P 232 32.09 -16.18 40.12
C GLY P 232 33.52 -15.84 40.50
N ALA P 233 34.40 -15.74 39.49
CA ALA P 233 35.80 -15.50 39.70
C ALA P 233 36.01 -14.23 40.49
N PHE P 234 35.28 -13.18 40.16
CA PHE P 234 35.46 -11.90 40.84
C PHE P 234 35.04 -11.97 42.30
N LEU P 235 34.05 -12.80 42.60
CA LEU P 235 33.47 -12.84 43.94
C LEU P 235 34.27 -13.73 44.87
N CYS P 236 35.06 -14.62 44.28
CA CYS P 236 36.03 -15.44 45.02
C CYS P 236 37.44 -14.80 45.12
N SER P 237 37.60 -13.60 44.58
CA SER P 237 38.88 -12.91 44.47
C SER P 237 38.97 -11.79 45.46
N ASP P 238 40.20 -11.33 45.73
CA ASP P 238 40.36 -10.29 46.73
C ASP P 238 39.74 -8.99 46.25
N LEU P 239 39.49 -8.87 44.93
CA LEU P 239 38.89 -7.66 44.36
C LEU P 239 37.58 -7.32 45.08
N ALA P 240 36.78 -8.35 45.32
CA ALA P 240 35.54 -8.20 46.07
C ALA P 240 35.76 -8.70 47.47
N SER P 241 36.65 -8.05 48.20
CA SER P 241 37.00 -8.53 49.52
C SER P 241 35.96 -8.04 50.51
N GLY P 242 35.20 -7.03 50.11
CA GLY P 242 34.24 -6.38 50.98
C GLY P 242 32.83 -6.91 50.81
N ILE P 243 32.70 -8.01 50.07
CA ILE P 243 31.42 -8.55 49.68
C ILE P 243 31.16 -9.94 50.26
N SER P 244 30.11 -10.05 51.09
CA SER P 244 29.57 -11.36 51.41
C SER P 244 28.05 -11.31 51.65
N GLY P 245 27.46 -12.50 51.73
CA GLY P 245 26.04 -12.62 51.96
C GLY P 245 25.23 -12.26 50.75
N GLU P 246 25.91 -11.89 49.66
CA GLU P 246 25.29 -11.28 48.49
C GLU P 246 24.76 -12.31 47.51
N ILE P 247 23.75 -11.92 46.73
CA ILE P 247 23.35 -12.71 45.60
C ILE P 247 23.57 -11.81 44.40
N LEU P 248 24.43 -12.25 43.48
CA LEU P 248 24.71 -11.47 42.27
C LEU P 248 23.90 -12.00 41.10
N TYR P 249 23.08 -11.13 40.52
CA TYR P 249 22.27 -11.53 39.37
C TYR P 249 23.01 -11.28 38.08
N VAL P 250 23.51 -12.36 37.48
CA VAL P 250 23.97 -12.30 36.10
C VAL P 250 22.83 -12.74 35.16
N ASP P 251 21.90 -11.82 34.89
CA ASP P 251 20.77 -12.13 34.01
C ASP P 251 20.39 -10.97 33.09
N GLY P 252 21.29 -10.05 32.86
CA GLY P 252 21.06 -9.00 31.88
C GLY P 252 20.29 -7.83 32.46
N GLY P 253 19.54 -8.13 33.50
CA GLY P 253 18.66 -7.16 34.14
C GLY P 253 17.31 -7.82 34.29
N PHE P 254 17.19 -9.04 33.79
CA PHE P 254 15.91 -9.73 33.75
C PHE P 254 15.18 -9.71 35.09
N ASN P 255 15.91 -9.91 36.19
CA ASN P 255 15.25 -9.96 37.49
C ASN P 255 14.61 -8.63 37.81
N THR P 256 15.14 -7.54 37.26
CA THR P 256 14.65 -6.22 37.65
C THR P 256 13.48 -5.74 36.79
N THR P 257 12.75 -6.66 36.16
CA THR P 257 11.62 -6.29 35.31
C THR P 257 10.32 -6.97 35.72
N ALA P 258 9.19 -6.35 35.33
CA ALA P 258 7.88 -6.94 35.59
C ALA P 258 7.17 -7.30 34.30
N MET P 259 7.30 -6.43 33.28
CA MET P 259 6.79 -6.70 31.93
C MET P 259 7.85 -6.40 30.86
N GLY P 260 7.51 -6.68 29.60
CA GLY P 260 8.41 -6.40 28.48
C GLY P 260 8.02 -5.18 27.65
#